data_9OKC
#
_entry.id   9OKC
#
_cell.length_a   1.00
_cell.length_b   1.00
_cell.length_c   1.00
_cell.angle_alpha   90.00
_cell.angle_beta   90.00
_cell.angle_gamma   90.00
#
_symmetry.space_group_name_H-M   'P 1'
#
loop_
_entity.id
_entity.type
_entity.pdbx_description
1 polymer 'Vesicle-fusing ATPase'
2 polymer 'Undefined N-terminus of SNAP-25 or syntaxin-1a'
3 non-polymer "ADENOSINE-5'-DIPHOSPHATE"
4 non-polymer "ADENOSINE-5'-TRIPHOSPHATE"
5 non-polymer 'PHOSPHATE ION'
6 non-polymer 'MAGNESIUM ION'
#
loop_
_entity_poly.entity_id
_entity_poly.type
_entity_poly.pdbx_seq_one_letter_code
_entity_poly.pdbx_strand_id
1 'polypeptide(L)'
;GAHMAGRSMQAARCPTDELSLSNCAVVSEKDYQSGQHVIVRTSPNHKYIFTLRTHPSVVPGSVAFSLPQRKWAGLSIGQE
IEVALYSFDKAKQCIGTMTIEIDFLQKKNIDSNPYDTDKMAAEFIQQFNNQAFSVGQQLVFSFNDKLFGLLVKDIEAMDP
SILKGEPASGKRQKIEVGLVVGNSQVAFEKAENSSLNLIGKAKTKENRQSIINPDWNFEKMGIGGLDKEFSDIFRRAFAS
RVFPPEIVEQMGCKHVKGILLYGPPGCGKTLLARQIGKMLNAREPKVVNGPEILNKYVGESEANIRKLFADAEEEQRRLG
ANSGLHIIIFDEIDAICKQRGSMAGSTGVHDTVVNQLLSKIDGVEQLNNILVIGMTNRPDLIDEALLRPGRLEVKMEIGL
PDEKGRLQILHIHTARMRGHQLLSADVDIKELAVETKNFSGAELEGLVRAAQSTAMNRHIKASTKVEVDMEKAESLQVTR
GDFLASLENDIKPAFGTNQEDYASYIMNGIIKWGDPVTRVLDDGELLVQQTKNSDRTPLVSVLLEGPPHSGKTALAAKIA
EESNFPFIKICSPDKMIGFSETAKCQAMKKIFDDAYKSQLSCVVVDDIERLLDYVPIGPRFSNLVLQALLVLLKKAPPQG
RKLLIIGTTSRKDVLQEMEMLNAFSTTIHVPNIATGEQLLEALELLGNFKDKERTTIAQQVKGKKVWIGIKKLLMLIEMS
LQMDPEYRVRKFLALLREEGASPLDFD
;
A,B,C,D,E,F
2 'polypeptide(L)' (UNK)(UNK)(UNK)(UNK)(UNK)(UNK)(UNK)(UNK)(UNK)(UNK)(UNK)(UNK) G
#
# COMPACT_ATOMS: atom_id res chain seq x y z
N PHE A 218 14.97 -52.90 -0.56
CA PHE A 218 16.27 -52.47 -1.10
C PHE A 218 17.11 -53.66 -1.53
N GLU A 219 16.62 -54.87 -1.29
CA GLU A 219 17.30 -56.06 -1.79
C GLU A 219 17.33 -56.07 -3.31
N LYS A 220 16.24 -55.66 -3.95
CA LYS A 220 16.15 -55.62 -5.40
C LYS A 220 16.72 -54.33 -5.98
N MET A 221 16.61 -53.22 -5.26
CA MET A 221 17.09 -51.93 -5.77
C MET A 221 18.59 -51.96 -5.99
N GLY A 222 19.35 -52.51 -5.04
CA GLY A 222 20.79 -52.50 -5.10
C GLY A 222 21.38 -51.31 -4.39
N ILE A 223 20.73 -50.16 -4.52
CA ILE A 223 21.20 -48.95 -3.85
C ILE A 223 20.99 -49.09 -2.35
N GLY A 224 21.99 -48.69 -1.57
CA GLY A 224 21.94 -48.78 -0.12
C GLY A 224 21.96 -47.41 0.52
N GLY A 225 21.49 -47.36 1.77
CA GLY A 225 21.46 -46.11 2.50
C GLY A 225 20.19 -45.92 3.30
N LEU A 226 19.09 -46.48 2.83
CA LEU A 226 17.78 -46.35 3.45
C LEU A 226 17.11 -47.70 3.60
N ASP A 227 17.91 -48.76 3.77
CA ASP A 227 17.34 -50.10 3.88
C ASP A 227 16.42 -50.21 5.08
N LYS A 228 16.88 -49.74 6.24
CA LYS A 228 16.04 -49.76 7.44
C LYS A 228 14.82 -48.87 7.26
N GLU A 229 15.02 -47.67 6.71
CA GLU A 229 13.90 -46.77 6.50
C GLU A 229 12.86 -47.38 5.56
N PHE A 230 13.32 -48.01 4.48
CA PHE A 230 12.38 -48.60 3.54
C PHE A 230 11.69 -49.82 4.12
N SER A 231 12.40 -50.61 4.92
CA SER A 231 11.74 -51.72 5.59
C SER A 231 10.64 -51.22 6.53
N ASP A 232 10.94 -50.16 7.29
CA ASP A 232 9.94 -49.61 8.20
C ASP A 232 8.75 -49.05 7.43
N ILE A 233 9.00 -48.34 6.33
CA ILE A 233 7.88 -47.76 5.57
C ILE A 233 7.06 -48.86 4.92
N PHE A 234 7.72 -49.93 4.45
CA PHE A 234 6.99 -51.08 3.91
C PHE A 234 6.08 -51.69 4.98
N ARG A 235 6.60 -51.83 6.20
CA ARG A 235 5.76 -52.29 7.30
C ARG A 235 4.58 -51.34 7.51
N ARG A 236 4.84 -50.04 7.50
CA ARG A 236 3.81 -49.06 7.84
C ARG A 236 2.63 -49.13 6.88
N ALA A 237 2.91 -49.22 5.58
CA ALA A 237 1.86 -49.14 4.57
C ALA A 237 1.74 -50.39 3.71
N PHE A 238 2.85 -50.91 3.19
CA PHE A 238 2.82 -52.00 2.22
C PHE A 238 2.41 -53.33 2.82
N ALA A 239 2.32 -53.43 4.16
CA ALA A 239 1.87 -54.67 4.76
C ALA A 239 0.49 -55.08 4.27
N SER A 240 -0.35 -54.13 3.90
CA SER A 240 -1.68 -54.43 3.36
C SER A 240 -1.65 -54.89 1.92
N ARG A 241 -0.54 -54.67 1.21
CA ARG A 241 -0.42 -55.07 -0.19
C ARG A 241 0.18 -56.45 -0.36
N VAL A 242 0.56 -57.11 0.73
CA VAL A 242 1.14 -58.46 0.69
C VAL A 242 0.31 -59.31 1.66
N PHE A 243 -0.72 -59.98 1.15
CA PHE A 243 -1.63 -60.74 1.99
C PHE A 243 -2.59 -61.54 1.11
N PRO A 244 -3.15 -62.64 1.61
CA PRO A 244 -4.17 -63.36 0.83
C PRO A 244 -5.30 -62.44 0.42
N PRO A 245 -5.51 -62.22 -0.88
CA PRO A 245 -6.54 -61.26 -1.29
C PRO A 245 -7.92 -61.57 -0.74
N GLU A 246 -8.25 -62.83 -0.50
CA GLU A 246 -9.55 -63.16 0.07
C GLU A 246 -9.68 -62.55 1.47
N ILE A 247 -8.64 -62.69 2.29
CA ILE A 247 -8.67 -62.09 3.62
C ILE A 247 -8.63 -60.57 3.50
N VAL A 248 -8.02 -60.05 2.43
CA VAL A 248 -8.02 -58.60 2.21
C VAL A 248 -9.44 -58.12 1.97
N GLU A 249 -10.21 -58.85 1.16
CA GLU A 249 -11.61 -58.49 0.95
C GLU A 249 -12.40 -58.63 2.24
N GLN A 250 -12.16 -59.72 2.99
CA GLN A 250 -12.82 -59.88 4.28
C GLN A 250 -12.44 -58.78 5.25
N MET A 251 -11.30 -58.11 4.99
CA MET A 251 -10.87 -57.02 5.84
C MET A 251 -11.93 -55.93 5.91
N GLY A 252 -12.45 -55.51 4.76
CA GLY A 252 -13.42 -54.45 4.73
C GLY A 252 -12.86 -53.06 4.91
N CYS A 253 -11.54 -52.96 5.11
CA CYS A 253 -10.91 -51.67 5.33
C CYS A 253 -10.43 -51.09 4.01
N LYS A 254 -9.92 -49.85 4.08
CA LYS A 254 -9.43 -49.14 2.92
C LYS A 254 -7.91 -48.98 3.02
N HIS A 255 -7.34 -48.29 2.04
CA HIS A 255 -5.90 -48.08 1.94
C HIS A 255 -5.59 -46.61 2.20
N VAL A 256 -4.29 -46.32 2.37
CA VAL A 256 -3.87 -44.96 2.69
C VAL A 256 -4.09 -44.04 1.49
N LYS A 257 -4.02 -42.74 1.76
CA LYS A 257 -4.18 -41.72 0.74
C LYS A 257 -2.95 -40.87 0.51
N GLY A 258 -1.90 -41.02 1.32
CA GLY A 258 -0.68 -40.28 1.11
C GLY A 258 0.34 -40.44 2.22
N ILE A 259 1.56 -40.00 1.97
CA ILE A 259 2.66 -40.05 2.94
C ILE A 259 3.47 -38.77 2.79
N LEU A 260 4.49 -38.62 3.65
CA LEU A 260 5.34 -37.45 3.65
C LEU A 260 6.80 -37.88 3.84
N LEU A 261 7.70 -37.09 3.28
CA LEU A 261 9.14 -37.35 3.38
C LEU A 261 9.88 -36.02 3.48
N TYR A 262 10.56 -35.81 4.60
CA TYR A 262 11.33 -34.59 4.81
C TYR A 262 12.73 -34.94 5.28
N GLY A 263 13.70 -34.12 4.88
CA GLY A 263 15.08 -34.33 5.24
C GLY A 263 16.00 -33.34 4.57
N PRO A 264 17.31 -33.50 4.77
CA PRO A 264 18.28 -32.58 4.15
C PRO A 264 18.21 -32.65 2.64
N PRO A 265 18.52 -31.56 1.95
CA PRO A 265 18.47 -31.58 0.48
C PRO A 265 19.51 -32.50 -0.12
N GLY A 266 19.17 -33.06 -1.28
CA GLY A 266 20.10 -33.90 -2.01
C GLY A 266 20.31 -35.27 -1.42
N CYS A 267 19.39 -35.76 -0.60
CA CYS A 267 19.48 -37.09 -0.01
C CYS A 267 18.69 -38.13 -0.78
N GLY A 268 18.49 -37.91 -2.09
CA GLY A 268 17.84 -38.89 -2.94
C GLY A 268 16.41 -39.20 -2.54
N LYS A 269 15.62 -38.17 -2.25
CA LYS A 269 14.20 -38.37 -1.94
C LYS A 269 13.38 -38.73 -3.18
N THR A 270 13.94 -38.56 -4.38
CA THR A 270 13.24 -38.92 -5.61
C THR A 270 13.51 -40.36 -6.04
N LEU A 271 14.74 -40.84 -5.81
CA LEU A 271 15.04 -42.23 -6.12
C LEU A 271 14.18 -43.18 -5.29
N LEU A 272 13.96 -42.83 -4.02
CA LEU A 272 13.10 -43.63 -3.17
C LEU A 272 11.71 -43.78 -3.78
N ALA A 273 11.10 -42.66 -4.19
CA ALA A 273 9.77 -42.71 -4.78
C ALA A 273 9.78 -43.50 -6.09
N ARG A 274 10.78 -43.28 -6.93
CA ARG A 274 10.86 -44.00 -8.20
C ARG A 274 10.90 -45.50 -7.95
N GLN A 275 11.81 -45.95 -7.09
CA GLN A 275 11.97 -47.38 -6.86
C GLN A 275 10.74 -47.98 -6.18
N ILE A 276 10.16 -47.28 -5.21
CA ILE A 276 9.00 -47.83 -4.52
C ILE A 276 7.82 -47.95 -5.48
N GLY A 277 7.63 -46.96 -6.35
CA GLY A 277 6.59 -47.07 -7.35
C GLY A 277 6.84 -48.20 -8.32
N LYS A 278 8.10 -48.39 -8.74
CA LYS A 278 8.42 -49.46 -9.67
C LYS A 278 8.21 -50.83 -9.03
N MET A 279 8.41 -50.92 -7.72
CA MET A 279 8.37 -52.23 -7.06
C MET A 279 6.99 -52.86 -7.11
N LEU A 280 5.94 -52.03 -7.01
CA LEU A 280 4.57 -52.53 -6.91
C LEU A 280 3.84 -52.56 -8.24
N ASN A 281 4.55 -52.35 -9.35
CA ASN A 281 3.96 -52.39 -10.68
C ASN A 281 2.83 -51.36 -10.80
N ALA A 282 3.20 -50.09 -10.64
CA ALA A 282 2.26 -48.98 -10.69
C ALA A 282 2.43 -48.22 -12.00
N ARG A 283 1.42 -47.41 -12.31
CA ARG A 283 1.42 -46.63 -13.54
C ARG A 283 2.54 -45.59 -13.50
N GLU A 284 2.68 -44.85 -14.61
CA GLU A 284 3.77 -43.90 -14.73
C GLU A 284 3.61 -42.78 -13.71
N PRO A 285 4.70 -42.32 -13.11
CA PRO A 285 4.63 -41.24 -12.12
C PRO A 285 4.65 -39.87 -12.78
N LYS A 286 4.32 -38.86 -11.97
CA LYS A 286 4.34 -37.46 -12.39
C LYS A 286 5.09 -36.66 -11.34
N VAL A 287 5.82 -35.63 -11.77
CA VAL A 287 6.62 -34.79 -10.90
C VAL A 287 6.08 -33.36 -10.97
N VAL A 288 5.82 -32.77 -9.81
CA VAL A 288 5.34 -31.39 -9.72
C VAL A 288 6.27 -30.65 -8.76
N ASN A 289 6.84 -29.53 -9.24
CA ASN A 289 7.76 -28.76 -8.43
C ASN A 289 7.00 -27.75 -7.58
N GLY A 290 7.71 -27.18 -6.60
CA GLY A 290 7.12 -26.25 -5.67
C GLY A 290 6.56 -25.02 -6.35
N PRO A 291 7.43 -24.19 -6.95
CA PRO A 291 6.99 -22.98 -7.67
C PRO A 291 6.41 -23.26 -9.05
N GLU A 292 5.52 -24.25 -9.12
CA GLU A 292 4.89 -24.65 -10.38
C GLU A 292 3.41 -24.28 -10.43
N ILE A 293 2.83 -23.83 -9.31
CA ILE A 293 1.42 -23.51 -9.23
C ILE A 293 1.21 -22.04 -8.89
N LEU A 294 2.01 -21.50 -7.98
CA LEU A 294 1.79 -20.15 -7.48
C LEU A 294 1.86 -19.13 -8.62
N ASN A 295 0.89 -18.22 -8.62
CA ASN A 295 0.85 -17.11 -9.58
C ASN A 295 0.13 -15.94 -8.92
N LYS A 296 0.39 -14.74 -9.44
CA LYS A 296 -0.21 -13.52 -8.92
C LYS A 296 -1.69 -13.40 -9.26
N TYR A 297 -2.14 -14.01 -10.35
CA TYR A 297 -3.52 -13.86 -10.80
C TYR A 297 -4.48 -14.50 -9.80
N VAL A 298 -5.68 -13.93 -9.73
CA VAL A 298 -6.63 -14.33 -8.69
C VAL A 298 -7.03 -15.79 -8.84
N GLY A 299 -7.20 -16.27 -10.07
CA GLY A 299 -7.74 -17.60 -10.29
C GLY A 299 -6.90 -18.49 -11.19
N GLU A 300 -5.59 -18.43 -11.05
CA GLU A 300 -4.68 -19.28 -11.83
C GLU A 300 -3.84 -20.20 -10.95
N SER A 301 -4.25 -20.44 -9.72
CA SER A 301 -3.54 -21.34 -8.80
C SER A 301 -4.24 -22.68 -8.67
N GLU A 302 -5.54 -22.69 -8.41
CA GLU A 302 -6.28 -23.93 -8.25
C GLU A 302 -6.37 -24.72 -9.55
N ALA A 303 -6.10 -24.08 -10.69
CA ALA A 303 -6.26 -24.75 -11.97
C ALA A 303 -5.39 -25.99 -12.07
N ASN A 304 -4.09 -25.85 -11.76
CA ASN A 304 -3.20 -27.00 -11.85
C ASN A 304 -3.56 -28.08 -10.84
N ILE A 305 -3.96 -27.68 -9.63
CA ILE A 305 -4.33 -28.66 -8.61
C ILE A 305 -5.52 -29.49 -9.09
N ARG A 306 -6.53 -28.84 -9.66
CA ARG A 306 -7.67 -29.58 -10.18
C ARG A 306 -7.29 -30.42 -11.38
N LYS A 307 -6.44 -29.89 -12.26
CA LYS A 307 -6.06 -30.63 -13.47
C LYS A 307 -5.34 -31.93 -13.11
N LEU A 308 -4.46 -31.87 -12.11
CA LEU A 308 -3.70 -33.07 -11.75
C LEU A 308 -4.62 -34.21 -11.35
N PHE A 309 -5.66 -33.91 -10.56
CA PHE A 309 -6.62 -34.94 -10.14
C PHE A 309 -7.64 -35.27 -11.23
N ALA A 310 -7.80 -34.39 -12.22
CA ALA A 310 -8.83 -34.62 -13.24
C ALA A 310 -8.59 -35.91 -14.00
N ASP A 311 -7.34 -36.19 -14.37
CA ASP A 311 -7.05 -37.40 -15.15
C ASP A 311 -7.40 -38.65 -14.36
N ALA A 312 -7.05 -38.67 -13.06
CA ALA A 312 -7.44 -39.80 -12.22
C ALA A 312 -8.95 -39.89 -12.10
N GLU A 313 -9.64 -38.75 -12.00
CA GLU A 313 -11.10 -38.78 -11.89
C GLU A 313 -11.73 -39.39 -13.12
N GLU A 314 -11.27 -38.98 -14.31
CA GLU A 314 -11.93 -39.41 -15.55
C GLU A 314 -11.79 -40.92 -15.76
N GLU A 315 -10.62 -41.49 -15.45
CA GLU A 315 -10.40 -42.91 -15.66
C GLU A 315 -11.04 -43.77 -14.59
N GLN A 316 -11.48 -43.18 -13.47
CA GLN A 316 -12.12 -43.96 -12.42
C GLN A 316 -13.41 -44.62 -12.89
N ARG A 317 -14.09 -44.04 -13.89
CA ARG A 317 -15.36 -44.60 -14.33
C ARG A 317 -15.16 -45.85 -15.18
N ARG A 318 -14.11 -45.87 -16.01
CA ARG A 318 -13.89 -47.02 -16.89
C ARG A 318 -13.60 -48.29 -16.09
N LEU A 319 -12.78 -48.20 -15.05
CA LEU A 319 -12.43 -49.35 -14.22
C LEU A 319 -13.34 -49.46 -12.99
N GLY A 320 -13.39 -48.42 -12.16
CA GLY A 320 -14.21 -48.45 -10.96
C GLY A 320 -13.60 -49.28 -9.86
N ALA A 321 -13.55 -50.60 -10.06
CA ALA A 321 -12.97 -51.51 -9.08
C ALA A 321 -11.65 -52.11 -9.53
N ASN A 322 -11.34 -52.05 -10.83
CA ASN A 322 -10.08 -52.56 -11.36
C ASN A 322 -9.00 -51.49 -11.45
N SER A 323 -9.29 -50.28 -11.01
CA SER A 323 -8.33 -49.19 -11.11
C SER A 323 -7.07 -49.51 -10.32
N GLY A 324 -5.91 -49.22 -10.93
CA GLY A 324 -4.62 -49.39 -10.29
C GLY A 324 -4.10 -48.08 -9.73
N LEU A 325 -3.20 -48.19 -8.77
CA LEU A 325 -2.67 -47.01 -8.10
C LEU A 325 -1.87 -46.17 -9.08
N HIS A 326 -2.22 -44.88 -9.19
CA HIS A 326 -1.49 -43.93 -10.02
C HIS A 326 -0.53 -43.14 -9.14
N ILE A 327 0.56 -43.82 -8.73
CA ILE A 327 1.51 -43.21 -7.83
C ILE A 327 2.10 -41.96 -8.48
N ILE A 328 2.32 -40.93 -7.66
CA ILE A 328 2.84 -39.65 -8.12
C ILE A 328 3.85 -39.14 -7.10
N ILE A 329 4.48 -38.02 -7.44
CA ILE A 329 5.44 -37.35 -6.57
C ILE A 329 5.10 -35.87 -6.53
N PHE A 330 4.99 -35.33 -5.31
CA PHE A 330 4.78 -33.89 -5.11
C PHE A 330 6.04 -33.34 -4.44
N ASP A 331 6.64 -32.32 -5.06
CA ASP A 331 7.91 -31.78 -4.62
C ASP A 331 7.73 -30.39 -4.04
N GLU A 332 8.35 -30.15 -2.88
CA GLU A 332 8.36 -28.84 -2.23
C GLU A 332 6.93 -28.35 -1.96
N ILE A 333 6.26 -29.12 -1.09
CA ILE A 333 4.91 -28.74 -0.66
C ILE A 333 4.88 -27.43 0.08
N ASP A 334 6.02 -26.94 0.56
CA ASP A 334 6.07 -25.68 1.29
C ASP A 334 5.60 -24.50 0.43
N ALA A 335 5.75 -24.59 -0.89
CA ALA A 335 5.39 -23.46 -1.74
C ALA A 335 3.92 -23.12 -1.62
N ILE A 336 3.05 -24.13 -1.62
CA ILE A 336 1.61 -23.91 -1.59
C ILE A 336 1.04 -23.85 -0.17
N CYS A 337 1.78 -24.34 0.82
CA CYS A 337 1.29 -24.32 2.19
C CYS A 337 1.13 -22.89 2.68
N LYS A 338 0.06 -22.66 3.44
CA LYS A 338 -0.26 -21.34 3.98
C LYS A 338 0.04 -21.36 5.48
N GLN A 339 1.30 -21.03 5.81
CA GLN A 339 1.70 -20.93 7.21
C GLN A 339 2.70 -19.79 7.43
N ARG A 340 2.75 -18.82 6.52
CA ARG A 340 3.70 -17.72 6.62
C ARG A 340 3.13 -16.63 7.53
N GLY A 341 3.17 -16.92 8.83
CA GLY A 341 2.82 -15.94 9.83
C GLY A 341 4.05 -15.20 10.32
N SER A 342 4.28 -14.00 9.78
CA SER A 342 5.47 -13.23 10.12
C SER A 342 5.36 -11.80 9.59
N VAL A 349 1.59 -16.19 -0.14
CA VAL A 349 1.27 -17.51 -0.68
C VAL A 349 -0.24 -17.73 -0.72
N HIS A 350 -1.00 -16.67 -0.42
CA HIS A 350 -2.46 -16.76 -0.41
C HIS A 350 -2.93 -17.77 0.61
N ASP A 351 -4.24 -17.92 0.76
CA ASP A 351 -4.83 -18.85 1.72
C ASP A 351 -6.00 -19.59 1.10
N THR A 352 -5.89 -19.95 -0.17
CA THR A 352 -6.97 -20.61 -0.89
C THR A 352 -6.56 -21.88 -1.62
N VAL A 353 -5.29 -22.02 -2.03
CA VAL A 353 -4.87 -23.19 -2.78
C VAL A 353 -5.01 -24.45 -1.95
N VAL A 354 -4.62 -24.40 -0.68
CA VAL A 354 -4.66 -25.59 0.17
C VAL A 354 -6.09 -26.06 0.37
N ASN A 355 -7.05 -25.12 0.41
CA ASN A 355 -8.46 -25.53 0.54
C ASN A 355 -8.87 -26.42 -0.62
N GLN A 356 -8.57 -25.99 -1.85
CA GLN A 356 -8.92 -26.81 -3.01
C GLN A 356 -8.13 -28.11 -3.02
N LEU A 357 -6.87 -28.08 -2.61
CA LEU A 357 -6.07 -29.31 -2.56
C LEU A 357 -6.71 -30.32 -1.62
N LEU A 358 -7.09 -29.89 -0.42
CA LEU A 358 -7.72 -30.79 0.53
C LEU A 358 -9.07 -31.28 0.00
N SER A 359 -9.84 -30.39 -0.62
CA SER A 359 -11.14 -30.80 -1.14
C SER A 359 -10.98 -31.88 -2.21
N LYS A 360 -10.01 -31.71 -3.11
CA LYS A 360 -9.78 -32.73 -4.13
C LYS A 360 -9.27 -34.02 -3.52
N ILE A 361 -8.40 -33.92 -2.52
CA ILE A 361 -7.92 -35.12 -1.83
C ILE A 361 -9.09 -35.85 -1.18
N ASP A 362 -9.97 -35.10 -0.51
CA ASP A 362 -11.19 -35.68 0.05
C ASP A 362 -12.22 -34.56 0.18
N GLY A 363 -13.46 -34.86 -0.19
CA GLY A 363 -14.55 -33.91 -0.10
C GLY A 363 -15.87 -34.64 0.03
N VAL A 364 -16.87 -34.15 -0.70
CA VAL A 364 -18.16 -34.84 -0.72
C VAL A 364 -18.03 -36.20 -1.39
N GLU A 365 -17.19 -36.28 -2.42
CA GLU A 365 -16.92 -37.54 -3.11
C GLU A 365 -15.54 -38.04 -2.71
N GLN A 366 -15.43 -39.35 -2.49
CA GLN A 366 -14.18 -39.97 -2.07
C GLN A 366 -13.58 -40.74 -3.24
N LEU A 367 -12.31 -40.50 -3.52
CA LEU A 367 -11.58 -41.16 -4.60
C LEU A 367 -10.74 -42.27 -4.01
N ASN A 368 -10.90 -43.48 -4.55
CA ASN A 368 -10.21 -44.67 -4.06
C ASN A 368 -9.03 -45.07 -4.93
N ASN A 369 -8.59 -44.21 -5.84
CA ASN A 369 -7.52 -44.52 -6.79
C ASN A 369 -6.51 -43.39 -6.85
N ILE A 370 -6.09 -42.90 -5.68
CA ILE A 370 -5.13 -41.82 -5.60
C ILE A 370 -4.12 -42.13 -4.50
N LEU A 371 -2.99 -41.43 -4.57
CA LEU A 371 -1.94 -41.55 -3.55
C LEU A 371 -1.02 -40.34 -3.68
N VAL A 372 -0.64 -39.75 -2.55
CA VAL A 372 0.12 -38.51 -2.53
C VAL A 372 1.44 -38.78 -1.81
N ILE A 373 2.55 -38.45 -2.45
CA ILE A 373 3.88 -38.51 -1.85
C ILE A 373 4.47 -37.11 -1.90
N GLY A 374 4.86 -36.60 -0.73
CA GLY A 374 5.34 -35.23 -0.64
C GLY A 374 6.81 -35.11 -0.35
N MET A 375 7.34 -33.89 -0.46
CA MET A 375 8.74 -33.61 -0.20
C MET A 375 8.87 -32.22 0.40
N THR A 376 9.85 -32.04 1.28
CA THR A 376 10.06 -30.74 1.91
C THR A 376 11.33 -30.81 2.74
N ASN A 377 11.78 -29.63 3.19
CA ASN A 377 12.91 -29.50 4.09
C ASN A 377 12.57 -28.68 5.33
N ARG A 378 11.34 -28.18 5.45
CA ARG A 378 10.91 -27.36 6.57
C ARG A 378 9.63 -27.97 7.13
N PRO A 379 9.74 -29.10 7.83
CA PRO A 379 8.53 -29.80 8.30
C PRO A 379 7.69 -29.01 9.27
N ASP A 380 8.25 -28.01 9.95
CA ASP A 380 7.50 -27.23 10.92
C ASP A 380 6.62 -26.16 10.30
N LEU A 381 6.75 -25.93 8.99
CA LEU A 381 5.96 -24.89 8.31
C LEU A 381 4.71 -25.44 7.63
N ILE A 382 4.43 -26.72 7.77
CA ILE A 382 3.26 -27.33 7.12
C ILE A 382 2.04 -27.13 8.01
N ASP A 383 0.90 -26.87 7.37
CA ASP A 383 -0.34 -26.64 8.11
C ASP A 383 -0.83 -27.92 8.76
N GLU A 384 -1.56 -27.76 9.87
CA GLU A 384 -2.09 -28.92 10.58
C GLU A 384 -3.11 -29.68 9.76
N ALA A 385 -3.96 -28.95 9.00
CA ALA A 385 -5.05 -29.61 8.29
C ALA A 385 -4.56 -30.64 7.28
N LEU A 386 -3.31 -30.54 6.83
CA LEU A 386 -2.77 -31.42 5.81
C LEU A 386 -2.17 -32.70 6.39
N LEU A 387 -2.50 -33.04 7.64
CA LEU A 387 -1.97 -34.27 8.23
C LEU A 387 -3.03 -34.97 9.07
N ARG A 388 -4.31 -34.65 8.88
CA ARG A 388 -5.38 -35.32 9.61
C ARG A 388 -5.49 -36.76 9.17
N PRO A 389 -6.14 -37.61 9.97
CA PRO A 389 -6.16 -39.05 9.65
C PRO A 389 -6.75 -39.36 8.28
N GLY A 390 -7.59 -38.49 7.72
CA GLY A 390 -8.17 -38.73 6.42
C GLY A 390 -7.20 -38.57 5.26
N ARG A 391 -6.12 -37.82 5.47
CA ARG A 391 -5.15 -37.54 4.42
C ARG A 391 -3.79 -37.29 5.02
N LEU A 392 -2.76 -37.89 4.44
CA LEU A 392 -1.37 -37.71 4.89
C LEU A 392 -1.25 -37.97 6.38
N GLU A 393 -1.53 -39.21 6.77
CA GLU A 393 -1.54 -39.62 8.16
C GLU A 393 -0.24 -40.30 8.58
N VAL A 394 0.80 -40.25 7.75
CA VAL A 394 2.08 -40.86 8.07
C VAL A 394 3.19 -39.87 7.77
N LYS A 395 4.33 -40.04 8.45
CA LYS A 395 5.50 -39.21 8.25
C LYS A 395 6.74 -40.08 8.30
N MET A 396 7.83 -39.56 7.74
CA MET A 396 9.12 -40.23 7.79
C MET A 396 10.22 -39.19 7.60
N GLU A 397 11.44 -39.57 7.98
CA GLU A 397 12.59 -38.69 7.94
C GLU A 397 13.72 -39.36 7.16
N ILE A 398 14.49 -38.55 6.44
CA ILE A 398 15.67 -39.00 5.71
C ILE A 398 16.88 -38.32 6.35
N GLY A 399 17.82 -39.13 6.84
CA GLY A 399 18.99 -38.63 7.53
C GLY A 399 20.26 -38.82 6.73
N LEU A 400 21.31 -38.15 7.19
CA LEU A 400 22.60 -38.25 6.53
C LEU A 400 23.16 -39.67 6.69
N PRO A 401 23.86 -40.19 5.69
CA PRO A 401 24.47 -41.52 5.83
C PRO A 401 25.77 -41.46 6.61
N ASP A 402 26.26 -42.66 6.96
CA ASP A 402 27.52 -42.83 7.65
C ASP A 402 28.55 -43.44 6.68
N GLU A 403 29.71 -43.80 7.22
CA GLU A 403 30.80 -44.28 6.37
C GLU A 403 30.35 -45.38 5.42
N LYS A 404 29.55 -46.33 5.92
CA LYS A 404 29.09 -47.41 5.05
C LYS A 404 28.20 -46.87 3.94
N GLY A 405 27.35 -45.88 4.25
CA GLY A 405 26.54 -45.27 3.22
C GLY A 405 27.36 -44.58 2.15
N ARG A 406 28.39 -43.85 2.56
CA ARG A 406 29.27 -43.21 1.60
C ARG A 406 30.00 -44.24 0.74
N LEU A 407 30.43 -45.34 1.36
CA LEU A 407 31.07 -46.41 0.60
C LEU A 407 30.11 -46.97 -0.44
N GLN A 408 28.85 -47.21 -0.04
CA GLN A 408 27.87 -47.75 -0.98
C GLN A 408 27.62 -46.78 -2.11
N ILE A 409 27.49 -45.49 -1.81
CA ILE A 409 27.24 -44.50 -2.86
C ILE A 409 28.41 -44.45 -3.83
N LEU A 410 29.64 -44.46 -3.31
CA LEU A 410 30.82 -44.48 -4.17
C LEU A 410 30.90 -45.75 -5.00
N HIS A 411 30.18 -46.80 -4.61
CA HIS A 411 30.19 -48.06 -5.34
C HIS A 411 29.14 -48.10 -6.45
N ILE A 412 28.29 -47.08 -6.55
CA ILE A 412 27.24 -47.05 -7.56
C ILE A 412 27.46 -45.97 -8.60
N HIS A 413 28.22 -44.93 -8.30
CA HIS A 413 28.50 -43.85 -9.24
C HIS A 413 29.86 -43.99 -9.92
N THR A 414 30.55 -45.12 -9.72
CA THR A 414 31.86 -45.31 -10.30
C THR A 414 32.06 -46.69 -10.91
N ALA A 415 31.07 -47.59 -10.84
CA ALA A 415 31.25 -48.92 -11.40
C ALA A 415 31.41 -48.89 -12.91
N ARG A 416 30.82 -47.89 -13.56
CA ARG A 416 30.92 -47.80 -15.03
C ARG A 416 32.37 -47.65 -15.46
N MET A 417 33.13 -46.80 -14.75
CA MET A 417 34.55 -46.67 -15.06
C MET A 417 35.30 -47.98 -14.80
N ARG A 418 34.94 -48.67 -13.71
CA ARG A 418 35.60 -49.94 -13.41
C ARG A 418 35.35 -50.96 -14.51
N GLY A 419 34.17 -50.94 -15.12
CA GLY A 419 33.85 -51.94 -16.14
C GLY A 419 34.85 -51.95 -17.28
N HIS A 420 35.30 -50.78 -17.71
CA HIS A 420 36.23 -50.65 -18.82
C HIS A 420 37.69 -50.53 -18.35
N GLN A 421 37.95 -50.77 -17.07
CA GLN A 421 39.30 -50.73 -16.51
C GLN A 421 39.89 -49.32 -16.52
N LEU A 422 39.03 -48.30 -16.49
CA LEU A 422 39.53 -46.93 -16.43
C LEU A 422 40.06 -46.58 -15.05
N LEU A 423 39.47 -47.14 -14.00
CA LEU A 423 39.94 -46.87 -12.65
C LEU A 423 41.29 -47.57 -12.42
N SER A 424 42.00 -47.09 -11.41
CA SER A 424 43.32 -47.61 -11.05
C SER A 424 43.24 -48.32 -9.71
N ALA A 425 43.99 -49.41 -9.58
CA ALA A 425 44.03 -50.16 -8.33
C ALA A 425 44.53 -49.31 -7.17
N ASP A 426 45.32 -48.27 -7.45
CA ASP A 426 45.79 -47.39 -6.38
C ASP A 426 44.64 -46.68 -5.68
N VAL A 427 43.53 -46.45 -6.38
CA VAL A 427 42.36 -45.79 -5.79
C VAL A 427 41.79 -46.71 -4.73
N ASP A 428 41.87 -46.27 -3.47
CA ASP A 428 41.39 -47.04 -2.33
C ASP A 428 40.04 -46.48 -1.91
N ILE A 429 38.98 -47.27 -2.10
CA ILE A 429 37.64 -46.80 -1.80
C ILE A 429 37.48 -46.51 -0.32
N LYS A 430 38.09 -47.35 0.53
CA LYS A 430 37.99 -47.12 1.98
C LYS A 430 38.62 -45.79 2.37
N GLU A 431 39.78 -45.47 1.79
CA GLU A 431 40.43 -44.20 2.10
C GLU A 431 39.55 -43.03 1.67
N LEU A 432 38.96 -43.11 0.48
CA LEU A 432 38.09 -42.04 0.01
C LEU A 432 36.88 -41.88 0.93
N ALA A 433 36.29 -43.00 1.36
CA ALA A 433 35.15 -42.92 2.27
C ALA A 433 35.55 -42.29 3.59
N VAL A 434 36.71 -42.67 4.14
CA VAL A 434 37.15 -42.12 5.42
C VAL A 434 37.41 -40.62 5.29
N GLU A 435 38.01 -40.20 4.17
CA GLU A 435 38.31 -38.79 4.01
C GLU A 435 37.05 -37.94 4.02
N THR A 436 36.00 -38.39 3.33
CA THR A 436 34.73 -37.69 3.36
C THR A 436 34.06 -37.85 4.72
N LYS A 437 33.43 -36.78 5.20
CA LYS A 437 32.83 -36.76 6.53
C LYS A 437 31.31 -36.66 6.47
N ASN A 438 30.76 -35.64 5.78
CA ASN A 438 29.32 -35.42 5.72
C ASN A 438 28.84 -35.28 4.28
N PHE A 439 29.57 -35.86 3.32
CA PHE A 439 29.18 -35.74 1.92
C PHE A 439 27.80 -36.35 1.70
N SER A 440 26.94 -35.62 1.00
CA SER A 440 25.62 -36.11 0.65
C SER A 440 25.70 -36.91 -0.64
N GLY A 441 24.53 -37.37 -1.11
CA GLY A 441 24.51 -38.20 -2.31
C GLY A 441 25.06 -37.48 -3.53
N ALA A 442 24.69 -36.21 -3.70
CA ALA A 442 25.12 -35.47 -4.90
C ALA A 442 26.60 -35.11 -4.83
N GLU A 443 27.14 -34.93 -3.62
CA GLU A 443 28.53 -34.49 -3.50
C GLU A 443 29.50 -35.50 -4.07
N LEU A 444 29.27 -36.79 -3.80
CA LEU A 444 30.18 -37.82 -4.30
C LEU A 444 30.13 -37.91 -5.82
N GLU A 445 28.93 -37.83 -6.40
CA GLU A 445 28.82 -37.85 -7.86
C GLU A 445 29.51 -36.63 -8.47
N GLY A 446 29.33 -35.45 -7.87
CA GLY A 446 30.03 -34.28 -8.36
C GLY A 446 31.52 -34.41 -8.25
N LEU A 447 32.01 -35.02 -7.17
CA LEU A 447 33.44 -35.24 -7.02
C LEU A 447 33.96 -36.17 -8.11
N VAL A 448 33.23 -37.23 -8.41
CA VAL A 448 33.65 -38.14 -9.48
C VAL A 448 33.67 -37.41 -10.81
N ARG A 449 32.65 -36.59 -11.07
CA ARG A 449 32.60 -35.84 -12.33
C ARG A 449 33.80 -34.90 -12.45
N ALA A 450 34.10 -34.17 -11.38
CA ALA A 450 35.25 -33.26 -11.41
C ALA A 450 36.56 -34.03 -11.55
N ALA A 451 36.68 -35.19 -10.90
CA ALA A 451 37.90 -35.97 -11.03
C ALA A 451 38.11 -36.45 -12.46
N GLN A 452 37.04 -36.92 -13.12
CA GLN A 452 37.19 -37.33 -14.51
C GLN A 452 37.51 -36.15 -15.41
N SER A 453 36.92 -34.98 -15.12
CA SER A 453 37.25 -33.78 -15.89
C SER A 453 38.73 -33.42 -15.72
N THR A 454 39.25 -33.50 -14.50
CA THR A 454 40.66 -33.21 -14.27
C THR A 454 41.55 -34.24 -14.97
N ALA A 455 41.13 -35.50 -14.98
CA ALA A 455 41.89 -36.52 -15.71
C ALA A 455 41.92 -36.20 -17.20
N MET A 456 40.79 -35.77 -17.76
CA MET A 456 40.77 -35.38 -19.16
C MET A 456 41.68 -34.19 -19.42
N ASN A 457 41.68 -33.22 -18.50
CA ASN A 457 42.56 -32.07 -18.65
C ASN A 457 44.02 -32.49 -18.62
N ARG A 458 44.38 -33.40 -17.71
CA ARG A 458 45.76 -33.90 -17.66
C ARG A 458 46.11 -34.63 -18.96
N HIS A 459 45.18 -35.42 -19.49
CA HIS A 459 45.43 -36.10 -20.75
C HIS A 459 45.68 -35.10 -21.87
N ILE A 460 44.87 -34.05 -21.94
CA ILE A 460 45.05 -33.04 -22.98
C ILE A 460 46.39 -32.33 -22.81
N LYS A 461 46.77 -32.04 -21.56
CA LYS A 461 48.06 -31.41 -21.31
C LYS A 461 49.20 -32.30 -21.81
N ALA A 462 49.14 -33.59 -21.49
CA ALA A 462 50.17 -34.51 -21.95
C ALA A 462 50.21 -34.58 -23.48
N SER A 463 49.04 -34.64 -24.11
CA SER A 463 48.99 -34.70 -25.57
C SER A 463 49.61 -33.46 -26.20
N THR A 464 49.28 -32.28 -25.66
CA THR A 464 49.82 -31.04 -26.20
C THR A 464 51.26 -30.78 -25.77
N LYS A 465 51.79 -31.56 -24.83
CA LYS A 465 53.16 -31.37 -24.36
C LYS A 465 54.16 -32.10 -25.26
N VAL A 466 54.03 -33.42 -25.39
CA VAL A 466 54.94 -34.21 -26.21
C VAL A 466 54.19 -35.46 -26.67
N GLU A 467 54.52 -35.90 -27.88
CA GLU A 467 53.93 -37.09 -28.48
C GLU A 467 54.97 -38.20 -28.47
N VAL A 468 54.66 -39.32 -27.82
CA VAL A 468 55.56 -40.46 -27.70
C VAL A 468 54.91 -41.74 -28.22
N ASP A 469 53.66 -41.98 -27.83
CA ASP A 469 52.98 -43.24 -28.12
C ASP A 469 51.76 -43.09 -29.02
N MET A 470 50.94 -42.08 -28.79
CA MET A 470 49.65 -41.85 -29.43
C MET A 470 48.58 -42.82 -28.93
N GLU A 471 48.95 -43.81 -28.12
CA GLU A 471 47.99 -44.64 -27.40
C GLU A 471 48.02 -44.38 -25.90
N LYS A 472 48.91 -43.51 -25.42
CA LYS A 472 48.94 -43.16 -24.01
C LYS A 472 47.70 -42.39 -23.59
N ALA A 473 46.89 -41.93 -24.54
CA ALA A 473 45.68 -41.18 -24.20
C ALA A 473 44.73 -42.03 -23.37
N GLU A 474 44.53 -43.29 -23.77
CA GLU A 474 43.62 -44.16 -23.03
C GLU A 474 44.13 -44.40 -21.61
N SER A 475 45.44 -44.64 -21.47
CA SER A 475 46.01 -44.85 -20.14
C SER A 475 45.90 -43.59 -19.29
N LEU A 476 46.08 -42.42 -19.90
CA LEU A 476 45.98 -41.17 -19.16
C LEU A 476 44.54 -40.80 -18.83
N GLN A 477 43.57 -41.38 -19.54
CA GLN A 477 42.17 -41.16 -19.23
C GLN A 477 41.79 -41.71 -17.86
N VAL A 478 42.63 -42.55 -17.26
CA VAL A 478 42.33 -43.11 -15.95
C VAL A 478 42.28 -41.99 -14.91
N THR A 479 41.25 -42.03 -14.06
CA THR A 479 41.10 -41.06 -12.99
C THR A 479 42.23 -41.17 -11.96
N ARG A 480 42.65 -42.39 -11.66
CA ARG A 480 43.76 -42.64 -10.74
C ARG A 480 43.63 -41.82 -9.46
N GLY A 481 44.73 -41.24 -8.98
CA GLY A 481 44.77 -40.56 -7.71
C GLY A 481 44.31 -39.12 -7.70
N ASP A 482 43.70 -38.64 -8.78
CA ASP A 482 43.17 -37.28 -8.81
C ASP A 482 41.99 -37.10 -7.86
N PHE A 483 41.42 -38.20 -7.34
CA PHE A 483 40.34 -38.09 -6.37
C PHE A 483 40.76 -37.24 -5.17
N LEU A 484 42.00 -37.42 -4.71
CA LEU A 484 42.48 -36.65 -3.57
C LEU A 484 42.42 -35.15 -3.86
N ALA A 485 43.01 -34.73 -4.98
CA ALA A 485 43.00 -33.30 -5.31
C ALA A 485 41.58 -32.79 -5.49
N SER A 486 40.72 -33.57 -6.16
CA SER A 486 39.35 -33.15 -6.34
C SER A 486 38.63 -32.98 -5.01
N LEU A 487 39.00 -33.77 -4.00
CA LEU A 487 38.34 -33.67 -2.71
C LEU A 487 38.53 -32.29 -2.09
N GLU A 488 39.74 -31.75 -2.16
CA GLU A 488 40.06 -30.48 -1.54
C GLU A 488 40.04 -29.30 -2.50
N ASN A 489 39.73 -29.52 -3.79
CA ASN A 489 39.68 -28.44 -4.75
C ASN A 489 38.41 -28.37 -5.58
N ASP A 490 37.65 -29.46 -5.71
CA ASP A 490 36.51 -29.51 -6.62
C ASP A 490 35.16 -29.57 -5.93
N ILE A 491 35.12 -29.83 -4.62
CA ILE A 491 33.88 -29.98 -3.89
C ILE A 491 33.92 -29.07 -2.66
N LYS A 492 32.82 -28.37 -2.41
CA LYS A 492 32.69 -27.46 -1.28
C LYS A 492 31.40 -27.78 -0.54
N PRO A 493 31.41 -28.81 0.31
CA PRO A 493 30.17 -29.19 1.01
C PRO A 493 29.64 -28.05 1.85
N ALA A 494 28.31 -27.94 1.90
CA ALA A 494 27.67 -26.90 2.69
C ALA A 494 27.66 -27.24 4.18
N PHE A 495 27.55 -28.51 4.52
CA PHE A 495 27.48 -28.96 5.91
C PHE A 495 28.85 -29.25 6.51
N GLY A 496 29.92 -29.14 5.70
CA GLY A 496 31.26 -29.42 6.15
C GLY A 496 32.03 -28.16 6.54
N THR A 497 33.28 -28.38 6.92
CA THR A 497 34.14 -27.27 7.32
C THR A 497 34.44 -26.38 6.12
N ASN A 498 34.58 -25.08 6.39
CA ASN A 498 34.89 -24.09 5.37
C ASN A 498 36.26 -23.48 5.67
N GLN A 499 37.13 -23.41 4.66
CA GLN A 499 38.47 -22.88 4.83
C GLN A 499 38.56 -21.40 4.48
N GLU A 500 37.74 -20.92 3.55
CA GLU A 500 37.76 -19.52 3.15
C GLU A 500 37.37 -18.58 4.29
N ASP A 501 36.47 -18.99 5.19
CA ASP A 501 36.19 -18.17 6.36
C ASP A 501 37.43 -18.03 7.23
N TYR A 502 38.18 -19.12 7.43
CA TYR A 502 39.43 -19.03 8.18
C TYR A 502 40.41 -18.09 7.47
N ALA A 503 40.53 -18.23 6.15
CA ALA A 503 41.44 -17.36 5.42
C ALA A 503 41.06 -15.89 5.58
N SER A 504 39.76 -15.59 5.53
CA SER A 504 39.31 -14.21 5.64
C SER A 504 39.52 -13.66 7.05
N TYR A 505 39.15 -14.42 8.08
CA TYR A 505 39.18 -13.93 9.45
C TYR A 505 40.56 -14.02 10.10
N ILE A 506 41.12 -15.22 10.19
CA ILE A 506 42.47 -15.40 10.74
C ILE A 506 43.44 -15.24 9.57
N MET A 507 43.82 -13.99 9.31
CA MET A 507 44.58 -13.65 8.12
C MET A 507 46.08 -13.81 8.32
N ASN A 508 46.66 -13.09 9.28
CA ASN A 508 48.09 -13.10 9.49
C ASN A 508 48.55 -14.24 10.40
N GLY A 509 47.62 -15.02 10.94
CA GLY A 509 47.98 -16.16 11.77
C GLY A 509 48.19 -15.79 13.23
N ILE A 510 48.03 -16.75 14.11
CA ILE A 510 48.21 -16.53 15.55
C ILE A 510 49.70 -16.55 15.86
N ILE A 511 50.16 -15.51 16.54
CA ILE A 511 51.56 -15.41 16.99
C ILE A 511 51.56 -15.20 18.49
N LYS A 512 52.15 -16.16 19.22
CA LYS A 512 52.13 -16.13 20.68
C LYS A 512 53.07 -15.04 21.17
N TRP A 513 52.58 -14.20 22.09
CA TRP A 513 53.39 -13.18 22.73
C TRP A 513 53.11 -13.04 24.22
N GLY A 514 52.22 -13.85 24.78
CA GLY A 514 51.89 -13.74 26.19
C GLY A 514 51.07 -14.92 26.65
N ASP A 515 50.91 -15.01 27.97
CA ASP A 515 50.18 -16.09 28.61
C ASP A 515 48.67 -16.03 28.37
N PRO A 516 48.06 -14.85 28.22
CA PRO A 516 46.59 -14.82 28.06
C PRO A 516 46.11 -15.67 26.89
N VAL A 517 46.87 -15.72 25.80
CA VAL A 517 46.49 -16.56 24.67
C VAL A 517 46.42 -18.02 25.10
N THR A 518 47.44 -18.48 25.83
CA THR A 518 47.44 -19.86 26.32
C THR A 518 46.26 -20.10 27.25
N ARG A 519 45.97 -19.16 28.14
CA ARG A 519 44.85 -19.34 29.06
C ARG A 519 43.53 -19.47 28.31
N VAL A 520 43.32 -18.61 27.32
CA VAL A 520 42.09 -18.66 26.54
C VAL A 520 41.98 -19.98 25.79
N LEU A 521 43.09 -20.42 25.19
CA LEU A 521 43.06 -21.68 24.45
C LEU A 521 42.75 -22.86 25.37
N ASP A 522 43.35 -22.87 26.56
CA ASP A 522 43.07 -23.94 27.51
C ASP A 522 41.61 -23.94 27.93
N ASP A 523 41.05 -22.76 28.19
CA ASP A 523 39.64 -22.68 28.56
C ASP A 523 38.76 -23.20 27.43
N GLY A 524 39.08 -22.83 26.19
CA GLY A 524 38.30 -23.31 25.06
C GLY A 524 38.36 -24.81 24.92
N GLU A 525 39.55 -25.39 25.06
CA GLU A 525 39.68 -26.84 24.98
C GLU A 525 38.91 -27.53 26.09
N LEU A 526 38.95 -26.98 27.30
CA LEU A 526 38.19 -27.56 28.41
C LEU A 526 36.69 -27.51 28.13
N LEU A 527 36.21 -26.39 27.59
CA LEU A 527 34.78 -26.30 27.27
C LEU A 527 34.40 -27.29 26.17
N VAL A 528 35.28 -27.45 25.17
CA VAL A 528 35.01 -28.42 24.11
C VAL A 528 34.90 -29.82 24.68
N GLN A 529 35.82 -30.18 25.58
CA GLN A 529 35.75 -31.49 26.22
C GLN A 529 34.47 -31.63 27.02
N GLN A 530 34.09 -30.58 27.75
CA GLN A 530 32.88 -30.65 28.58
C GLN A 530 31.66 -30.90 27.73
N THR A 531 31.53 -30.19 26.60
CA THR A 531 30.38 -30.41 25.74
C THR A 531 30.44 -31.78 25.07
N LYS A 532 31.64 -32.28 24.77
CA LYS A 532 31.76 -33.59 24.16
C LYS A 532 31.30 -34.69 25.11
N ASN A 533 31.66 -34.59 26.39
CA ASN A 533 31.45 -35.65 27.35
C ASN A 533 30.37 -35.32 28.38
N SER A 534 29.28 -34.68 27.97
CA SER A 534 28.19 -34.33 28.86
C SER A 534 26.91 -35.07 28.48
N ASP A 535 26.06 -35.29 29.48
CA ASP A 535 24.79 -35.96 29.27
C ASP A 535 23.64 -35.16 29.85
N ARG A 536 23.90 -34.41 30.93
CA ARG A 536 22.85 -33.63 31.57
C ARG A 536 22.65 -32.28 30.92
N THR A 537 23.67 -31.74 30.24
CA THR A 537 23.66 -30.39 29.68
C THR A 537 24.01 -30.47 28.20
N PRO A 538 23.04 -30.78 27.34
CA PRO A 538 23.33 -30.81 25.91
C PRO A 538 23.75 -29.47 25.33
N LEU A 539 23.43 -28.36 26.02
CA LEU A 539 23.69 -27.02 25.53
C LEU A 539 24.79 -26.37 26.35
N VAL A 540 25.77 -25.79 25.68
CA VAL A 540 26.87 -25.08 26.32
C VAL A 540 27.15 -23.80 25.54
N SER A 541 27.33 -22.69 26.25
CA SER A 541 27.54 -21.40 25.63
C SER A 541 28.64 -20.64 26.36
N VAL A 542 29.52 -19.99 25.59
CA VAL A 542 30.61 -19.21 26.13
C VAL A 542 30.50 -17.79 25.59
N LEU A 543 31.35 -16.88 26.07
CA LEU A 543 31.31 -15.50 25.61
C LEU A 543 32.67 -14.87 25.82
N LEU A 544 33.25 -14.33 24.75
CA LEU A 544 34.53 -13.63 24.81
C LEU A 544 34.28 -12.12 24.72
N GLU A 545 35.04 -11.35 25.49
CA GLU A 545 34.89 -9.90 25.50
C GLU A 545 36.25 -9.27 25.71
N GLY A 546 36.36 -8.00 25.32
CA GLY A 546 37.59 -7.26 25.47
C GLY A 546 37.51 -5.89 24.82
N PRO A 547 38.56 -5.09 24.98
CA PRO A 547 38.56 -3.74 24.40
C PRO A 547 38.62 -3.81 22.89
N PRO A 548 38.18 -2.75 22.20
CA PRO A 548 38.22 -2.77 20.74
C PRO A 548 39.64 -2.94 20.21
N HIS A 549 39.73 -3.58 19.04
CA HIS A 549 41.00 -3.83 18.36
C HIS A 549 41.89 -4.81 19.12
N SER A 550 41.32 -5.62 20.00
CA SER A 550 42.07 -6.61 20.76
C SER A 550 42.18 -7.94 20.03
N GLY A 551 41.54 -8.08 18.86
CA GLY A 551 41.59 -9.33 18.13
C GLY A 551 40.83 -10.45 18.80
N LYS A 552 39.50 -10.31 18.86
CA LYS A 552 38.66 -11.34 19.45
C LYS A 552 38.15 -12.35 18.43
N THR A 553 37.88 -11.90 17.21
CA THR A 553 37.32 -12.80 16.21
C THR A 553 38.27 -13.93 15.86
N ALA A 554 39.57 -13.63 15.73
CA ALA A 554 40.53 -14.64 15.33
C ALA A 554 40.61 -15.77 16.34
N LEU A 555 40.62 -15.44 17.64
CA LEU A 555 40.70 -16.48 18.65
C LEU A 555 39.47 -17.38 18.63
N ALA A 556 38.29 -16.78 18.47
CA ALA A 556 37.07 -17.58 18.40
C ALA A 556 37.10 -18.49 17.18
N ALA A 557 37.57 -17.97 16.03
CA ALA A 557 37.67 -18.80 14.84
C ALA A 557 38.63 -19.96 15.06
N LYS A 558 39.76 -19.70 15.71
CA LYS A 558 40.72 -20.76 15.99
C LYS A 558 40.11 -21.82 16.90
N ILE A 559 39.41 -21.39 17.95
CA ILE A 559 38.80 -22.33 18.88
C ILE A 559 37.78 -23.20 18.16
N ALA A 560 36.95 -22.58 17.33
CA ALA A 560 35.95 -23.35 16.58
C ALA A 560 36.62 -24.33 15.63
N GLU A 561 37.68 -23.89 14.93
CA GLU A 561 38.32 -24.76 13.96
C GLU A 561 38.96 -25.96 14.63
N GLU A 562 39.64 -25.75 15.75
CA GLU A 562 40.38 -26.83 16.40
C GLU A 562 39.48 -27.80 17.16
N SER A 563 38.16 -27.72 16.99
CA SER A 563 37.26 -28.68 17.61
C SER A 563 37.03 -29.91 16.74
N ASN A 564 37.36 -29.85 15.45
CA ASN A 564 37.21 -30.97 14.53
C ASN A 564 35.77 -31.46 14.47
N PHE A 565 34.81 -30.56 14.67
CA PHE A 565 33.41 -30.92 14.60
C PHE A 565 32.98 -31.07 13.14
N PRO A 566 31.91 -31.83 12.87
CA PRO A 566 31.43 -31.95 11.49
C PRO A 566 30.86 -30.66 10.95
N PHE A 567 30.04 -29.98 11.74
CA PHE A 567 29.31 -28.79 11.32
C PHE A 567 29.85 -27.56 12.03
N ILE A 568 30.20 -26.53 11.26
CA ILE A 568 30.70 -25.28 11.82
C ILE A 568 30.36 -24.16 10.85
N LYS A 569 29.69 -23.12 11.36
CA LYS A 569 29.28 -21.99 10.55
C LYS A 569 29.47 -20.71 11.35
N ILE A 570 29.68 -19.60 10.64
CA ILE A 570 29.92 -18.29 11.26
C ILE A 570 28.84 -17.35 10.76
N CYS A 571 28.04 -16.83 11.68
CA CYS A 571 26.93 -15.92 11.34
C CYS A 571 27.37 -14.47 11.56
N SER A 572 28.34 -14.05 10.75
CA SER A 572 28.84 -12.69 10.84
C SER A 572 27.84 -11.71 10.25
N PRO A 573 27.91 -10.44 10.64
CA PRO A 573 26.95 -9.45 10.14
C PRO A 573 27.29 -8.84 8.79
N ASP A 574 28.50 -9.05 8.27
CA ASP A 574 28.88 -8.44 7.01
C ASP A 574 28.10 -8.98 5.82
N LYS A 575 27.38 -10.08 6.00
CA LYS A 575 26.58 -10.68 4.93
C LYS A 575 25.16 -10.14 4.89
N MET A 576 24.81 -9.21 5.77
CA MET A 576 23.44 -8.70 5.90
C MET A 576 23.43 -7.18 5.79
N ILE A 577 24.12 -6.65 4.77
CA ILE A 577 24.19 -5.21 4.58
C ILE A 577 22.88 -4.73 3.97
N GLY A 578 22.20 -3.82 4.65
CA GLY A 578 20.96 -3.26 4.17
C GLY A 578 19.72 -4.04 4.53
N PHE A 579 19.86 -5.21 5.14
CA PHE A 579 18.69 -6.00 5.50
C PHE A 579 17.89 -5.32 6.61
N SER A 580 16.60 -5.61 6.65
CA SER A 580 15.74 -5.17 7.75
C SER A 580 15.84 -6.16 8.91
N GLU A 581 15.00 -5.96 9.92
CA GLU A 581 15.03 -6.83 11.08
C GLU A 581 14.54 -8.24 10.75
N THR A 582 13.44 -8.32 9.98
CA THR A 582 12.84 -9.62 9.69
C THR A 582 13.80 -10.51 8.93
N ALA A 583 14.53 -9.94 7.97
CA ALA A 583 15.47 -10.74 7.19
C ALA A 583 16.58 -11.31 8.09
N LYS A 584 17.09 -10.49 9.01
CA LYS A 584 18.12 -10.97 9.93
C LYS A 584 17.57 -12.09 10.82
N CYS A 585 16.34 -11.93 11.31
CA CYS A 585 15.73 -12.98 12.12
C CYS A 585 15.62 -14.28 11.32
N GLN A 586 15.16 -14.17 10.07
CA GLN A 586 15.03 -15.37 9.23
C GLN A 586 16.38 -16.03 9.01
N ALA A 587 17.42 -15.23 8.75
CA ALA A 587 18.74 -15.80 8.50
C ALA A 587 19.25 -16.54 9.73
N MET A 588 19.13 -15.93 10.91
CA MET A 588 19.58 -16.60 12.12
C MET A 588 18.79 -17.88 12.37
N LYS A 589 17.48 -17.83 12.17
CA LYS A 589 16.66 -19.01 12.36
C LYS A 589 17.09 -20.12 11.42
N LYS A 590 17.35 -19.78 10.16
CA LYS A 590 17.78 -20.80 9.19
C LYS A 590 19.11 -21.41 9.59
N ILE A 591 20.06 -20.58 10.03
CA ILE A 591 21.37 -21.11 10.41
C ILE A 591 21.23 -22.07 11.59
N PHE A 592 20.42 -21.69 12.59
CA PHE A 592 20.27 -22.57 13.74
C PHE A 592 19.50 -23.84 13.38
N ASP A 593 18.53 -23.74 12.46
CA ASP A 593 17.83 -24.93 12.01
C ASP A 593 18.79 -25.89 11.32
N ASP A 594 19.67 -25.36 10.47
CA ASP A 594 20.68 -26.21 9.84
C ASP A 594 21.59 -26.84 10.88
N ALA A 595 21.99 -26.06 11.89
CA ALA A 595 22.84 -26.60 12.94
C ALA A 595 22.15 -27.72 13.70
N TYR A 596 20.83 -27.65 13.86
CA TYR A 596 20.10 -28.68 14.59
C TYR A 596 20.16 -30.05 13.93
N LYS A 597 20.53 -30.13 12.64
CA LYS A 597 20.43 -31.39 11.92
C LYS A 597 21.56 -32.35 12.28
N SER A 598 22.81 -31.94 12.06
CA SER A 598 23.93 -32.83 12.27
C SER A 598 23.96 -33.30 13.73
N GLN A 599 24.80 -34.31 13.98
CA GLN A 599 24.94 -34.86 15.33
C GLN A 599 25.88 -34.04 16.20
N LEU A 600 26.57 -33.07 15.63
CA LEU A 600 27.43 -32.18 16.40
C LEU A 600 27.49 -30.83 15.69
N SER A 601 27.51 -29.75 16.46
CA SER A 601 27.45 -28.42 15.89
C SER A 601 28.23 -27.45 16.77
N CYS A 602 28.75 -26.40 16.13
CA CYS A 602 29.48 -25.33 16.83
C CYS A 602 29.25 -24.05 16.04
N VAL A 603 28.27 -23.26 16.46
CA VAL A 603 27.93 -22.01 15.81
C VAL A 603 28.72 -20.89 16.48
N VAL A 604 29.16 -19.91 15.69
CA VAL A 604 30.01 -18.82 16.18
C VAL A 604 29.34 -17.52 15.75
N VAL A 605 28.56 -16.92 16.65
CA VAL A 605 28.00 -15.60 16.41
C VAL A 605 29.11 -14.56 16.53
N ASP A 606 29.26 -13.72 15.51
CA ASP A 606 30.43 -12.86 15.40
C ASP A 606 30.32 -11.61 16.29
N ASP A 607 29.34 -10.76 16.02
CA ASP A 607 29.18 -9.49 16.74
C ASP A 607 27.78 -9.43 17.31
N ILE A 608 27.68 -9.39 18.64
CA ILE A 608 26.39 -9.34 19.32
C ILE A 608 26.01 -7.89 19.55
N GLU A 609 26.82 -6.95 19.04
CA GLU A 609 26.56 -5.54 19.18
C GLU A 609 26.25 -4.85 17.86
N ARG A 610 26.55 -5.48 16.73
CA ARG A 610 26.17 -4.93 15.43
C ARG A 610 24.88 -5.53 14.89
N LEU A 611 24.52 -6.75 15.31
CA LEU A 611 23.24 -7.32 14.92
C LEU A 611 22.08 -6.53 15.51
N LEU A 612 22.26 -6.00 16.72
CA LEU A 612 21.20 -5.27 17.41
C LEU A 612 21.06 -3.84 16.94
N ASP A 613 22.00 -3.32 16.16
CA ASP A 613 21.97 -1.94 15.68
C ASP A 613 21.96 -0.97 16.86
N TYR A 614 23.05 -1.01 17.63
CA TYR A 614 23.18 -0.22 18.84
C TYR A 614 23.97 1.06 18.54
N VAL A 615 23.46 2.19 19.02
CA VAL A 615 24.14 3.48 18.86
C VAL A 615 24.04 4.23 20.19
N PRO A 616 25.15 4.77 20.72
CA PRO A 616 25.07 5.38 22.06
C PRO A 616 24.01 6.45 22.18
N ILE A 617 23.83 7.30 21.16
CA ILE A 617 22.75 8.27 21.20
C ILE A 617 21.42 7.53 21.25
N GLY A 618 20.44 8.13 21.92
CA GLY A 618 19.19 7.46 22.16
C GLY A 618 19.06 6.99 23.60
N PRO A 619 19.33 5.70 23.86
CA PRO A 619 19.85 4.67 22.95
C PRO A 619 18.80 4.12 21.99
N ARG A 620 19.25 3.51 20.89
CA ARG A 620 18.36 2.95 19.90
C ARG A 620 18.86 1.57 19.50
N PHE A 621 17.94 0.65 19.25
CA PHE A 621 18.27 -0.71 18.85
C PHE A 621 17.00 -1.39 18.36
N SER A 622 17.13 -2.67 18.01
CA SER A 622 16.01 -3.45 17.49
C SER A 622 15.66 -4.52 18.50
N ASN A 623 14.39 -4.56 18.90
CA ASN A 623 13.95 -5.51 19.92
C ASN A 623 13.75 -6.91 19.34
N LEU A 624 13.31 -7.01 18.10
CA LEU A 624 13.00 -8.32 17.52
C LEU A 624 14.21 -9.22 17.49
N VAL A 625 15.36 -8.68 17.06
CA VAL A 625 16.58 -9.49 17.01
C VAL A 625 17.02 -9.85 18.42
N LEU A 626 16.86 -8.92 19.36
CA LEU A 626 17.18 -9.22 20.76
C LEU A 626 16.39 -10.43 21.24
N GLN A 627 15.09 -10.46 20.96
CA GLN A 627 14.28 -11.61 21.37
C GLN A 627 14.72 -12.88 20.67
N ALA A 628 14.90 -12.82 19.34
CA ALA A 628 15.31 -13.99 18.60
C ALA A 628 16.59 -14.58 19.17
N LEU A 629 17.51 -13.72 19.61
CA LEU A 629 18.73 -14.22 20.24
C LEU A 629 18.45 -14.80 21.62
N LEU A 630 17.64 -14.10 22.42
CA LEU A 630 17.43 -14.53 23.80
C LEU A 630 16.68 -15.85 23.89
N VAL A 631 15.87 -16.19 22.88
CA VAL A 631 15.13 -17.44 22.94
C VAL A 631 15.94 -18.62 22.40
N LEU A 632 16.89 -18.36 21.51
CA LEU A 632 17.65 -19.42 20.85
C LEU A 632 18.89 -19.84 21.64
N LEU A 633 19.17 -19.20 22.78
CA LEU A 633 20.31 -19.55 23.60
C LEU A 633 19.95 -20.50 24.74
N LYS A 634 18.69 -20.94 24.80
CA LYS A 634 18.25 -21.88 25.82
C LYS A 634 17.54 -23.10 25.27
N LYS A 635 17.08 -23.06 24.01
CA LYS A 635 16.41 -24.21 23.42
C LYS A 635 17.39 -25.37 23.30
N ALA A 636 16.90 -26.60 23.55
CA ALA A 636 17.75 -27.77 23.47
C ALA A 636 17.50 -28.54 22.18
N PRO A 637 18.51 -29.24 21.65
CA PRO A 637 18.31 -30.00 20.41
C PRO A 637 17.28 -31.10 20.60
N PRO A 638 16.90 -31.78 19.52
CA PRO A 638 15.94 -32.89 19.66
C PRO A 638 16.62 -34.20 20.03
N GLN A 639 16.07 -34.91 21.02
CA GLN A 639 16.56 -36.22 21.44
C GLN A 639 17.93 -36.04 22.08
N GLY A 640 18.99 -36.66 21.56
CA GLY A 640 20.29 -36.61 22.20
C GLY A 640 21.35 -35.94 21.36
N ARG A 641 21.01 -34.86 20.68
CA ARG A 641 21.96 -34.10 19.89
C ARG A 641 22.60 -33.01 20.75
N LYS A 642 23.71 -32.47 20.24
CA LYS A 642 24.53 -31.53 20.99
C LYS A 642 24.55 -30.18 20.27
N LEU A 643 25.23 -29.21 20.87
CA LEU A 643 25.39 -27.88 20.29
C LEU A 643 26.37 -27.06 21.11
N LEU A 644 27.01 -26.08 20.47
CA LEU A 644 27.95 -25.19 21.15
C LEU A 644 27.83 -23.82 20.52
N ILE A 645 27.57 -22.79 21.32
CA ILE A 645 27.39 -21.43 20.84
C ILE A 645 28.51 -20.57 21.39
N ILE A 646 29.33 -19.97 20.54
CA ILE A 646 30.43 -19.05 20.97
C ILE A 646 29.97 -17.63 20.60
N GLY A 647 30.41 -16.61 21.32
CA GLY A 647 30.04 -15.21 21.05
C GLY A 647 31.25 -14.32 21.06
N THR A 648 31.14 -13.10 20.51
CA THR A 648 32.24 -12.12 20.51
C THR A 648 31.61 -10.74 20.68
N THR A 649 32.02 -9.97 21.68
CA THR A 649 31.46 -8.63 21.99
C THR A 649 32.56 -7.68 22.43
N SER A 650 32.26 -6.39 22.56
CA SER A 650 33.21 -5.39 23.02
C SER A 650 32.61 -4.42 24.03
N ARG A 651 31.33 -4.54 24.37
CA ARG A 651 30.65 -3.60 25.25
C ARG A 651 29.84 -4.37 26.30
N LYS A 652 30.48 -5.35 26.94
CA LYS A 652 29.76 -6.25 27.83
C LYS A 652 28.86 -5.51 28.81
N ASP A 653 29.18 -4.26 29.13
CA ASP A 653 28.37 -3.51 30.09
C ASP A 653 26.94 -3.31 29.57
N VAL A 654 26.80 -2.92 28.31
CA VAL A 654 25.45 -2.73 27.77
C VAL A 654 24.72 -4.05 27.67
N LEU A 655 25.44 -5.13 27.33
CA LEU A 655 24.81 -6.44 27.30
C LEU A 655 24.26 -6.80 28.68
N GLN A 656 25.02 -6.53 29.73
CA GLN A 656 24.52 -6.75 31.08
C GLN A 656 23.29 -5.88 31.34
N GLU A 657 23.33 -4.62 30.90
CA GLU A 657 22.18 -3.74 31.08
C GLU A 657 20.94 -4.31 30.40
N MET A 658 21.13 -5.03 29.29
CA MET A 658 20.01 -5.61 28.54
C MET A 658 19.57 -6.95 29.09
N GLU A 659 20.21 -7.46 30.14
CA GLU A 659 19.86 -8.72 30.78
C GLU A 659 20.28 -9.93 29.95
N MET A 660 21.25 -9.76 29.06
CA MET A 660 21.77 -10.87 28.26
C MET A 660 22.96 -11.56 28.91
N LEU A 661 23.49 -11.03 30.00
CA LEU A 661 24.73 -11.57 30.57
C LEU A 661 24.49 -12.77 31.47
N ASN A 662 23.24 -13.09 31.81
CA ASN A 662 22.95 -14.28 32.60
C ASN A 662 22.58 -15.48 31.75
N ALA A 663 22.05 -15.26 30.55
CA ALA A 663 21.72 -16.37 29.66
C ALA A 663 22.95 -17.20 29.30
N PHE A 664 24.13 -16.60 29.31
CA PHE A 664 25.36 -17.33 29.04
C PHE A 664 25.78 -18.14 30.27
N SER A 665 26.70 -19.07 30.05
CA SER A 665 27.16 -19.96 31.11
C SER A 665 28.55 -19.62 31.61
N THR A 666 29.38 -18.96 30.81
CA THR A 666 30.74 -18.63 31.20
C THR A 666 31.20 -17.41 30.42
N THR A 667 32.24 -16.76 30.94
CA THR A 667 32.81 -15.59 30.31
C THR A 667 34.33 -15.70 30.30
N ILE A 668 34.96 -15.15 29.26
CA ILE A 668 36.40 -15.14 29.11
C ILE A 668 36.84 -13.71 28.83
N HIS A 669 38.11 -13.43 29.10
CA HIS A 669 38.69 -12.13 28.87
C HIS A 669 39.86 -12.23 27.91
N VAL A 670 40.11 -11.13 27.19
CA VAL A 670 41.19 -11.05 26.23
C VAL A 670 41.93 -9.74 26.45
N PRO A 671 43.07 -9.74 27.17
CA PRO A 671 43.74 -8.47 27.46
C PRO A 671 44.55 -7.93 26.29
N ASN A 672 45.14 -6.76 26.47
CA ASN A 672 45.94 -6.10 25.45
C ASN A 672 47.41 -6.10 25.85
N ILE A 673 48.27 -5.74 24.89
CA ILE A 673 49.69 -5.56 25.16
C ILE A 673 49.82 -4.41 26.15
N ALA A 674 50.27 -4.72 27.37
CA ALA A 674 50.31 -3.75 28.44
C ALA A 674 51.70 -3.46 28.99
N THR A 675 52.65 -4.38 28.81
CA THR A 675 53.99 -4.23 29.37
C THR A 675 55.00 -4.00 28.26
N GLY A 676 55.99 -3.14 28.54
CA GLY A 676 56.99 -2.83 27.53
C GLY A 676 57.74 -4.07 27.07
N GLU A 677 58.07 -4.97 28.00
CA GLU A 677 58.76 -6.20 27.62
C GLU A 677 57.91 -7.04 26.69
N GLN A 678 56.60 -7.11 26.95
CA GLN A 678 55.71 -7.86 26.07
C GLN A 678 55.69 -7.25 24.68
N LEU A 679 55.62 -5.92 24.58
CA LEU A 679 55.63 -5.27 23.28
C LEU A 679 56.94 -5.54 22.55
N LEU A 680 58.06 -5.46 23.26
CA LEU A 680 59.34 -5.73 22.63
C LEU A 680 59.43 -7.16 22.12
N GLU A 681 58.97 -8.12 22.93
CA GLU A 681 59.00 -9.51 22.50
C GLU A 681 58.11 -9.74 21.29
N ALA A 682 56.92 -9.14 21.30
CA ALA A 682 56.01 -9.30 20.15
C ALA A 682 56.62 -8.70 18.90
N LEU A 683 57.24 -7.52 19.02
CA LEU A 683 57.88 -6.90 17.86
C LEU A 683 59.03 -7.75 17.35
N GLU A 684 59.83 -8.31 18.26
CA GLU A 684 60.92 -9.17 17.84
C GLU A 684 60.39 -10.41 17.12
N LEU A 685 59.33 -11.01 17.64
CA LEU A 685 58.73 -12.16 16.96
C LEU A 685 58.24 -11.76 15.57
N LEU A 686 57.59 -10.61 15.45
CA LEU A 686 57.19 -10.11 14.15
C LEU A 686 58.41 -9.70 13.32
N GLY A 687 59.53 -9.45 13.98
CA GLY A 687 60.73 -9.00 13.30
C GLY A 687 60.51 -7.65 12.66
N ASN A 688 60.98 -7.49 11.43
CA ASN A 688 60.84 -6.28 10.62
C ASN A 688 61.73 -5.13 11.10
N PHE A 689 62.50 -5.32 12.16
CA PHE A 689 63.44 -4.31 12.63
C PHE A 689 64.75 -4.98 13.01
N LYS A 690 65.82 -4.20 12.94
CA LYS A 690 67.17 -4.70 13.15
C LYS A 690 67.59 -4.57 14.60
N ASP A 691 68.77 -5.09 14.92
CA ASP A 691 69.21 -5.18 16.31
C ASP A 691 69.36 -3.79 16.92
N LYS A 692 70.08 -2.90 16.25
CA LYS A 692 70.30 -1.56 16.79
C LYS A 692 68.98 -0.81 16.95
N GLU A 693 68.10 -0.91 15.95
CA GLU A 693 66.81 -0.24 16.03
C GLU A 693 66.00 -0.76 17.20
N ARG A 694 65.97 -2.09 17.37
CA ARG A 694 65.20 -2.67 18.45
C ARG A 694 65.77 -2.27 19.82
N THR A 695 67.10 -2.24 19.93
CA THR A 695 67.71 -1.81 21.19
C THR A 695 67.37 -0.36 21.49
N THR A 696 67.39 0.51 20.48
CA THR A 696 67.02 1.91 20.69
C THR A 696 65.56 2.01 21.12
N ILE A 697 64.68 1.22 20.50
CA ILE A 697 63.28 1.22 20.88
C ILE A 697 63.13 0.80 22.34
N ALA A 698 63.85 -0.26 22.73
CA ALA A 698 63.79 -0.71 24.12
C ALA A 698 64.28 0.38 25.06
N GLN A 699 65.32 1.11 24.66
CA GLN A 699 65.80 2.22 25.48
C GLN A 699 64.74 3.30 25.62
N GLN A 700 64.03 3.61 24.52
CA GLN A 700 63.06 4.70 24.54
C GLN A 700 61.84 4.35 25.39
N VAL A 701 61.33 3.12 25.26
CA VAL A 701 60.11 2.76 25.97
C VAL A 701 60.31 2.89 27.48
N LYS A 702 61.43 2.39 27.98
CA LYS A 702 61.79 2.49 29.41
C LYS A 702 60.60 1.98 30.22
N GLY A 703 60.12 2.72 31.22
CA GLY A 703 59.04 2.26 32.06
C GLY A 703 57.70 2.90 31.74
N LYS A 704 57.59 3.52 30.56
CA LYS A 704 56.37 4.22 30.20
C LYS A 704 55.22 3.22 30.01
N LYS A 705 53.99 3.75 30.08
CA LYS A 705 52.79 2.95 29.98
C LYS A 705 52.52 2.55 28.54
N VAL A 706 52.03 1.32 28.37
CA VAL A 706 51.75 0.74 27.07
C VAL A 706 50.31 0.24 27.06
N TRP A 707 49.52 0.73 26.11
CA TRP A 707 48.11 0.36 26.00
C TRP A 707 47.73 0.19 24.52
N ILE A 708 48.58 -0.49 23.76
CA ILE A 708 48.41 -0.61 22.32
C ILE A 708 47.61 -1.86 22.00
N GLY A 709 46.98 -1.87 20.82
CA GLY A 709 46.22 -2.99 20.33
C GLY A 709 46.94 -3.70 19.19
N ILE A 710 46.62 -4.98 19.04
CA ILE A 710 47.32 -5.81 18.06
C ILE A 710 47.05 -5.33 16.65
N LYS A 711 45.78 -5.13 16.30
CA LYS A 711 45.45 -4.61 14.98
C LYS A 711 46.04 -3.23 14.78
N LYS A 712 45.87 -2.36 15.78
CA LYS A 712 46.47 -1.03 15.72
C LYS A 712 47.98 -1.11 15.65
N LEU A 713 48.57 -2.06 16.38
CA LEU A 713 50.02 -2.23 16.33
C LEU A 713 50.49 -2.54 14.92
N LEU A 714 49.86 -3.53 14.28
CA LEU A 714 50.25 -3.88 12.91
C LEU A 714 50.06 -2.71 11.97
N MET A 715 48.91 -2.02 12.07
CA MET A 715 48.65 -0.91 11.16
C MET A 715 49.69 0.20 11.34
N LEU A 716 50.01 0.54 12.60
CA LEU A 716 50.99 1.58 12.86
C LEU A 716 52.36 1.18 12.33
N ILE A 717 52.75 -0.08 12.54
CA ILE A 717 54.05 -0.52 12.04
C ILE A 717 54.11 -0.40 10.53
N GLU A 718 53.06 -0.87 9.84
CA GLU A 718 53.05 -0.81 8.39
C GLU A 718 53.09 0.63 7.89
N MET A 719 52.32 1.51 8.52
CA MET A 719 52.31 2.91 8.10
C MET A 719 53.68 3.54 8.33
N SER A 720 54.33 3.24 9.45
CA SER A 720 55.62 3.85 9.75
C SER A 720 56.70 3.35 8.79
N LEU A 721 56.64 2.09 8.38
CA LEU A 721 57.65 1.52 7.50
C LEU A 721 57.52 1.95 6.05
N GLN A 722 56.70 2.97 5.77
CA GLN A 722 56.43 3.38 4.40
C GLN A 722 57.18 4.62 3.96
N MET A 723 58.14 5.11 4.75
CA MET A 723 58.92 6.28 4.40
C MET A 723 60.40 5.91 4.28
N ASP A 724 61.23 6.92 4.01
CA ASP A 724 62.63 6.67 3.73
C ASP A 724 63.30 5.98 4.92
N PRO A 725 64.33 5.16 4.67
CA PRO A 725 64.98 4.44 5.78
C PRO A 725 65.55 5.35 6.84
N GLU A 726 65.94 6.58 6.49
CA GLU A 726 66.58 7.46 7.47
C GLU A 726 65.66 7.73 8.66
N TYR A 727 64.39 8.02 8.39
CA TYR A 727 63.42 8.32 9.43
C TYR A 727 62.40 7.19 9.47
N ARG A 728 62.73 6.14 10.22
CA ARG A 728 61.81 5.02 10.41
C ARG A 728 61.43 4.85 11.88
N VAL A 729 62.42 4.76 12.78
CA VAL A 729 62.12 4.65 14.20
C VAL A 729 61.47 5.93 14.71
N ARG A 730 61.90 7.08 14.17
CA ARG A 730 61.39 8.36 14.66
C ARG A 730 59.88 8.45 14.51
N LYS A 731 59.37 8.19 13.30
CA LYS A 731 57.94 8.31 13.07
C LYS A 731 57.15 7.28 13.87
N PHE A 732 57.66 6.05 13.95
CA PHE A 732 56.97 5.03 14.73
C PHE A 732 56.88 5.43 16.19
N LEU A 733 57.97 5.93 16.75
CA LEU A 733 57.95 6.38 18.14
C LEU A 733 56.99 7.55 18.32
N ALA A 734 56.99 8.48 17.38
CA ALA A 734 56.09 9.63 17.49
C ALA A 734 54.64 9.19 17.48
N LEU A 735 54.28 8.29 16.56
CA LEU A 735 52.91 7.81 16.49
C LEU A 735 52.53 7.05 17.76
N LEU A 736 53.43 6.20 18.26
CA LEU A 736 53.13 5.43 19.46
C LEU A 736 52.91 6.37 20.65
N ARG A 737 53.78 7.37 20.81
CA ARG A 737 53.64 8.31 21.90
C ARG A 737 52.35 9.11 21.78
N GLU A 738 52.03 9.57 20.57
CA GLU A 738 50.82 10.36 20.38
C GLU A 738 49.58 9.59 20.81
N GLU A 739 49.59 8.27 20.67
CA GLU A 739 48.45 7.46 21.06
C GLU A 739 48.29 7.51 22.58
N GLY A 740 47.21 6.89 23.07
CA GLY A 740 46.93 6.91 24.48
C GLY A 740 47.93 6.11 25.29
N ALA A 741 47.93 6.36 26.59
CA ALA A 741 48.83 5.65 27.50
C ALA A 741 48.13 5.22 28.79
N SER A 742 46.81 5.04 28.75
CA SER A 742 46.06 4.61 29.92
C SER A 742 44.76 3.98 29.45
N PRO A 743 44.10 3.19 30.31
CA PRO A 743 42.83 2.55 29.94
C PRO A 743 41.79 3.53 29.44
N PRO B 214 -42.51 -40.50 12.45
CA PRO B 214 -42.23 -41.25 11.22
C PRO B 214 -41.32 -42.45 11.46
N ASP B 215 -40.94 -43.14 10.39
CA ASP B 215 -40.04 -44.29 10.51
C ASP B 215 -38.63 -43.81 10.83
N TRP B 216 -38.23 -43.90 12.09
CA TRP B 216 -36.92 -43.43 12.54
C TRP B 216 -35.89 -44.54 12.63
N ASN B 217 -34.92 -44.52 11.70
CA ASN B 217 -33.86 -45.52 11.64
C ASN B 217 -32.50 -44.86 11.49
N PHE B 218 -32.36 -43.65 12.06
CA PHE B 218 -31.10 -42.91 11.91
C PHE B 218 -29.91 -43.72 12.37
N GLU B 219 -30.10 -44.56 13.39
CA GLU B 219 -29.01 -45.37 13.94
C GLU B 219 -28.62 -46.52 13.02
N LYS B 220 -29.50 -46.92 12.11
CA LYS B 220 -29.23 -48.02 11.19
C LYS B 220 -28.54 -47.57 9.91
N MET B 221 -28.55 -46.28 9.60
CA MET B 221 -27.98 -45.75 8.36
C MET B 221 -26.62 -45.10 8.59
N GLY B 222 -25.81 -45.68 9.48
CA GLY B 222 -24.54 -45.07 9.81
C GLY B 222 -24.60 -44.22 11.05
N ILE B 223 -24.96 -42.94 10.88
CA ILE B 223 -24.93 -41.97 11.97
C ILE B 223 -25.59 -42.57 13.21
N GLY B 224 -24.90 -42.50 14.34
CA GLY B 224 -25.42 -43.05 15.57
C GLY B 224 -25.30 -42.12 16.77
N GLY B 225 -24.56 -41.02 16.62
CA GLY B 225 -24.35 -40.11 17.74
C GLY B 225 -25.22 -38.88 17.71
N LEU B 226 -26.02 -38.72 16.65
CA LEU B 226 -26.85 -37.54 16.45
C LEU B 226 -28.31 -37.98 16.41
N ASP B 227 -29.02 -37.75 17.52
CA ASP B 227 -30.43 -38.11 17.66
C ASP B 227 -31.31 -36.88 17.83
N LYS B 228 -31.02 -36.04 18.83
CA LYS B 228 -31.85 -34.87 19.07
C LYS B 228 -31.81 -33.92 17.89
N GLU B 229 -30.66 -33.83 17.22
CA GLU B 229 -30.56 -32.98 16.03
C GLU B 229 -31.51 -33.47 14.95
N PHE B 230 -31.53 -34.79 14.69
CA PHE B 230 -32.48 -35.33 13.75
C PHE B 230 -33.92 -35.01 14.16
N SER B 231 -34.24 -35.24 15.42
CA SER B 231 -35.60 -35.01 15.89
C SER B 231 -36.04 -33.58 15.65
N ASP B 232 -35.22 -32.62 16.07
CA ASP B 232 -35.60 -31.22 15.96
C ASP B 232 -35.62 -30.76 14.51
N ILE B 233 -34.65 -31.21 13.71
CA ILE B 233 -34.60 -30.79 12.31
C ILE B 233 -35.84 -31.28 11.57
N PHE B 234 -36.25 -32.53 11.83
CA PHE B 234 -37.46 -33.02 11.18
C PHE B 234 -38.72 -32.43 11.79
N ARG B 235 -38.64 -31.97 13.04
CA ARG B 235 -39.76 -31.24 13.61
C ARG B 235 -39.97 -29.91 12.90
N ARG B 236 -38.88 -29.22 12.58
CA ARG B 236 -39.00 -27.87 12.03
C ARG B 236 -39.06 -27.84 10.51
N ALA B 237 -38.03 -28.36 9.84
CA ALA B 237 -37.90 -28.15 8.39
C ALA B 237 -38.99 -28.89 7.62
N PHE B 238 -39.03 -30.21 7.73
CA PHE B 238 -39.87 -31.05 6.88
C PHE B 238 -41.27 -31.25 7.46
N ALA B 239 -41.69 -30.40 8.41
CA ALA B 239 -43.04 -30.54 8.95
C ALA B 239 -44.10 -30.30 7.89
N SER B 240 -43.89 -29.31 7.02
CA SER B 240 -44.88 -29.00 6.00
C SER B 240 -44.92 -30.07 4.91
N ARG B 241 -43.79 -30.71 4.62
CA ARG B 241 -43.71 -31.65 3.51
C ARG B 241 -44.24 -33.04 3.86
N VAL B 242 -44.57 -33.30 5.13
CA VAL B 242 -45.07 -34.62 5.50
C VAL B 242 -46.59 -34.69 5.45
N PHE B 243 -47.28 -33.57 5.66
CA PHE B 243 -48.73 -33.57 5.59
C PHE B 243 -49.20 -33.73 4.15
N PRO B 244 -50.44 -34.17 3.97
CA PRO B 244 -51.00 -34.27 2.60
C PRO B 244 -50.97 -32.92 1.91
N PRO B 245 -50.68 -32.88 0.61
CA PRO B 245 -50.57 -31.57 -0.07
C PRO B 245 -51.83 -30.71 0.01
N GLU B 246 -53.01 -31.33 0.11
CA GLU B 246 -54.24 -30.54 0.10
C GLU B 246 -54.30 -29.57 1.26
N ILE B 247 -53.93 -30.03 2.46
CA ILE B 247 -54.00 -29.15 3.64
C ILE B 247 -53.02 -28.00 3.49
N VAL B 248 -51.80 -28.28 3.06
CA VAL B 248 -50.79 -27.23 2.89
C VAL B 248 -51.25 -26.23 1.85
N GLU B 249 -51.81 -26.70 0.75
CA GLU B 249 -52.33 -25.79 -0.27
C GLU B 249 -53.44 -24.92 0.30
N GLN B 250 -54.33 -25.51 1.10
CA GLN B 250 -55.40 -24.72 1.70
C GLN B 250 -54.85 -23.62 2.60
N MET B 251 -53.93 -23.97 3.50
CA MET B 251 -53.37 -22.95 4.38
C MET B 251 -52.36 -22.07 3.67
N GLY B 252 -51.71 -22.58 2.63
CA GLY B 252 -50.80 -21.79 1.82
C GLY B 252 -49.59 -21.27 2.56
N CYS B 253 -48.93 -22.13 3.32
CA CYS B 253 -47.69 -21.78 4.01
C CYS B 253 -46.51 -22.30 3.21
N LYS B 254 -45.53 -21.44 2.98
CA LYS B 254 -44.37 -21.81 2.18
C LYS B 254 -43.43 -22.72 2.98
N HIS B 255 -42.45 -23.28 2.28
CA HIS B 255 -41.51 -24.21 2.86
C HIS B 255 -40.21 -23.51 3.23
N VAL B 256 -39.53 -24.04 4.24
CA VAL B 256 -38.24 -23.49 4.64
C VAL B 256 -37.28 -23.55 3.46
N LYS B 257 -36.34 -22.61 3.43
CA LYS B 257 -35.43 -22.43 2.29
C LYS B 257 -33.99 -22.31 2.76
N GLY B 258 -33.58 -23.18 3.67
CA GLY B 258 -32.19 -23.19 4.10
C GLY B 258 -32.03 -23.88 5.43
N ILE B 259 -30.76 -24.13 5.76
CA ILE B 259 -30.39 -24.75 7.03
C ILE B 259 -28.90 -24.55 7.24
N LEU B 260 -28.46 -24.55 8.50
CA LEU B 260 -27.05 -24.35 8.83
C LEU B 260 -26.64 -25.32 9.93
N LEU B 261 -25.46 -25.91 9.75
CA LEU B 261 -24.88 -26.82 10.73
C LEU B 261 -23.45 -26.40 11.02
N TYR B 262 -23.10 -26.28 12.30
CA TYR B 262 -21.77 -25.86 12.69
C TYR B 262 -21.28 -26.68 13.87
N GLY B 263 -19.97 -26.73 14.04
CA GLY B 263 -19.37 -27.45 15.14
C GLY B 263 -17.90 -27.72 14.92
N PRO B 264 -17.28 -28.45 15.85
CA PRO B 264 -15.87 -28.79 15.69
C PRO B 264 -15.66 -29.64 14.46
N PRO B 265 -14.49 -29.54 13.82
CA PRO B 265 -14.27 -30.30 12.58
C PRO B 265 -14.30 -31.80 12.80
N GLY B 266 -14.67 -32.52 11.76
CA GLY B 266 -14.62 -33.97 11.78
C GLY B 266 -15.59 -34.63 12.73
N CYS B 267 -16.84 -34.18 12.76
CA CYS B 267 -17.87 -34.79 13.59
C CYS B 267 -18.97 -35.48 12.78
N GLY B 268 -18.99 -35.30 11.47
CA GLY B 268 -19.98 -35.97 10.65
C GLY B 268 -21.06 -35.04 10.11
N LYS B 269 -20.69 -33.81 9.81
CA LYS B 269 -21.65 -32.87 9.25
C LYS B 269 -21.99 -33.23 7.80
N THR B 270 -20.99 -33.58 7.00
CA THR B 270 -21.19 -33.90 5.56
C THR B 270 -21.94 -35.23 5.47
N LEU B 271 -21.72 -36.16 6.38
CA LEU B 271 -22.47 -37.41 6.42
C LEU B 271 -23.93 -37.15 6.77
N LEU B 272 -24.17 -36.27 7.74
CA LEU B 272 -25.55 -35.92 8.10
C LEU B 272 -26.26 -35.27 6.92
N ALA B 273 -25.56 -34.38 6.21
CA ALA B 273 -26.18 -33.74 5.05
C ALA B 273 -26.58 -34.76 4.00
N ARG B 274 -25.68 -35.71 3.70
CA ARG B 274 -26.00 -36.73 2.72
C ARG B 274 -27.19 -37.57 3.17
N GLN B 275 -27.19 -37.98 4.44
CA GLN B 275 -28.27 -38.82 4.94
C GLN B 275 -29.60 -38.07 4.88
N ILE B 276 -29.60 -36.78 5.23
CA ILE B 276 -30.82 -35.99 5.14
C ILE B 276 -31.29 -35.88 3.70
N GLY B 277 -30.36 -35.66 2.77
CA GLY B 277 -30.73 -35.56 1.38
C GLY B 277 -31.38 -36.84 0.87
N LYS B 278 -30.80 -38.00 1.24
CA LYS B 278 -31.36 -39.26 0.79
C LYS B 278 -32.60 -39.68 1.57
N MET B 279 -32.84 -39.10 2.74
CA MET B 279 -33.98 -39.51 3.55
C MET B 279 -35.29 -39.22 2.83
N LEU B 280 -35.39 -38.04 2.22
CA LEU B 280 -36.56 -37.65 1.45
C LEU B 280 -36.20 -37.68 -0.03
N ASN B 281 -37.09 -38.25 -0.84
CA ASN B 281 -36.81 -38.42 -2.26
C ASN B 281 -36.32 -37.11 -2.86
N ALA B 282 -35.05 -37.08 -3.29
CA ALA B 282 -34.44 -35.86 -3.81
C ALA B 282 -33.56 -36.21 -5.00
N ARG B 283 -33.44 -35.28 -5.93
CA ARG B 283 -32.62 -35.50 -7.10
C ARG B 283 -31.14 -35.52 -6.70
N GLU B 284 -30.29 -35.79 -7.68
CA GLU B 284 -28.87 -35.89 -7.41
C GLU B 284 -28.36 -34.54 -6.90
N PRO B 285 -27.68 -34.49 -5.75
CA PRO B 285 -27.23 -33.20 -5.20
C PRO B 285 -25.88 -32.77 -5.74
N LYS B 286 -25.79 -31.48 -6.08
CA LYS B 286 -24.53 -30.90 -6.53
C LYS B 286 -23.59 -30.72 -5.33
N VAL B 287 -22.43 -30.13 -5.59
CA VAL B 287 -21.42 -29.97 -4.55
C VAL B 287 -20.59 -28.74 -4.85
N VAL B 288 -20.18 -28.03 -3.80
CA VAL B 288 -19.21 -26.95 -3.87
C VAL B 288 -18.33 -27.06 -2.63
N ASN B 289 -17.17 -26.39 -2.68
CA ASN B 289 -16.25 -26.44 -1.56
C ASN B 289 -15.41 -25.17 -1.54
N GLY B 290 -15.59 -24.36 -0.50
CA GLY B 290 -14.75 -23.21 -0.26
C GLY B 290 -14.56 -22.35 -1.48
N PRO B 291 -13.42 -21.66 -1.58
CA PRO B 291 -13.16 -20.80 -2.75
C PRO B 291 -12.83 -21.61 -4.00
N GLU B 292 -13.88 -22.14 -4.63
CA GLU B 292 -13.74 -22.92 -5.84
C GLU B 292 -14.13 -22.16 -7.10
N ILE B 293 -14.86 -21.05 -6.96
CA ILE B 293 -15.26 -20.23 -8.10
C ILE B 293 -14.78 -18.81 -7.81
N LEU B 294 -13.56 -18.50 -8.26
CA LEU B 294 -12.98 -17.16 -8.10
C LEU B 294 -12.09 -16.93 -9.31
N ASN B 295 -12.65 -16.34 -10.35
CA ASN B 295 -11.97 -16.18 -11.62
C ASN B 295 -11.34 -14.79 -11.71
N LYS B 296 -10.60 -14.56 -12.79
CA LYS B 296 -9.99 -13.26 -13.07
C LYS B 296 -10.77 -12.44 -14.09
N TYR B 297 -11.42 -13.08 -15.05
CA TYR B 297 -12.19 -12.36 -16.05
C TYR B 297 -13.38 -11.67 -15.40
N VAL B 298 -13.55 -10.38 -15.71
CA VAL B 298 -14.64 -9.58 -15.18
C VAL B 298 -15.97 -10.25 -15.47
N GLY B 299 -16.77 -10.44 -14.42
CA GLY B 299 -18.09 -11.01 -14.56
C GLY B 299 -18.10 -12.45 -15.04
N GLU B 300 -17.19 -13.26 -14.50
CA GLU B 300 -17.16 -14.69 -14.81
C GLU B 300 -17.41 -15.56 -13.58
N SER B 301 -16.81 -15.22 -12.45
CA SER B 301 -17.08 -15.98 -11.22
C SER B 301 -18.58 -16.01 -10.94
N GLU B 302 -19.22 -14.84 -11.01
CA GLU B 302 -20.66 -14.79 -10.79
C GLU B 302 -21.40 -15.69 -11.76
N ALA B 303 -20.92 -15.78 -13.01
CA ALA B 303 -21.56 -16.65 -13.98
C ALA B 303 -21.66 -18.08 -13.48
N ASN B 304 -20.66 -18.55 -12.71
CA ASN B 304 -20.76 -19.89 -12.15
C ASN B 304 -21.93 -19.99 -11.16
N ILE B 305 -22.06 -18.99 -10.28
CA ILE B 305 -23.14 -19.02 -9.30
C ILE B 305 -24.48 -19.11 -10.00
N ARG B 306 -24.71 -18.23 -10.97
CA ARG B 306 -25.98 -18.22 -11.69
C ARG B 306 -26.22 -19.53 -12.42
N LYS B 307 -25.18 -20.32 -12.67
CA LYS B 307 -25.37 -21.62 -13.29
C LYS B 307 -25.96 -22.63 -12.31
N LEU B 308 -25.55 -22.56 -11.04
CA LEU B 308 -25.95 -23.59 -10.08
C LEU B 308 -27.46 -23.74 -10.02
N PHE B 309 -28.18 -22.62 -9.91
CA PHE B 309 -29.63 -22.67 -9.83
C PHE B 309 -30.31 -22.86 -11.17
N ALA B 310 -29.59 -22.64 -12.27
CA ALA B 310 -30.18 -22.65 -13.61
C ALA B 310 -31.14 -23.83 -13.79
N ASP B 311 -30.61 -25.05 -13.67
CA ASP B 311 -31.42 -26.25 -13.85
C ASP B 311 -32.75 -26.13 -13.12
N ALA B 312 -32.69 -25.82 -11.82
CA ALA B 312 -33.92 -25.75 -11.03
C ALA B 312 -34.92 -24.81 -11.70
N GLU B 313 -34.49 -23.59 -12.01
CA GLU B 313 -35.38 -22.64 -12.65
C GLU B 313 -36.03 -23.27 -13.88
N GLU B 314 -35.21 -23.90 -14.73
CA GLU B 314 -35.74 -24.52 -15.94
C GLU B 314 -36.89 -25.45 -15.60
N GLU B 315 -36.69 -26.33 -14.61
CA GLU B 315 -37.74 -27.27 -14.25
C GLU B 315 -39.03 -26.54 -13.94
N GLN B 316 -38.94 -25.48 -13.13
CA GLN B 316 -40.13 -24.69 -12.83
C GLN B 316 -40.80 -24.23 -14.12
N ARG B 317 -40.02 -23.62 -15.01
CA ARG B 317 -40.59 -23.09 -16.25
C ARG B 317 -41.29 -24.18 -17.04
N ARG B 318 -40.90 -25.44 -16.85
CA ARG B 318 -41.48 -26.52 -17.62
C ARG B 318 -42.66 -27.18 -16.91
N LEU B 319 -42.74 -27.05 -15.58
CA LEU B 319 -43.78 -27.74 -14.81
C LEU B 319 -44.76 -26.77 -14.16
N GLY B 320 -44.25 -25.83 -13.35
CA GLY B 320 -45.11 -24.97 -12.57
C GLY B 320 -45.05 -25.32 -11.09
N ALA B 321 -46.11 -25.94 -10.57
CA ALA B 321 -46.18 -26.25 -9.15
C ALA B 321 -45.30 -27.44 -8.79
N ASN B 322 -45.61 -28.61 -9.35
CA ASN B 322 -44.84 -29.81 -9.02
C ASN B 322 -43.44 -29.73 -9.62
N SER B 323 -42.47 -30.24 -8.88
CA SER B 323 -41.08 -30.26 -9.35
C SER B 323 -40.23 -30.98 -8.31
N GLY B 324 -39.07 -31.44 -8.75
CA GLY B 324 -38.15 -32.11 -7.85
C GLY B 324 -37.53 -31.17 -6.85
N LEU B 325 -37.16 -31.72 -5.69
CA LEU B 325 -36.58 -30.94 -4.60
C LEU B 325 -35.06 -30.93 -4.77
N HIS B 326 -34.58 -30.00 -5.58
CA HIS B 326 -33.13 -29.86 -5.78
C HIS B 326 -32.46 -29.48 -4.47
N ILE B 327 -31.28 -30.06 -4.24
CA ILE B 327 -30.53 -29.85 -2.99
C ILE B 327 -29.11 -29.44 -3.36
N ILE B 328 -28.57 -28.49 -2.60
CA ILE B 328 -27.21 -28.03 -2.76
C ILE B 328 -26.50 -28.17 -1.41
N ILE B 329 -25.26 -28.66 -1.44
CA ILE B 329 -24.54 -28.97 -0.22
C ILE B 329 -23.36 -28.01 -0.10
N PHE B 330 -23.62 -26.73 -0.38
CA PHE B 330 -22.62 -25.68 -0.26
C PHE B 330 -21.85 -25.86 1.05
N ASP B 331 -20.52 -25.85 0.98
CA ASP B 331 -19.67 -26.11 2.12
C ASP B 331 -18.61 -25.02 2.24
N GLU B 332 -18.12 -24.82 3.47
CA GLU B 332 -17.11 -23.81 3.75
C GLU B 332 -17.58 -22.43 3.28
N ILE B 333 -18.83 -22.11 3.61
CA ILE B 333 -19.45 -20.88 3.14
C ILE B 333 -18.73 -19.65 3.68
N ASP B 334 -18.05 -19.76 4.81
CA ASP B 334 -17.48 -18.58 5.45
C ASP B 334 -16.43 -17.90 4.57
N ALA B 335 -15.62 -18.70 3.86
CA ALA B 335 -14.46 -18.14 3.16
C ALA B 335 -14.89 -17.14 2.10
N ILE B 336 -15.90 -17.47 1.31
CA ILE B 336 -16.32 -16.65 0.17
C ILE B 336 -17.69 -16.01 0.39
N CYS B 337 -18.13 -15.92 1.65
CA CYS B 337 -19.35 -15.20 1.98
C CYS B 337 -19.14 -14.38 3.25
N LYS B 338 -17.97 -13.76 3.36
CA LYS B 338 -17.62 -13.01 4.55
C LYS B 338 -18.44 -11.73 4.64
N GLN B 339 -18.37 -11.08 5.80
CA GLN B 339 -19.08 -9.83 6.01
C GLN B 339 -18.66 -8.80 4.98
N ARG B 340 -19.64 -8.08 4.45
CA ARG B 340 -19.40 -7.03 3.46
C ARG B 340 -19.47 -5.67 4.16
N GLY B 341 -18.43 -4.86 3.99
CA GLY B 341 -18.36 -3.55 4.62
C GLY B 341 -19.55 -2.69 4.28
N GLY B 348 -13.68 -4.84 -3.09
CA GLY B 348 -13.25 -5.95 -3.93
C GLY B 348 -14.42 -6.71 -4.53
N VAL B 349 -14.13 -7.49 -5.58
CA VAL B 349 -15.17 -8.25 -6.25
C VAL B 349 -15.77 -9.34 -5.37
N HIS B 350 -15.15 -9.64 -4.23
CA HIS B 350 -15.64 -10.69 -3.35
C HIS B 350 -17.05 -10.44 -2.83
N ASP B 351 -17.51 -9.20 -2.82
CA ASP B 351 -18.88 -8.89 -2.41
C ASP B 351 -19.89 -9.04 -3.55
N THR B 352 -19.44 -8.98 -4.79
CA THR B 352 -20.36 -9.17 -5.92
C THR B 352 -20.95 -10.58 -5.90
N VAL B 353 -20.15 -11.60 -5.59
CA VAL B 353 -20.68 -12.95 -5.51
C VAL B 353 -21.70 -13.05 -4.37
N VAL B 354 -21.44 -12.38 -3.25
CA VAL B 354 -22.39 -12.39 -2.15
C VAL B 354 -23.70 -11.76 -2.58
N ASN B 355 -23.64 -10.63 -3.28
CA ASN B 355 -24.85 -9.99 -3.77
C ASN B 355 -25.59 -10.91 -4.73
N GLN B 356 -24.86 -11.56 -5.63
CA GLN B 356 -25.51 -12.46 -6.58
C GLN B 356 -26.22 -13.60 -5.86
N LEU B 357 -25.56 -14.21 -4.89
CA LEU B 357 -26.18 -15.31 -4.15
C LEU B 357 -27.41 -14.83 -3.40
N LEU B 358 -27.31 -13.69 -2.73
CA LEU B 358 -28.46 -13.17 -1.98
C LEU B 358 -29.63 -12.89 -2.91
N SER B 359 -29.37 -12.30 -4.07
CA SER B 359 -30.44 -12.01 -5.01
C SER B 359 -31.06 -13.30 -5.54
N LYS B 360 -30.22 -14.30 -5.83
CA LYS B 360 -30.74 -15.56 -6.38
C LYS B 360 -31.62 -16.28 -5.37
N ILE B 361 -31.17 -16.38 -4.11
CA ILE B 361 -31.97 -17.08 -3.11
C ILE B 361 -33.30 -16.37 -2.91
N ASP B 362 -33.27 -15.03 -2.81
CA ASP B 362 -34.47 -14.23 -2.66
C ASP B 362 -34.41 -13.08 -3.64
N GLY B 363 -35.46 -12.92 -4.45
CA GLY B 363 -35.48 -11.86 -5.44
C GLY B 363 -36.89 -11.51 -5.90
N VAL B 364 -36.98 -10.87 -7.06
CA VAL B 364 -38.29 -10.46 -7.57
C VAL B 364 -39.11 -11.67 -8.00
N GLU B 365 -38.46 -12.66 -8.61
CA GLU B 365 -39.13 -13.87 -9.05
C GLU B 365 -38.93 -14.97 -8.01
N GLN B 366 -40.01 -15.69 -7.71
CA GLN B 366 -40.01 -16.65 -6.61
C GLN B 366 -39.62 -18.04 -7.09
N LEU B 367 -39.06 -18.82 -6.17
CA LEU B 367 -38.74 -20.22 -6.39
C LEU B 367 -39.24 -21.02 -5.20
N ASN B 368 -39.67 -22.26 -5.46
CA ASN B 368 -40.28 -23.08 -4.42
C ASN B 368 -39.82 -24.52 -4.43
N ASN B 369 -38.70 -24.83 -5.10
CA ASN B 369 -38.22 -26.20 -5.19
C ASN B 369 -36.70 -26.26 -5.00
N ILE B 370 -36.19 -25.52 -4.01
CA ILE B 370 -34.77 -25.50 -3.73
C ILE B 370 -34.54 -25.63 -2.23
N LEU B 371 -33.31 -25.99 -1.88
CA LEU B 371 -32.91 -26.09 -0.48
C LEU B 371 -31.38 -26.04 -0.42
N VAL B 372 -30.84 -25.14 0.39
CA VAL B 372 -29.40 -24.91 0.46
C VAL B 372 -28.94 -25.32 1.84
N ILE B 373 -27.91 -26.16 1.90
CA ILE B 373 -27.34 -26.59 3.17
C ILE B 373 -25.91 -26.08 3.29
N GLY B 374 -25.61 -25.44 4.41
CA GLY B 374 -24.31 -24.84 4.61
C GLY B 374 -23.64 -25.27 5.90
N MET B 375 -22.39 -25.71 5.80
CA MET B 375 -21.58 -26.08 6.96
C MET B 375 -20.47 -25.05 7.15
N THR B 376 -19.92 -25.02 8.36
CA THR B 376 -18.91 -24.01 8.69
C THR B 376 -18.29 -24.35 10.03
N ASN B 377 -17.04 -23.93 10.22
CA ASN B 377 -16.32 -24.16 11.46
C ASN B 377 -16.34 -22.96 12.40
N ARG B 378 -16.42 -21.74 11.87
N ARG B 378 -16.43 -21.75 11.86
CA ARG B 378 -16.42 -20.52 12.67
CA ARG B 378 -16.42 -20.52 12.66
C ARG B 378 -17.75 -19.79 12.47
C ARG B 378 -17.74 -19.79 12.48
N PRO B 379 -18.71 -19.95 13.38
CA PRO B 379 -20.00 -19.26 13.20
C PRO B 379 -19.89 -17.75 13.22
N ASP B 380 -18.85 -17.18 13.81
CA ASP B 380 -18.75 -15.73 13.95
C ASP B 380 -18.64 -15.02 12.60
N LEU B 381 -17.86 -15.57 11.67
CA LEU B 381 -17.46 -14.82 10.49
C LEU B 381 -18.57 -14.67 9.46
N ILE B 382 -19.66 -15.41 9.56
CA ILE B 382 -20.70 -15.40 8.53
C ILE B 382 -21.46 -14.09 8.61
N ASP B 383 -21.78 -13.53 7.44
CA ASP B 383 -22.49 -12.26 7.37
C ASP B 383 -23.82 -12.34 8.11
N GLU B 384 -24.32 -11.18 8.53
CA GLU B 384 -25.58 -11.08 9.24
C GLU B 384 -26.77 -11.03 8.30
N ALA B 385 -26.63 -10.35 7.15
CA ALA B 385 -27.75 -10.21 6.23
C ALA B 385 -28.19 -11.54 5.65
N LEU B 386 -27.39 -12.60 5.81
CA LEU B 386 -27.71 -13.92 5.29
C LEU B 386 -28.28 -14.85 6.36
N LEU B 387 -28.73 -14.30 7.48
CA LEU B 387 -29.32 -15.09 8.56
C LEU B 387 -30.57 -14.42 9.11
N ARG B 388 -31.44 -13.94 8.21
CA ARG B 388 -32.73 -13.40 8.57
C ARG B 388 -33.82 -14.29 7.98
N PRO B 389 -35.02 -14.29 8.57
CA PRO B 389 -36.08 -15.16 8.06
C PRO B 389 -36.34 -14.88 6.58
N GLY B 390 -36.63 -15.95 5.84
CA GLY B 390 -36.67 -15.90 4.39
C GLY B 390 -35.42 -16.45 3.73
N ARG B 391 -34.40 -16.78 4.50
CA ARG B 391 -33.17 -17.37 3.99
C ARG B 391 -32.74 -18.43 5.01
N LEU B 392 -31.48 -18.84 4.96
CA LEU B 392 -30.99 -19.80 5.93
C LEU B 392 -31.28 -19.28 7.33
N GLU B 393 -32.15 -19.98 8.07
CA GLU B 393 -32.66 -19.49 9.34
C GLU B 393 -32.66 -20.52 10.46
N VAL B 394 -32.43 -21.79 10.18
CA VAL B 394 -32.37 -22.83 11.19
C VAL B 394 -30.92 -23.26 11.33
N LYS B 395 -30.38 -23.16 12.53
CA LYS B 395 -28.98 -23.47 12.80
C LYS B 395 -28.88 -24.51 13.90
N MET B 396 -27.92 -25.42 13.76
CA MET B 396 -27.70 -26.49 14.72
C MET B 396 -26.21 -26.67 14.98
N GLU B 397 -25.91 -27.26 16.14
CA GLU B 397 -24.56 -27.48 16.60
C GLU B 397 -24.33 -28.97 16.81
N ILE B 398 -23.23 -29.48 16.28
CA ILE B 398 -22.85 -30.89 16.39
C ILE B 398 -21.65 -30.95 17.32
N GLY B 399 -21.90 -31.19 18.60
CA GLY B 399 -20.85 -31.23 19.60
C GLY B 399 -20.11 -32.56 19.62
N LEU B 400 -19.06 -32.59 20.45
CA LEU B 400 -18.25 -33.79 20.57
C LEU B 400 -19.08 -34.92 21.17
N PRO B 401 -18.90 -36.15 20.68
CA PRO B 401 -19.71 -37.26 21.20
C PRO B 401 -19.38 -37.58 22.64
N ASP B 402 -20.40 -38.06 23.36
CA ASP B 402 -20.23 -38.51 24.73
C ASP B 402 -19.93 -40.01 24.73
N GLU B 403 -19.98 -40.63 25.91
CA GLU B 403 -19.63 -42.04 26.02
C GLU B 403 -20.57 -42.91 25.17
N LYS B 404 -21.87 -42.63 25.22
CA LYS B 404 -22.82 -43.41 24.43
C LYS B 404 -22.54 -43.26 22.95
N GLY B 405 -22.24 -42.03 22.50
CA GLY B 405 -21.91 -41.83 21.11
C GLY B 405 -20.68 -42.61 20.69
N ARG B 406 -19.65 -42.62 21.53
CA ARG B 406 -18.45 -43.40 21.21
C ARG B 406 -18.77 -44.88 21.13
N LEU B 407 -19.57 -45.39 22.07
CA LEU B 407 -19.96 -46.78 22.03
C LEU B 407 -20.67 -47.12 20.73
N GLN B 408 -21.68 -46.33 20.37
CA GLN B 408 -22.43 -46.60 19.15
C GLN B 408 -21.55 -46.52 17.92
N ILE B 409 -20.68 -45.50 17.85
CA ILE B 409 -19.83 -45.34 16.68
C ILE B 409 -18.87 -46.50 16.54
N LEU B 410 -18.23 -46.92 17.64
CA LEU B 410 -17.35 -48.06 17.57
C LEU B 410 -18.11 -49.33 17.21
N HIS B 411 -19.38 -49.44 17.62
CA HIS B 411 -20.19 -50.57 17.19
C HIS B 411 -20.41 -50.53 15.68
N ILE B 412 -20.66 -49.35 15.12
CA ILE B 412 -20.98 -49.26 13.69
C ILE B 412 -19.79 -49.66 12.85
N HIS B 413 -18.60 -49.14 13.16
CA HIS B 413 -17.42 -49.36 12.32
C HIS B 413 -16.85 -50.77 12.44
N THR B 414 -17.32 -51.58 13.39
CA THR B 414 -16.82 -52.93 13.60
C THR B 414 -17.96 -53.92 13.67
N ALA B 415 -18.94 -53.77 12.78
CA ALA B 415 -20.03 -54.73 12.63
C ALA B 415 -19.73 -55.80 11.60
N ARG B 416 -19.01 -55.45 10.53
CA ARG B 416 -18.60 -56.45 9.55
C ARG B 416 -17.67 -57.47 10.18
N MET B 417 -16.78 -57.02 11.07
CA MET B 417 -15.91 -57.95 11.79
C MET B 417 -16.74 -58.96 12.57
N ARG B 418 -17.77 -58.49 13.27
CA ARG B 418 -18.63 -59.40 14.02
C ARG B 418 -19.36 -60.36 13.09
N GLY B 419 -19.75 -59.87 11.91
CA GLY B 419 -20.45 -60.73 10.96
C GLY B 419 -19.57 -61.84 10.42
N HIS B 420 -18.32 -61.54 10.10
CA HIS B 420 -17.42 -62.51 9.50
C HIS B 420 -16.59 -63.28 10.53
N GLN B 421 -16.78 -63.00 11.82
CA GLN B 421 -16.10 -63.76 12.88
C GLN B 421 -14.59 -63.70 12.72
N LEU B 422 -14.05 -62.49 12.60
CA LEU B 422 -12.61 -62.27 12.53
C LEU B 422 -12.09 -61.46 13.70
N LEU B 423 -12.93 -61.18 14.70
CA LEU B 423 -12.56 -60.40 15.86
C LEU B 423 -12.61 -61.29 17.10
N SER B 424 -11.52 -61.32 17.85
CA SER B 424 -11.46 -62.11 19.07
C SER B 424 -12.47 -61.58 20.09
N ALA B 425 -13.15 -62.51 20.76
CA ALA B 425 -14.16 -62.13 21.75
C ALA B 425 -13.55 -61.45 22.97
N ASP B 426 -12.24 -61.56 23.17
CA ASP B 426 -11.61 -60.96 24.33
C ASP B 426 -11.79 -59.44 24.36
N VAL B 427 -11.82 -58.79 23.20
CA VAL B 427 -11.96 -57.34 23.15
C VAL B 427 -13.34 -56.95 23.66
N ASP B 428 -13.37 -55.95 24.54
CA ASP B 428 -14.62 -55.40 25.07
C ASP B 428 -14.75 -53.97 24.58
N ILE B 429 -15.67 -53.73 23.64
CA ILE B 429 -15.84 -52.41 23.07
C ILE B 429 -16.21 -51.40 24.15
N LYS B 430 -16.89 -51.85 25.20
CA LYS B 430 -17.25 -50.93 26.28
C LYS B 430 -16.02 -50.36 26.95
N GLU B 431 -15.01 -51.21 27.19
CA GLU B 431 -13.77 -50.73 27.81
C GLU B 431 -13.10 -49.68 26.94
N LEU B 432 -13.02 -49.92 25.63
CA LEU B 432 -12.43 -48.94 24.73
C LEU B 432 -13.23 -47.65 24.72
N ALA B 433 -14.55 -47.74 24.70
CA ALA B 433 -15.38 -46.53 24.71
C ALA B 433 -15.12 -45.71 25.96
N VAL B 434 -15.04 -46.37 27.12
CA VAL B 434 -14.77 -45.64 28.35
C VAL B 434 -13.35 -45.08 28.36
N GLU B 435 -12.41 -45.78 27.73
CA GLU B 435 -11.01 -45.39 27.76
C GLU B 435 -10.70 -44.20 26.85
N THR B 436 -11.56 -43.90 25.88
CA THR B 436 -11.34 -42.81 24.93
C THR B 436 -12.20 -41.62 25.35
N LYS B 437 -11.56 -40.48 25.58
CA LYS B 437 -12.24 -39.26 26.00
C LYS B 437 -11.96 -38.15 25.00
N ASN B 438 -13.01 -37.41 24.64
CA ASN B 438 -12.90 -36.31 23.69
C ASN B 438 -12.29 -36.79 22.37
N PHE B 439 -12.84 -37.88 21.87
CA PHE B 439 -12.44 -38.47 20.59
C PHE B 439 -13.55 -38.27 19.58
N SER B 440 -13.20 -37.77 18.39
CA SER B 440 -14.18 -37.58 17.34
C SER B 440 -14.23 -38.81 16.43
N GLY B 441 -15.22 -38.81 15.53
CA GLY B 441 -15.44 -39.99 14.71
C GLY B 441 -14.24 -40.37 13.87
N ALA B 442 -13.60 -39.38 13.24
CA ALA B 442 -12.45 -39.67 12.39
C ALA B 442 -11.33 -40.32 13.19
N GLU B 443 -11.10 -39.85 14.40
CA GLU B 443 -10.05 -40.45 15.24
C GLU B 443 -10.40 -41.89 15.59
N LEU B 444 -11.66 -42.18 15.88
CA LEU B 444 -12.05 -43.56 16.15
C LEU B 444 -11.84 -44.45 14.94
N GLU B 445 -12.20 -43.94 13.75
CA GLU B 445 -11.97 -44.70 12.53
C GLU B 445 -10.48 -44.98 12.34
N GLY B 446 -9.64 -43.96 12.55
CA GLY B 446 -8.20 -44.17 12.45
C GLY B 446 -7.71 -45.19 13.46
N LEU B 447 -8.26 -45.16 14.67
CA LEU B 447 -7.86 -46.12 15.69
C LEU B 447 -8.17 -47.53 15.25
N VAL B 448 -9.39 -47.77 14.76
CA VAL B 448 -9.76 -49.13 14.36
C VAL B 448 -8.90 -49.58 13.18
N ARG B 449 -8.66 -48.68 12.21
CA ARG B 449 -7.85 -49.05 11.06
C ARG B 449 -6.43 -49.40 11.49
N ALA B 450 -5.84 -48.62 12.40
CA ALA B 450 -4.47 -48.89 12.84
C ALA B 450 -4.40 -50.19 13.62
N ALA B 451 -5.41 -50.46 14.46
CA ALA B 451 -5.44 -51.74 15.17
C ALA B 451 -5.51 -52.90 14.19
N GLN B 452 -6.35 -52.77 13.16
CA GLN B 452 -6.45 -53.82 12.16
C GLN B 452 -5.10 -54.02 11.46
N SER B 453 -4.44 -52.93 11.10
CA SER B 453 -3.15 -53.05 10.41
C SER B 453 -2.13 -53.74 11.30
N THR B 454 -2.06 -53.35 12.58
CA THR B 454 -1.10 -53.97 13.49
C THR B 454 -1.38 -55.45 13.65
N ALA B 455 -2.65 -55.82 13.88
CA ALA B 455 -2.98 -57.23 14.06
C ALA B 455 -2.65 -58.03 12.81
N MET B 456 -2.97 -57.49 11.63
CA MET B 456 -2.66 -58.19 10.39
C MET B 456 -1.15 -58.36 10.22
N ASN B 457 -0.37 -57.33 10.55
CA ASN B 457 1.07 -57.41 10.38
C ASN B 457 1.74 -58.29 11.43
N ARG B 458 1.08 -58.56 12.55
CA ARG B 458 1.67 -59.44 13.56
C ARG B 458 2.02 -60.81 13.00
N HIS B 459 1.32 -61.26 11.95
CA HIS B 459 1.50 -62.59 11.40
C HIS B 459 2.47 -62.63 10.22
N ILE B 460 3.08 -61.50 9.87
CA ILE B 460 4.03 -61.44 8.77
C ILE B 460 5.47 -61.41 9.28
N LYS B 461 5.68 -61.82 10.53
CA LYS B 461 7.00 -61.87 11.16
C LYS B 461 7.93 -60.76 10.68
N LYS B 472 -0.61 -71.88 10.78
CA LYS B 472 -1.60 -71.16 11.60
C LYS B 472 -2.04 -69.88 10.92
N ALA B 473 -1.55 -69.63 9.70
CA ALA B 473 -1.93 -68.44 8.96
C ALA B 473 -3.39 -68.48 8.52
N GLU B 474 -4.03 -69.65 8.59
CA GLU B 474 -5.42 -69.77 8.14
C GLU B 474 -6.36 -68.90 8.97
N SER B 475 -6.14 -68.83 10.27
CA SER B 475 -7.02 -68.11 11.19
C SER B 475 -6.30 -66.90 11.75
N LEU B 476 -6.95 -65.74 11.70
CA LEU B 476 -6.43 -64.51 12.26
C LEU B 476 -7.53 -63.81 13.03
N GLN B 477 -7.17 -63.25 14.19
CA GLN B 477 -8.14 -62.57 15.04
C GLN B 477 -7.48 -61.39 15.72
N VAL B 478 -8.11 -60.22 15.60
CA VAL B 478 -7.64 -59.02 16.27
C VAL B 478 -7.84 -59.18 17.77
N THR B 479 -6.81 -58.89 18.54
CA THR B 479 -6.82 -59.08 19.98
C THR B 479 -6.74 -57.74 20.71
N ARG B 480 -6.86 -57.82 22.04
CA ARG B 480 -6.84 -56.61 22.86
C ARG B 480 -5.50 -55.91 22.77
N GLY B 481 -4.41 -56.68 22.72
CA GLY B 481 -3.09 -56.07 22.72
C GLY B 481 -2.88 -55.13 21.54
N ASP B 482 -3.31 -55.55 20.35
CA ASP B 482 -3.15 -54.71 19.17
C ASP B 482 -3.91 -53.40 19.34
N PHE B 483 -5.16 -53.47 19.80
CA PHE B 483 -5.96 -52.26 19.98
C PHE B 483 -5.30 -51.33 20.99
N LEU B 484 -4.85 -51.89 22.11
CA LEU B 484 -4.25 -51.04 23.15
C LEU B 484 -2.96 -50.39 22.65
N ALA B 485 -2.11 -51.16 21.96
CA ALA B 485 -0.88 -50.58 21.42
C ALA B 485 -1.19 -49.49 20.41
N SER B 486 -2.16 -49.73 19.54
CA SER B 486 -2.55 -48.71 18.57
C SER B 486 -3.02 -47.45 19.28
N LEU B 487 -3.89 -47.60 20.28
CA LEU B 487 -4.41 -46.44 21.00
C LEU B 487 -3.28 -45.66 21.67
N GLU B 488 -2.34 -46.37 22.29
CA GLU B 488 -1.32 -45.69 23.09
C GLU B 488 -0.17 -45.15 22.23
N ASN B 489 0.00 -45.61 21.00
CA ASN B 489 1.13 -45.18 20.18
C ASN B 489 0.75 -44.47 18.88
N ASP B 490 -0.15 -45.02 18.09
CA ASP B 490 -0.38 -44.54 16.73
C ASP B 490 -1.20 -43.26 16.68
N ILE B 491 -2.43 -43.31 17.17
CA ILE B 491 -3.34 -42.17 17.06
C ILE B 491 -3.00 -41.13 18.11
N LYS B 492 -3.11 -39.86 17.74
CA LYS B 492 -2.85 -38.74 18.65
C LYS B 492 -4.02 -37.78 18.56
N PRO B 493 -4.84 -37.64 19.60
CA PRO B 493 -6.00 -36.76 19.50
C PRO B 493 -5.60 -35.29 19.42
N ALA B 494 -6.48 -34.49 18.84
CA ALA B 494 -6.25 -33.05 18.73
C ALA B 494 -6.89 -32.26 19.86
N PHE B 495 -7.86 -32.84 20.57
CA PHE B 495 -8.51 -32.18 21.70
C PHE B 495 -8.25 -32.90 23.01
N GLY B 496 -7.26 -33.79 23.04
CA GLY B 496 -6.97 -34.56 24.23
C GLY B 496 -5.63 -34.21 24.85
N THR B 497 -5.13 -35.08 25.72
CA THR B 497 -3.88 -34.85 26.43
C THR B 497 -2.73 -35.54 25.70
N ASN B 498 -1.65 -34.79 25.48
CA ASN B 498 -0.43 -35.32 24.89
C ASN B 498 0.50 -35.80 25.98
N GLN B 499 1.62 -36.41 25.57
CA GLN B 499 2.57 -36.97 26.51
C GLN B 499 4.00 -36.50 26.29
N GLU B 500 4.32 -35.96 25.12
CA GLU B 500 5.69 -35.50 24.86
C GLU B 500 6.01 -34.21 25.60
N ASP B 501 5.01 -33.35 25.82
CA ASP B 501 5.25 -32.07 26.46
C ASP B 501 5.77 -32.26 27.88
N TYR B 502 5.14 -33.16 28.64
CA TYR B 502 5.55 -33.38 30.02
C TYR B 502 6.97 -33.95 30.08
N ALA B 503 7.27 -34.90 29.19
CA ALA B 503 8.60 -35.48 29.18
C ALA B 503 9.65 -34.44 28.79
N SER B 504 9.32 -33.54 27.87
CA SER B 504 10.28 -32.55 27.43
C SER B 504 10.54 -31.49 28.51
N TYR B 505 9.47 -31.00 29.12
CA TYR B 505 9.62 -29.90 30.09
C TYR B 505 10.17 -30.38 31.42
N ILE B 506 9.94 -31.64 31.78
CA ILE B 506 10.51 -32.23 33.00
C ILE B 506 11.59 -33.19 32.58
N MET B 507 12.80 -33.00 33.12
CA MET B 507 13.96 -33.79 32.71
C MET B 507 14.53 -34.67 33.81
N ASN B 508 14.90 -34.12 34.96
CA ASN B 508 15.50 -34.90 36.03
C ASN B 508 14.52 -35.16 37.17
N GLY B 509 13.23 -35.16 36.89
CA GLY B 509 12.26 -35.49 37.90
C GLY B 509 12.11 -34.42 38.96
N ILE B 510 11.59 -34.83 40.10
CA ILE B 510 11.32 -33.94 41.23
C ILE B 510 12.07 -34.48 42.45
N ILE B 511 12.79 -33.60 43.13
CA ILE B 511 13.56 -33.93 44.31
C ILE B 511 12.92 -33.26 45.51
N LYS B 512 12.58 -34.05 46.53
CA LYS B 512 11.95 -33.52 47.75
C LYS B 512 13.06 -33.05 48.68
N TRP B 513 13.48 -31.81 48.50
CA TRP B 513 14.56 -31.23 49.28
C TRP B 513 14.07 -30.30 50.39
N GLY B 514 12.77 -30.27 50.66
CA GLY B 514 12.27 -29.42 51.71
C GLY B 514 10.75 -29.44 51.74
N ASP B 515 10.21 -28.59 52.62
CA ASP B 515 8.78 -28.44 52.81
C ASP B 515 8.12 -27.61 51.72
N PRO B 516 8.78 -26.56 51.19
CA PRO B 516 8.10 -25.71 50.20
C PRO B 516 7.53 -26.46 49.03
N VAL B 517 8.21 -27.51 48.56
CA VAL B 517 7.69 -28.30 47.44
C VAL B 517 6.35 -28.91 47.82
N THR B 518 6.29 -29.51 49.01
CA THR B 518 5.04 -30.12 49.48
C THR B 518 3.95 -29.06 49.62
N ARG B 519 4.31 -27.89 50.16
CA ARG B 519 3.32 -26.82 50.32
C ARG B 519 2.75 -26.40 48.97
N VAL B 520 3.62 -26.21 47.97
CA VAL B 520 3.16 -25.79 46.65
C VAL B 520 2.26 -26.86 46.03
N LEU B 521 2.66 -28.12 46.13
CA LEU B 521 1.86 -29.19 45.55
C LEU B 521 0.50 -29.29 46.24
N ASP B 522 0.47 -29.12 47.56
CA ASP B 522 -0.80 -29.14 48.28
C ASP B 522 -1.69 -28.00 47.84
N ASP B 523 -1.12 -26.80 47.65
CA ASP B 523 -1.91 -25.68 47.18
C ASP B 523 -2.48 -25.96 45.79
N GLY B 524 -1.66 -26.53 44.91
CA GLY B 524 -2.15 -26.88 43.59
C GLY B 524 -3.30 -27.89 43.64
N GLU B 525 -3.16 -28.90 44.50
CA GLU B 525 -4.23 -29.88 44.65
C GLU B 525 -5.51 -29.23 45.17
N LEU B 526 -5.38 -28.32 46.13
CA LEU B 526 -6.56 -27.62 46.63
C LEU B 526 -7.24 -26.82 45.53
N LEU B 527 -6.44 -26.13 44.71
CA LEU B 527 -7.02 -25.36 43.61
C LEU B 527 -7.72 -26.27 42.62
N VAL B 528 -7.11 -27.40 42.29
CA VAL B 528 -7.73 -28.34 41.35
C VAL B 528 -9.07 -28.81 41.89
N GLN B 529 -9.10 -29.19 43.16
CA GLN B 529 -10.35 -29.65 43.75
C GLN B 529 -11.41 -28.55 43.71
N GLN B 530 -11.02 -27.32 44.05
CA GLN B 530 -12.00 -26.23 44.07
C GLN B 530 -12.57 -25.99 42.68
N THR B 531 -11.71 -26.00 41.65
CA THR B 531 -12.22 -25.76 40.30
C THR B 531 -13.06 -26.91 39.78
N LYS B 532 -12.77 -28.15 40.21
CA LYS B 532 -13.56 -29.28 39.73
C LYS B 532 -14.92 -29.35 40.42
N ASN B 533 -14.99 -29.00 41.70
CA ASN B 533 -16.21 -29.21 42.47
C ASN B 533 -17.19 -28.05 42.45
N SER B 534 -16.73 -26.83 42.69
CA SER B 534 -17.63 -25.70 42.91
C SER B 534 -18.45 -25.40 41.66
N ASP B 535 -19.42 -24.50 41.82
CA ASP B 535 -20.31 -24.10 40.75
C ASP B 535 -20.44 -22.60 40.55
N ARG B 536 -20.13 -21.78 41.55
CA ARG B 536 -20.23 -20.33 41.42
C ARG B 536 -18.99 -19.70 40.83
N THR B 537 -17.89 -20.44 40.70
CA THR B 537 -16.63 -19.92 40.20
C THR B 537 -16.08 -20.86 39.14
N PRO B 538 -16.68 -20.86 37.94
CA PRO B 538 -16.18 -21.75 36.88
C PRO B 538 -14.77 -21.42 36.42
N LEU B 539 -14.30 -20.19 36.61
CA LEU B 539 -12.99 -19.77 36.15
C LEU B 539 -12.10 -19.50 37.35
N VAL B 540 -10.89 -20.08 37.34
CA VAL B 540 -9.92 -19.89 38.40
C VAL B 540 -8.57 -19.58 37.77
N SER B 541 -7.71 -18.93 38.56
CA SER B 541 -6.39 -18.53 38.09
C SER B 541 -5.40 -18.61 39.24
N VAL B 542 -4.12 -18.65 38.88
CA VAL B 542 -3.04 -18.74 39.86
C VAL B 542 -1.76 -18.29 39.18
N LEU B 543 -0.88 -17.67 39.95
CA LEU B 543 0.39 -17.16 39.44
C LEU B 543 1.52 -17.71 40.29
N LEU B 544 2.55 -18.23 39.62
CA LEU B 544 3.76 -18.73 40.28
C LEU B 544 4.91 -17.81 39.95
N GLU B 545 5.66 -17.40 40.98
CA GLU B 545 6.78 -16.48 40.78
C GLU B 545 7.85 -16.77 41.81
N GLY B 546 9.07 -16.36 41.49
CA GLY B 546 10.20 -16.56 42.36
C GLY B 546 11.49 -16.10 41.71
N PRO B 547 12.61 -16.29 42.42
CA PRO B 547 13.89 -15.89 41.84
C PRO B 547 14.22 -16.73 40.61
N PRO B 548 14.99 -16.19 39.67
CA PRO B 548 15.29 -16.95 38.46
C PRO B 548 16.05 -18.24 38.77
N HIS B 549 15.85 -19.24 37.93
CA HIS B 549 16.53 -20.54 38.06
C HIS B 549 16.08 -21.25 39.33
N SER B 550 14.77 -21.20 39.62
CA SER B 550 14.21 -21.85 40.78
C SER B 550 13.29 -23.02 40.44
N GLY B 551 13.08 -23.31 39.16
CA GLY B 551 12.23 -24.42 38.77
C GLY B 551 10.75 -24.14 38.95
N LYS B 552 10.21 -23.19 38.19
CA LYS B 552 8.79 -22.88 38.24
C LYS B 552 8.01 -23.64 37.17
N THR B 553 8.51 -23.65 35.94
CA THR B 553 7.82 -24.34 34.86
C THR B 553 7.69 -25.83 35.16
N ALA B 554 8.74 -26.42 35.75
CA ALA B 554 8.68 -27.83 36.10
C ALA B 554 7.55 -28.11 37.09
N LEU B 555 7.43 -27.27 38.12
CA LEU B 555 6.37 -27.47 39.10
C LEU B 555 4.99 -27.28 38.46
N ALA B 556 4.85 -26.28 37.60
CA ALA B 556 3.57 -26.07 36.93
C ALA B 556 3.19 -27.28 36.09
N ALA B 557 4.16 -27.82 35.33
CA ALA B 557 3.89 -28.99 34.50
C ALA B 557 3.53 -30.19 35.35
N LYS B 558 4.23 -30.38 36.48
CA LYS B 558 3.92 -31.50 37.35
C LYS B 558 2.50 -31.39 37.91
N ILE B 559 2.11 -30.19 38.33
CA ILE B 559 0.75 -30.00 38.85
C ILE B 559 -0.26 -30.30 37.74
N ALA B 560 -0.02 -29.80 36.54
CA ALA B 560 -0.95 -30.04 35.44
C ALA B 560 -1.08 -31.53 35.15
N GLU B 561 0.04 -32.25 35.13
CA GLU B 561 -0.01 -33.68 34.86
C GLU B 561 -0.70 -34.45 35.99
N GLU B 562 -0.57 -33.97 37.23
CA GLU B 562 -1.25 -34.61 38.34
C GLU B 562 -2.71 -34.22 38.46
N SER B 563 -3.16 -33.22 37.71
CA SER B 563 -4.57 -32.84 37.75
C SER B 563 -5.47 -33.96 37.22
N ASN B 564 -5.04 -34.65 36.16
CA ASN B 564 -5.80 -35.72 35.53
C ASN B 564 -7.05 -35.18 34.81
N PHE B 565 -6.90 -34.06 34.12
CA PHE B 565 -7.97 -33.49 33.33
C PHE B 565 -8.01 -34.12 31.94
N PRO B 566 -9.13 -34.00 31.25
CA PRO B 566 -9.20 -34.53 29.87
C PRO B 566 -8.56 -33.62 28.83
N PHE B 567 -8.42 -32.32 29.11
CA PHE B 567 -7.83 -31.38 28.17
C PHE B 567 -6.68 -30.66 28.86
N ILE B 568 -5.49 -30.73 28.28
CA ILE B 568 -4.31 -30.07 28.81
C ILE B 568 -3.48 -29.56 27.64
N LYS B 569 -2.90 -28.37 27.80
CA LYS B 569 -2.07 -27.79 26.76
C LYS B 569 -1.10 -26.80 27.38
N ILE B 570 0.00 -26.55 26.67
CA ILE B 570 1.04 -25.62 27.11
C ILE B 570 1.28 -24.62 25.99
N CYS B 571 1.38 -23.34 26.34
CA CYS B 571 1.60 -22.26 25.39
C CYS B 571 2.95 -21.62 25.69
N SER B 572 4.01 -22.15 25.10
CA SER B 572 5.34 -21.63 25.30
C SER B 572 5.70 -20.64 24.20
N PRO B 573 6.67 -19.76 24.45
CA PRO B 573 7.04 -18.76 23.43
C PRO B 573 8.00 -19.28 22.39
N ASP B 574 8.79 -20.31 22.73
CA ASP B 574 9.83 -20.78 21.82
C ASP B 574 9.26 -21.29 20.51
N LYS B 575 7.97 -21.60 20.47
CA LYS B 575 7.31 -21.96 19.20
C LYS B 575 6.96 -20.74 18.36
N MET B 576 7.18 -19.53 18.88
CA MET B 576 6.78 -18.32 18.18
C MET B 576 7.98 -17.44 17.89
N ILE B 577 9.07 -18.03 17.39
CA ILE B 577 10.27 -17.26 17.07
C ILE B 577 10.02 -16.44 15.81
N GLY B 578 10.27 -15.13 15.91
CA GLY B 578 10.13 -14.25 14.77
C GLY B 578 8.72 -13.80 14.46
N PHE B 579 7.73 -14.25 15.24
CA PHE B 579 6.35 -13.84 15.00
C PHE B 579 6.17 -12.36 15.29
N SER B 580 5.22 -11.76 14.58
CA SER B 580 4.78 -10.40 14.88
C SER B 580 3.70 -10.44 15.96
N GLU B 581 3.27 -9.25 16.39
CA GLU B 581 2.28 -9.17 17.45
C GLU B 581 0.97 -9.81 17.05
N THR B 582 0.50 -9.53 15.82
CA THR B 582 -0.79 -10.07 15.39
C THR B 582 -0.76 -11.58 15.33
N ALA B 583 0.35 -12.16 14.86
CA ALA B 583 0.45 -13.61 14.81
C ALA B 583 0.39 -14.22 16.21
N LYS B 584 1.08 -13.61 17.17
CA LYS B 584 1.03 -14.11 18.53
C LYS B 584 -0.39 -14.03 19.09
N CYS B 585 -1.08 -12.92 18.85
CA CYS B 585 -2.43 -12.78 19.34
C CYS B 585 -3.35 -13.84 18.74
N GLN B 586 -3.23 -14.07 17.43
CA GLN B 586 -4.06 -15.09 16.79
C GLN B 586 -3.76 -16.47 17.34
N ALA B 587 -2.48 -16.80 17.50
CA ALA B 587 -2.13 -18.13 18.01
C ALA B 587 -2.65 -18.33 19.42
N MET B 588 -2.50 -17.34 20.29
CA MET B 588 -2.99 -17.47 21.66
C MET B 588 -4.50 -17.59 21.68
N LYS B 589 -5.20 -16.79 20.86
CA LYS B 589 -6.65 -16.89 20.82
C LYS B 589 -7.09 -18.28 20.35
N LYS B 590 -6.42 -18.83 19.34
CA LYS B 590 -6.76 -20.16 18.88
C LYS B 590 -6.52 -21.20 19.97
N ILE B 591 -5.39 -21.10 20.66
CA ILE B 591 -5.09 -22.07 21.71
C ILE B 591 -6.16 -22.00 22.81
N PHE B 592 -6.62 -20.80 23.14
CA PHE B 592 -7.61 -20.66 24.20
C PHE B 592 -8.98 -21.15 23.73
N ASP B 593 -9.32 -20.91 22.47
CA ASP B 593 -10.66 -21.23 21.97
C ASP B 593 -10.93 -22.72 21.88
N ASP B 594 -9.89 -23.57 21.98
CA ASP B 594 -10.08 -25.00 21.97
C ASP B 594 -10.38 -25.56 23.35
N ALA B 595 -10.31 -24.75 24.41
CA ALA B 595 -10.66 -25.18 25.75
C ALA B 595 -12.12 -24.95 26.09
N TYR B 596 -12.87 -24.27 25.23
CA TYR B 596 -14.29 -24.04 25.44
C TYR B 596 -15.16 -25.18 24.90
N LYS B 597 -14.57 -26.15 24.21
CA LYS B 597 -15.31 -27.25 23.61
C LYS B 597 -15.06 -28.56 24.33
N SER B 598 -14.92 -28.52 25.65
CA SER B 598 -14.72 -29.72 26.44
C SER B 598 -15.29 -29.49 27.84
N GLN B 599 -15.65 -30.58 28.50
CA GLN B 599 -16.23 -30.48 29.83
C GLN B 599 -15.25 -29.94 30.86
N LEU B 600 -13.95 -30.10 30.64
CA LEU B 600 -12.94 -29.60 31.56
C LEU B 600 -11.72 -29.18 30.76
N SER B 601 -10.90 -28.32 31.36
CA SER B 601 -9.73 -27.81 30.67
C SER B 601 -8.72 -27.31 31.70
N CYS B 602 -7.48 -27.19 31.24
CA CYS B 602 -6.42 -26.61 32.07
C CYS B 602 -5.32 -26.11 31.13
N VAL B 603 -5.21 -24.80 31.00
CA VAL B 603 -4.26 -24.17 30.08
C VAL B 603 -3.13 -23.57 30.89
N VAL B 604 -1.90 -23.85 30.48
CA VAL B 604 -0.70 -23.36 31.17
C VAL B 604 -0.05 -22.32 30.29
N VAL B 605 0.12 -21.11 30.82
CA VAL B 605 0.84 -20.03 30.16
C VAL B 605 2.12 -19.80 30.95
N ASP B 606 3.26 -19.91 30.27
CA ASP B 606 4.56 -19.84 30.93
C ASP B 606 5.41 -18.74 30.32
N ASP B 607 6.26 -18.15 31.16
CA ASP B 607 7.18 -17.08 30.75
C ASP B 607 6.40 -15.90 30.18
N ILE B 608 5.59 -15.29 31.05
CA ILE B 608 4.77 -14.15 30.62
C ILE B 608 5.64 -13.00 30.16
N GLU B 609 6.73 -12.73 30.89
CA GLU B 609 7.59 -11.61 30.55
C GLU B 609 8.18 -11.73 29.14
N ARG B 610 8.32 -12.96 28.64
CA ARG B 610 8.80 -13.15 27.27
C ARG B 610 7.72 -12.87 26.25
N LEU B 611 6.47 -13.22 26.54
CA LEU B 611 5.39 -12.95 25.60
C LEU B 611 5.20 -11.45 25.40
N LEU B 612 5.22 -10.68 26.49
CA LEU B 612 4.96 -9.25 26.39
C LEU B 612 6.11 -8.48 25.77
N ASP B 613 7.27 -9.11 25.55
CA ASP B 613 8.41 -8.44 24.93
C ASP B 613 8.97 -7.33 25.83
N TYR B 614 9.34 -7.71 27.04
CA TYR B 614 9.85 -6.76 28.01
C TYR B 614 11.35 -6.58 27.86
N VAL B 615 11.82 -5.40 28.26
CA VAL B 615 13.25 -5.05 28.24
C VAL B 615 13.46 -3.87 29.19
N PRO B 616 14.39 -3.96 30.14
CA PRO B 616 14.50 -2.89 31.15
C PRO B 616 14.74 -1.52 30.55
N ILE B 617 15.56 -1.41 29.51
CA ILE B 617 15.71 -0.14 28.83
C ILE B 617 14.39 0.22 28.17
N GLY B 618 14.10 1.51 28.12
CA GLY B 618 12.81 1.97 27.64
C GLY B 618 11.89 2.40 28.77
N PRO B 619 10.97 1.52 29.19
CA PRO B 619 10.77 0.12 28.78
C PRO B 619 10.08 -0.01 27.42
N ARG B 620 10.12 -1.21 26.84
CA ARG B 620 9.43 -1.49 25.59
C ARG B 620 8.70 -2.81 25.71
N PHE B 621 7.55 -2.90 25.06
CA PHE B 621 6.75 -4.12 25.08
C PHE B 621 5.58 -3.95 24.11
N SER B 622 4.86 -5.04 23.90
CA SER B 622 3.72 -5.07 22.99
C SER B 622 2.45 -4.78 23.78
N ASN B 623 1.74 -3.72 23.39
CA ASN B 623 0.51 -3.37 24.08
C ASN B 623 -0.63 -4.30 23.68
N LEU B 624 -0.69 -4.69 22.41
CA LEU B 624 -1.80 -5.51 21.94
C LEU B 624 -1.83 -6.85 22.64
N VAL B 625 -0.67 -7.50 22.80
CA VAL B 625 -0.63 -8.79 23.47
C VAL B 625 -1.06 -8.65 24.92
N LEU B 626 -0.61 -7.59 25.59
CA LEU B 626 -1.00 -7.37 26.97
C LEU B 626 -2.51 -7.19 27.08
N GLN B 627 -3.11 -6.42 26.18
CA GLN B 627 -4.55 -6.22 26.23
C GLN B 627 -5.29 -7.54 25.99
N ALA B 628 -4.83 -8.32 25.01
CA ALA B 628 -5.49 -9.60 24.76
C ALA B 628 -5.42 -10.50 25.98
N LEU B 629 -4.25 -10.57 26.62
CA LEU B 629 -4.12 -11.42 27.81
C LEU B 629 -5.00 -10.90 28.94
N LEU B 630 -5.04 -9.59 29.14
CA LEU B 630 -5.85 -9.04 30.23
C LEU B 630 -7.33 -9.29 29.99
N VAL B 631 -7.77 -9.29 28.73
CA VAL B 631 -9.18 -9.54 28.46
C VAL B 631 -9.49 -11.03 28.55
N LEU B 632 -8.53 -11.90 28.24
CA LEU B 632 -8.77 -13.33 28.22
C LEU B 632 -8.67 -13.99 29.59
N LEU B 633 -8.29 -13.24 30.63
CA LEU B 633 -8.12 -13.79 31.96
C LEU B 633 -9.39 -13.75 32.80
N LYS B 634 -10.44 -13.08 32.34
CA LYS B 634 -11.69 -13.00 33.10
C LYS B 634 -12.89 -13.16 32.18
N LYS B 635 -12.82 -14.13 31.27
CA LYS B 635 -13.93 -14.44 30.37
C LYS B 635 -14.48 -15.82 30.75
N ALA B 636 -15.75 -15.87 31.09
CA ALA B 636 -16.37 -17.14 31.46
C ALA B 636 -16.63 -17.98 30.21
N PRO B 637 -16.45 -19.30 30.29
CA PRO B 637 -16.77 -20.14 29.12
C PRO B 637 -18.27 -20.26 28.93
N PRO B 638 -18.71 -20.99 27.91
CA PRO B 638 -20.14 -21.26 27.76
C PRO B 638 -20.68 -22.01 28.97
N GLN B 639 -21.96 -21.79 29.25
CA GLN B 639 -22.58 -22.34 30.45
C GLN B 639 -22.35 -23.84 30.52
N GLY B 640 -21.93 -24.31 31.71
CA GLY B 640 -21.74 -25.72 31.95
C GLY B 640 -20.33 -26.24 31.80
N ARG B 641 -19.34 -25.35 31.71
CA ARG B 641 -17.96 -25.74 31.52
C ARG B 641 -17.05 -24.97 32.48
N LYS B 642 -15.90 -25.56 32.76
CA LYS B 642 -14.98 -25.05 33.77
C LYS B 642 -13.58 -24.94 33.19
N LEU B 643 -12.77 -24.07 33.80
CA LEU B 643 -11.44 -23.76 33.27
C LEU B 643 -10.51 -23.44 34.42
N LEU B 644 -9.21 -23.56 34.15
CA LEU B 644 -8.18 -23.29 35.15
C LEU B 644 -6.90 -22.89 34.44
N ILE B 645 -6.42 -21.68 34.72
CA ILE B 645 -5.23 -21.13 34.07
C ILE B 645 -4.11 -21.04 35.10
N ILE B 646 -2.92 -21.47 34.70
CA ILE B 646 -1.73 -21.39 35.55
C ILE B 646 -0.69 -20.54 34.83
N GLY B 647 -0.15 -19.55 35.54
CA GLY B 647 0.85 -18.66 34.99
C GLY B 647 2.26 -19.03 35.43
N THR B 648 3.20 -18.17 35.06
CA THR B 648 4.59 -18.33 35.46
C THR B 648 5.35 -17.07 35.06
N THR B 649 6.28 -16.65 35.92
CA THR B 649 7.06 -15.46 35.66
C THR B 649 8.28 -15.46 36.58
N SER B 650 9.07 -14.39 36.48
CA SER B 650 10.24 -14.21 37.31
C SER B 650 10.36 -12.79 37.86
N ARG B 651 9.42 -11.90 37.54
CA ARG B 651 9.46 -10.50 37.98
C ARG B 651 8.04 -10.07 38.31
N LYS B 652 7.68 -10.20 39.58
CA LYS B 652 6.37 -9.72 40.02
C LYS B 652 6.32 -8.20 40.11
N ASP B 653 7.46 -7.56 40.36
CA ASP B 653 7.48 -6.11 40.53
C ASP B 653 6.96 -5.42 39.29
N VAL B 654 7.47 -5.80 38.12
CA VAL B 654 7.04 -5.17 36.87
C VAL B 654 5.56 -5.44 36.63
N LEU B 655 5.12 -6.69 36.83
CA LEU B 655 3.72 -7.02 36.61
C LEU B 655 2.81 -6.22 37.54
N GLN B 656 3.31 -5.82 38.71
CA GLN B 656 2.50 -5.02 39.62
C GLN B 656 2.23 -3.63 39.05
N GLU B 657 3.15 -3.10 38.24
CA GLU B 657 2.98 -1.76 37.69
C GLU B 657 2.04 -1.75 36.48
N MET B 658 1.75 -2.90 35.89
CA MET B 658 0.84 -2.99 34.76
C MET B 658 -0.59 -3.27 35.19
N GLU B 659 -0.87 -3.30 36.50
CA GLU B 659 -2.21 -3.53 37.01
C GLU B 659 -2.77 -4.86 36.54
N MET B 660 -1.90 -5.86 36.41
CA MET B 660 -2.31 -7.20 36.03
C MET B 660 -2.65 -8.08 37.22
N LEU B 661 -2.06 -7.81 38.39
CA LEU B 661 -2.32 -8.63 39.56
C LEU B 661 -3.78 -8.58 39.99
N ASN B 662 -4.51 -7.52 39.63
CA ASN B 662 -5.92 -7.46 39.96
C ASN B 662 -6.70 -8.58 39.30
N ALA B 663 -6.41 -8.86 38.02
CA ALA B 663 -7.12 -9.92 37.32
C ALA B 663 -6.83 -11.29 37.93
N PHE B 664 -5.58 -11.55 38.28
CA PHE B 664 -5.22 -12.84 38.84
C PHE B 664 -5.86 -13.06 40.20
N SER B 665 -6.10 -14.32 40.52
CA SER B 665 -6.81 -14.70 41.75
C SER B 665 -5.88 -14.77 42.95
N THR B 666 -4.85 -15.61 42.88
CA THR B 666 -3.93 -15.80 43.98
C THR B 666 -2.57 -16.15 43.43
N THR B 667 -1.55 -16.02 44.27
CA THR B 667 -0.17 -16.25 43.88
C THR B 667 0.52 -17.12 44.91
N ILE B 668 1.56 -17.83 44.45
CA ILE B 668 2.36 -18.69 45.31
C ILE B 668 3.82 -18.34 45.10
N HIS B 669 4.62 -18.54 46.13
CA HIS B 669 6.05 -18.22 46.11
C HIS B 669 6.86 -19.51 46.23
N VAL B 670 7.81 -19.69 45.32
CA VAL B 670 8.72 -20.82 45.34
C VAL B 670 10.08 -20.30 45.82
N PRO B 671 10.57 -20.71 46.97
CA PRO B 671 11.81 -20.14 47.51
C PRO B 671 13.04 -20.77 46.86
N ASN B 672 14.20 -20.34 47.35
CA ASN B 672 15.50 -20.81 46.88
C ASN B 672 16.20 -21.59 47.98
N ILE B 673 17.34 -22.17 47.62
CA ILE B 673 18.12 -22.95 48.58
C ILE B 673 18.76 -22.01 49.59
N ALA B 674 18.49 -22.27 50.87
CA ALA B 674 18.98 -21.43 51.95
C ALA B 674 19.96 -22.14 52.87
N THR B 675 19.58 -23.29 53.42
CA THR B 675 20.40 -23.96 54.41
C THR B 675 21.46 -24.83 53.76
N GLY B 676 22.64 -24.87 54.37
CA GLY B 676 23.71 -25.72 53.87
C GLY B 676 23.35 -27.20 53.96
N GLU B 677 22.72 -27.60 55.06
CA GLU B 677 22.28 -28.98 55.18
C GLU B 677 21.25 -29.33 54.12
N GLN B 678 20.44 -28.36 53.69
CA GLN B 678 19.56 -28.58 52.56
C GLN B 678 20.35 -28.88 51.29
N LEU B 679 21.44 -28.14 51.08
CA LEU B 679 22.30 -28.41 49.93
C LEU B 679 22.90 -29.80 50.02
N LEU B 680 23.32 -30.21 51.21
CA LEU B 680 23.86 -31.55 51.39
C LEU B 680 22.81 -32.61 51.09
N GLU B 681 21.57 -32.39 51.55
CA GLU B 681 20.49 -33.33 51.27
C GLU B 681 20.23 -33.43 49.78
N ALA B 682 20.23 -32.28 49.08
CA ALA B 682 20.04 -32.30 47.64
C ALA B 682 21.15 -33.07 46.96
N LEU B 683 22.40 -32.86 47.38
CA LEU B 683 23.51 -33.62 46.80
C LEU B 683 23.33 -35.12 47.05
N GLU B 684 22.93 -35.49 48.27
CA GLU B 684 22.75 -36.90 48.58
C GLU B 684 21.67 -37.52 47.70
N LEU B 685 20.55 -36.82 47.52
CA LEU B 685 19.49 -37.33 46.67
C LEU B 685 19.85 -37.27 45.19
N LEU B 686 20.89 -36.49 44.83
CA LEU B 686 21.32 -36.39 43.44
C LEU B 686 22.39 -37.40 43.08
N GLY B 687 23.12 -37.95 44.07
CA GLY B 687 24.12 -38.95 43.81
C GLY B 687 25.24 -38.46 42.90
N ASN B 688 26.04 -37.52 43.39
CA ASN B 688 27.07 -36.90 42.57
C ASN B 688 28.45 -36.83 43.23
N PHE B 689 28.58 -37.06 44.53
CA PHE B 689 29.85 -36.91 45.22
C PHE B 689 30.07 -38.08 46.16
N LYS B 690 31.28 -38.15 46.71
CA LYS B 690 31.71 -39.25 47.57
C LYS B 690 31.50 -38.88 49.04
N ASP B 691 31.60 -39.90 49.91
CA ASP B 691 31.37 -39.69 51.33
C ASP B 691 32.43 -38.76 51.92
N LYS B 692 33.71 -38.97 51.58
CA LYS B 692 34.75 -38.08 52.06
C LYS B 692 34.58 -36.67 51.49
N GLU B 693 34.28 -36.59 50.19
CA GLU B 693 34.03 -35.29 49.58
C GLU B 693 32.80 -34.64 50.19
N ARG B 694 31.76 -35.45 50.48
CA ARG B 694 30.57 -34.91 51.11
C ARG B 694 30.89 -34.34 52.49
N THR B 695 31.70 -35.06 53.27
CA THR B 695 32.08 -34.55 54.59
C THR B 695 32.90 -33.28 54.47
N THR B 696 33.80 -33.21 53.51
CA THR B 696 34.58 -31.98 53.31
C THR B 696 33.67 -30.82 52.95
N ILE B 697 32.73 -31.05 52.04
CA ILE B 697 31.81 -30.00 51.62
C ILE B 697 30.99 -29.52 52.82
N ALA B 698 30.49 -30.46 53.62
CA ALA B 698 29.73 -30.08 54.81
C ALA B 698 30.58 -29.24 55.74
N GLN B 699 31.78 -29.73 56.07
CA GLN B 699 32.67 -28.97 56.95
C GLN B 699 32.88 -27.56 56.43
N GLN B 700 32.95 -27.41 55.10
CA GLN B 700 33.21 -26.09 54.53
C GLN B 700 31.99 -25.17 54.64
N VAL B 701 30.80 -25.67 54.26
CA VAL B 701 29.68 -24.76 54.02
C VAL B 701 28.82 -24.61 55.27
N LYS B 702 28.70 -25.67 56.08
CA LYS B 702 27.80 -25.64 57.23
C LYS B 702 28.00 -24.41 58.11
N GLY B 703 29.16 -23.77 58.03
CA GLY B 703 29.40 -22.57 58.83
C GLY B 703 28.72 -21.32 58.31
N LYS B 704 28.15 -21.38 57.11
CA LYS B 704 27.48 -20.21 56.55
C LYS B 704 26.27 -20.61 55.71
N LYS B 705 25.73 -19.67 54.94
CA LYS B 705 24.51 -19.87 54.16
C LYS B 705 24.83 -19.87 52.67
N VAL B 706 23.82 -20.17 51.87
CA VAL B 706 23.94 -20.25 50.42
C VAL B 706 22.68 -19.70 49.78
N TRP B 707 22.84 -19.14 48.58
CA TRP B 707 21.74 -18.52 47.84
C TRP B 707 21.79 -18.95 46.37
N ILE B 708 21.94 -20.25 46.14
CA ILE B 708 22.06 -20.79 44.79
C ILE B 708 20.71 -21.32 44.35
N GLY B 709 20.56 -21.47 43.03
CA GLY B 709 19.35 -22.03 42.46
C GLY B 709 19.51 -23.50 42.08
N ILE B 710 18.39 -24.20 42.05
CA ILE B 710 18.42 -25.64 41.78
C ILE B 710 19.02 -25.92 40.41
N LYS B 711 18.55 -25.21 39.38
CA LYS B 711 19.13 -25.38 38.05
C LYS B 711 20.59 -24.93 38.04
N LYS B 712 20.89 -23.82 38.71
CA LYS B 712 22.27 -23.38 38.83
C LYS B 712 23.09 -24.40 39.59
N LEU B 713 22.51 -25.02 40.61
CA LEU B 713 23.23 -26.06 41.35
C LEU B 713 23.58 -27.23 40.44
N LEU B 714 22.62 -27.68 39.63
CA LEU B 714 22.90 -28.78 38.71
C LEU B 714 23.98 -28.40 37.72
N MET B 715 23.90 -27.18 37.17
CA MET B 715 24.91 -26.74 36.22
C MET B 715 26.29 -26.71 36.84
N LEU B 716 26.39 -26.18 38.07
CA LEU B 716 27.68 -26.12 38.75
C LEU B 716 28.22 -27.51 39.01
N ILE B 717 27.36 -28.44 39.44
CA ILE B 717 27.80 -29.81 39.66
C ILE B 717 28.35 -30.40 38.38
N GLU B 718 27.66 -30.15 37.26
CA GLU B 718 28.12 -30.68 35.99
C GLU B 718 29.48 -30.11 35.60
N MET B 719 29.68 -28.80 35.79
CA MET B 719 30.98 -28.21 35.47
C MET B 719 32.07 -28.78 36.36
N SER B 720 31.78 -28.98 37.65
CA SER B 720 32.80 -29.39 38.60
C SER B 720 33.42 -30.74 38.28
N LEU B 721 32.76 -31.58 37.48
CA LEU B 721 33.24 -32.93 37.21
C LEU B 721 34.27 -32.99 36.09
N GLN B 722 34.57 -31.87 35.43
CA GLN B 722 35.46 -31.88 34.28
C GLN B 722 36.94 -31.79 34.65
N MET B 723 37.26 -31.48 35.91
CA MET B 723 38.65 -31.43 36.34
C MET B 723 39.11 -32.84 36.73
N ASP B 724 40.39 -32.94 37.09
CA ASP B 724 40.95 -34.21 37.49
C ASP B 724 40.24 -34.71 38.75
N PRO B 725 40.09 -36.04 38.90
CA PRO B 725 39.30 -36.54 40.04
C PRO B 725 39.77 -36.03 41.39
N GLU B 726 41.08 -35.89 41.60
CA GLU B 726 41.56 -35.36 42.85
C GLU B 726 41.16 -33.91 43.03
N TYR B 727 41.33 -33.09 41.98
CA TYR B 727 41.06 -31.66 42.04
C TYR B 727 39.67 -31.36 41.47
N ARG B 728 38.66 -31.77 42.22
CA ARG B 728 37.27 -31.48 41.88
C ARG B 728 36.52 -30.78 43.00
N VAL B 729 36.72 -31.21 44.25
CA VAL B 729 36.04 -30.57 45.37
C VAL B 729 36.45 -29.12 45.49
N ARG B 730 37.75 -28.84 45.32
CA ARG B 730 38.21 -27.46 45.39
C ARG B 730 37.57 -26.61 44.30
N LYS B 731 37.47 -27.14 43.09
CA LYS B 731 36.84 -26.40 42.01
C LYS B 731 35.38 -26.11 42.33
N PHE B 732 34.66 -27.13 42.80
CA PHE B 732 33.25 -26.94 43.13
C PHE B 732 33.09 -25.89 44.22
N LEU B 733 33.92 -25.96 45.26
CA LEU B 733 33.81 -25.01 46.36
C LEU B 733 34.14 -23.59 45.89
N ALA B 734 35.17 -23.44 45.06
CA ALA B 734 35.52 -22.11 44.57
C ALA B 734 34.38 -21.55 43.71
N LEU B 735 33.79 -22.37 42.84
CA LEU B 735 32.70 -21.90 42.02
C LEU B 735 31.51 -21.50 42.87
N LEU B 736 31.17 -22.30 43.88
CA LEU B 736 30.06 -21.97 44.74
C LEU B 736 30.32 -20.68 45.52
N ARG B 737 31.53 -20.53 46.05
CA ARG B 737 31.85 -19.32 46.80
C ARG B 737 31.78 -18.09 45.91
N GLU B 738 32.30 -18.18 44.68
CA GLU B 738 32.20 -17.06 43.77
C GLU B 738 30.74 -16.75 43.42
N GLU B 739 29.94 -17.80 43.21
CA GLU B 739 28.55 -17.60 42.80
C GLU B 739 27.65 -17.18 43.96
N GLY B 740 28.09 -17.37 45.20
CA GLY B 740 27.29 -16.96 46.33
C GLY B 740 26.97 -15.48 46.29
N ALA B 741 25.68 -15.15 46.35
CA ALA B 741 25.23 -13.77 46.26
C ALA B 741 24.21 -13.50 47.36
N SER B 742 24.20 -12.25 47.82
CA SER B 742 23.26 -11.86 48.87
C SER B 742 21.83 -11.92 48.34
N PRO B 743 20.85 -12.19 49.22
CA PRO B 743 19.45 -12.24 48.76
C PRO B 743 19.02 -10.96 48.05
N GLU C 206 -59.03 3.93 -34.26
CA GLU C 206 -58.57 3.39 -32.98
C GLU C 206 -58.57 4.48 -31.92
N ASN C 207 -58.71 4.08 -30.65
CA ASN C 207 -58.74 4.99 -29.53
C ASN C 207 -57.82 4.49 -28.43
N ARG C 208 -57.30 5.42 -27.64
CA ARG C 208 -56.39 5.09 -26.57
C ARG C 208 -57.12 4.45 -25.39
N GLN C 209 -56.37 3.66 -24.63
CA GLN C 209 -56.90 2.97 -23.46
C GLN C 209 -56.07 3.36 -22.24
N SER C 210 -56.75 3.54 -21.10
CA SER C 210 -56.06 3.90 -19.88
C SER C 210 -55.01 2.85 -19.53
N ILE C 211 -53.81 3.31 -19.16
CA ILE C 211 -52.73 2.38 -18.85
C ILE C 211 -53.06 1.59 -17.58
N ILE C 212 -53.90 2.14 -16.71
CA ILE C 212 -54.25 1.43 -15.48
C ILE C 212 -54.99 0.15 -15.83
N ASN C 213 -54.69 -0.91 -15.08
CA ASN C 213 -55.36 -2.18 -15.31
C ASN C 213 -56.85 -2.04 -15.05
N PRO C 214 -57.72 -2.63 -15.90
CA PRO C 214 -59.17 -2.49 -15.66
C PRO C 214 -59.60 -2.95 -14.27
N ASP C 215 -58.99 -4.02 -13.76
CA ASP C 215 -59.27 -4.53 -12.42
C ASP C 215 -58.07 -4.24 -11.53
N TRP C 216 -58.31 -3.53 -10.43
CA TRP C 216 -57.26 -3.22 -9.47
C TRP C 216 -57.90 -2.69 -8.20
N ASN C 217 -57.24 -2.94 -7.07
CA ASN C 217 -57.79 -2.63 -5.76
C ASN C 217 -56.65 -2.62 -4.73
N PHE C 218 -56.56 -1.51 -4.00
CA PHE C 218 -55.50 -1.35 -3.00
C PHE C 218 -55.58 -2.37 -1.87
N GLU C 219 -56.74 -2.96 -1.62
CA GLU C 219 -56.82 -4.06 -0.67
C GLU C 219 -56.28 -5.35 -1.30
N LYS C 220 -56.46 -5.52 -2.61
CA LYS C 220 -55.86 -6.62 -3.32
C LYS C 220 -54.35 -6.45 -3.46
N MET C 221 -53.85 -5.22 -3.30
CA MET C 221 -52.41 -5.00 -3.43
C MET C 221 -51.63 -5.92 -2.50
N GLY C 222 -52.16 -6.20 -1.32
CA GLY C 222 -51.47 -7.03 -0.36
C GLY C 222 -50.45 -6.32 0.50
N ILE C 223 -50.35 -5.00 0.39
CA ILE C 223 -49.38 -4.21 1.16
C ILE C 223 -50.13 -3.48 2.27
N GLY C 224 -49.49 -3.39 3.43
CA GLY C 224 -50.08 -2.70 4.57
C GLY C 224 -49.05 -1.93 5.35
N GLY C 225 -49.49 -0.83 5.94
CA GLY C 225 -48.63 0.01 6.73
C GLY C 225 -47.82 1.03 5.96
N LEU C 226 -48.09 1.20 4.66
CA LEU C 226 -47.35 2.14 3.83
C LEU C 226 -48.32 2.97 2.99
N ASP C 227 -49.37 3.48 3.63
CA ASP C 227 -50.38 4.24 2.89
C ASP C 227 -49.85 5.57 2.41
N LYS C 228 -49.20 6.33 3.29
CA LYS C 228 -48.74 7.66 2.92
C LYS C 228 -47.67 7.60 1.84
N GLU C 229 -46.74 6.64 1.96
CA GLU C 229 -45.69 6.51 0.96
C GLU C 229 -46.28 6.21 -0.42
N PHE C 230 -47.25 5.28 -0.48
CA PHE C 230 -47.87 4.97 -1.76
C PHE C 230 -48.65 6.17 -2.29
N SER C 231 -49.32 6.92 -1.41
CA SER C 231 -50.03 8.10 -1.85
C SER C 231 -49.08 9.10 -2.48
N ASP C 232 -47.94 9.34 -1.84
CA ASP C 232 -46.96 10.28 -2.39
C ASP C 232 -46.39 9.76 -3.72
N ILE C 233 -46.13 8.46 -3.80
CA ILE C 233 -45.62 7.89 -5.04
C ILE C 233 -46.61 8.11 -6.17
N PHE C 234 -47.90 7.84 -5.91
CA PHE C 234 -48.92 8.06 -6.92
C PHE C 234 -49.01 9.53 -7.30
N ARG C 235 -48.93 10.42 -6.32
CA ARG C 235 -49.04 11.85 -6.60
C ARG C 235 -47.89 12.33 -7.50
N ARG C 236 -46.67 11.89 -7.21
CA ARG C 236 -45.51 12.41 -7.93
C ARG C 236 -45.28 11.73 -9.28
N ALA C 237 -45.43 10.40 -9.35
CA ALA C 237 -45.08 9.65 -10.55
C ALA C 237 -46.27 9.39 -11.46
N PHE C 238 -47.45 9.17 -10.90
CA PHE C 238 -48.57 8.64 -11.65
C PHE C 238 -49.73 9.63 -11.77
N ALA C 239 -49.60 10.83 -11.20
CA ALA C 239 -50.68 11.81 -11.26
C ALA C 239 -50.84 12.39 -12.66
N SER C 240 -49.86 12.19 -13.54
CA SER C 240 -49.89 12.78 -14.87
C SER C 240 -50.18 11.76 -15.96
N ARG C 241 -50.07 10.47 -15.68
CA ARG C 241 -50.30 9.43 -16.67
C ARG C 241 -51.74 8.92 -16.67
N VAL C 242 -52.60 9.47 -15.84
CA VAL C 242 -54.02 9.10 -15.82
C VAL C 242 -54.94 10.21 -16.27
N PHE C 243 -54.46 11.44 -16.38
CA PHE C 243 -55.30 12.54 -16.81
C PHE C 243 -55.62 12.40 -18.29
N PRO C 244 -56.69 13.03 -18.77
CA PRO C 244 -56.98 13.00 -20.21
C PRO C 244 -55.81 13.53 -21.00
N PRO C 245 -55.54 12.95 -22.18
CA PRO C 245 -54.29 13.29 -22.88
C PRO C 245 -54.28 14.68 -23.50
N GLU C 246 -55.43 15.23 -23.89
CA GLU C 246 -55.42 16.50 -24.61
C GLU C 246 -54.87 17.63 -23.73
N ILE C 247 -55.30 17.68 -22.46
CA ILE C 247 -54.88 18.77 -21.59
C ILE C 247 -53.40 18.65 -21.25
N VAL C 248 -52.95 17.43 -20.93
CA VAL C 248 -51.53 17.25 -20.63
C VAL C 248 -50.67 17.58 -21.83
N GLU C 249 -51.17 17.27 -23.04
CA GLU C 249 -50.48 17.72 -24.24
C GLU C 249 -50.43 19.24 -24.30
N GLN C 250 -51.55 19.90 -23.99
CA GLN C 250 -51.56 21.35 -23.93
C GLN C 250 -50.78 21.85 -22.72
N MET C 251 -50.66 21.03 -21.67
CA MET C 251 -49.89 21.43 -20.50
C MET C 251 -48.43 21.63 -20.85
N GLY C 252 -47.87 20.79 -21.71
CA GLY C 252 -46.47 20.90 -22.08
C GLY C 252 -45.52 20.56 -20.95
N CYS C 253 -45.84 19.52 -20.17
CA CYS C 253 -45.01 19.08 -19.05
C CYS C 253 -44.59 17.64 -19.28
N LYS C 254 -43.32 17.35 -19.00
CA LYS C 254 -42.80 16.01 -19.16
C LYS C 254 -43.10 15.16 -17.92
N HIS C 255 -42.82 13.86 -18.03
CA HIS C 255 -43.11 12.91 -16.97
C HIS C 255 -41.85 12.57 -16.19
N VAL C 256 -42.02 12.35 -14.89
CA VAL C 256 -40.91 11.94 -14.05
C VAL C 256 -40.49 10.53 -14.42
N LYS C 257 -39.18 10.29 -14.43
CA LYS C 257 -38.60 9.03 -14.89
C LYS C 257 -37.55 8.53 -13.90
N GLY C 258 -37.89 8.51 -12.62
CA GLY C 258 -36.95 8.02 -11.62
C GLY C 258 -37.54 7.90 -10.23
N ILE C 259 -37.27 6.78 -9.56
CA ILE C 259 -37.70 6.56 -8.18
C ILE C 259 -36.59 5.85 -7.44
N LEU C 260 -36.35 6.25 -6.19
CA LEU C 260 -35.34 5.65 -5.35
C LEU C 260 -35.93 5.38 -3.97
N LEU C 261 -35.83 4.14 -3.50
CA LEU C 261 -36.35 3.72 -2.21
C LEU C 261 -35.21 3.20 -1.35
N TYR C 262 -35.13 3.69 -0.11
CA TYR C 262 -34.07 3.31 0.81
C TYR C 262 -34.65 3.13 2.21
N GLY C 263 -34.01 2.26 2.98
CA GLY C 263 -34.45 2.00 4.33
C GLY C 263 -33.82 0.74 4.91
N PRO C 264 -34.23 0.37 6.12
CA PRO C 264 -33.68 -0.84 6.75
C PRO C 264 -34.16 -2.10 6.05
N PRO C 265 -33.43 -3.20 6.16
CA PRO C 265 -33.80 -4.42 5.43
C PRO C 265 -35.12 -5.00 5.91
N GLY C 266 -35.78 -5.71 5.00
CA GLY C 266 -36.99 -6.44 5.32
C GLY C 266 -38.14 -5.57 5.76
N CYS C 267 -38.63 -4.72 4.86
CA CYS C 267 -39.80 -3.90 5.13
C CYS C 267 -40.82 -3.83 4.00
N GLY C 268 -40.47 -4.27 2.78
CA GLY C 268 -41.42 -4.26 1.70
C GLY C 268 -40.96 -3.50 0.47
N LYS C 269 -39.64 -3.32 0.32
CA LYS C 269 -39.11 -2.63 -0.85
C LYS C 269 -39.38 -3.43 -2.12
N THR C 270 -38.86 -4.66 -2.17
CA THR C 270 -39.03 -5.48 -3.37
C THR C 270 -40.50 -5.77 -3.64
N LEU C 271 -41.27 -6.04 -2.58
CA LEU C 271 -42.70 -6.28 -2.76
C LEU C 271 -43.39 -5.07 -3.38
N LEU C 272 -43.06 -3.87 -2.88
CA LEU C 272 -43.67 -2.66 -3.42
C LEU C 272 -43.28 -2.48 -4.88
N ALA C 273 -42.01 -2.71 -5.21
CA ALA C 273 -41.57 -2.55 -6.60
C ALA C 273 -42.30 -3.52 -7.52
N ARG C 274 -42.38 -4.79 -7.11
CA ARG C 274 -43.07 -5.78 -7.93
C ARG C 274 -44.55 -5.42 -8.10
N GLN C 275 -45.20 -4.99 -7.02
CA GLN C 275 -46.62 -4.67 -7.11
C GLN C 275 -46.86 -3.46 -8.00
N ILE C 276 -46.04 -2.41 -7.87
CA ILE C 276 -46.24 -1.23 -8.70
C ILE C 276 -45.97 -1.58 -10.17
N GLY C 277 -44.99 -2.45 -10.42
CA GLY C 277 -44.79 -2.91 -11.78
C GLY C 277 -45.97 -3.66 -12.34
N LYS C 278 -46.56 -4.55 -11.52
CA LYS C 278 -47.67 -5.36 -11.99
C LYS C 278 -48.94 -4.54 -12.22
N MET C 279 -49.21 -3.55 -11.36
CA MET C 279 -50.51 -2.88 -11.42
C MET C 279 -50.72 -2.21 -12.76
N LEU C 280 -49.68 -1.60 -13.32
CA LEU C 280 -49.77 -1.03 -14.65
C LEU C 280 -50.17 -2.11 -15.66
N ASN C 281 -51.04 -1.74 -16.60
CA ASN C 281 -51.36 -2.59 -17.74
C ASN C 281 -50.31 -2.39 -18.83
N ALA C 282 -49.06 -2.53 -18.42
CA ALA C 282 -47.89 -2.27 -19.25
C ALA C 282 -47.19 -3.59 -19.57
N ARG C 283 -46.06 -3.48 -20.26
CA ARG C 283 -45.29 -4.66 -20.60
C ARG C 283 -44.61 -5.23 -19.36
N GLU C 284 -44.14 -6.46 -19.48
CA GLU C 284 -43.53 -7.15 -18.35
C GLU C 284 -42.27 -6.41 -17.92
N PRO C 285 -42.06 -6.17 -16.62
CA PRO C 285 -40.85 -5.47 -16.20
C PRO C 285 -39.60 -6.23 -16.59
N LYS C 286 -38.55 -5.48 -16.93
CA LYS C 286 -37.27 -6.07 -17.35
C LYS C 286 -36.36 -6.20 -16.12
N VAL C 287 -36.66 -7.22 -15.32
CA VAL C 287 -35.95 -7.40 -14.06
C VAL C 287 -34.47 -7.58 -14.32
N VAL C 288 -33.65 -7.09 -13.38
CA VAL C 288 -32.21 -7.24 -13.42
C VAL C 288 -31.73 -7.66 -12.04
N ASN C 289 -30.90 -8.70 -11.99
CA ASN C 289 -30.41 -9.22 -10.71
C ASN C 289 -29.13 -8.50 -10.29
N GLY C 290 -29.22 -7.17 -10.24
CA GLY C 290 -28.11 -6.34 -9.85
C GLY C 290 -26.87 -6.61 -10.68
N PRO C 291 -25.82 -7.16 -10.07
CA PRO C 291 -24.56 -7.39 -10.83
C PRO C 291 -24.66 -8.58 -11.78
N GLU C 292 -25.25 -8.33 -12.95
CA GLU C 292 -25.46 -9.37 -13.94
C GLU C 292 -25.16 -8.92 -15.37
N ILE C 293 -24.54 -7.76 -15.55
CA ILE C 293 -24.22 -7.24 -16.87
C ILE C 293 -22.73 -7.29 -17.16
N LEU C 294 -21.91 -7.66 -16.17
CA LEU C 294 -20.46 -7.68 -16.33
C LEU C 294 -20.05 -8.84 -17.21
N ASN C 295 -19.44 -8.53 -18.36
CA ASN C 295 -18.97 -9.55 -19.29
C ASN C 295 -17.57 -9.17 -19.77
N LYS C 296 -16.73 -10.17 -20.07
CA LYS C 296 -15.31 -9.95 -20.44
C LYS C 296 -15.12 -9.21 -21.75
N TYR C 297 -15.95 -9.44 -22.78
CA TYR C 297 -15.66 -8.85 -24.08
C TYR C 297 -15.75 -7.33 -24.02
N VAL C 298 -14.75 -6.67 -24.59
CA VAL C 298 -14.63 -5.22 -24.55
C VAL C 298 -15.83 -4.64 -25.29
N GLY C 299 -16.70 -3.94 -24.55
CA GLY C 299 -17.84 -3.28 -25.16
C GLY C 299 -19.04 -4.19 -25.32
N GLU C 300 -19.37 -4.97 -24.29
CA GLU C 300 -20.56 -5.82 -24.28
C GLU C 300 -21.55 -5.45 -23.20
N SER C 301 -21.10 -5.17 -21.98
CA SER C 301 -22.01 -4.63 -20.97
C SER C 301 -22.72 -3.40 -21.51
N GLU C 302 -21.96 -2.51 -22.15
CA GLU C 302 -22.57 -1.38 -22.84
C GLU C 302 -23.56 -1.84 -23.89
N ALA C 303 -23.32 -2.99 -24.52
CA ALA C 303 -24.22 -3.48 -25.56
C ALA C 303 -25.62 -3.73 -25.02
N ASN C 304 -25.72 -4.40 -23.86
CA ASN C 304 -27.03 -4.67 -23.28
C ASN C 304 -27.63 -3.41 -22.67
N ILE C 305 -26.80 -2.63 -21.98
CA ILE C 305 -27.26 -1.36 -21.42
C ILE C 305 -27.90 -0.52 -22.51
N ARG C 306 -27.34 -0.60 -23.72
CA ARG C 306 -27.98 0.02 -24.87
C ARG C 306 -29.26 -0.72 -25.24
N LYS C 307 -29.13 -2.02 -25.56
CA LYS C 307 -30.25 -2.81 -26.06
C LYS C 307 -31.57 -2.48 -25.37
N LEU C 308 -31.55 -2.34 -24.05
CA LEU C 308 -32.80 -2.03 -23.35
C LEU C 308 -33.43 -0.73 -23.89
N PHE C 309 -32.73 0.38 -23.68
CA PHE C 309 -33.26 1.66 -24.13
C PHE C 309 -33.36 1.73 -25.65
N ALA C 310 -32.65 0.86 -26.35
CA ALA C 310 -32.71 0.82 -27.81
C ALA C 310 -34.02 0.23 -28.30
N ASP C 311 -34.47 -0.86 -27.68
CA ASP C 311 -35.82 -1.35 -27.98
C ASP C 311 -36.86 -0.32 -27.58
N ALA C 312 -36.65 0.35 -26.45
CA ALA C 312 -37.55 1.44 -26.09
C ALA C 312 -37.60 2.50 -27.19
N GLU C 313 -36.42 2.88 -27.71
CA GLU C 313 -36.33 3.88 -28.76
C GLU C 313 -37.02 3.41 -30.03
N GLU C 314 -36.84 2.14 -30.38
CA GLU C 314 -37.49 1.60 -31.56
C GLU C 314 -39.01 1.70 -31.45
N GLU C 315 -39.55 1.31 -30.29
CA GLU C 315 -40.99 1.42 -30.10
C GLU C 315 -41.45 2.87 -30.19
N GLN C 316 -40.71 3.77 -29.54
CA GLN C 316 -41.10 5.19 -29.56
C GLN C 316 -41.10 5.73 -30.99
N ARG C 317 -40.04 5.43 -31.74
CA ARG C 317 -39.92 5.95 -33.10
C ARG C 317 -41.01 5.39 -34.00
N ARG C 318 -41.27 4.08 -33.89
CA ARG C 318 -42.28 3.47 -34.76
C ARG C 318 -43.67 4.02 -34.45
N LEU C 319 -44.03 4.10 -33.17
CA LEU C 319 -45.37 4.57 -32.82
C LEU C 319 -45.44 6.08 -32.80
N GLY C 320 -44.57 6.73 -32.04
CA GLY C 320 -44.57 8.18 -31.92
C GLY C 320 -44.72 8.64 -30.50
N ALA C 321 -45.74 9.46 -30.22
CA ALA C 321 -45.98 9.98 -28.89
C ALA C 321 -46.80 9.05 -28.00
N ASN C 322 -47.37 7.99 -28.56
CA ASN C 322 -48.17 7.03 -27.81
C ASN C 322 -47.48 5.67 -27.91
N SER C 323 -47.05 5.13 -26.77
CA SER C 323 -46.34 3.86 -26.76
C SER C 323 -46.65 3.15 -25.45
N GLY C 324 -46.13 1.92 -25.33
CA GLY C 324 -46.30 1.12 -24.13
C GLY C 324 -45.20 1.40 -23.13
N LEU C 325 -45.59 1.94 -21.98
CA LEU C 325 -44.63 2.31 -20.95
C LEU C 325 -43.78 1.12 -20.55
N HIS C 326 -42.48 1.23 -20.77
CA HIS C 326 -41.54 0.21 -20.32
C HIS C 326 -41.25 0.38 -18.84
N ILE C 327 -40.61 -0.63 -18.26
CA ILE C 327 -40.15 -0.59 -16.88
C ILE C 327 -38.80 -1.28 -16.80
N ILE C 328 -37.94 -0.79 -15.91
CA ILE C 328 -36.63 -1.39 -15.67
C ILE C 328 -36.44 -1.38 -14.15
N ILE C 329 -36.53 -2.54 -13.53
CA ILE C 329 -36.46 -2.65 -12.06
C ILE C 329 -35.01 -2.93 -11.71
N PHE C 330 -34.27 -1.87 -11.42
CA PHE C 330 -32.89 -2.02 -10.98
C PHE C 330 -32.86 -2.55 -9.56
N ASP C 331 -32.06 -3.59 -9.31
CA ASP C 331 -31.94 -4.21 -8.01
C ASP C 331 -30.52 -4.00 -7.49
N GLU C 332 -30.40 -3.51 -6.26
CA GLU C 332 -29.11 -3.25 -5.63
C GLU C 332 -28.25 -2.36 -6.54
N ILE C 333 -28.74 -1.15 -6.76
CA ILE C 333 -28.06 -0.23 -7.67
C ILE C 333 -26.64 0.06 -7.20
N ASP C 334 -26.40 -0.01 -5.90
CA ASP C 334 -25.08 0.30 -5.35
C ASP C 334 -23.99 -0.62 -5.88
N ALA C 335 -24.34 -1.81 -6.39
CA ALA C 335 -23.34 -2.76 -6.86
C ALA C 335 -22.65 -2.31 -8.14
N ILE C 336 -23.29 -1.48 -8.96
CA ILE C 336 -22.74 -1.07 -10.25
C ILE C 336 -22.78 0.42 -10.47
N CYS C 337 -23.17 1.22 -9.48
CA CYS C 337 -23.28 2.67 -9.62
C CYS C 337 -22.64 3.37 -8.43
N LYS C 338 -21.43 2.97 -8.09
CA LYS C 338 -20.71 3.60 -6.99
C LYS C 338 -20.19 4.97 -7.40
N GLN C 339 -19.76 5.74 -6.40
CA GLN C 339 -19.27 7.09 -6.65
C GLN C 339 -18.09 7.06 -7.62
N ARG C 340 -18.10 7.98 -8.58
CA ARG C 340 -16.98 8.11 -9.50
C ARG C 340 -15.78 8.69 -8.77
N GLY C 341 -14.60 8.16 -9.06
CA GLY C 341 -13.39 8.60 -8.36
C GLY C 341 -13.13 10.08 -8.55
N SER C 342 -13.17 10.55 -9.80
CA SER C 342 -12.97 11.94 -10.19
C SER C 342 -11.54 12.42 -9.94
N MET C 343 -10.64 11.55 -9.48
CA MET C 343 -9.26 11.91 -9.23
C MET C 343 -8.34 11.02 -10.04
N ALA C 344 -7.23 11.58 -10.53
CA ALA C 344 -6.23 10.80 -11.23
C ALA C 344 -5.53 9.86 -10.25
N GLY C 345 -5.22 8.65 -10.72
CA GLY C 345 -4.58 7.66 -9.90
C GLY C 345 -5.52 6.86 -9.02
N SER C 346 -6.83 7.15 -9.06
CA SER C 346 -7.82 6.41 -8.28
C SER C 346 -9.06 6.12 -9.10
N THR C 347 -8.90 6.02 -10.43
CA THR C 347 -10.05 5.79 -11.29
C THR C 347 -10.71 4.46 -10.96
N GLY C 348 -12.04 4.44 -11.05
CA GLY C 348 -12.78 3.22 -10.75
C GLY C 348 -12.48 2.12 -11.74
N VAL C 349 -12.68 0.88 -11.28
CA VAL C 349 -12.42 -0.28 -12.13
C VAL C 349 -13.32 -0.25 -13.35
N HIS C 350 -14.60 0.07 -13.16
CA HIS C 350 -15.56 0.18 -14.25
C HIS C 350 -16.34 1.48 -14.08
N ASP C 351 -15.82 2.56 -14.64
CA ASP C 351 -16.55 3.82 -14.72
C ASP C 351 -17.22 4.02 -16.06
N THR C 352 -17.11 3.05 -16.97
CA THR C 352 -17.76 3.15 -18.27
C THR C 352 -19.26 2.90 -18.14
N VAL C 353 -19.66 1.99 -17.24
CA VAL C 353 -21.08 1.68 -17.08
C VAL C 353 -21.83 2.90 -16.54
N VAL C 354 -21.25 3.58 -15.55
CA VAL C 354 -21.90 4.75 -14.99
C VAL C 354 -22.10 5.81 -16.06
N ASN C 355 -21.05 6.08 -16.84
CA ASN C 355 -21.16 7.09 -17.89
C ASN C 355 -22.18 6.68 -18.93
N GLN C 356 -22.20 5.40 -19.32
CA GLN C 356 -23.16 4.94 -20.30
C GLN C 356 -24.59 5.14 -19.81
N LEU C 357 -24.86 4.75 -18.56
CA LEU C 357 -26.21 4.90 -18.03
C LEU C 357 -26.60 6.36 -17.92
N LEU C 358 -25.68 7.20 -17.44
CA LEU C 358 -25.98 8.63 -17.33
C LEU C 358 -26.29 9.22 -18.70
N SER C 359 -25.51 8.88 -19.71
CA SER C 359 -25.76 9.41 -21.05
C SER C 359 -27.08 8.92 -21.60
N LYS C 360 -27.40 7.64 -21.40
CA LYS C 360 -28.60 7.07 -22.00
C LYS C 360 -29.88 7.53 -21.32
N ILE C 361 -29.87 7.71 -20.00
CA ILE C 361 -31.09 8.11 -19.30
C ILE C 361 -31.57 9.46 -19.81
N ASP C 362 -30.65 10.41 -19.95
CA ASP C 362 -30.97 11.76 -20.44
C ASP C 362 -29.79 12.21 -21.31
N GLY C 363 -29.90 11.97 -22.62
CA GLY C 363 -28.89 12.33 -23.57
C GLY C 363 -29.40 13.29 -24.63
N VAL C 364 -28.69 13.33 -25.75
CA VAL C 364 -29.10 14.19 -26.86
C VAL C 364 -30.47 13.77 -27.38
N GLU C 365 -30.70 12.47 -27.53
CA GLU C 365 -31.99 11.95 -27.96
C GLU C 365 -32.93 11.85 -26.78
N GLN C 366 -34.16 12.32 -26.96
CA GLN C 366 -35.13 12.40 -25.88
C GLN C 366 -35.97 11.13 -25.81
N LEU C 367 -36.31 10.72 -24.59
CA LEU C 367 -37.20 9.60 -24.33
C LEU C 367 -38.37 10.08 -23.48
N ASN C 368 -39.54 9.47 -23.70
CA ASN C 368 -40.73 9.89 -22.97
C ASN C 368 -41.59 8.71 -22.52
N ASN C 369 -41.10 7.47 -22.65
CA ASN C 369 -41.87 6.28 -22.30
C ASN C 369 -41.02 5.31 -21.50
N ILE C 370 -40.32 5.82 -20.49
CA ILE C 370 -39.43 5.00 -19.67
C ILE C 370 -39.66 5.34 -18.20
N LEU C 371 -39.25 4.40 -17.34
CA LEU C 371 -39.36 4.58 -15.89
C LEU C 371 -38.41 3.59 -15.23
N VAL C 372 -37.56 4.09 -14.35
CA VAL C 372 -36.51 3.29 -13.71
C VAL C 372 -36.80 3.27 -12.21
N ILE C 373 -36.74 2.09 -11.61
CA ILE C 373 -36.91 1.95 -10.17
C ILE C 373 -35.64 1.38 -9.56
N GLY C 374 -35.14 2.03 -8.52
CA GLY C 374 -33.91 1.59 -7.89
C GLY C 374 -34.04 1.46 -6.38
N MET C 375 -33.82 0.26 -5.87
CA MET C 375 -33.87 -0.02 -4.43
C MET C 375 -32.47 -0.37 -3.94
N THR C 376 -32.12 0.16 -2.77
CA THR C 376 -30.79 -0.03 -2.21
C THR C 376 -30.87 0.14 -0.70
N ASN C 377 -29.78 -0.22 -0.03
CA ASN C 377 -29.67 -0.12 1.42
C ASN C 377 -28.71 0.97 1.88
N ARG C 378 -27.70 1.30 1.08
CA ARG C 378 -26.75 2.35 1.40
C ARG C 378 -27.09 3.58 0.56
N PRO C 379 -27.78 4.59 1.10
CA PRO C 379 -28.20 5.73 0.29
C PRO C 379 -27.16 6.82 0.13
N ASP C 380 -25.97 6.66 0.69
CA ASP C 380 -24.95 7.70 0.67
C ASP C 380 -23.78 7.35 -0.24
N LEU C 381 -24.00 6.50 -1.24
CA LEU C 381 -22.93 6.05 -2.11
C LEU C 381 -23.14 6.35 -3.58
N ILE C 382 -24.39 6.40 -4.07
CA ILE C 382 -24.62 6.63 -5.49
C ILE C 382 -24.09 7.99 -5.90
N ASP C 383 -23.74 8.12 -7.17
CA ASP C 383 -23.17 9.36 -7.67
C ASP C 383 -24.21 10.48 -7.66
N GLU C 384 -23.77 11.68 -7.27
CA GLU C 384 -24.69 12.81 -7.17
C GLU C 384 -25.28 13.18 -8.52
N ALA C 385 -24.52 13.00 -9.61
CA ALA C 385 -25.03 13.33 -10.93
C ALA C 385 -26.15 12.41 -11.36
N LEU C 386 -26.38 11.31 -10.64
CA LEU C 386 -27.41 10.35 -10.98
C LEU C 386 -28.72 10.63 -10.25
N LEU C 387 -28.80 11.67 -9.43
CA LEU C 387 -30.00 11.95 -8.64
C LEU C 387 -30.42 13.42 -8.73
N ARG C 388 -29.95 14.15 -9.72
CA ARG C 388 -30.41 15.51 -9.92
C ARG C 388 -31.82 15.50 -10.51
N PRO C 389 -32.60 16.55 -10.29
CA PRO C 389 -33.96 16.58 -10.86
C PRO C 389 -33.96 16.35 -12.36
N GLY C 390 -34.59 15.25 -12.78
CA GLY C 390 -34.61 14.83 -14.18
C GLY C 390 -34.07 13.44 -14.41
N ARG C 391 -33.33 12.88 -13.46
CA ARG C 391 -32.81 11.52 -13.55
C ARG C 391 -33.42 10.59 -12.50
N LEU C 392 -33.29 10.95 -11.22
CA LEU C 392 -33.90 10.20 -10.12
C LEU C 392 -34.40 11.23 -9.11
N GLU C 393 -35.67 11.61 -9.26
CA GLU C 393 -36.23 12.72 -8.48
C GLU C 393 -36.96 12.22 -7.23
N VAL C 394 -37.95 11.36 -7.40
CA VAL C 394 -38.80 10.92 -6.29
C VAL C 394 -37.96 10.04 -5.36
N LYS C 395 -37.82 10.47 -4.11
CA LYS C 395 -37.10 9.71 -3.09
C LYS C 395 -38.02 9.53 -1.89
N MET C 396 -38.12 8.29 -1.41
CA MET C 396 -38.96 7.96 -0.27
C MET C 396 -38.19 7.03 0.67
N GLU C 397 -38.55 7.08 1.94
CA GLU C 397 -37.95 6.25 2.98
C GLU C 397 -38.98 5.27 3.52
N ILE C 398 -38.63 3.99 3.51
CA ILE C 398 -39.51 2.93 3.98
C ILE C 398 -39.00 2.49 5.36
N GLY C 399 -39.62 2.99 6.42
CA GLY C 399 -39.19 2.73 7.77
C GLY C 399 -39.96 1.60 8.42
N LEU C 400 -39.62 1.36 9.69
CA LEU C 400 -40.27 0.30 10.45
C LEU C 400 -41.74 0.66 10.70
N PRO C 401 -42.61 -0.34 10.82
CA PRO C 401 -44.03 -0.08 11.04
C PRO C 401 -44.35 0.16 12.52
N ASP C 402 -45.58 0.58 12.75
CA ASP C 402 -46.11 0.85 14.08
C ASP C 402 -47.34 -0.03 14.32
N GLU C 403 -48.03 0.24 15.43
CA GLU C 403 -49.10 -0.66 15.89
C GLU C 403 -50.10 -0.96 14.78
N LYS C 404 -50.61 0.08 14.11
CA LYS C 404 -51.58 -0.15 13.05
C LYS C 404 -50.95 -0.94 11.90
N GLY C 405 -49.70 -0.64 11.56
CA GLY C 405 -49.02 -1.41 10.55
C GLY C 405 -48.92 -2.89 10.90
N ARG C 406 -48.55 -3.19 12.15
CA ARG C 406 -48.45 -4.58 12.56
C ARG C 406 -49.82 -5.25 12.50
N LEU C 407 -50.87 -4.55 12.92
CA LEU C 407 -52.21 -5.13 12.87
C LEU C 407 -52.60 -5.47 11.43
N GLN C 408 -52.36 -4.53 10.51
CA GLN C 408 -52.71 -4.79 9.11
C GLN C 408 -51.88 -5.94 8.55
N ILE C 409 -50.60 -6.01 8.91
CA ILE C 409 -49.74 -7.08 8.41
C ILE C 409 -50.28 -8.43 8.87
N LEU C 410 -50.60 -8.54 10.16
CA LEU C 410 -51.12 -9.81 10.67
C LEU C 410 -52.45 -10.16 10.01
N HIS C 411 -53.33 -9.17 9.83
CA HIS C 411 -54.60 -9.44 9.18
C HIS C 411 -54.38 -9.99 7.77
N ILE C 412 -53.50 -9.35 7.01
CA ILE C 412 -53.25 -9.78 5.64
C ILE C 412 -52.69 -11.20 5.62
N HIS C 413 -51.73 -11.48 6.50
CA HIS C 413 -51.09 -12.79 6.48
C HIS C 413 -51.96 -13.90 7.06
N THR C 414 -52.99 -13.58 7.84
CA THR C 414 -53.85 -14.60 8.43
C THR C 414 -55.22 -14.71 7.79
N ALA C 415 -55.55 -13.85 6.82
CA ALA C 415 -56.85 -13.94 6.16
C ALA C 415 -57.06 -15.32 5.53
N ARG C 416 -56.04 -15.83 4.84
CA ARG C 416 -56.17 -17.12 4.18
C ARG C 416 -56.56 -18.20 5.17
N MET C 417 -55.83 -18.30 6.28
CA MET C 417 -56.12 -19.32 7.28
C MET C 417 -57.51 -19.10 7.89
N ARG C 418 -57.85 -17.84 8.18
CA ARG C 418 -59.15 -17.54 8.78
C ARG C 418 -60.29 -17.87 7.84
N GLY C 419 -60.04 -17.95 6.54
CA GLY C 419 -61.14 -18.17 5.60
C GLY C 419 -61.67 -19.59 5.60
N HIS C 420 -60.89 -20.56 6.08
CA HIS C 420 -61.23 -21.97 5.98
C HIS C 420 -61.39 -22.63 7.35
N GLN C 421 -61.65 -21.83 8.38
CA GLN C 421 -61.88 -22.35 9.73
C GLN C 421 -60.70 -23.21 10.20
N LEU C 422 -59.54 -22.58 10.30
CA LEU C 422 -58.32 -23.22 10.77
C LEU C 422 -57.63 -22.34 11.80
N LEU C 423 -58.41 -21.82 12.74
CA LEU C 423 -57.86 -20.96 13.78
C LEU C 423 -58.83 -20.91 14.94
N SER C 424 -58.36 -21.29 16.13
CA SER C 424 -59.21 -21.25 17.31
C SER C 424 -59.62 -19.82 17.62
N ALA C 425 -60.85 -19.66 18.12
CA ALA C 425 -61.38 -18.32 18.38
C ALA C 425 -60.64 -17.61 19.51
N ASP C 426 -59.93 -18.34 20.37
CA ASP C 426 -59.29 -17.71 21.51
C ASP C 426 -58.16 -16.77 21.09
N VAL C 427 -57.42 -17.12 20.03
CA VAL C 427 -56.31 -16.28 19.61
C VAL C 427 -56.84 -14.94 19.12
N ASP C 428 -56.24 -13.86 19.59
CA ASP C 428 -56.63 -12.50 19.24
C ASP C 428 -55.43 -11.78 18.62
N ILE C 429 -55.62 -11.25 17.41
CA ILE C 429 -54.52 -10.58 16.73
C ILE C 429 -54.16 -9.27 17.43
N LYS C 430 -55.12 -8.63 18.09
CA LYS C 430 -54.85 -7.35 18.75
C LYS C 430 -53.81 -7.52 19.85
N GLU C 431 -53.91 -8.58 20.64
CA GLU C 431 -52.93 -8.81 21.70
C GLU C 431 -51.54 -9.01 21.13
N LEU C 432 -51.44 -9.80 20.05
CA LEU C 432 -50.13 -10.02 19.43
C LEU C 432 -49.57 -8.71 18.88
N ALA C 433 -50.41 -7.89 18.26
CA ALA C 433 -49.94 -6.61 17.74
C ALA C 433 -49.44 -5.70 18.86
N VAL C 434 -50.17 -5.66 19.98
CA VAL C 434 -49.76 -4.81 21.09
C VAL C 434 -48.46 -5.33 21.71
N GLU C 435 -48.31 -6.66 21.79
CA GLU C 435 -47.14 -7.23 22.43
C GLU C 435 -45.88 -6.97 21.61
N THR C 436 -45.84 -7.49 20.39
CA THR C 436 -44.63 -7.38 19.58
C THR C 436 -44.28 -5.92 19.33
N LYS C 437 -43.00 -5.58 19.51
CA LYS C 437 -42.50 -4.24 19.30
C LYS C 437 -41.25 -4.29 18.44
N ASN C 438 -41.08 -3.30 17.57
CA ASN C 438 -39.92 -3.22 16.69
C ASN C 438 -39.78 -4.49 15.86
N PHE C 439 -40.91 -5.02 15.40
CA PHE C 439 -40.93 -6.18 14.54
C PHE C 439 -41.15 -5.74 13.10
N SER C 440 -40.44 -6.39 12.17
CA SER C 440 -40.60 -6.11 10.75
C SER C 440 -41.36 -7.25 10.08
N GLY C 441 -42.05 -6.91 8.99
CA GLY C 441 -42.93 -7.84 8.30
C GLY C 441 -42.38 -9.26 8.19
N ALA C 442 -41.11 -9.37 7.79
CA ALA C 442 -40.49 -10.70 7.69
C ALA C 442 -40.60 -11.44 9.01
N GLU C 443 -40.40 -10.74 10.12
CA GLU C 443 -40.50 -11.39 11.43
C GLU C 443 -41.93 -11.86 11.70
N LEU C 444 -42.93 -11.08 11.31
CA LEU C 444 -44.31 -11.50 11.50
C LEU C 444 -44.61 -12.76 10.71
N GLU C 445 -44.18 -12.81 9.45
CA GLU C 445 -44.41 -14.00 8.64
C GLU C 445 -43.67 -15.20 9.24
N GLY C 446 -42.45 -14.98 9.74
CA GLY C 446 -41.74 -16.07 10.38
C GLY C 446 -42.44 -16.58 11.62
N LEU C 447 -43.00 -15.67 12.40
CA LEU C 447 -43.76 -16.08 13.58
C LEU C 447 -44.95 -16.95 13.19
N VAL C 448 -45.68 -16.52 12.16
CA VAL C 448 -46.83 -17.30 11.71
C VAL C 448 -46.39 -18.68 11.23
N ARG C 449 -45.31 -18.73 10.46
CA ARG C 449 -44.81 -20.01 9.96
C ARG C 449 -44.39 -20.92 11.10
N ALA C 450 -43.74 -20.36 12.12
CA ALA C 450 -43.34 -21.16 13.27
C ALA C 450 -44.55 -21.73 14.00
N ALA C 451 -45.61 -20.91 14.16
CA ALA C 451 -46.81 -21.41 14.80
C ALA C 451 -47.41 -22.56 13.99
N GLN C 452 -47.45 -22.42 12.67
CA GLN C 452 -47.96 -23.50 11.82
C GLN C 452 -47.14 -24.75 11.98
N SER C 453 -45.81 -24.61 12.00
CA SER C 453 -44.94 -25.77 12.13
C SER C 453 -45.17 -26.47 13.47
N THR C 454 -45.31 -25.69 14.54
CA THR C 454 -45.57 -26.31 15.85
C THR C 454 -46.90 -27.06 15.85
N ALA C 455 -47.93 -26.47 15.25
CA ALA C 455 -49.22 -27.17 15.18
C ALA C 455 -49.09 -28.48 14.42
N MET C 456 -48.42 -28.44 13.26
CA MET C 456 -48.24 -29.67 12.50
C MET C 456 -47.47 -30.71 13.29
N ASN C 457 -46.42 -30.28 13.99
CA ASN C 457 -45.68 -31.22 14.83
C ASN C 457 -46.62 -31.86 15.86
N ARG C 458 -47.46 -31.05 16.49
CA ARG C 458 -48.36 -31.59 17.51
C ARG C 458 -49.30 -32.61 16.91
N HIS C 459 -49.79 -32.37 15.71
CA HIS C 459 -50.82 -33.23 15.10
C HIS C 459 -50.24 -34.34 14.23
N ILE C 460 -49.01 -34.79 14.48
CA ILE C 460 -48.45 -35.94 13.78
C ILE C 460 -48.09 -37.01 14.79
N LYS C 461 -48.46 -38.25 14.51
CA LYS C 461 -48.14 -39.38 15.37
C LYS C 461 -47.17 -40.33 14.68
N LYS C 472 -56.63 -38.47 11.99
CA LYS C 472 -56.98 -37.57 13.08
C LYS C 472 -56.74 -36.12 12.68
N ALA C 473 -56.14 -35.92 11.50
CA ALA C 473 -55.82 -34.58 11.03
C ALA C 473 -57.05 -33.74 10.73
N GLU C 474 -58.23 -34.34 10.69
CA GLU C 474 -59.44 -33.59 10.37
C GLU C 474 -59.68 -32.46 11.37
N SER C 475 -59.48 -32.75 12.66
CA SER C 475 -59.71 -31.75 13.71
C SER C 475 -58.43 -30.96 13.99
N LEU C 476 -57.89 -30.37 12.92
CA LEU C 476 -56.68 -29.58 13.00
C LEU C 476 -57.02 -28.14 13.31
N GLN C 477 -56.26 -27.53 14.22
CA GLN C 477 -56.49 -26.14 14.60
C GLN C 477 -55.22 -25.57 15.22
N VAL C 478 -55.19 -24.25 15.35
CA VAL C 478 -54.06 -23.53 15.92
C VAL C 478 -54.57 -22.73 17.11
N THR C 479 -53.85 -22.82 18.23
CA THR C 479 -54.25 -22.17 19.47
C THR C 479 -53.18 -21.20 19.95
N ARG C 480 -53.51 -20.48 21.01
CA ARG C 480 -52.59 -19.47 21.54
C ARG C 480 -51.27 -20.08 21.98
N GLY C 481 -51.28 -21.34 22.37
CA GLY C 481 -50.05 -21.98 22.81
C GLY C 481 -48.96 -21.94 21.75
N ASP C 482 -49.32 -22.25 20.50
CA ASP C 482 -48.35 -22.21 19.42
C ASP C 482 -47.74 -20.82 19.29
N PHE C 483 -48.59 -19.79 19.22
CA PHE C 483 -48.09 -18.43 19.07
C PHE C 483 -47.15 -18.06 20.22
N LEU C 484 -47.57 -18.33 21.45
CA LEU C 484 -46.77 -17.91 22.60
C LEU C 484 -45.44 -18.65 22.63
N ALA C 485 -45.45 -19.97 22.43
CA ALA C 485 -44.21 -20.72 22.46
C ALA C 485 -43.26 -20.27 21.36
N SER C 486 -43.78 -20.09 20.14
CA SER C 486 -42.93 -19.64 19.04
C SER C 486 -42.34 -18.26 19.34
N LEU C 487 -43.16 -17.36 19.90
CA LEU C 487 -42.68 -16.04 20.24
C LEU C 487 -41.58 -16.08 21.29
N GLU C 488 -41.73 -16.90 22.33
CA GLU C 488 -40.77 -16.94 23.43
C GLU C 488 -39.49 -17.67 23.09
N ASN C 489 -39.54 -18.70 22.24
CA ASN C 489 -38.36 -19.54 22.01
C ASN C 489 -37.85 -19.53 20.58
N ASP C 490 -38.72 -19.29 19.59
CA ASP C 490 -38.39 -19.53 18.20
C ASP C 490 -37.77 -18.32 17.51
N ILE C 491 -38.49 -17.19 17.48
CA ILE C 491 -38.12 -16.05 16.66
C ILE C 491 -37.43 -15.01 17.53
N LYS C 492 -36.30 -14.50 17.05
CA LYS C 492 -35.53 -13.47 17.73
C LYS C 492 -35.45 -12.23 16.84
N PRO C 493 -35.96 -11.09 17.26
CA PRO C 493 -35.93 -9.89 16.42
C PRO C 493 -34.51 -9.33 16.31
N ALA C 494 -34.33 -8.42 15.35
CA ALA C 494 -33.05 -7.76 15.14
C ALA C 494 -32.95 -6.41 15.82
N PHE C 495 -34.01 -5.59 15.78
CA PHE C 495 -34.05 -4.31 16.46
C PHE C 495 -34.83 -4.39 17.77
N GLY C 496 -34.74 -5.52 18.45
CA GLY C 496 -35.48 -5.73 19.67
C GLY C 496 -34.61 -6.09 20.85
N THR C 497 -35.22 -6.73 21.86
CA THR C 497 -34.53 -7.09 23.09
C THR C 497 -34.56 -8.60 23.26
N ASN C 498 -33.43 -9.14 23.72
CA ASN C 498 -33.31 -10.57 24.00
C ASN C 498 -32.90 -10.75 25.45
N GLN C 499 -33.45 -11.79 26.09
CA GLN C 499 -33.25 -12.04 27.50
C GLN C 499 -32.09 -12.99 27.77
N GLU C 500 -31.09 -13.01 26.90
CA GLU C 500 -29.90 -13.85 27.09
C GLU C 500 -28.72 -13.07 27.66
N ASP C 501 -28.47 -11.86 27.16
CA ASP C 501 -27.33 -11.08 27.65
C ASP C 501 -27.46 -10.80 29.14
N TYR C 502 -28.64 -10.38 29.58
CA TYR C 502 -28.82 -10.06 31.00
C TYR C 502 -28.60 -11.29 31.86
N ALA C 503 -29.16 -12.43 31.45
CA ALA C 503 -28.94 -13.66 32.20
C ALA C 503 -27.48 -14.06 32.20
N SER C 504 -26.73 -13.70 31.15
CA SER C 504 -25.31 -14.00 31.10
C SER C 504 -24.49 -13.07 31.98
N TYR C 505 -24.97 -11.85 32.21
CA TYR C 505 -24.22 -10.88 33.00
C TYR C 505 -24.55 -10.95 34.48
N ILE C 506 -25.83 -11.04 34.83
CA ILE C 506 -26.25 -11.14 36.24
C ILE C 506 -26.22 -12.64 36.57
N MET C 507 -25.05 -13.10 36.95
CA MET C 507 -24.85 -14.54 37.17
C MET C 507 -25.50 -15.03 38.46
N ASN C 508 -25.39 -14.26 39.55
CA ASN C 508 -25.90 -14.68 40.85
C ASN C 508 -26.93 -13.69 41.39
N GLY C 509 -27.63 -12.98 40.51
CA GLY C 509 -28.68 -12.10 40.95
C GLY C 509 -28.15 -10.88 41.69
N ILE C 510 -29.05 -10.23 42.43
CA ILE C 510 -28.74 -9.04 43.20
C ILE C 510 -29.33 -9.22 44.59
N ILE C 511 -28.53 -8.92 45.62
CA ILE C 511 -28.95 -9.07 47.01
C ILE C 511 -28.80 -7.73 47.71
N LYS C 512 -29.80 -7.37 48.52
CA LYS C 512 -29.79 -6.11 49.27
C LYS C 512 -28.92 -6.30 50.50
N TRP C 513 -27.63 -6.00 50.37
CA TRP C 513 -26.70 -6.10 51.48
C TRP C 513 -26.50 -4.79 52.22
N GLY C 514 -27.20 -3.73 51.83
CA GLY C 514 -27.02 -2.45 52.48
C GLY C 514 -27.95 -1.40 51.90
N ASP C 515 -27.72 -0.16 52.31
CA ASP C 515 -28.55 0.97 51.92
C ASP C 515 -28.22 1.48 50.52
N PRO C 516 -26.94 1.60 50.15
CA PRO C 516 -26.61 2.26 48.87
C PRO C 516 -27.26 1.62 47.66
N VAL C 517 -27.53 0.32 47.68
CA VAL C 517 -28.11 -0.34 46.51
C VAL C 517 -29.45 0.30 46.14
N THR C 518 -30.30 0.52 47.14
CA THR C 518 -31.60 1.12 46.87
C THR C 518 -31.44 2.52 46.30
N ARG C 519 -30.52 3.31 46.85
CA ARG C 519 -30.30 4.66 46.34
C ARG C 519 -29.86 4.64 44.88
N VAL C 520 -28.93 3.74 44.55
CA VAL C 520 -28.44 3.68 43.17
C VAL C 520 -29.57 3.29 42.22
N LEU C 521 -30.34 2.27 42.59
CA LEU C 521 -31.42 1.83 41.70
C LEU C 521 -32.49 2.91 41.56
N ASP C 522 -32.81 3.61 42.64
CA ASP C 522 -33.79 4.68 42.55
C ASP C 522 -33.30 5.82 41.66
N ASP C 523 -32.01 6.16 41.76
CA ASP C 523 -31.47 7.20 40.89
C ASP C 523 -31.54 6.78 39.43
N GLY C 524 -31.22 5.52 39.15
CA GLY C 524 -31.35 5.03 37.78
C GLY C 524 -32.77 5.13 37.28
N GLU C 525 -33.74 4.76 38.12
CA GLU C 525 -35.14 4.85 37.73
C GLU C 525 -35.53 6.29 37.44
N LEU C 526 -35.07 7.22 38.28
CA LEU C 526 -35.37 8.64 38.06
C LEU C 526 -34.81 9.11 36.73
N LEU C 527 -33.57 8.74 36.42
CA LEU C 527 -32.97 9.15 35.15
C LEU C 527 -33.75 8.56 33.97
N VAL C 528 -34.17 7.30 34.08
CA VAL C 528 -34.93 6.68 33.01
C VAL C 528 -36.24 7.44 32.79
N GLN C 529 -36.94 7.76 33.88
CA GLN C 529 -38.19 8.49 33.74
C GLN C 529 -37.95 9.86 33.10
N GLN C 530 -36.87 10.53 33.48
CA GLN C 530 -36.55 11.82 32.87
C GLN C 530 -36.37 11.67 31.36
N THR C 531 -35.52 10.74 30.95
CA THR C 531 -35.26 10.60 29.51
C THR C 531 -36.52 10.17 28.76
N LYS C 532 -37.47 9.53 29.45
CA LYS C 532 -38.71 9.16 28.77
C LYS C 532 -39.64 10.37 28.61
N ASN C 533 -39.94 11.08 29.71
CA ASN C 533 -40.94 12.13 29.69
C ASN C 533 -40.42 13.48 29.19
N SER C 534 -39.11 13.67 29.10
CA SER C 534 -38.57 14.97 28.74
C SER C 534 -38.80 15.28 27.28
N ASP C 535 -38.78 16.57 26.95
CA ASP C 535 -38.93 17.03 25.58
C ASP C 535 -37.82 18.00 25.21
N ARG C 536 -37.31 18.75 26.19
CA ARG C 536 -36.26 19.72 25.92
C ARG C 536 -34.90 19.05 25.71
N THR C 537 -34.62 17.96 26.43
CA THR C 537 -33.34 17.28 26.36
C THR C 537 -33.56 15.82 26.01
N PRO C 538 -33.55 15.47 24.72
CA PRO C 538 -33.76 14.08 24.32
C PRO C 538 -32.52 13.20 24.41
N LEU C 539 -31.45 13.65 25.07
CA LEU C 539 -30.22 12.86 25.15
C LEU C 539 -29.58 13.10 26.51
N VAL C 540 -29.51 12.06 27.33
CA VAL C 540 -28.92 12.13 28.65
C VAL C 540 -27.95 10.98 28.82
N SER C 541 -26.95 11.18 29.68
CA SER C 541 -25.94 10.16 29.93
C SER C 541 -25.56 10.19 31.41
N VAL C 542 -25.06 9.06 31.89
CA VAL C 542 -24.65 8.92 33.29
C VAL C 542 -23.48 7.96 33.36
N LEU C 543 -22.54 8.27 34.26
CA LEU C 543 -21.32 7.50 34.43
C LEU C 543 -21.33 6.85 35.81
N LEU C 544 -21.18 5.54 35.85
CA LEU C 544 -21.07 4.79 37.10
C LEU C 544 -19.60 4.45 37.33
N GLU C 545 -19.05 4.93 38.44
CA GLU C 545 -17.63 4.72 38.73
C GLU C 545 -17.48 4.31 40.19
N GLY C 546 -16.40 3.57 40.45
CA GLY C 546 -16.11 3.12 41.79
C GLY C 546 -14.85 2.28 41.85
N PRO C 547 -14.48 1.82 43.04
CA PRO C 547 -13.29 1.00 43.20
C PRO C 547 -13.45 -0.34 42.52
N PRO C 548 -12.35 -0.99 42.15
CA PRO C 548 -12.43 -2.26 41.42
C PRO C 548 -13.03 -3.37 42.26
N HIS C 549 -13.61 -4.35 41.57
CA HIS C 549 -14.20 -5.53 42.21
C HIS C 549 -15.38 -5.16 43.10
N SER C 550 -16.09 -4.08 42.76
CA SER C 550 -17.23 -3.63 43.55
C SER C 550 -18.57 -4.03 42.95
N GLY C 551 -18.58 -4.78 41.86
CA GLY C 551 -19.82 -5.21 41.25
C GLY C 551 -20.67 -4.05 40.76
N LYS C 552 -20.20 -3.34 39.74
CA LYS C 552 -20.91 -2.20 39.21
C LYS C 552 -21.60 -2.48 37.87
N THR C 553 -20.98 -3.28 36.98
CA THR C 553 -21.61 -3.56 35.70
C THR C 553 -22.92 -4.32 35.89
N ALA C 554 -23.02 -5.15 36.93
CA ALA C 554 -24.27 -5.84 37.20
C ALA C 554 -25.40 -4.86 37.48
N LEU C 555 -25.11 -3.80 38.25
CA LEU C 555 -26.12 -2.79 38.53
C LEU C 555 -26.58 -2.10 37.25
N ALA C 556 -25.64 -1.79 36.36
CA ALA C 556 -26.02 -1.16 35.09
C ALA C 556 -26.89 -2.10 34.27
N ALA C 557 -26.53 -3.38 34.22
CA ALA C 557 -27.34 -4.34 33.47
C ALA C 557 -28.74 -4.43 34.05
N LYS C 558 -28.85 -4.47 35.39
CA LYS C 558 -30.17 -4.54 36.01
C LYS C 558 -31.00 -3.30 35.70
N ILE C 559 -30.38 -2.12 35.80
CA ILE C 559 -31.10 -0.89 35.51
C ILE C 559 -31.60 -0.90 34.07
N ALA C 560 -30.75 -1.29 33.13
CA ALA C 560 -31.17 -1.34 31.74
C ALA C 560 -32.31 -2.33 31.53
N GLU C 561 -32.21 -3.51 32.15
CA GLU C 561 -33.23 -4.54 31.94
C GLU C 561 -34.57 -4.11 32.51
N GLU C 562 -34.57 -3.44 33.66
CA GLU C 562 -35.82 -3.04 34.29
C GLU C 562 -36.51 -1.90 33.56
N SER C 563 -35.83 -1.22 32.64
CA SER C 563 -36.40 -0.02 32.03
C SER C 563 -37.67 -0.33 31.23
N ASN C 564 -37.67 -1.47 30.53
CA ASN C 564 -38.74 -1.86 29.61
C ASN C 564 -38.70 -1.09 28.29
N PHE C 565 -37.54 -0.54 27.93
CA PHE C 565 -37.41 0.11 26.65
C PHE C 565 -37.44 -0.93 25.52
N PRO C 566 -38.09 -0.62 24.39
CA PRO C 566 -38.17 -1.63 23.32
C PRO C 566 -36.81 -2.08 22.79
N PHE C 567 -35.83 -1.20 22.74
CA PHE C 567 -34.52 -1.51 22.17
C PHE C 567 -33.46 -1.41 23.27
N ILE C 568 -32.71 -2.49 23.47
CA ILE C 568 -31.62 -2.52 24.43
C ILE C 568 -30.44 -3.28 23.80
N LYS C 569 -29.24 -2.77 24.01
CA LYS C 569 -28.05 -3.39 23.48
C LYS C 569 -26.88 -3.15 24.42
N ILE C 570 -25.90 -4.05 24.38
CA ILE C 570 -24.71 -3.95 25.23
C ILE C 570 -23.49 -4.08 24.33
N CYS C 571 -22.57 -3.13 24.46
CA CYS C 571 -21.32 -3.11 23.72
C CYS C 571 -20.17 -3.31 24.71
N SER C 572 -19.49 -4.44 24.60
CA SER C 572 -18.44 -4.82 25.54
C SER C 572 -17.17 -5.15 24.80
N PRO C 573 -16.01 -4.97 25.44
CA PRO C 573 -14.73 -5.32 24.78
C PRO C 573 -14.48 -6.81 24.70
N ASP C 574 -15.28 -7.64 25.36
CA ASP C 574 -15.04 -9.08 25.34
C ASP C 574 -15.17 -9.66 23.95
N LYS C 575 -15.89 -8.99 23.05
CA LYS C 575 -16.12 -9.49 21.70
C LYS C 575 -15.21 -8.82 20.68
N MET C 576 -14.16 -8.13 21.13
CA MET C 576 -13.23 -7.42 20.25
C MET C 576 -11.80 -7.77 20.62
N ILE C 577 -11.52 -9.06 20.78
CA ILE C 577 -10.20 -9.52 21.18
C ILE C 577 -9.30 -9.55 19.96
N GLY C 578 -8.16 -8.86 20.04
CA GLY C 578 -7.21 -8.83 18.95
C GLY C 578 -7.52 -7.82 17.86
N PHE C 579 -8.61 -7.07 17.98
CA PHE C 579 -8.98 -6.09 16.97
C PHE C 579 -8.04 -4.90 17.01
N SER C 580 -7.94 -4.21 15.87
CA SER C 580 -7.24 -2.95 15.80
C SER C 580 -8.21 -1.81 16.09
N GLU C 581 -7.69 -0.58 16.13
CA GLU C 581 -8.53 0.55 16.50
C GLU C 581 -9.67 0.75 15.51
N THR C 582 -9.39 0.58 14.20
CA THR C 582 -10.40 0.82 13.19
C THR C 582 -11.60 -0.11 13.37
N ALA C 583 -11.34 -1.39 13.66
CA ALA C 583 -12.44 -2.33 13.85
C ALA C 583 -13.30 -1.94 15.03
N LYS C 584 -12.68 -1.54 16.14
CA LYS C 584 -13.45 -1.11 17.31
C LYS C 584 -14.31 0.11 16.97
N CYS C 585 -13.72 1.09 16.29
CA CYS C 585 -14.46 2.29 15.94
C CYS C 585 -15.65 1.95 15.05
N GLN C 586 -15.44 1.08 14.06
CA GLN C 586 -16.52 0.71 13.17
C GLN C 586 -17.62 -0.05 13.91
N ALA C 587 -17.24 -0.92 14.84
CA ALA C 587 -18.25 -1.65 15.60
C ALA C 587 -19.10 -0.70 16.43
N MET C 588 -18.45 0.24 17.13
CA MET C 588 -19.21 1.21 17.92
C MET C 588 -20.14 2.03 17.04
N LYS C 589 -19.63 2.47 15.89
CA LYS C 589 -20.45 3.26 14.98
C LYS C 589 -21.66 2.46 14.51
N LYS C 590 -21.47 1.18 14.19
CA LYS C 590 -22.58 0.35 13.76
C LYS C 590 -23.62 0.19 14.86
N ILE C 591 -23.18 -0.04 16.09
CA ILE C 591 -24.13 -0.20 17.19
C ILE C 591 -24.96 1.06 17.35
N PHE C 592 -24.30 2.22 17.37
CA PHE C 592 -25.04 3.46 17.57
C PHE C 592 -25.95 3.75 16.38
N ASP C 593 -25.51 3.44 15.17
CA ASP C 593 -26.35 3.65 13.99
C ASP C 593 -27.61 2.81 14.07
N ASP C 594 -27.48 1.54 14.49
CA ASP C 594 -28.66 0.71 14.69
C ASP C 594 -29.55 1.29 15.78
N ALA C 595 -28.95 1.77 16.87
CA ALA C 595 -29.75 2.34 17.96
C ALA C 595 -30.54 3.56 17.50
N TYR C 596 -30.02 4.29 16.51
CA TYR C 596 -30.69 5.50 16.05
C TYR C 596 -32.00 5.25 15.32
N LYS C 597 -32.44 3.99 15.16
CA LYS C 597 -33.57 3.67 14.31
C LYS C 597 -34.86 3.41 15.08
N SER C 598 -34.86 3.55 16.39
CA SER C 598 -36.03 3.26 17.21
C SER C 598 -36.55 4.52 17.87
N GLN C 599 -37.74 4.43 18.46
CA GLN C 599 -38.34 5.54 19.16
C GLN C 599 -37.73 5.77 20.54
N LEU C 600 -37.24 4.71 21.18
CA LEU C 600 -36.57 4.83 22.48
C LEU C 600 -35.41 3.87 22.50
N SER C 601 -34.25 4.32 22.97
CA SER C 601 -33.07 3.48 23.00
C SER C 601 -32.30 3.67 24.30
N CYS C 602 -31.69 2.58 24.77
CA CYS C 602 -30.82 2.61 25.95
C CYS C 602 -29.62 1.74 25.67
N VAL C 603 -28.43 2.35 25.72
CA VAL C 603 -27.19 1.67 25.37
C VAL C 603 -26.26 1.68 26.58
N VAL C 604 -25.40 0.66 26.65
CA VAL C 604 -24.48 0.46 27.76
C VAL C 604 -23.07 0.29 27.22
N VAL C 605 -22.11 0.88 27.93
CA VAL C 605 -20.69 0.77 27.61
C VAL C 605 -19.98 0.28 28.85
N ASP C 606 -19.21 -0.81 28.72
CA ASP C 606 -18.62 -1.50 29.85
C ASP C 606 -17.10 -1.39 29.81
N ASP C 607 -16.52 -1.06 30.95
CA ASP C 607 -15.06 -1.02 31.12
C ASP C 607 -14.42 -0.15 30.03
N ILE C 608 -14.73 1.14 30.12
CA ILE C 608 -14.23 2.09 29.14
C ILE C 608 -12.72 2.04 29.02
N GLU C 609 -12.03 1.65 30.11
CA GLU C 609 -10.57 1.61 30.07
C GLU C 609 -10.08 0.62 29.02
N ARG C 610 -10.56 -0.62 29.08
CA ARG C 610 -10.12 -1.61 28.10
C ARG C 610 -10.50 -1.19 26.68
N LEU C 611 -11.62 -0.49 26.53
CA LEU C 611 -11.96 0.05 25.21
C LEU C 611 -10.92 1.04 24.74
N LEU C 612 -10.44 1.90 25.65
CA LEU C 612 -9.41 2.87 25.33
C LEU C 612 -8.01 2.25 25.28
N ASP C 613 -7.84 1.03 25.77
CA ASP C 613 -6.54 0.37 25.77
C ASP C 613 -5.52 1.18 26.58
N TYR C 614 -5.79 1.30 27.87
CA TYR C 614 -4.98 2.10 28.77
C TYR C 614 -3.94 1.26 29.49
N VAL C 615 -2.83 1.88 29.84
CA VAL C 615 -1.76 1.24 30.61
C VAL C 615 -0.98 2.33 31.35
N PRO C 616 -0.73 2.18 32.66
CA PRO C 616 -0.11 3.30 33.40
C PRO C 616 1.20 3.77 32.82
N ILE C 617 2.04 2.87 32.34
CA ILE C 617 3.36 3.27 31.85
C ILE C 617 3.20 4.13 30.60
N GLY C 618 4.11 5.09 30.44
CA GLY C 618 4.05 6.08 29.38
C GLY C 618 3.41 7.39 29.78
N PRO C 619 2.07 7.46 29.93
CA PRO C 619 1.04 6.46 29.63
C PRO C 619 0.95 6.15 28.15
N ARG C 620 0.36 5.01 27.78
CA ARG C 620 0.13 4.65 26.39
C ARG C 620 -1.31 4.24 26.21
N PHE C 621 -1.91 4.67 25.10
CA PHE C 621 -3.31 4.34 24.82
C PHE C 621 -3.62 4.74 23.38
N SER C 622 -4.84 4.45 22.96
CA SER C 622 -5.30 4.75 21.61
C SER C 622 -5.98 6.09 21.59
N ASN C 623 -5.64 6.92 20.60
CA ASN C 623 -6.21 8.25 20.48
C ASN C 623 -7.36 8.33 19.49
N LEU C 624 -7.42 7.41 18.53
CA LEU C 624 -8.53 7.37 17.58
C LEU C 624 -9.83 6.91 18.20
N VAL C 625 -9.80 5.95 19.11
CA VAL C 625 -11.02 5.50 19.77
C VAL C 625 -11.57 6.56 20.71
N LEU C 626 -10.70 7.25 21.45
CA LEU C 626 -11.17 8.26 22.40
C LEU C 626 -11.91 9.38 21.69
N GLN C 627 -11.36 9.87 20.57
CA GLN C 627 -11.98 10.98 19.86
C GLN C 627 -13.15 10.55 18.99
N ALA C 628 -13.37 9.25 18.82
CA ALA C 628 -14.60 8.74 18.24
C ALA C 628 -15.65 8.43 19.29
N LEU C 629 -15.35 8.72 20.55
CA LEU C 629 -16.28 8.52 21.66
C LEU C 629 -16.81 9.82 22.23
N LEU C 630 -15.96 10.84 22.35
CA LEU C 630 -16.43 12.13 22.84
C LEU C 630 -17.46 12.73 21.89
N VAL C 631 -17.20 12.64 20.59
CA VAL C 631 -18.14 13.18 19.60
C VAL C 631 -19.45 12.42 19.61
N LEU C 632 -19.44 11.13 19.94
CA LEU C 632 -20.62 10.30 19.87
C LEU C 632 -21.55 10.49 21.06
N LEU C 633 -21.10 11.15 22.12
CA LEU C 633 -21.93 11.37 23.30
C LEU C 633 -22.66 12.72 23.26
N LYS C 634 -22.54 13.47 22.17
CA LYS C 634 -23.22 14.75 22.03
C LYS C 634 -24.09 14.83 20.78
N LYS C 635 -24.10 13.80 19.95
CA LYS C 635 -24.88 13.82 18.71
C LYS C 635 -26.32 13.44 19.03
N ALA C 636 -27.24 14.39 18.91
CA ALA C 636 -28.64 14.11 19.16
C ALA C 636 -29.20 13.23 18.04
N PRO C 637 -30.19 12.40 18.34
CA PRO C 637 -30.75 11.52 17.31
C PRO C 637 -31.65 12.30 16.36
N PRO C 638 -32.21 11.64 15.35
CA PRO C 638 -33.17 12.32 14.48
C PRO C 638 -34.36 12.82 15.30
N GLN C 639 -34.92 13.95 14.86
CA GLN C 639 -35.93 14.65 15.64
C GLN C 639 -37.05 13.70 16.04
N GLY C 640 -37.40 13.73 17.33
CA GLY C 640 -38.51 12.96 17.84
C GLY C 640 -38.17 11.62 18.44
N ARG C 641 -36.90 11.34 18.70
CA ARG C 641 -36.48 10.05 19.24
C ARG C 641 -35.52 10.27 20.42
N LYS C 642 -35.56 9.36 21.37
CA LYS C 642 -34.85 9.51 22.64
C LYS C 642 -33.81 8.41 22.82
N LEU C 643 -32.63 8.82 23.29
CA LEU C 643 -31.51 7.91 23.53
C LEU C 643 -30.98 8.14 24.93
N LEU C 644 -30.61 7.04 25.59
CA LEU C 644 -29.97 7.08 26.89
C LEU C 644 -28.68 6.26 26.83
N ILE C 645 -27.63 6.74 27.48
CA ILE C 645 -26.33 6.10 27.47
C ILE C 645 -25.88 5.91 28.91
N ILE C 646 -25.39 4.71 29.22
CA ILE C 646 -24.83 4.40 30.54
C ILE C 646 -23.42 3.86 30.32
N GLY C 647 -22.51 4.22 31.21
CA GLY C 647 -21.13 3.79 31.08
C GLY C 647 -20.56 3.39 32.42
N THR C 648 -19.63 2.44 32.38
CA THR C 648 -18.97 1.94 33.58
C THR C 648 -17.47 2.10 33.44
N THR C 649 -16.81 2.40 34.57
CA THR C 649 -15.36 2.56 34.60
C THR C 649 -14.86 2.23 36.00
N SER C 650 -13.55 2.38 36.21
CA SER C 650 -12.95 2.12 37.51
C SER C 650 -11.87 3.12 37.91
N ARG C 651 -11.60 4.14 37.10
CA ARG C 651 -10.57 5.12 37.44
C ARG C 651 -11.07 6.49 36.97
N LYS C 652 -11.67 7.24 37.89
CA LYS C 652 -12.24 8.53 37.52
C LYS C 652 -11.16 9.56 37.24
N ASP C 653 -10.06 9.53 37.98
CA ASP C 653 -9.02 10.55 37.83
C ASP C 653 -8.43 10.53 36.43
N VAL C 654 -8.14 9.33 35.90
CA VAL C 654 -7.55 9.25 34.57
C VAL C 654 -8.51 9.84 33.53
N LEU C 655 -9.80 9.51 33.63
CA LEU C 655 -10.77 10.08 32.71
C LEU C 655 -10.82 11.59 32.84
N GLN C 656 -10.76 12.11 34.07
CA GLN C 656 -10.77 13.55 34.26
C GLN C 656 -9.58 14.20 33.59
N GLU C 657 -8.40 13.58 33.70
CA GLU C 657 -7.21 14.14 33.07
C GLU C 657 -7.38 14.25 31.55
N MET C 658 -8.19 13.38 30.96
CA MET C 658 -8.41 13.36 29.52
C MET C 658 -9.48 14.35 29.08
N GLU C 659 -10.08 15.09 30.01
CA GLU C 659 -11.17 16.02 29.69
C GLU C 659 -12.34 15.26 29.05
N MET C 660 -12.85 14.29 29.81
CA MET C 660 -13.97 13.47 29.39
C MET C 660 -15.18 13.57 30.31
N LEU C 661 -15.01 14.10 31.52
CA LEU C 661 -16.12 14.24 32.44
C LEU C 661 -17.08 15.36 32.06
N ASN C 662 -16.63 16.31 31.23
CA ASN C 662 -17.54 17.35 30.75
C ASN C 662 -18.62 16.77 29.85
N ALA C 663 -18.28 15.75 29.05
CA ALA C 663 -19.26 15.17 28.14
C ALA C 663 -20.43 14.56 28.90
N PHE C 664 -20.14 13.84 29.98
CA PHE C 664 -21.20 13.20 30.76
C PHE C 664 -21.97 14.25 31.55
N SER C 665 -23.23 13.91 31.86
CA SER C 665 -24.11 14.84 32.56
C SER C 665 -24.03 14.72 34.07
N THR C 666 -24.07 13.52 34.61
CA THR C 666 -24.05 13.33 36.06
C THR C 666 -23.10 12.19 36.39
N THR C 667 -23.13 11.74 37.64
CA THR C 667 -22.24 10.68 38.10
C THR C 667 -22.87 10.00 39.31
N ILE C 668 -22.48 8.75 39.54
CA ILE C 668 -22.94 7.96 40.66
C ILE C 668 -21.75 7.23 41.27
N HIS C 669 -21.88 6.86 42.54
CA HIS C 669 -20.82 6.20 43.28
C HIS C 669 -21.29 4.83 43.75
N VAL C 670 -20.37 3.87 43.79
CA VAL C 670 -20.66 2.51 44.20
C VAL C 670 -19.68 2.12 45.30
N PRO C 671 -20.05 2.28 46.57
CA PRO C 671 -19.11 2.01 47.65
C PRO C 671 -18.95 0.52 47.94
N ASN C 672 -17.99 0.18 48.81
CA ASN C 672 -17.71 -1.19 49.19
C ASN C 672 -18.40 -1.51 50.51
N ILE C 673 -18.33 -2.78 50.91
CA ILE C 673 -18.78 -3.21 52.23
C ILE C 673 -17.78 -2.64 53.23
N ALA C 674 -18.26 -1.83 54.18
CA ALA C 674 -17.38 -1.13 55.11
C ALA C 674 -17.55 -1.61 56.55
N THR C 675 -18.78 -1.69 57.04
CA THR C 675 -19.03 -2.03 58.44
C THR C 675 -19.19 -3.54 58.61
N GLY C 676 -18.83 -4.02 59.80
CA GLY C 676 -18.96 -5.44 60.08
C GLY C 676 -20.39 -5.93 60.01
N GLU C 677 -21.34 -5.08 60.43
CA GLU C 677 -22.74 -5.46 60.35
C GLU C 677 -23.16 -5.73 58.91
N GLN C 678 -22.66 -4.93 57.97
CA GLN C 678 -22.95 -5.18 56.57
C GLN C 678 -22.41 -6.54 56.14
N LEU C 679 -21.20 -6.89 56.58
CA LEU C 679 -20.64 -8.20 56.24
C LEU C 679 -21.50 -9.32 56.81
N LEU C 680 -21.93 -9.18 58.06
CA LEU C 680 -22.77 -10.20 58.68
C LEU C 680 -24.09 -10.34 57.92
N GLU C 681 -24.70 -9.22 57.55
CA GLU C 681 -25.96 -9.28 56.81
C GLU C 681 -25.76 -9.94 55.45
N ALA C 682 -24.66 -9.63 54.76
CA ALA C 682 -24.39 -10.26 53.48
C ALA C 682 -24.21 -11.77 53.64
N LEU C 683 -23.48 -12.18 54.68
CA LEU C 683 -23.31 -13.61 54.91
C LEU C 683 -24.64 -14.28 55.19
N GLU C 684 -25.49 -13.64 56.00
CA GLU C 684 -26.81 -14.20 56.29
C GLU C 684 -27.62 -14.35 55.01
N LEU C 685 -27.66 -13.30 54.19
CA LEU C 685 -28.46 -13.34 52.98
C LEU C 685 -27.96 -14.41 52.01
N LEU C 686 -26.64 -14.53 51.86
CA LEU C 686 -26.10 -15.54 50.96
C LEU C 686 -26.45 -16.94 51.43
N GLY C 687 -26.40 -17.18 52.74
CA GLY C 687 -26.81 -18.45 53.29
C GLY C 687 -25.69 -19.45 53.42
N ASN C 688 -24.60 -19.06 54.08
CA ASN C 688 -23.44 -19.93 54.26
C ASN C 688 -22.97 -19.83 55.71
N PHE C 689 -22.15 -20.81 56.10
CA PHE C 689 -21.53 -20.91 57.41
C PHE C 689 -22.54 -21.15 58.53
N LYS C 690 -23.79 -21.43 58.19
CA LYS C 690 -24.84 -21.75 59.18
C LYS C 690 -24.90 -20.61 60.19
N ASP C 691 -24.97 -20.89 61.49
CA ASP C 691 -25.16 -19.85 62.51
C ASP C 691 -24.00 -19.76 63.48
N LYS C 692 -23.61 -20.87 64.12
CA LYS C 692 -22.61 -20.81 65.17
C LYS C 692 -21.32 -20.17 64.67
N GLU C 693 -20.83 -20.63 63.51
CA GLU C 693 -19.67 -19.98 62.91
C GLU C 693 -19.96 -18.51 62.64
N ARG C 694 -21.21 -18.17 62.32
CA ARG C 694 -21.56 -16.77 62.11
C ARG C 694 -21.39 -15.97 63.40
N THR C 695 -21.82 -16.53 64.53
CA THR C 695 -21.64 -15.83 65.80
C THR C 695 -20.17 -15.68 66.14
N THR C 696 -19.38 -16.73 65.89
CA THR C 696 -17.94 -16.64 66.15
C THR C 696 -17.31 -15.55 65.30
N ILE C 697 -17.66 -15.49 64.02
CA ILE C 697 -17.11 -14.46 63.13
C ILE C 697 -17.54 -13.08 63.61
N ALA C 698 -18.80 -12.93 64.00
CA ALA C 698 -19.27 -11.63 64.47
C ALA C 698 -18.48 -11.18 65.70
N GLN C 699 -18.25 -12.11 66.63
CA GLN C 699 -17.45 -11.76 67.81
C GLN C 699 -16.03 -11.39 67.42
N GLN C 700 -15.44 -12.13 66.47
CA GLN C 700 -14.05 -11.93 66.10
C GLN C 700 -13.83 -10.65 65.29
N VAL C 701 -14.85 -10.16 64.57
CA VAL C 701 -14.65 -9.08 63.62
C VAL C 701 -15.30 -7.77 64.04
N LYS C 702 -16.22 -7.79 65.01
CA LYS C 702 -16.94 -6.57 65.35
C LYS C 702 -16.00 -5.46 65.81
N GLY C 703 -14.87 -5.82 66.43
CA GLY C 703 -13.99 -4.80 66.96
C GLY C 703 -13.40 -3.91 65.88
N LYS C 704 -12.95 -4.49 64.78
CA LYS C 704 -12.24 -3.78 63.73
C LYS C 704 -13.21 -3.38 62.62
N LYS C 705 -12.64 -2.85 61.53
CA LYS C 705 -13.38 -2.50 60.32
C LYS C 705 -12.91 -3.40 59.17
N VAL C 706 -13.51 -3.19 58.01
CA VAL C 706 -13.23 -4.03 56.83
C VAL C 706 -13.39 -3.20 55.58
N TRP C 707 -12.66 -3.60 54.53
CA TRP C 707 -12.68 -2.94 53.22
C TRP C 707 -12.57 -4.04 52.17
N ILE C 708 -13.71 -4.53 51.69
CA ILE C 708 -13.74 -5.69 50.80
C ILE C 708 -14.90 -5.52 49.82
N GLY C 709 -14.73 -6.09 48.62
CA GLY C 709 -15.75 -6.05 47.60
C GLY C 709 -16.61 -7.30 47.60
N ILE C 710 -17.81 -7.18 47.04
CA ILE C 710 -18.76 -8.28 47.08
C ILE C 710 -18.23 -9.46 46.27
N LYS C 711 -17.68 -9.21 45.08
CA LYS C 711 -17.17 -10.29 44.26
C LYS C 711 -16.05 -11.02 44.98
N LYS C 712 -15.13 -10.27 45.58
CA LYS C 712 -14.05 -10.90 46.33
C LYS C 712 -14.60 -11.66 47.53
N LEU C 713 -15.67 -11.18 48.14
CA LEU C 713 -16.28 -11.91 49.25
C LEU C 713 -16.80 -13.26 48.78
N LEU C 714 -17.51 -13.28 47.66
CA LEU C 714 -18.00 -14.55 47.13
C LEU C 714 -16.86 -15.50 46.83
N MET C 715 -15.81 -14.98 46.20
CA MET C 715 -14.68 -15.84 45.83
C MET C 715 -13.98 -16.39 47.07
N LEU C 716 -13.82 -15.55 48.09
CA LEU C 716 -13.20 -16.01 49.34
C LEU C 716 -14.05 -17.09 50.00
N ILE C 717 -15.37 -16.90 50.02
CA ILE C 717 -16.24 -17.92 50.61
C ILE C 717 -16.09 -19.23 49.86
N GLU C 718 -16.11 -19.19 48.53
CA GLU C 718 -16.00 -20.41 47.74
C GLU C 718 -14.66 -21.09 47.98
N MET C 719 -13.57 -20.30 48.04
CA MET C 719 -12.25 -20.88 48.26
C MET C 719 -12.15 -21.52 49.64
N SER C 720 -12.74 -20.88 50.65
CA SER C 720 -12.62 -21.38 52.01
C SER C 720 -13.49 -22.61 52.25
N LEU C 721 -14.62 -22.71 51.56
CA LEU C 721 -15.53 -23.82 51.79
C LEU C 721 -14.92 -25.19 51.47
N GLN C 722 -13.73 -25.25 50.88
CA GLN C 722 -13.17 -26.51 50.43
C GLN C 722 -12.55 -27.34 51.55
N MET C 723 -12.24 -26.73 52.69
CA MET C 723 -11.45 -27.41 53.71
C MET C 723 -12.38 -28.31 54.55
N ASP C 724 -11.86 -28.82 55.67
CA ASP C 724 -12.63 -29.72 56.50
C ASP C 724 -13.67 -28.94 57.32
N PRO C 725 -14.66 -29.65 57.88
CA PRO C 725 -15.72 -28.94 58.63
C PRO C 725 -15.20 -28.10 59.78
N GLU C 726 -14.12 -28.51 60.43
CA GLU C 726 -13.61 -27.82 61.62
C GLU C 726 -12.41 -26.94 61.31
N TYR C 727 -12.15 -26.65 60.03
CA TYR C 727 -11.07 -25.75 59.63
C TYR C 727 -11.52 -24.60 58.76
N ARG C 728 -12.82 -24.47 58.48
CA ARG C 728 -13.28 -23.44 57.55
C ARG C 728 -13.15 -22.05 58.17
N VAL C 729 -13.61 -21.89 59.41
CA VAL C 729 -13.68 -20.57 60.01
C VAL C 729 -12.29 -19.95 60.14
N ARG C 730 -11.33 -20.73 60.63
CA ARG C 730 -9.98 -20.20 60.82
C ARG C 730 -9.37 -19.77 59.50
N LYS C 731 -9.50 -20.60 58.46
CA LYS C 731 -8.94 -20.24 57.17
C LYS C 731 -9.62 -19.00 56.59
N PHE C 732 -10.94 -18.91 56.73
CA PHE C 732 -11.66 -17.76 56.21
C PHE C 732 -11.19 -16.48 56.89
N LEU C 733 -11.09 -16.50 58.22
CA LEU C 733 -10.65 -15.31 58.94
C LEU C 733 -9.21 -14.98 58.60
N ALA C 734 -8.35 -15.99 58.46
CA ALA C 734 -6.95 -15.74 58.11
C ALA C 734 -6.86 -15.08 56.74
N LEU C 735 -7.63 -15.55 55.76
CA LEU C 735 -7.63 -14.92 54.45
C LEU C 735 -8.14 -13.48 54.53
N LEU C 736 -9.22 -13.27 55.29
CA LEU C 736 -9.76 -11.93 55.44
C LEU C 736 -8.73 -10.97 56.04
N ARG C 737 -7.92 -11.46 56.99
CA ARG C 737 -6.88 -10.62 57.56
C ARG C 737 -5.75 -10.39 56.57
N GLU C 738 -5.31 -11.45 55.88
CA GLU C 738 -4.16 -11.34 54.99
C GLU C 738 -4.45 -10.45 53.79
N GLU C 739 -5.70 -10.39 53.34
CA GLU C 739 -6.01 -9.58 52.17
C GLU C 739 -5.59 -8.12 52.37
N GLY C 740 -5.72 -7.62 53.60
CA GLY C 740 -5.30 -6.26 53.90
C GLY C 740 -6.31 -5.24 53.42
N ALA C 741 -6.56 -4.21 54.23
CA ALA C 741 -7.54 -3.19 53.88
C ALA C 741 -6.89 -2.03 53.13
N SER C 742 -5.95 -1.34 53.79
CA SER C 742 -5.23 -0.19 53.24
C SER C 742 -6.17 0.71 52.42
N PRO C 743 -7.20 1.30 53.05
CA PRO C 743 -8.10 2.20 52.33
C PRO C 743 -7.38 3.31 51.58
N ARG D 208 -23.73 28.73 -54.29
CA ARG D 208 -23.76 28.09 -52.99
C ARG D 208 -24.68 28.86 -52.04
N GLN D 209 -25.66 28.18 -51.48
CA GLN D 209 -26.59 28.81 -50.54
C GLN D 209 -25.93 28.95 -49.17
N SER D 210 -26.51 29.82 -48.35
CA SER D 210 -25.96 30.07 -47.02
C SER D 210 -25.98 28.80 -46.18
N ILE D 211 -25.31 28.87 -45.02
CA ILE D 211 -25.24 27.73 -44.11
C ILE D 211 -26.21 27.85 -42.94
N ILE D 212 -27.07 28.87 -42.94
CA ILE D 212 -28.00 29.10 -41.85
C ILE D 212 -29.42 29.12 -42.40
N ASN D 213 -30.37 28.66 -41.59
CA ASN D 213 -31.76 28.65 -41.99
C ASN D 213 -32.31 30.08 -42.03
N PRO D 214 -33.33 30.33 -42.85
CA PRO D 214 -33.92 31.67 -42.91
C PRO D 214 -34.88 31.96 -41.76
N ASP D 215 -35.59 30.93 -41.30
CA ASP D 215 -36.65 31.11 -40.32
C ASP D 215 -36.18 31.09 -38.88
N TRP D 216 -34.91 30.78 -38.62
CA TRP D 216 -34.44 30.66 -37.25
C TRP D 216 -34.49 32.01 -36.54
N ASN D 217 -34.75 31.96 -35.24
CA ASN D 217 -34.75 33.13 -34.39
C ASN D 217 -34.21 32.73 -33.02
N PHE D 218 -33.49 33.67 -32.39
CA PHE D 218 -32.82 33.34 -31.13
C PHE D 218 -33.82 32.93 -30.06
N GLU D 219 -34.95 33.64 -29.97
CA GLU D 219 -35.93 33.31 -28.93
C GLU D 219 -36.52 31.93 -29.15
N LYS D 220 -36.70 31.50 -30.39
CA LYS D 220 -37.29 30.21 -30.66
C LYS D 220 -36.44 29.06 -30.11
N MET D 221 -35.18 29.33 -29.80
CA MET D 221 -34.33 28.29 -29.23
C MET D 221 -34.87 27.81 -27.89
N GLY D 222 -35.33 28.74 -27.05
CA GLY D 222 -35.79 28.43 -25.72
C GLY D 222 -34.71 28.52 -24.66
N ILE D 223 -33.43 28.54 -25.07
CA ILE D 223 -32.35 28.72 -24.12
C ILE D 223 -32.41 30.13 -23.55
N GLY D 224 -32.25 30.23 -22.24
CA GLY D 224 -32.27 31.52 -21.58
C GLY D 224 -31.32 31.55 -20.41
N GLY D 225 -30.81 32.73 -20.11
CA GLY D 225 -29.85 32.94 -19.04
C GLY D 225 -28.42 33.12 -19.51
N LEU D 226 -28.13 32.81 -20.77
CA LEU D 226 -26.80 32.98 -21.33
C LEU D 226 -26.89 33.73 -22.65
N ASP D 227 -26.20 34.87 -22.73
CA ASP D 227 -26.13 35.62 -23.98
C ASP D 227 -24.67 35.90 -24.34
N LYS D 228 -23.84 36.14 -23.32
CA LYS D 228 -22.43 36.41 -23.57
C LYS D 228 -21.73 35.20 -24.15
N GLU D 229 -21.97 34.01 -23.58
CA GLU D 229 -21.32 32.81 -24.07
C GLU D 229 -21.74 32.51 -25.50
N PHE D 230 -23.03 32.63 -25.80
CA PHE D 230 -23.49 32.41 -27.16
C PHE D 230 -22.85 33.42 -28.11
N SER D 231 -22.75 34.68 -27.67
CA SER D 231 -22.12 35.70 -28.50
C SER D 231 -20.68 35.33 -28.83
N ASP D 232 -19.93 34.90 -27.81
CA ASP D 232 -18.53 34.55 -28.04
C ASP D 232 -18.42 33.34 -28.96
N ILE D 233 -19.26 32.33 -28.75
CA ILE D 233 -19.21 31.13 -29.60
C ILE D 233 -19.49 31.50 -31.04
N PHE D 234 -20.52 32.30 -31.28
CA PHE D 234 -20.83 32.72 -32.64
C PHE D 234 -19.70 33.54 -33.23
N ARG D 235 -19.10 34.42 -32.42
CA ARG D 235 -18.02 35.27 -32.91
C ARG D 235 -16.82 34.44 -33.36
N ARG D 236 -16.44 33.43 -32.57
CA ARG D 236 -15.23 32.68 -32.85
C ARG D 236 -15.47 31.42 -33.69
N ALA D 237 -16.72 31.07 -34.00
CA ALA D 237 -17.02 29.83 -34.71
C ALA D 237 -17.61 30.07 -36.09
N PHE D 238 -18.70 30.83 -36.19
CA PHE D 238 -19.41 30.99 -37.45
C PHE D 238 -18.95 32.22 -38.24
N ALA D 239 -18.09 33.07 -37.68
CA ALA D 239 -17.68 34.28 -38.38
C ALA D 239 -17.01 33.94 -39.70
N SER D 240 -16.22 32.87 -39.75
CA SER D 240 -15.47 32.51 -40.94
C SER D 240 -16.29 31.69 -41.93
N ARG D 241 -17.61 31.65 -41.78
CA ARG D 241 -18.45 30.89 -42.69
C ARG D 241 -19.74 31.61 -43.07
N VAL D 242 -19.94 32.84 -42.62
CA VAL D 242 -21.18 33.58 -42.88
C VAL D 242 -20.84 34.89 -43.58
N PHE D 243 -19.79 34.89 -44.37
CA PHE D 243 -19.33 36.06 -45.09
C PHE D 243 -19.13 35.71 -46.55
N PRO D 244 -19.18 36.70 -47.45
CA PRO D 244 -18.97 36.42 -48.88
C PRO D 244 -17.64 35.74 -49.11
N PRO D 245 -17.57 34.80 -50.06
CA PRO D 245 -16.33 34.04 -50.24
C PRO D 245 -15.15 34.90 -50.65
N GLU D 246 -15.39 36.05 -51.29
CA GLU D 246 -14.30 36.84 -51.83
C GLU D 246 -13.35 37.30 -50.73
N ILE D 247 -13.88 37.84 -49.63
CA ILE D 247 -13.02 38.38 -48.58
C ILE D 247 -12.22 37.25 -47.92
N VAL D 248 -12.90 36.16 -47.55
CA VAL D 248 -12.22 35.07 -46.86
C VAL D 248 -11.17 34.44 -47.76
N GLU D 249 -11.43 34.36 -49.06
CA GLU D 249 -10.42 33.86 -49.98
C GLU D 249 -9.24 34.82 -50.11
N GLN D 250 -9.52 36.12 -50.22
CA GLN D 250 -8.46 37.11 -50.25
C GLN D 250 -7.59 37.03 -49.01
N MET D 251 -8.17 36.62 -47.89
CA MET D 251 -7.55 36.69 -46.59
C MET D 251 -7.43 35.30 -45.97
N GLY D 252 -6.19 34.84 -45.81
CA GLY D 252 -5.93 33.49 -45.36
C GLY D 252 -6.57 33.16 -44.02
N CYS D 253 -7.26 32.03 -43.95
CA CYS D 253 -7.95 31.59 -42.76
C CYS D 253 -8.07 30.08 -42.75
N LYS D 254 -8.34 29.53 -41.56
CA LYS D 254 -8.64 28.12 -41.40
C LYS D 254 -9.62 27.98 -40.25
N HIS D 255 -10.73 27.28 -40.50
CA HIS D 255 -11.86 27.30 -39.57
C HIS D 255 -11.49 26.63 -38.26
N VAL D 256 -12.11 27.10 -37.18
CA VAL D 256 -11.70 26.69 -35.83
C VAL D 256 -11.95 25.19 -35.63
N LYS D 257 -13.11 24.70 -36.04
CA LYS D 257 -13.47 23.28 -35.95
C LYS D 257 -13.15 22.72 -34.56
N GLY D 258 -13.84 23.25 -33.55
CA GLY D 258 -13.70 22.72 -32.20
C GLY D 258 -14.33 23.57 -31.13
N ILE D 259 -14.97 22.92 -30.15
CA ILE D 259 -15.58 23.59 -29.01
C ILE D 259 -15.53 22.65 -27.81
N LEU D 260 -15.34 23.23 -26.62
CA LEU D 260 -15.33 22.47 -25.38
C LEU D 260 -16.17 23.22 -24.35
N LEU D 261 -17.07 22.49 -23.68
CA LEU D 261 -17.96 23.07 -22.67
C LEU D 261 -17.76 22.28 -21.37
N TYR D 262 -17.76 22.99 -20.24
CA TYR D 262 -17.55 22.37 -18.94
C TYR D 262 -18.20 23.22 -17.85
N GLY D 263 -18.68 22.55 -16.80
CA GLY D 263 -19.31 23.21 -15.68
C GLY D 263 -19.95 22.23 -14.72
N PRO D 264 -20.57 22.74 -13.67
CA PRO D 264 -21.24 21.88 -12.71
C PRO D 264 -22.42 21.16 -13.34
N PRO D 265 -22.77 19.95 -12.87
CA PRO D 265 -23.87 19.22 -13.49
C PRO D 265 -25.18 19.98 -13.49
N GLY D 266 -25.96 19.82 -14.56
CA GLY D 266 -27.27 20.42 -14.63
C GLY D 266 -27.24 21.93 -14.82
N CYS D 267 -26.67 22.40 -15.93
CA CYS D 267 -26.62 23.83 -16.20
C CYS D 267 -27.08 24.16 -17.61
N GLY D 268 -26.99 23.21 -18.54
CA GLY D 268 -27.53 23.41 -19.87
C GLY D 268 -26.61 23.09 -21.02
N LYS D 269 -25.51 22.38 -20.77
CA LYS D 269 -24.55 22.07 -21.83
C LYS D 269 -25.21 21.28 -22.96
N THR D 270 -25.92 20.21 -22.62
CA THR D 270 -26.53 19.37 -23.63
C THR D 270 -27.55 20.15 -24.45
N LEU D 271 -28.32 21.01 -23.79
CA LEU D 271 -29.27 21.83 -24.51
C LEU D 271 -28.57 22.74 -25.51
N LEU D 272 -27.45 23.33 -25.09
CA LEU D 272 -26.69 24.19 -25.99
C LEU D 272 -26.21 23.41 -27.21
N ALA D 273 -25.68 22.21 -26.99
CA ALA D 273 -25.18 21.41 -28.09
C ALA D 273 -26.30 21.03 -29.05
N ARG D 274 -27.45 20.62 -28.50
CA ARG D 274 -28.58 20.25 -29.34
C ARG D 274 -29.05 21.44 -30.17
N GLN D 275 -29.14 22.62 -29.56
CA GLN D 275 -29.62 23.77 -30.29
C GLN D 275 -28.62 24.20 -31.36
N ILE D 276 -27.32 24.09 -31.06
CA ILE D 276 -26.32 24.37 -32.08
C ILE D 276 -26.48 23.42 -33.26
N GLY D 277 -26.68 22.14 -32.97
CA GLY D 277 -26.90 21.17 -34.02
C GLY D 277 -28.11 21.52 -34.86
N LYS D 278 -29.18 21.95 -34.20
CA LYS D 278 -30.39 22.33 -34.92
C LYS D 278 -30.14 23.53 -35.84
N MET D 279 -29.42 24.53 -35.33
CA MET D 279 -29.18 25.77 -36.08
C MET D 279 -27.98 25.68 -37.01
N LEU D 280 -27.93 24.70 -37.90
CA LEU D 280 -26.81 24.58 -38.82
C LEU D 280 -27.22 24.23 -40.24
N ASN D 281 -28.39 23.65 -40.47
CA ASN D 281 -28.76 23.16 -41.78
C ASN D 281 -27.64 22.24 -42.29
N ALA D 282 -27.08 21.44 -41.37
CA ALA D 282 -25.92 20.62 -41.67
C ALA D 282 -26.28 19.14 -41.65
N ARG D 283 -27.41 18.78 -42.25
CA ARG D 283 -27.79 17.39 -42.46
C ARG D 283 -27.96 16.73 -41.09
N GLU D 284 -27.37 15.55 -40.88
CA GLU D 284 -27.59 14.80 -39.65
C GLU D 284 -26.35 14.90 -38.77
N PRO D 285 -26.42 15.55 -37.60
CA PRO D 285 -25.25 15.58 -36.72
C PRO D 285 -25.03 14.25 -36.01
N LYS D 286 -24.01 13.51 -36.43
CA LYS D 286 -23.74 12.19 -35.87
C LYS D 286 -23.31 12.33 -34.41
N VAL D 287 -23.78 11.41 -33.57
CA VAL D 287 -23.59 11.49 -32.13
C VAL D 287 -22.76 10.30 -31.66
N VAL D 288 -22.07 10.48 -30.54
CA VAL D 288 -21.14 9.47 -30.02
C VAL D 288 -21.54 9.21 -28.57
N ASN D 289 -22.83 9.35 -28.28
CA ASN D 289 -23.36 9.22 -26.92
C ASN D 289 -22.62 8.13 -26.13
N GLY D 290 -22.01 8.54 -25.03
CA GLY D 290 -21.28 7.63 -24.17
C GLY D 290 -20.20 6.87 -24.91
N PRO D 291 -19.50 5.99 -24.20
CA PRO D 291 -18.48 5.14 -24.87
C PRO D 291 -19.10 4.07 -25.78
N GLU D 292 -19.58 4.52 -26.94
CA GLU D 292 -20.15 3.63 -27.94
C GLU D 292 -19.10 3.19 -28.97
N ILE D 293 -17.85 3.58 -28.77
CA ILE D 293 -16.78 3.27 -29.70
C ILE D 293 -16.08 1.96 -29.36
N LEU D 294 -16.00 1.63 -28.06
CA LEU D 294 -15.40 0.36 -27.66
C LEU D 294 -16.14 -0.80 -28.31
N ASN D 295 -15.40 -1.78 -28.79
CA ASN D 295 -15.96 -2.91 -29.50
C ASN D 295 -15.17 -4.18 -29.20
N LYS D 296 -15.72 -5.31 -29.64
CA LYS D 296 -15.14 -6.62 -29.40
C LYS D 296 -13.98 -6.95 -30.32
N TYR D 297 -13.82 -6.23 -31.43
CA TYR D 297 -12.81 -6.54 -32.43
C TYR D 297 -11.78 -5.44 -32.48
N VAL D 298 -10.55 -5.75 -32.06
CA VAL D 298 -9.45 -4.80 -32.21
C VAL D 298 -9.32 -4.42 -33.68
N GLY D 299 -9.24 -3.12 -33.94
CA GLY D 299 -9.14 -2.61 -35.28
C GLY D 299 -10.45 -2.17 -35.90
N GLU D 300 -11.59 -2.61 -35.37
CA GLU D 300 -12.88 -2.15 -35.87
C GLU D 300 -13.36 -0.91 -35.11
N SER D 301 -13.04 -0.83 -33.82
CA SER D 301 -13.31 0.41 -33.09
C SER D 301 -12.53 1.57 -33.70
N GLU D 302 -11.26 1.33 -34.03
CA GLU D 302 -10.51 2.31 -34.81
C GLU D 302 -11.15 2.53 -36.17
N ALA D 303 -11.58 1.44 -36.82
CA ALA D 303 -12.32 1.57 -38.06
C ALA D 303 -13.63 2.30 -37.84
N ASN D 304 -14.25 2.11 -36.66
CA ASN D 304 -15.46 2.86 -36.35
C ASN D 304 -15.16 4.35 -36.28
N ILE D 305 -14.05 4.73 -35.65
CA ILE D 305 -13.67 6.13 -35.60
C ILE D 305 -13.45 6.67 -37.00
N ARG D 306 -12.72 5.91 -37.82
CA ARG D 306 -12.45 6.37 -39.18
C ARG D 306 -13.73 6.55 -39.97
N LYS D 307 -14.66 5.60 -39.87
CA LYS D 307 -15.96 5.74 -40.51
C LYS D 307 -16.72 6.93 -39.94
N LEU D 308 -16.44 7.30 -38.70
CA LEU D 308 -17.08 8.47 -38.11
C LEU D 308 -16.92 9.69 -38.99
N PHE D 309 -15.75 9.82 -39.63
CA PHE D 309 -15.46 10.97 -40.48
C PHE D 309 -15.47 10.64 -41.97
N ALA D 310 -15.43 9.36 -42.33
CA ALA D 310 -15.30 8.93 -43.72
C ALA D 310 -16.12 9.77 -44.70
N ASP D 311 -17.37 10.07 -44.34
CA ASP D 311 -18.24 10.83 -45.23
C ASP D 311 -17.61 12.19 -45.58
N ALA D 312 -17.38 13.02 -44.55
CA ALA D 312 -16.79 14.32 -44.79
C ALA D 312 -15.38 14.22 -45.35
N GLU D 313 -14.64 13.18 -44.97
CA GLU D 313 -13.30 12.99 -45.51
C GLU D 313 -13.34 12.84 -47.02
N GLU D 314 -14.19 11.93 -47.51
CA GLU D 314 -14.34 11.77 -48.95
C GLU D 314 -14.89 13.03 -49.59
N GLU D 315 -15.83 13.71 -48.92
CA GLU D 315 -16.39 14.94 -49.47
C GLU D 315 -15.29 15.96 -49.72
N GLN D 316 -14.44 16.19 -48.72
CA GLN D 316 -13.34 17.13 -48.90
C GLN D 316 -12.36 16.64 -49.96
N ARG D 317 -12.05 15.34 -49.96
CA ARG D 317 -11.06 14.80 -50.89
C ARG D 317 -11.51 14.99 -52.33
N ARG D 318 -12.80 14.80 -52.61
CA ARG D 318 -13.30 14.85 -53.97
C ARG D 318 -13.75 16.25 -54.37
N LEU D 319 -14.73 16.79 -53.64
CA LEU D 319 -15.32 18.07 -54.04
C LEU D 319 -14.31 19.20 -54.03
N GLY D 320 -13.45 19.24 -53.00
CA GLY D 320 -12.45 20.28 -52.93
C GLY D 320 -13.05 21.66 -52.74
N ALA D 321 -13.62 21.90 -51.55
CA ALA D 321 -14.27 23.17 -51.23
C ALA D 321 -15.63 23.24 -51.93
N ASN D 322 -16.38 24.31 -51.67
CA ASN D 322 -17.74 24.45 -52.16
C ASN D 322 -18.57 23.22 -51.77
N SER D 323 -18.47 22.87 -50.48
CA SER D 323 -19.12 21.67 -49.96
C SER D 323 -19.96 22.01 -48.73
N GLY D 324 -20.48 20.98 -48.06
CA GLY D 324 -21.31 21.18 -46.89
C GLY D 324 -20.60 20.84 -45.60
N LEU D 325 -21.18 21.27 -44.48
CA LEU D 325 -20.59 21.06 -43.16
C LEU D 325 -21.11 19.75 -42.56
N HIS D 326 -20.29 19.16 -41.69
CA HIS D 326 -20.65 17.91 -41.01
C HIS D 326 -20.28 18.04 -39.54
N ILE D 327 -21.30 18.08 -38.68
CA ILE D 327 -21.08 18.17 -37.24
C ILE D 327 -21.01 16.77 -36.65
N ILE D 328 -20.08 16.57 -35.71
CA ILE D 328 -19.90 15.29 -35.03
C ILE D 328 -19.86 15.60 -33.54
N ILE D 329 -21.00 15.42 -32.87
CA ILE D 329 -21.12 15.73 -31.45
C ILE D 329 -20.55 14.60 -30.62
N PHE D 330 -19.78 14.95 -29.60
CA PHE D 330 -19.23 14.00 -28.65
C PHE D 330 -19.83 14.26 -27.28
N ASP D 331 -20.35 13.22 -26.66
CA ASP D 331 -20.98 13.30 -25.35
C ASP D 331 -20.15 12.53 -24.33
N GLU D 332 -19.95 13.14 -23.16
CA GLU D 332 -19.16 12.50 -22.11
C GLU D 332 -17.80 12.11 -22.64
N ILE D 333 -17.04 13.08 -23.17
CA ILE D 333 -15.75 12.80 -23.77
C ILE D 333 -14.67 12.49 -22.74
N ASP D 334 -14.99 12.51 -21.46
CA ASP D 334 -14.03 12.20 -20.41
C ASP D 334 -13.93 10.71 -20.12
N ALA D 335 -14.73 9.88 -20.79
CA ALA D 335 -14.72 8.43 -20.58
C ALA D 335 -13.77 7.70 -21.52
N ILE D 336 -13.67 8.13 -22.77
CA ILE D 336 -12.81 7.46 -23.74
C ILE D 336 -11.47 8.17 -23.89
N CYS D 337 -11.45 9.49 -23.72
CA CYS D 337 -10.22 10.27 -23.79
C CYS D 337 -9.81 10.64 -22.38
N LYS D 338 -8.65 10.13 -21.94
CA LYS D 338 -8.11 10.41 -20.62
C LYS D 338 -6.62 10.68 -20.76
N GLN D 339 -5.97 10.94 -19.64
CA GLN D 339 -4.53 11.16 -19.65
C GLN D 339 -3.82 9.95 -20.23
N ARG D 340 -2.80 10.19 -21.05
CA ARG D 340 -2.07 9.11 -21.70
C ARG D 340 -1.54 8.13 -20.65
N GLY D 341 -1.76 6.84 -20.90
CA GLY D 341 -1.42 5.81 -19.94
C GLY D 341 -2.61 5.38 -19.12
N SER D 342 -3.08 4.15 -19.35
CA SER D 342 -4.25 3.64 -18.66
C SER D 342 -3.88 3.15 -17.26
N MET D 343 -4.87 2.67 -16.52
CA MET D 343 -4.63 2.18 -15.17
C MET D 343 -3.69 0.97 -15.12
N ALA D 344 -3.86 0.02 -16.04
CA ALA D 344 -3.02 -1.16 -16.07
C ALA D 344 -3.10 -1.77 -17.47
N GLY D 345 -1.96 -2.21 -17.98
CA GLY D 345 -1.90 -2.74 -19.33
C GLY D 345 -2.80 -3.94 -19.53
N SER D 346 -3.96 -3.71 -20.14
CA SER D 346 -4.92 -4.78 -20.42
C SER D 346 -5.72 -4.36 -21.64
N THR D 347 -5.37 -4.93 -22.79
CA THR D 347 -5.98 -4.60 -24.08
C THR D 347 -6.26 -3.11 -24.18
N GLY D 348 -5.17 -2.34 -24.13
CA GLY D 348 -5.28 -0.90 -24.03
C GLY D 348 -5.72 -0.26 -25.33
N VAL D 349 -6.96 -0.54 -25.72
CA VAL D 349 -7.54 0.10 -26.89
C VAL D 349 -7.72 1.60 -26.70
N HIS D 350 -7.63 2.08 -25.45
CA HIS D 350 -7.76 3.51 -25.19
C HIS D 350 -6.69 4.30 -25.92
N ASP D 351 -5.44 3.83 -25.87
CA ASP D 351 -4.37 4.50 -26.58
C ASP D 351 -4.64 4.53 -28.08
N THR D 352 -5.10 3.40 -28.63
CA THR D 352 -5.37 3.35 -30.06
C THR D 352 -6.45 4.35 -30.46
N VAL D 353 -7.56 4.37 -29.70
CA VAL D 353 -8.66 5.27 -30.05
C VAL D 353 -8.21 6.72 -29.95
N VAL D 354 -7.53 7.08 -28.85
CA VAL D 354 -7.15 8.47 -28.66
C VAL D 354 -6.17 8.90 -29.74
N ASN D 355 -5.18 8.06 -30.05
CA ASN D 355 -4.20 8.43 -31.07
C ASN D 355 -4.84 8.50 -32.45
N GLN D 356 -5.73 7.57 -32.79
CA GLN D 356 -6.40 7.62 -34.08
C GLN D 356 -7.23 8.89 -34.21
N LEU D 357 -7.96 9.27 -33.15
CA LEU D 357 -8.75 10.49 -33.19
C LEU D 357 -7.84 11.71 -33.33
N LEU D 358 -6.74 11.74 -32.58
CA LEU D 358 -5.80 12.85 -32.67
C LEU D 358 -5.30 13.02 -34.10
N SER D 359 -4.89 11.92 -34.73
CA SER D 359 -4.42 11.97 -36.10
C SER D 359 -5.51 12.38 -37.08
N LYS D 360 -6.73 11.86 -36.90
CA LYS D 360 -7.79 12.10 -37.88
C LYS D 360 -8.29 13.54 -37.83
N ILE D 361 -8.46 14.10 -36.62
CA ILE D 361 -9.06 15.43 -36.53
C ILE D 361 -8.21 16.45 -37.26
N ASP D 362 -6.88 16.42 -37.07
CA ASP D 362 -5.99 17.35 -37.76
C ASP D 362 -4.61 16.72 -37.80
N GLY D 363 -4.24 16.17 -38.95
CA GLY D 363 -2.95 15.52 -39.12
C GLY D 363 -2.23 15.96 -40.38
N VAL D 364 -1.64 15.01 -41.10
CA VAL D 364 -0.92 15.31 -42.32
C VAL D 364 -1.87 15.94 -43.32
N GLU D 365 -3.10 15.43 -43.37
CA GLU D 365 -4.14 15.96 -44.24
C GLU D 365 -5.10 16.82 -43.43
N GLN D 366 -5.46 17.98 -44.00
CA GLN D 366 -6.30 18.95 -43.33
C GLN D 366 -7.67 19.00 -43.97
N LEU D 367 -8.71 19.06 -43.14
CA LEU D 367 -10.08 19.23 -43.57
C LEU D 367 -10.55 20.65 -43.22
N ASN D 368 -11.62 21.08 -43.88
CA ASN D 368 -12.11 22.44 -43.70
C ASN D 368 -13.63 22.51 -43.60
N ASN D 369 -14.31 21.37 -43.47
CA ASN D 369 -15.78 21.34 -43.42
C ASN D 369 -16.26 20.41 -42.33
N ILE D 370 -15.66 20.48 -41.14
CA ILE D 370 -16.06 19.68 -40.00
C ILE D 370 -16.20 20.58 -38.79
N LEU D 371 -16.71 20.01 -37.70
CA LEU D 371 -16.82 20.70 -36.43
C LEU D 371 -17.10 19.68 -35.34
N VAL D 372 -16.31 19.72 -34.27
CA VAL D 372 -16.39 18.75 -33.19
C VAL D 372 -16.73 19.49 -31.90
N ILE D 373 -17.74 19.01 -31.18
CA ILE D 373 -18.19 19.61 -29.93
C ILE D 373 -17.99 18.58 -28.83
N GLY D 374 -17.22 18.93 -27.80
CA GLY D 374 -16.96 18.04 -26.69
C GLY D 374 -17.58 18.52 -25.40
N MET D 375 -18.48 17.72 -24.83
CA MET D 375 -19.20 18.07 -23.61
C MET D 375 -18.66 17.21 -22.47
N THR D 376 -17.93 17.84 -21.56
CA THR D 376 -17.29 17.14 -20.45
C THR D 376 -17.82 17.68 -19.12
N ASN D 377 -17.32 17.07 -18.04
CA ASN D 377 -17.64 17.51 -16.69
C ASN D 377 -16.42 17.58 -15.78
N ARG D 378 -15.26 17.08 -16.23
CA ARG D 378 -14.04 17.06 -15.43
C ARG D 378 -12.93 17.71 -16.24
N PRO D 379 -12.94 19.04 -16.35
CA PRO D 379 -11.95 19.71 -17.21
C PRO D 379 -10.51 19.45 -16.80
N ASP D 380 -10.22 19.36 -15.50
CA ASP D 380 -8.85 19.21 -15.05
C ASP D 380 -8.24 17.88 -15.48
N LEU D 381 -9.05 16.87 -15.75
CA LEU D 381 -8.58 15.55 -16.18
C LEU D 381 -8.93 15.40 -17.65
N ILE D 382 -7.95 15.62 -18.53
CA ILE D 382 -8.15 15.42 -19.96
C ILE D 382 -6.79 15.47 -20.65
N ASP D 383 -6.67 14.81 -21.79
CA ASP D 383 -5.42 14.85 -22.55
C ASP D 383 -5.08 16.28 -22.94
N GLU D 384 -3.83 16.66 -22.70
CA GLU D 384 -3.38 18.00 -23.04
C GLU D 384 -3.31 18.23 -24.54
N ALA D 385 -2.99 17.19 -25.31
CA ALA D 385 -2.81 17.30 -26.75
C ALA D 385 -4.06 17.78 -27.47
N LEU D 386 -5.24 17.59 -26.88
CA LEU D 386 -6.50 17.97 -27.50
C LEU D 386 -6.81 19.45 -27.34
N LEU D 387 -6.12 20.14 -26.44
CA LEU D 387 -6.36 21.56 -26.20
C LEU D 387 -5.47 22.47 -27.02
N ARG D 388 -4.59 21.92 -27.85
CA ARG D 388 -3.78 22.74 -28.73
C ARG D 388 -4.69 23.47 -29.71
N PRO D 389 -4.44 24.74 -30.00
CA PRO D 389 -5.29 25.44 -30.97
C PRO D 389 -5.35 24.73 -32.30
N GLY D 390 -6.53 24.67 -32.89
CA GLY D 390 -6.73 23.94 -34.14
C GLY D 390 -7.69 22.77 -33.97
N ARG D 391 -7.63 22.12 -32.82
CA ARG D 391 -8.51 20.99 -32.53
C ARG D 391 -9.68 21.43 -31.68
N LEU D 392 -9.39 21.98 -30.50
CA LEU D 392 -10.41 22.50 -29.59
C LEU D 392 -9.89 23.81 -29.01
N GLU D 393 -10.43 24.93 -29.49
CA GLU D 393 -9.93 26.25 -29.14
C GLU D 393 -10.76 26.93 -28.06
N VAL D 394 -12.06 27.10 -28.29
CA VAL D 394 -12.90 27.86 -27.37
C VAL D 394 -13.27 27.01 -26.16
N LYS D 395 -12.54 27.19 -25.06
CA LYS D 395 -12.82 26.49 -23.81
C LYS D 395 -13.65 27.37 -22.87
N MET D 396 -14.90 27.59 -23.25
CA MET D 396 -15.79 28.43 -22.48
C MET D 396 -16.32 27.66 -21.27
N GLU D 397 -16.78 28.41 -20.27
CA GLU D 397 -17.29 27.86 -19.02
C GLU D 397 -18.77 28.19 -18.90
N ILE D 398 -19.56 27.22 -18.44
CA ILE D 398 -20.98 27.39 -18.20
C ILE D 398 -21.20 27.40 -16.70
N GLY D 399 -21.63 28.54 -16.15
CA GLY D 399 -21.77 28.71 -14.73
C GLY D 399 -23.22 28.93 -14.31
N LEU D 400 -23.39 29.11 -13.00
CA LEU D 400 -24.71 29.29 -12.44
C LEU D 400 -25.33 30.61 -12.91
N PRO D 401 -26.64 30.69 -12.98
CA PRO D 401 -27.31 31.93 -13.40
C PRO D 401 -27.44 32.91 -12.23
N ASP D 402 -28.00 34.07 -12.52
CA ASP D 402 -28.19 35.11 -11.52
C ASP D 402 -29.63 35.61 -11.53
N GLU D 403 -29.89 36.72 -10.83
CA GLU D 403 -31.25 37.23 -10.69
C GLU D 403 -31.95 37.34 -12.04
N LYS D 404 -31.34 38.08 -12.98
CA LYS D 404 -32.01 38.32 -14.26
C LYS D 404 -32.23 37.04 -15.03
N GLY D 405 -31.25 36.13 -15.01
CA GLY D 405 -31.40 34.88 -15.75
C GLY D 405 -32.56 34.03 -15.26
N ARG D 406 -32.75 33.99 -13.94
CA ARG D 406 -33.82 33.16 -13.38
C ARG D 406 -35.18 33.59 -13.91
N LEU D 407 -35.42 34.90 -13.95
CA LEU D 407 -36.70 35.41 -14.45
C LEU D 407 -36.89 35.02 -15.91
N GLN D 408 -35.83 35.16 -16.73
CA GLN D 408 -35.94 34.79 -18.13
C GLN D 408 -36.28 33.33 -18.29
N ILE D 409 -35.59 32.45 -17.55
CA ILE D 409 -35.83 31.01 -17.69
C ILE D 409 -37.25 30.68 -17.28
N LEU D 410 -37.70 31.25 -16.15
CA LEU D 410 -39.06 30.95 -15.67
C LEU D 410 -40.10 31.41 -16.68
N HIS D 411 -39.92 32.62 -17.23
CA HIS D 411 -40.87 33.11 -18.22
C HIS D 411 -40.88 32.24 -19.46
N ILE D 412 -39.69 31.80 -19.91
CA ILE D 412 -39.62 30.94 -21.09
C ILE D 412 -40.38 29.64 -20.84
N HIS D 413 -40.20 29.06 -19.66
CA HIS D 413 -40.85 27.78 -19.37
C HIS D 413 -42.36 27.95 -19.20
N THR D 414 -42.80 29.10 -18.71
CA THR D 414 -44.23 29.32 -18.49
C THR D 414 -44.91 30.05 -19.65
N ALA D 415 -44.20 30.28 -20.76
CA ALA D 415 -44.83 30.88 -21.93
C ALA D 415 -46.09 30.13 -22.34
N ARG D 416 -45.98 28.81 -22.52
CA ARG D 416 -47.14 28.01 -22.92
C ARG D 416 -48.23 28.07 -21.86
N MET D 417 -47.83 27.97 -20.59
CA MET D 417 -48.79 28.02 -19.49
C MET D 417 -49.63 29.29 -19.57
N ARG D 418 -48.98 30.43 -19.76
CA ARG D 418 -49.71 31.68 -19.97
C ARG D 418 -50.53 31.63 -21.24
N GLY D 419 -50.02 30.98 -22.29
CA GLY D 419 -50.73 30.92 -23.55
C GLY D 419 -52.09 30.26 -23.42
N HIS D 420 -52.20 29.24 -22.58
CA HIS D 420 -53.46 28.52 -22.40
C HIS D 420 -54.09 28.75 -21.03
N GLN D 421 -53.74 29.85 -20.37
CA GLN D 421 -54.38 30.25 -19.12
C GLN D 421 -53.98 29.31 -17.97
N LEU D 422 -54.95 28.80 -17.22
CA LEU D 422 -54.70 28.03 -16.01
C LEU D 422 -53.64 28.72 -15.14
N LEU D 423 -53.90 29.99 -14.87
CA LEU D 423 -52.91 30.85 -14.21
C LEU D 423 -53.27 31.11 -12.75
N SER D 424 -54.56 31.14 -12.40
CA SER D 424 -54.94 31.32 -10.99
C SER D 424 -54.40 32.64 -10.43
N ALA D 425 -54.92 33.76 -10.89
CA ALA D 425 -54.43 35.08 -10.49
C ALA D 425 -53.03 35.31 -11.05
N ASP D 426 -52.92 35.18 -12.38
CA ASP D 426 -51.68 35.42 -13.13
C ASP D 426 -50.38 34.85 -12.55
N VAL D 427 -49.38 35.70 -12.35
CA VAL D 427 -48.05 35.23 -11.97
C VAL D 427 -47.39 36.29 -11.09
N ASP D 428 -46.47 35.83 -10.25
CA ASP D 428 -45.63 36.72 -9.44
C ASP D 428 -44.18 36.35 -9.68
N ILE D 429 -43.80 36.19 -10.94
CA ILE D 429 -42.47 35.66 -11.27
C ILE D 429 -41.38 36.45 -10.58
N LYS D 430 -41.60 37.73 -10.30
CA LYS D 430 -40.59 38.52 -9.60
C LYS D 430 -40.30 37.94 -8.22
N GLU D 431 -41.35 37.63 -7.46
CA GLU D 431 -41.16 37.05 -6.14
C GLU D 431 -40.48 35.69 -6.22
N LEU D 432 -40.88 34.88 -7.21
CA LEU D 432 -40.26 33.56 -7.36
C LEU D 432 -38.77 33.69 -7.65
N ALA D 433 -38.41 34.63 -8.54
CA ALA D 433 -37.00 34.84 -8.84
C ALA D 433 -36.25 35.33 -7.61
N VAL D 434 -36.86 36.23 -6.84
CA VAL D 434 -36.18 36.76 -5.65
C VAL D 434 -35.95 35.64 -4.64
N GLU D 435 -36.96 34.79 -4.41
CA GLU D 435 -36.84 33.78 -3.37
C GLU D 435 -35.77 32.75 -3.72
N THR D 436 -35.72 32.29 -4.97
CA THR D 436 -34.79 31.25 -5.37
C THR D 436 -33.44 31.89 -5.65
N LYS D 437 -32.44 31.51 -4.86
CA LYS D 437 -31.07 31.99 -5.02
C LYS D 437 -30.16 30.82 -5.34
N ASN D 438 -29.31 31.00 -6.35
CA ASN D 438 -28.37 29.95 -6.77
C ASN D 438 -29.09 28.69 -7.21
N PHE D 439 -30.20 28.87 -7.94
CA PHE D 439 -30.94 27.75 -8.49
C PHE D 439 -30.51 27.52 -9.93
N SER D 440 -30.13 26.28 -10.23
CA SER D 440 -29.83 25.89 -11.59
C SER D 440 -31.12 25.66 -12.36
N GLY D 441 -31.02 25.64 -13.69
CA GLY D 441 -32.21 25.53 -14.52
C GLY D 441 -33.04 24.30 -14.20
N ALA D 442 -32.37 23.17 -13.97
CA ALA D 442 -33.09 21.94 -13.64
C ALA D 442 -33.95 22.15 -12.40
N GLU D 443 -33.45 22.92 -11.43
CA GLU D 443 -34.25 23.19 -10.23
C GLU D 443 -35.53 23.93 -10.59
N LEU D 444 -35.44 24.92 -11.46
CA LEU D 444 -36.63 25.68 -11.85
C LEU D 444 -37.62 24.78 -12.59
N GLU D 445 -37.12 23.96 -13.52
CA GLU D 445 -38.02 23.06 -14.24
C GLU D 445 -38.70 22.10 -13.27
N GLY D 446 -37.95 21.55 -12.33
CA GLY D 446 -38.55 20.64 -11.37
C GLY D 446 -39.58 21.33 -10.50
N LEU D 447 -39.31 22.56 -10.08
CA LEU D 447 -40.29 23.30 -9.28
C LEU D 447 -41.59 23.49 -10.05
N VAL D 448 -41.48 23.93 -11.30
CA VAL D 448 -42.69 24.15 -12.11
C VAL D 448 -43.43 22.84 -12.28
N ARG D 449 -42.70 21.76 -12.58
CA ARG D 449 -43.35 20.47 -12.79
C ARG D 449 -44.06 19.99 -11.53
N ALA D 450 -43.43 20.16 -10.37
CA ALA D 450 -44.05 19.72 -9.12
C ALA D 450 -45.31 20.54 -8.83
N ALA D 451 -45.26 21.84 -9.04
CA ALA D 451 -46.46 22.65 -8.84
C ALA D 451 -47.58 22.19 -9.77
N GLN D 452 -47.25 21.94 -11.03
CA GLN D 452 -48.25 21.47 -11.97
C GLN D 452 -48.82 20.13 -11.53
N SER D 453 -47.96 19.21 -11.08
CA SER D 453 -48.43 17.90 -10.66
C SER D 453 -49.37 18.00 -9.46
N THR D 454 -49.04 18.85 -8.49
CA THR D 454 -49.92 19.03 -7.35
C THR D 454 -51.27 19.59 -7.81
N ALA D 455 -51.25 20.58 -8.70
CA ALA D 455 -52.51 21.11 -9.22
C ALA D 455 -53.32 20.02 -9.91
N MET D 456 -52.64 19.17 -10.69
CA MET D 456 -53.32 18.06 -11.35
C MET D 456 -53.98 17.15 -10.31
N ASN D 457 -53.23 16.78 -9.27
CA ASN D 457 -53.73 15.88 -8.25
C ASN D 457 -54.91 16.48 -7.49
N ARG D 458 -55.00 17.81 -7.42
CA ARG D 458 -56.13 18.42 -6.73
C ARG D 458 -57.46 18.14 -7.42
N HIS D 459 -57.43 17.68 -8.67
CA HIS D 459 -58.65 17.39 -9.43
C HIS D 459 -58.93 15.90 -9.54
N ILE D 460 -58.50 15.11 -8.55
CA ILE D 460 -58.69 13.66 -8.59
C ILE D 460 -58.50 13.12 -7.18
N LYS D 461 -59.10 11.97 -6.91
CA LYS D 461 -58.93 11.29 -5.64
C LYS D 461 -59.21 9.81 -5.87
N ALA D 462 -58.17 8.99 -5.83
CA ALA D 462 -58.33 7.56 -6.08
C ALA D 462 -57.20 6.82 -5.36
N SER D 463 -57.53 6.13 -4.28
CA SER D 463 -56.58 5.31 -3.55
C SER D 463 -56.61 3.86 -4.03
N THR D 464 -57.78 3.24 -4.00
CA THR D 464 -57.96 1.87 -4.46
C THR D 464 -58.75 1.79 -5.76
N LYS D 465 -58.91 2.90 -6.46
CA LYS D 465 -59.67 2.95 -7.71
C LYS D 465 -58.90 3.83 -8.68
N VAL D 466 -59.57 4.23 -9.77
CA VAL D 466 -58.98 5.10 -10.78
C VAL D 466 -59.56 6.51 -10.69
N GLU D 467 -60.88 6.66 -10.89
CA GLU D 467 -61.55 7.94 -10.81
C GLU D 467 -60.76 9.01 -11.57
N VAL D 468 -60.74 8.83 -12.89
CA VAL D 468 -59.94 9.67 -13.78
C VAL D 468 -60.14 11.14 -13.44
N ASP D 469 -61.40 11.58 -13.39
CA ASP D 469 -61.69 12.97 -13.06
C ASP D 469 -63.18 13.11 -12.81
N MET D 470 -63.54 14.25 -12.20
CA MET D 470 -64.92 14.64 -11.98
C MET D 470 -65.42 15.65 -13.00
N GLU D 471 -64.66 15.84 -14.10
CA GLU D 471 -64.98 16.83 -15.12
C GLU D 471 -64.91 18.24 -14.56
N LYS D 472 -63.81 18.51 -13.84
CA LYS D 472 -63.53 19.83 -13.28
C LYS D 472 -62.34 20.49 -13.95
N ALA D 473 -61.95 20.02 -15.14
CA ALA D 473 -60.82 20.61 -15.85
C ALA D 473 -61.05 22.09 -16.15
N GLU D 474 -62.31 22.53 -16.21
CA GLU D 474 -62.60 23.93 -16.42
C GLU D 474 -62.04 24.79 -15.29
N SER D 475 -62.07 24.26 -14.07
CA SER D 475 -61.58 24.97 -12.89
C SER D 475 -60.13 24.62 -12.58
N LEU D 476 -59.37 24.22 -13.59
CA LEU D 476 -57.96 23.86 -13.42
C LEU D 476 -57.14 25.15 -13.52
N GLN D 477 -56.81 25.71 -12.37
CA GLN D 477 -55.98 26.90 -12.28
C GLN D 477 -54.90 26.64 -11.23
N VAL D 478 -53.65 26.88 -11.61
CA VAL D 478 -52.52 26.57 -10.72
C VAL D 478 -52.27 27.74 -9.79
N THR D 479 -52.84 27.69 -8.59
CA THR D 479 -52.65 28.76 -7.62
C THR D 479 -51.20 28.82 -7.17
N ARG D 480 -50.71 30.04 -6.92
CA ARG D 480 -49.33 30.22 -6.49
C ARG D 480 -49.08 29.58 -5.14
N GLY D 481 -50.14 29.27 -4.40
CA GLY D 481 -49.96 28.53 -3.15
C GLY D 481 -49.28 27.20 -3.37
N ASP D 482 -49.66 26.49 -4.43
CA ASP D 482 -48.99 25.24 -4.76
C ASP D 482 -47.53 25.47 -5.09
N PHE D 483 -47.23 26.56 -5.81
CA PHE D 483 -45.85 26.91 -6.08
C PHE D 483 -45.08 27.09 -4.78
N LEU D 484 -45.69 27.77 -3.80
CA LEU D 484 -45.03 27.99 -2.52
C LEU D 484 -44.75 26.67 -1.82
N ALA D 485 -45.75 25.77 -1.78
CA ALA D 485 -45.55 24.49 -1.12
C ALA D 485 -44.44 23.68 -1.79
N SER D 486 -44.43 23.66 -3.12
CA SER D 486 -43.38 22.94 -3.84
C SER D 486 -42.01 23.55 -3.54
N LEU D 487 -41.91 24.87 -3.60
CA LEU D 487 -40.64 25.53 -3.29
C LEU D 487 -40.22 25.29 -1.86
N GLU D 488 -41.18 25.01 -0.98
CA GLU D 488 -40.87 24.83 0.44
C GLU D 488 -40.38 23.42 0.74
N ASN D 489 -41.14 22.40 0.32
CA ASN D 489 -40.88 21.03 0.78
C ASN D 489 -40.95 20.01 -0.35
N ASP D 490 -40.41 20.34 -1.52
CA ASP D 490 -40.30 19.36 -2.60
C ASP D 490 -38.89 19.26 -3.16
N ILE D 491 -38.19 20.39 -3.32
CA ILE D 491 -36.91 20.43 -4.01
C ILE D 491 -35.88 21.08 -3.10
N LYS D 492 -34.73 20.44 -2.97
CA LYS D 492 -33.61 20.96 -2.19
C LYS D 492 -32.47 21.30 -3.12
N PRO D 493 -32.04 22.56 -3.22
CA PRO D 493 -30.97 22.91 -4.15
C PRO D 493 -29.63 22.33 -3.70
N ALA D 494 -28.66 22.42 -4.61
CA ALA D 494 -27.30 21.94 -4.36
C ALA D 494 -26.37 23.04 -3.87
N PHE D 495 -26.61 24.29 -4.27
CA PHE D 495 -25.78 25.42 -3.88
C PHE D 495 -26.58 26.45 -3.09
N GLY D 496 -27.47 25.98 -2.23
CA GLY D 496 -28.33 26.87 -1.47
C GLY D 496 -28.40 26.54 0.00
N THR D 497 -29.36 27.12 0.71
CA THR D 497 -29.53 26.93 2.14
C THR D 497 -30.86 26.24 2.43
N ASN D 498 -30.83 25.27 3.33
CA ASN D 498 -32.02 24.54 3.74
C ASN D 498 -32.21 24.70 5.25
N GLN D 499 -33.44 25.03 5.64
CA GLN D 499 -33.71 25.37 7.04
C GLN D 499 -33.52 24.17 7.96
N GLU D 500 -33.60 22.95 7.43
CA GLU D 500 -33.43 21.76 8.26
C GLU D 500 -32.05 21.72 8.88
N ASP D 501 -31.04 22.25 8.18
CA ASP D 501 -29.69 22.29 8.74
C ASP D 501 -29.63 23.18 9.97
N TYR D 502 -30.29 24.34 9.94
CA TYR D 502 -30.29 25.23 11.09
C TYR D 502 -31.19 24.71 12.20
N ALA D 503 -32.23 23.95 11.85
CA ALA D 503 -33.16 23.45 12.85
C ALA D 503 -32.53 22.48 13.85
N SER D 504 -31.26 22.11 13.69
CA SER D 504 -30.60 21.20 14.63
C SER D 504 -29.56 21.88 15.51
N TYR D 505 -29.12 23.09 15.18
CA TYR D 505 -28.16 23.82 16.00
C TYR D 505 -28.79 24.95 16.79
N ILE D 506 -30.07 25.22 16.60
CA ILE D 506 -30.83 26.15 17.44
C ILE D 506 -32.06 25.38 17.91
N MET D 507 -31.94 24.72 19.06
CA MET D 507 -32.98 23.80 19.51
C MET D 507 -34.09 24.51 20.27
N ASN D 508 -33.74 25.29 21.28
CA ASN D 508 -34.72 26.00 22.11
C ASN D 508 -34.67 27.51 21.86
N GLY D 509 -34.15 27.91 20.70
CA GLY D 509 -34.17 29.31 20.32
C GLY D 509 -33.15 30.15 21.07
N ILE D 510 -33.30 31.46 20.90
CA ILE D 510 -32.43 32.46 21.52
C ILE D 510 -33.29 33.34 22.41
N ILE D 511 -32.87 33.50 23.67
CA ILE D 511 -33.58 34.32 24.64
C ILE D 511 -32.59 35.34 25.19
N LYS D 512 -33.01 36.60 25.21
CA LYS D 512 -32.16 37.70 25.67
C LYS D 512 -32.20 37.72 27.20
N TRP D 513 -31.17 37.15 27.83
CA TRP D 513 -31.08 37.10 29.28
C TRP D 513 -30.17 38.20 29.84
N GLY D 514 -29.69 39.11 29.01
CA GLY D 514 -28.81 40.16 29.49
C GLY D 514 -28.27 40.98 28.36
N ASP D 515 -27.17 41.69 28.64
CA ASP D 515 -26.57 42.63 27.70
C ASP D 515 -25.69 41.93 26.67
N PRO D 516 -24.84 40.98 27.07
CA PRO D 516 -23.82 40.46 26.14
C PRO D 516 -24.41 39.94 24.83
N VAL D 517 -25.61 39.37 24.84
CA VAL D 517 -26.17 38.79 23.62
C VAL D 517 -26.29 39.86 22.55
N THR D 518 -26.84 41.03 22.90
CA THR D 518 -27.00 42.09 21.93
C THR D 518 -25.65 42.57 21.42
N ARG D 519 -24.66 42.68 22.30
CA ARG D 519 -23.33 43.11 21.88
C ARG D 519 -22.74 42.15 20.86
N VAL D 520 -22.82 40.84 21.13
CA VAL D 520 -22.28 39.86 20.21
C VAL D 520 -23.00 39.92 18.88
N LEU D 521 -24.34 40.01 18.91
CA LEU D 521 -25.09 40.06 17.66
C LEU D 521 -24.73 41.30 16.85
N ASP D 522 -24.57 42.45 17.51
CA ASP D 522 -24.20 43.66 16.79
C ASP D 522 -22.79 43.56 16.21
N ASP D 523 -21.86 42.95 16.93
CA ASP D 523 -20.51 42.76 16.39
C ASP D 523 -20.55 41.88 15.15
N GLY D 524 -21.31 40.79 15.20
CA GLY D 524 -21.46 39.96 14.02
C GLY D 524 -22.07 40.73 12.87
N GLU D 525 -23.07 41.56 13.15
CA GLU D 525 -23.69 42.36 12.10
C GLU D 525 -22.68 43.29 11.45
N LEU D 526 -21.87 43.96 12.27
CA LEU D 526 -20.86 44.85 11.72
C LEU D 526 -19.86 44.10 10.85
N LEU D 527 -19.44 42.91 11.31
CA LEU D 527 -18.49 42.13 10.53
C LEU D 527 -19.08 41.76 9.17
N VAL D 528 -20.32 41.26 9.16
CA VAL D 528 -20.93 40.85 7.90
C VAL D 528 -21.13 42.05 6.98
N GLN D 529 -21.52 43.19 7.55
CA GLN D 529 -21.68 44.39 6.72
C GLN D 529 -20.37 44.81 6.11
N GLN D 530 -19.28 44.72 6.88
CA GLN D 530 -17.97 45.01 6.31
C GLN D 530 -17.65 44.06 5.17
N THR D 531 -17.94 42.78 5.34
CA THR D 531 -17.62 41.81 4.30
C THR D 531 -18.41 42.09 3.02
N LYS D 532 -19.69 42.43 3.15
CA LYS D 532 -20.54 42.52 1.97
C LYS D 532 -20.06 43.61 1.01
N ASN D 533 -20.11 44.87 1.44
CA ASN D 533 -19.90 46.00 0.54
C ASN D 533 -18.57 46.67 0.89
N SER D 534 -17.51 46.22 0.22
CA SER D 534 -16.20 46.83 0.36
C SER D 534 -15.24 46.13 -0.57
N ASP D 535 -14.10 46.78 -0.81
CA ASP D 535 -13.00 46.20 -1.57
C ASP D 535 -11.72 46.39 -0.78
N ARG D 536 -10.65 45.74 -1.23
CA ARG D 536 -9.33 45.75 -0.63
C ARG D 536 -9.27 44.82 0.58
N THR D 537 -10.36 44.11 0.91
CA THR D 537 -10.37 43.16 2.03
C THR D 537 -11.35 42.05 1.69
N PRO D 538 -11.07 41.27 0.66
CA PRO D 538 -12.03 40.23 0.23
C PRO D 538 -12.33 39.20 1.30
N LEU D 539 -11.33 38.86 2.12
CA LEU D 539 -11.47 37.80 3.11
C LEU D 539 -11.46 38.40 4.51
N VAL D 540 -12.40 37.96 5.34
CA VAL D 540 -12.52 38.41 6.72
C VAL D 540 -12.78 37.20 7.61
N SER D 541 -12.12 37.18 8.76
CA SER D 541 -12.22 36.06 9.69
C SER D 541 -12.63 36.57 11.06
N VAL D 542 -13.15 35.65 11.89
CA VAL D 542 -13.52 35.97 13.26
C VAL D 542 -13.57 34.66 14.03
N LEU D 543 -13.42 34.74 15.35
CA LEU D 543 -13.32 33.55 16.19
C LEU D 543 -14.07 33.79 17.50
N LEU D 544 -15.27 33.24 17.61
CA LEU D 544 -15.98 33.24 18.88
C LEU D 544 -15.26 32.31 19.85
N GLU D 545 -15.24 32.69 21.13
CA GLU D 545 -14.50 31.94 22.12
C GLU D 545 -15.07 32.22 23.50
N GLY D 546 -15.06 31.19 24.34
CA GLY D 546 -15.54 31.30 25.69
C GLY D 546 -15.43 29.98 26.44
N PRO D 547 -15.87 29.97 27.70
CA PRO D 547 -15.82 28.73 28.49
C PRO D 547 -16.85 27.73 28.01
N PRO D 548 -16.69 26.46 28.35
CA PRO D 548 -17.62 25.44 27.85
C PRO D 548 -19.03 25.65 28.38
N HIS D 549 -20.01 25.20 27.58
CA HIS D 549 -21.42 25.29 27.95
C HIS D 549 -21.87 26.74 28.05
N SER D 550 -21.45 27.56 27.08
CA SER D 550 -21.80 28.97 27.04
C SER D 550 -22.74 29.33 25.91
N GLY D 551 -22.81 28.53 24.85
CA GLY D 551 -23.68 28.80 23.73
C GLY D 551 -22.98 29.48 22.57
N LYS D 552 -21.81 28.97 22.18
CA LYS D 552 -21.08 29.53 21.05
C LYS D 552 -21.71 29.09 19.73
N THR D 553 -22.00 27.79 19.59
CA THR D 553 -22.49 27.27 18.32
C THR D 553 -23.83 27.89 17.95
N ALA D 554 -24.74 28.02 18.91
CA ALA D 554 -26.04 28.61 18.61
C ALA D 554 -25.90 30.04 18.13
N LEU D 555 -25.06 30.83 18.80
CA LEU D 555 -24.88 32.22 18.39
C LEU D 555 -24.24 32.31 17.02
N ALA D 556 -23.26 31.44 16.73
CA ALA D 556 -22.66 31.45 15.40
C ALA D 556 -23.69 31.11 14.33
N ALA D 557 -24.52 30.10 14.58
CA ALA D 557 -25.55 29.73 13.62
C ALA D 557 -26.54 30.86 13.42
N LYS D 558 -26.94 31.53 14.50
CA LYS D 558 -27.88 32.64 14.39
C LYS D 558 -27.27 33.78 13.58
N ILE D 559 -25.99 34.08 13.81
CA ILE D 559 -25.33 35.13 13.03
C ILE D 559 -25.29 34.75 11.56
N ALA D 560 -24.99 33.49 11.27
CA ALA D 560 -24.97 33.05 9.87
C ALA D 560 -26.34 33.19 9.23
N GLU D 561 -27.41 32.82 9.96
CA GLU D 561 -28.74 32.82 9.39
C GLU D 561 -29.25 34.22 9.06
N GLU D 562 -28.87 35.23 9.85
CA GLU D 562 -29.37 36.59 9.67
C GLU D 562 -28.52 37.41 8.73
N SER D 563 -27.83 36.76 7.79
CA SER D 563 -27.01 37.44 6.81
C SER D 563 -27.65 37.51 5.43
N ASN D 564 -28.61 36.64 5.13
CA ASN D 564 -29.24 36.59 3.81
C ASN D 564 -28.22 36.33 2.70
N PHE D 565 -27.11 35.69 3.05
CA PHE D 565 -26.13 35.32 2.04
C PHE D 565 -26.68 34.20 1.17
N PRO D 566 -26.26 34.13 -0.09
CA PRO D 566 -26.75 33.03 -0.95
C PRO D 566 -26.29 31.65 -0.48
N PHE D 567 -25.02 31.50 -0.12
CA PHE D 567 -24.43 30.19 0.14
C PHE D 567 -23.94 30.15 1.59
N ILE D 568 -24.45 29.19 2.36
CA ILE D 568 -24.06 29.00 3.76
C ILE D 568 -23.90 27.51 4.01
N LYS D 569 -22.89 27.15 4.79
CA LYS D 569 -22.64 25.75 5.13
C LYS D 569 -22.00 25.68 6.50
N ILE D 570 -22.09 24.50 7.11
CA ILE D 570 -21.54 24.25 8.45
C ILE D 570 -20.70 22.99 8.37
N CYS D 571 -19.42 23.11 8.72
CA CYS D 571 -18.47 22.00 8.66
C CYS D 571 -18.24 21.52 10.09
N SER D 572 -19.11 20.64 10.56
CA SER D 572 -19.00 20.07 11.89
C SER D 572 -18.18 18.80 11.86
N PRO D 573 -17.61 18.38 13.00
CA PRO D 573 -16.82 17.15 13.04
C PRO D 573 -17.61 15.87 13.19
N ASP D 574 -18.89 15.94 13.55
CA ASP D 574 -19.67 14.73 13.80
C ASP D 574 -20.00 13.96 12.53
N LYS D 575 -20.03 14.62 11.38
CA LYS D 575 -20.30 13.94 10.12
C LYS D 575 -19.14 13.06 9.68
N MET D 576 -17.96 13.21 10.30
CA MET D 576 -16.77 12.41 9.95
C MET D 576 -16.24 11.80 11.24
N ILE D 577 -16.75 10.61 11.58
CA ILE D 577 -16.33 9.87 12.77
C ILE D 577 -15.54 8.65 12.32
N GLY D 578 -14.36 8.47 12.90
CA GLY D 578 -13.50 7.38 12.51
C GLY D 578 -12.67 7.63 11.26
N PHE D 579 -12.72 8.85 10.71
CA PHE D 579 -11.93 9.16 9.54
C PHE D 579 -10.46 9.29 9.90
N SER D 580 -9.62 9.28 8.88
CA SER D 580 -8.19 9.52 9.04
C SER D 580 -7.88 10.96 8.65
N GLU D 581 -6.59 11.33 8.73
CA GLU D 581 -6.19 12.69 8.41
C GLU D 581 -6.52 13.04 6.96
N THR D 582 -6.21 12.12 6.05
CA THR D 582 -6.41 12.40 4.63
C THR D 582 -7.88 12.64 4.31
N ALA D 583 -8.76 11.83 4.88
CA ALA D 583 -10.19 12.00 4.61
C ALA D 583 -10.69 13.35 5.12
N LYS D 584 -10.26 13.75 6.31
CA LYS D 584 -10.66 15.06 6.83
C LYS D 584 -10.16 16.17 5.93
N CYS D 585 -8.90 16.08 5.50
CA CYS D 585 -8.36 17.11 4.62
C CYS D 585 -9.14 17.19 3.32
N GLN D 586 -9.47 16.03 2.74
CA GLN D 586 -10.23 16.02 1.49
C GLN D 586 -11.61 16.64 1.69
N ALA D 587 -12.29 16.32 2.78
CA ALA D 587 -13.62 16.87 3.02
C ALA D 587 -13.55 18.39 3.16
N MET D 588 -12.59 18.88 3.94
CA MET D 588 -12.46 20.32 4.11
C MET D 588 -12.14 21.01 2.79
N LYS D 589 -11.24 20.42 2.00
CA LYS D 589 -10.89 20.99 0.71
C LYS D 589 -12.11 21.06 -0.21
N LYS D 590 -12.91 20.00 -0.24
CA LYS D 590 -14.09 20.00 -1.09
C LYS D 590 -15.08 21.07 -0.65
N ILE D 591 -15.30 21.21 0.65
CA ILE D 591 -16.25 22.21 1.13
C ILE D 591 -15.76 23.61 0.75
N PHE D 592 -14.47 23.88 0.95
CA PHE D 592 -13.97 25.21 0.64
C PHE D 592 -13.97 25.48 -0.86
N ASP D 593 -13.74 24.44 -1.68
CA ASP D 593 -13.81 24.64 -3.13
C ASP D 593 -15.24 24.98 -3.55
N ASP D 594 -16.21 24.23 -3.05
CA ASP D 594 -17.60 24.55 -3.35
C ASP D 594 -17.93 25.97 -2.92
N ALA D 595 -17.38 26.41 -1.79
CA ALA D 595 -17.57 27.80 -1.37
C ALA D 595 -16.96 28.76 -2.37
N TYR D 596 -15.77 28.43 -2.87
CA TYR D 596 -15.10 29.30 -3.85
C TYR D 596 -15.91 29.42 -5.13
N LYS D 597 -16.65 28.38 -5.50
CA LYS D 597 -17.34 28.38 -6.79
C LYS D 597 -18.50 29.37 -6.84
N SER D 598 -18.90 29.97 -5.73
CA SER D 598 -20.02 30.90 -5.71
C SER D 598 -19.52 32.34 -5.76
N GLN D 599 -20.47 33.28 -5.64
CA GLN D 599 -20.12 34.70 -5.72
C GLN D 599 -19.66 35.24 -4.37
N LEU D 600 -20.53 35.16 -3.36
CA LEU D 600 -20.19 35.54 -2.00
C LEU D 600 -20.86 34.57 -1.05
N SER D 601 -20.10 34.06 -0.08
CA SER D 601 -20.55 32.96 0.75
C SER D 601 -20.18 33.23 2.21
N CYS D 602 -20.49 32.26 3.07
CA CYS D 602 -20.18 32.35 4.49
C CYS D 602 -20.10 30.93 5.04
N VAL D 603 -18.93 30.54 5.55
CA VAL D 603 -18.67 29.18 6.00
C VAL D 603 -18.41 29.21 7.50
N VAL D 604 -18.85 28.15 8.19
CA VAL D 604 -18.70 28.03 9.64
C VAL D 604 -17.83 26.81 9.94
N VAL D 605 -16.91 26.98 10.89
CA VAL D 605 -16.03 25.91 11.32
C VAL D 605 -16.05 25.83 12.83
N ASP D 606 -16.90 24.97 13.38
CA ASP D 606 -17.11 24.89 14.82
C ASP D 606 -16.30 23.77 15.43
N ASP D 607 -15.94 23.94 16.70
CA ASP D 607 -15.18 22.95 17.47
C ASP D 607 -13.85 22.62 16.78
N ILE D 608 -13.01 23.64 16.70
CA ILE D 608 -11.69 23.48 16.09
C ILE D 608 -10.86 22.48 16.86
N GLU D 609 -11.02 22.45 18.19
CA GLU D 609 -10.21 21.53 19.01
C GLU D 609 -10.47 20.08 18.61
N ARG D 610 -11.75 19.71 18.42
CA ARG D 610 -12.05 18.34 18.02
C ARG D 610 -11.48 18.03 16.65
N LEU D 611 -11.56 18.97 15.72
CA LEU D 611 -10.97 18.76 14.40
C LEU D 611 -9.48 18.52 14.50
N LEU D 612 -8.79 19.29 15.33
CA LEU D 612 -7.35 19.12 15.51
C LEU D 612 -6.99 17.82 16.18
N ASP D 613 -7.95 17.13 16.80
CA ASP D 613 -7.69 15.85 17.46
C ASP D 613 -6.80 16.03 18.69
N TYR D 614 -7.14 17.02 19.51
CA TYR D 614 -6.34 17.38 20.67
C TYR D 614 -6.69 16.50 21.87
N VAL D 615 -5.75 16.46 22.82
CA VAL D 615 -5.96 15.78 24.10
C VAL D 615 -4.90 16.27 25.09
N PRO D 616 -5.28 16.75 26.27
CA PRO D 616 -4.27 17.36 27.15
C PRO D 616 -3.09 16.46 27.47
N ILE D 617 -3.34 15.17 27.70
CA ILE D 617 -2.23 14.25 27.93
C ILE D 617 -1.37 14.22 26.67
N GLY D 618 -0.07 14.06 26.85
CA GLY D 618 0.86 14.17 25.75
C GLY D 618 1.62 15.48 25.77
N PRO D 619 1.17 16.47 24.98
CA PRO D 619 -0.05 16.52 24.16
C PRO D 619 0.06 15.80 22.83
N ARG D 620 -1.08 15.48 22.22
CA ARG D 620 -1.12 14.84 20.91
C ARG D 620 -2.12 15.57 20.03
N PHE D 621 -1.88 15.52 18.72
CA PHE D 621 -2.80 16.07 17.74
C PHE D 621 -2.33 15.65 16.36
N SER D 622 -3.03 16.12 15.33
CA SER D 622 -2.72 15.83 13.94
C SER D 622 -2.05 17.06 13.33
N ASN D 623 -0.87 16.86 12.76
CA ASN D 623 -0.16 17.99 12.14
C ASN D 623 -0.77 18.35 10.80
N LEU D 624 -1.19 17.35 10.02
CA LEU D 624 -1.67 17.61 8.67
C LEU D 624 -2.92 18.48 8.68
N VAL D 625 -3.87 18.17 9.58
CA VAL D 625 -5.09 18.95 9.65
C VAL D 625 -4.80 20.38 10.04
N LEU D 626 -3.93 20.57 11.04
CA LEU D 626 -3.57 21.92 11.47
C LEU D 626 -2.94 22.70 10.32
N GLN D 627 -2.03 22.07 9.58
CA GLN D 627 -1.38 22.77 8.48
C GLN D 627 -2.38 23.12 7.39
N ALA D 628 -3.30 22.22 7.06
CA ALA D 628 -4.30 22.52 6.06
C ALA D 628 -5.18 23.68 6.49
N LEU D 629 -5.60 23.68 7.76
CA LEU D 629 -6.43 24.79 8.25
C LEU D 629 -5.68 26.11 8.20
N LEU D 630 -4.41 26.10 8.62
CA LEU D 630 -3.63 27.33 8.62
C LEU D 630 -3.45 27.87 7.21
N VAL D 631 -3.19 26.99 6.25
CA VAL D 631 -3.04 27.45 4.86
C VAL D 631 -4.36 27.98 4.33
N LEU D 632 -5.47 27.31 4.65
CA LEU D 632 -6.76 27.72 4.12
C LEU D 632 -7.22 29.06 4.69
N LEU D 633 -6.90 29.34 5.95
CA LEU D 633 -7.40 30.56 6.57
C LEU D 633 -6.78 31.84 6.01
N LYS D 634 -5.90 31.75 5.01
CA LYS D 634 -5.28 32.96 4.46
C LYS D 634 -5.17 32.89 2.94
N LYS D 635 -6.11 32.24 2.28
CA LYS D 635 -6.12 32.10 0.82
C LYS D 635 -7.25 32.93 0.24
N ALA D 636 -6.90 33.87 -0.64
CA ALA D 636 -7.92 34.71 -1.26
C ALA D 636 -8.65 33.94 -2.35
N PRO D 637 -9.97 34.07 -2.45
CA PRO D 637 -10.72 33.36 -3.49
C PRO D 637 -10.41 33.93 -4.86
N PRO D 638 -11.02 33.37 -5.91
CA PRO D 638 -10.82 33.94 -7.25
C PRO D 638 -11.28 35.39 -7.31
N GLN D 639 -10.58 36.17 -8.14
CA GLN D 639 -10.81 37.61 -8.20
C GLN D 639 -12.30 37.93 -8.29
N GLY D 640 -12.72 38.95 -7.56
CA GLY D 640 -14.07 39.44 -7.62
C GLY D 640 -15.08 38.70 -6.77
N ARG D 641 -14.63 37.86 -5.84
CA ARG D 641 -15.53 37.11 -4.97
C ARG D 641 -15.05 37.22 -3.54
N LYS D 642 -15.99 37.10 -2.61
CA LYS D 642 -15.76 37.34 -1.20
C LYS D 642 -15.98 36.06 -0.40
N LEU D 643 -15.81 36.16 0.91
CA LEU D 643 -15.91 35.00 1.80
C LEU D 643 -15.98 35.50 3.24
N LEU D 644 -16.30 34.58 4.14
CA LEU D 644 -16.32 34.86 5.57
C LEU D 644 -16.25 33.55 6.32
N ILE D 645 -15.37 33.48 7.31
CA ILE D 645 -15.12 32.26 8.07
C ILE D 645 -15.36 32.59 9.54
N ILE D 646 -16.14 31.76 10.21
CA ILE D 646 -16.42 31.91 11.63
C ILE D 646 -16.00 30.63 12.35
N GLY D 647 -15.30 30.78 13.46
CA GLY D 647 -14.82 29.64 14.21
C GLY D 647 -15.19 29.70 15.68
N THR D 648 -15.42 28.54 16.29
CA THR D 648 -15.75 28.44 17.69
C THR D 648 -14.80 27.47 18.39
N THR D 649 -14.52 27.76 19.65
CA THR D 649 -13.59 26.95 20.43
C THR D 649 -13.89 27.16 21.90
N SER D 650 -13.16 26.43 22.75
CA SER D 650 -13.28 26.55 24.19
C SER D 650 -11.96 26.62 24.92
N ARG D 651 -10.83 26.44 24.24
CA ARG D 651 -9.50 26.48 24.84
C ARG D 651 -8.65 27.43 24.02
N LYS D 652 -8.69 28.72 24.37
CA LYS D 652 -7.96 29.72 23.61
C LYS D 652 -6.45 29.57 23.78
N ASP D 653 -6.00 29.21 24.98
CA ASP D 653 -4.56 29.17 25.24
C ASP D 653 -3.86 28.16 24.35
N VAL D 654 -4.50 27.01 24.10
CA VAL D 654 -3.88 26.00 23.25
C VAL D 654 -3.70 26.54 21.83
N LEU D 655 -4.72 27.22 21.30
CA LEU D 655 -4.58 27.80 19.97
C LEU D 655 -3.50 28.86 19.96
N GLN D 656 -3.43 29.67 21.01
CA GLN D 656 -2.38 30.70 21.07
C GLN D 656 -1.00 30.06 21.04
N GLU D 657 -0.81 28.97 21.79
CA GLU D 657 0.48 28.29 21.78
C GLU D 657 0.75 27.65 20.42
N MET D 658 -0.31 27.24 19.72
CA MET D 658 -0.15 26.71 18.38
C MET D 658 0.16 27.77 17.34
N GLU D 659 0.17 29.05 17.74
CA GLU D 659 0.53 30.15 16.85
C GLU D 659 -0.56 30.41 15.80
N MET D 660 -1.73 29.78 16.01
CA MET D 660 -2.87 30.00 15.15
C MET D 660 -3.68 31.23 15.49
N LEU D 661 -3.67 31.66 16.76
CA LEU D 661 -4.43 32.83 17.15
C LEU D 661 -3.95 34.10 16.47
N ASN D 662 -2.75 34.09 15.90
CA ASN D 662 -2.23 35.22 15.16
C ASN D 662 -2.79 35.33 13.76
N ALA D 663 -3.46 34.30 13.26
CA ALA D 663 -3.96 34.27 11.88
C ALA D 663 -5.43 34.67 11.79
N PHE D 664 -6.03 35.08 12.90
CA PHE D 664 -7.43 35.49 12.93
C PHE D 664 -7.50 37.01 13.05
N SER D 665 -8.38 37.62 12.26
CA SER D 665 -8.49 39.07 12.26
C SER D 665 -8.87 39.60 13.63
N THR D 666 -10.07 39.24 14.10
CA THR D 666 -10.56 39.70 15.39
C THR D 666 -11.26 38.54 16.10
N THR D 667 -11.31 38.63 17.42
CA THR D 667 -11.91 37.60 18.26
C THR D 667 -12.97 38.22 19.15
N ILE D 668 -13.94 37.42 19.57
CA ILE D 668 -15.03 37.88 20.41
C ILE D 668 -15.12 36.97 21.63
N HIS D 669 -15.68 37.49 22.72
CA HIS D 669 -15.80 36.77 23.97
C HIS D 669 -17.27 36.53 24.30
N VAL D 670 -17.58 35.33 24.76
CA VAL D 670 -18.94 34.95 25.12
C VAL D 670 -18.98 34.59 26.59
N PRO D 671 -19.48 35.47 27.48
CA PRO D 671 -19.43 35.17 28.92
C PRO D 671 -20.57 34.29 29.39
N ASN D 672 -20.63 34.04 30.70
CA ASN D 672 -21.67 33.23 31.32
C ASN D 672 -22.48 34.09 32.29
N ILE D 673 -23.61 33.55 32.72
CA ILE D 673 -24.45 34.25 33.70
C ILE D 673 -23.65 34.45 34.96
N ALA D 674 -23.51 35.71 35.39
CA ALA D 674 -22.63 36.05 36.50
C ALA D 674 -23.29 37.06 37.43
N THR D 675 -24.57 36.85 37.74
CA THR D 675 -25.25 37.69 38.72
C THR D 675 -26.63 37.12 38.98
N GLY D 676 -27.12 37.33 40.20
CA GLY D 676 -28.43 36.81 40.55
C GLY D 676 -29.54 37.41 39.72
N GLU D 677 -29.43 38.69 39.39
CA GLU D 677 -30.47 39.34 38.59
C GLU D 677 -30.62 38.66 37.23
N GLN D 678 -29.51 38.38 36.56
CA GLN D 678 -29.58 37.72 35.26
C GLN D 678 -30.16 36.32 35.40
N LEU D 679 -29.78 35.60 36.45
CA LEU D 679 -30.31 34.26 36.66
C LEU D 679 -31.83 34.30 36.85
N LEU D 680 -32.31 35.23 37.66
CA LEU D 680 -33.76 35.36 37.86
C LEU D 680 -34.46 35.76 36.57
N GLU D 681 -33.87 36.68 35.80
CA GLU D 681 -34.49 37.09 34.55
C GLU D 681 -34.58 35.92 33.58
N ALA D 682 -33.52 35.13 33.47
CA ALA D 682 -33.54 33.97 32.58
C ALA D 682 -34.57 32.95 33.07
N LEU D 683 -34.65 32.73 34.38
CA LEU D 683 -35.64 31.81 34.91
C LEU D 683 -37.05 32.26 34.57
N GLU D 684 -37.32 33.56 34.71
CA GLU D 684 -38.63 34.09 34.36
C GLU D 684 -38.90 33.91 32.88
N LEU D 685 -37.92 34.19 32.03
CA LEU D 685 -38.12 34.05 30.59
C LEU D 685 -38.43 32.60 30.23
N LEU D 686 -37.71 31.65 30.82
CA LEU D 686 -38.02 30.24 30.57
C LEU D 686 -39.41 29.89 31.08
N GLY D 687 -39.78 30.41 32.24
CA GLY D 687 -41.10 30.17 32.79
C GLY D 687 -41.30 28.75 33.28
N ASN D 688 -40.58 28.37 34.33
CA ASN D 688 -40.70 27.04 34.90
C ASN D 688 -40.89 27.05 36.42
N PHE D 689 -40.94 28.23 37.05
CA PHE D 689 -41.18 28.33 38.47
C PHE D 689 -42.16 29.47 38.72
N LYS D 690 -42.93 29.35 39.80
CA LYS D 690 -44.02 30.27 40.09
C LYS D 690 -43.61 31.29 41.15
N ASP D 691 -44.58 32.08 41.61
CA ASP D 691 -44.28 33.26 42.41
C ASP D 691 -43.55 32.90 43.70
N LYS D 692 -44.10 31.97 44.48
CA LYS D 692 -43.48 31.63 45.75
C LYS D 692 -42.12 30.98 45.55
N GLU D 693 -42.01 30.07 44.57
CA GLU D 693 -40.73 29.45 44.27
C GLU D 693 -39.72 30.51 43.83
N ARG D 694 -40.14 31.44 42.99
CA ARG D 694 -39.24 32.51 42.56
C ARG D 694 -38.79 33.34 43.75
N THR D 695 -39.71 33.65 44.67
CA THR D 695 -39.35 34.45 45.83
C THR D 695 -38.31 33.74 46.69
N THR D 696 -38.53 32.46 46.99
CA THR D 696 -37.58 31.73 47.81
C THR D 696 -36.24 31.59 47.10
N ILE D 697 -36.25 31.35 45.79
CA ILE D 697 -35.01 31.23 45.04
C ILE D 697 -34.24 32.54 45.09
N ALA D 698 -34.94 33.66 44.90
CA ALA D 698 -34.28 34.97 44.99
C ALA D 698 -33.70 35.18 46.38
N GLN D 699 -34.45 34.82 47.41
CA GLN D 699 -33.94 34.96 48.77
C GLN D 699 -32.65 34.18 48.95
N GLN D 700 -32.62 32.93 48.48
CA GLN D 700 -31.44 32.11 48.66
C GLN D 700 -30.26 32.61 47.84
N VAL D 701 -30.51 33.10 46.62
CA VAL D 701 -29.44 33.43 45.68
C VAL D 701 -29.06 34.91 45.74
N LYS D 702 -29.57 35.66 46.72
CA LYS D 702 -29.30 37.09 46.80
C LYS D 702 -28.03 37.41 47.58
N GLY D 703 -27.34 36.39 48.11
CA GLY D 703 -26.16 36.63 48.92
C GLY D 703 -24.96 35.81 48.51
N LYS D 704 -24.78 35.59 47.21
CA LYS D 704 -23.66 34.80 46.71
C LYS D 704 -23.40 35.19 45.27
N LYS D 705 -22.57 34.41 44.58
CA LYS D 705 -22.19 34.63 43.20
C LYS D 705 -22.51 33.39 42.37
N VAL D 706 -22.72 33.60 41.08
CA VAL D 706 -23.12 32.54 40.15
C VAL D 706 -22.15 32.51 38.99
N TRP D 707 -21.75 31.32 38.58
CA TRP D 707 -20.86 31.11 37.45
C TRP D 707 -21.33 29.94 36.60
N ILE D 708 -22.63 29.87 36.34
CA ILE D 708 -23.23 28.76 35.62
C ILE D 708 -23.50 29.18 34.18
N GLY D 709 -23.44 28.21 33.27
CA GLY D 709 -23.76 28.45 31.88
C GLY D 709 -25.26 28.48 31.65
N ILE D 710 -25.66 28.22 30.41
CA ILE D 710 -27.06 28.20 30.02
C ILE D 710 -27.55 26.78 29.74
N LYS D 711 -26.78 26.00 28.98
CA LYS D 711 -27.16 24.61 28.74
C LYS D 711 -27.21 23.83 30.04
N LYS D 712 -26.22 24.02 30.91
CA LYS D 712 -26.23 23.39 32.21
C LYS D 712 -27.45 23.85 33.01
N LEU D 713 -27.83 25.12 32.87
CA LEU D 713 -29.01 25.62 33.57
C LEU D 713 -30.27 24.89 33.11
N LEU D 714 -30.42 24.70 31.80
CA LEU D 714 -31.58 23.97 31.30
C LEU D 714 -31.58 22.53 31.81
N MET D 715 -30.42 21.88 31.80
CA MET D 715 -30.35 20.51 32.29
C MET D 715 -30.75 20.43 33.76
N LEU D 716 -30.26 21.36 34.58
CA LEU D 716 -30.63 21.36 36.00
C LEU D 716 -32.13 21.60 36.17
N ILE D 717 -32.69 22.52 35.38
CA ILE D 717 -34.12 22.78 35.48
C ILE D 717 -34.91 21.51 35.20
N GLU D 718 -34.55 20.79 34.13
CA GLU D 718 -35.26 19.57 33.80
C GLU D 718 -35.11 18.53 34.91
N MET D 719 -33.89 18.33 35.39
CA MET D 719 -33.66 17.34 36.44
C MET D 719 -34.51 17.64 37.66
N SER D 720 -34.56 18.91 38.08
CA SER D 720 -35.40 19.27 39.21
C SER D 720 -36.87 19.03 38.90
N LEU D 721 -37.31 19.40 37.70
CA LEU D 721 -38.72 19.26 37.35
C LEU D 721 -39.17 17.80 37.34
N GLN D 722 -38.25 16.86 37.14
CA GLN D 722 -38.63 15.46 37.06
C GLN D 722 -38.82 14.78 38.41
N MET D 723 -39.04 15.54 39.48
CA MET D 723 -39.28 14.98 40.81
C MET D 723 -40.66 15.38 41.31
N ASP D 724 -40.92 15.07 42.58
CA ASP D 724 -42.23 15.32 43.18
C ASP D 724 -42.59 16.80 43.08
N PRO D 725 -43.85 17.16 43.33
CA PRO D 725 -44.27 18.56 43.24
C PRO D 725 -44.00 19.38 44.50
N GLU D 726 -43.24 18.87 45.46
CA GLU D 726 -42.95 19.58 46.69
C GLU D 726 -41.48 19.88 46.89
N TYR D 727 -40.59 18.95 46.52
CA TYR D 727 -39.16 19.12 46.72
C TYR D 727 -38.46 19.77 45.53
N ARG D 728 -39.22 20.36 44.61
CA ARG D 728 -38.62 20.90 43.39
C ARG D 728 -37.60 21.99 43.71
N VAL D 729 -38.02 23.00 44.48
CA VAL D 729 -37.13 24.12 44.77
C VAL D 729 -35.92 23.66 45.56
N ARG D 730 -36.14 22.79 46.56
CA ARG D 730 -35.02 22.29 47.36
C ARG D 730 -34.02 21.54 46.50
N LYS D 731 -34.53 20.67 45.62
CA LYS D 731 -33.64 19.91 44.74
C LYS D 731 -32.87 20.83 43.81
N PHE D 732 -33.55 21.84 43.23
CA PHE D 732 -32.89 22.74 42.32
C PHE D 732 -31.78 23.51 43.02
N LEU D 733 -32.06 24.03 44.21
CA LEU D 733 -31.04 24.75 44.96
C LEU D 733 -29.88 23.84 45.33
N ALA D 734 -30.18 22.61 45.75
CA ALA D 734 -29.12 21.68 46.12
C ALA D 734 -28.22 21.39 44.94
N LEU D 735 -28.81 21.14 43.77
CA LEU D 735 -28.01 20.86 42.58
C LEU D 735 -27.18 22.08 42.19
N LEU D 736 -27.78 23.27 42.25
CA LEU D 736 -27.05 24.48 41.88
C LEU D 736 -25.84 24.68 42.79
N ARG D 737 -26.02 24.51 44.09
CA ARG D 737 -24.90 24.65 45.02
C ARG D 737 -23.86 23.57 44.79
N GLU D 738 -24.30 22.32 44.59
CA GLU D 738 -23.35 21.22 44.43
C GLU D 738 -22.48 21.42 43.20
N GLU D 739 -23.08 21.87 42.10
CA GLU D 739 -22.29 22.13 40.90
C GLU D 739 -21.24 23.21 41.16
N GLY D 740 -21.63 24.26 41.86
CA GLY D 740 -20.70 25.32 42.22
C GLY D 740 -19.88 25.82 41.05
N ALA D 741 -18.68 26.30 41.31
CA ALA D 741 -17.77 26.76 40.27
C ALA D 741 -16.46 27.19 40.92
N SER D 742 -15.44 27.35 40.09
CA SER D 742 -14.14 27.86 40.52
C SER D 742 -13.68 28.91 39.52
N PRO D 743 -14.32 30.09 39.49
CA PRO D 743 -13.99 31.17 38.56
C PRO D 743 -12.50 31.44 38.44
N SER E 210 19.39 14.68 -59.77
CA SER E 210 19.80 14.44 -58.39
C SER E 210 18.62 13.92 -57.57
N ILE E 211 18.81 13.86 -56.25
CA ILE E 211 17.77 13.36 -55.36
C ILE E 211 16.91 14.46 -54.77
N ILE E 212 17.37 15.71 -54.79
CA ILE E 212 16.65 16.84 -54.22
C ILE E 212 15.96 17.59 -55.34
N ASN E 213 14.70 17.93 -55.14
CA ASN E 213 13.97 18.71 -56.13
C ASN E 213 14.64 20.07 -56.31
N PRO E 214 14.91 20.50 -57.54
CA PRO E 214 15.77 21.68 -57.73
C PRO E 214 15.11 23.00 -57.36
N ASP E 215 13.80 23.00 -57.12
CA ASP E 215 13.08 24.23 -56.82
C ASP E 215 12.96 24.51 -55.34
N TRP E 216 13.58 23.71 -54.47
CA TRP E 216 13.53 23.97 -53.04
C TRP E 216 14.27 25.26 -52.72
N ASN E 217 13.65 26.12 -51.91
CA ASN E 217 14.17 27.46 -51.67
C ASN E 217 14.19 27.86 -50.20
N PHE E 218 13.64 27.05 -49.29
CA PHE E 218 13.65 27.33 -47.87
C PHE E 218 12.65 28.42 -47.50
N GLU E 219 11.97 28.99 -48.50
CA GLU E 219 11.01 30.06 -48.24
C GLU E 219 9.62 29.61 -48.63
N LYS E 220 9.52 28.76 -49.66
CA LYS E 220 8.21 28.26 -50.07
C LYS E 220 7.63 27.31 -49.04
N MET E 221 8.48 26.66 -48.26
CA MET E 221 8.00 25.67 -47.29
C MET E 221 7.08 26.31 -46.26
N GLY E 222 7.43 27.49 -45.77
CA GLY E 222 6.63 28.23 -44.82
C GLY E 222 7.13 28.16 -43.39
N ILE E 223 7.98 27.18 -43.08
CA ILE E 223 8.54 27.10 -41.73
C ILE E 223 9.54 28.23 -41.53
N GLY E 224 9.61 28.75 -40.32
CA GLY E 224 10.52 29.83 -40.01
C GLY E 224 11.01 29.72 -38.58
N GLY E 225 12.18 30.30 -38.35
CA GLY E 225 12.82 30.29 -37.05
C GLY E 225 13.66 29.06 -36.80
N LEU E 226 13.27 27.93 -37.39
CA LEU E 226 14.02 26.68 -37.25
C LEU E 226 14.99 26.58 -38.43
N ASP E 227 16.18 27.16 -38.28
CA ASP E 227 17.19 27.11 -39.32
C ASP E 227 18.38 26.25 -38.89
N LYS E 228 18.81 26.42 -37.64
CA LYS E 228 19.95 25.66 -37.15
C LYS E 228 19.65 24.16 -37.17
N GLU E 229 18.46 23.78 -36.70
CA GLU E 229 18.09 22.36 -36.69
C GLU E 229 18.02 21.80 -38.10
N PHE E 230 17.45 22.56 -39.03
CA PHE E 230 17.38 22.09 -40.41
C PHE E 230 18.77 21.84 -40.98
N SER E 231 19.69 22.78 -40.77
CA SER E 231 21.05 22.61 -41.28
C SER E 231 21.72 21.40 -40.63
N ASP E 232 21.54 21.24 -39.32
CA ASP E 232 22.16 20.11 -38.63
C ASP E 232 21.63 18.79 -39.17
N ILE E 233 20.32 18.68 -39.36
CA ILE E 233 19.74 17.44 -39.88
C ILE E 233 20.22 17.18 -41.29
N PHE E 234 20.23 18.22 -42.13
CA PHE E 234 20.75 18.05 -43.49
C PHE E 234 22.17 17.53 -43.47
N ARG E 235 23.05 18.16 -42.69
CA ARG E 235 24.43 17.72 -42.59
C ARG E 235 24.50 16.27 -42.14
N ARG E 236 23.76 15.90 -41.10
CA ARG E 236 23.85 14.55 -40.55
C ARG E 236 23.40 13.50 -41.57
N ALA E 237 22.29 13.76 -42.27
CA ALA E 237 21.65 12.72 -43.08
C ALA E 237 21.99 12.82 -44.56
N PHE E 238 21.70 13.95 -45.20
CA PHE E 238 21.67 13.96 -46.66
C PHE E 238 23.04 14.22 -47.27
N ALA E 239 23.95 14.85 -46.51
CA ALA E 239 25.23 15.26 -47.06
C ALA E 239 25.94 14.12 -47.78
N SER E 240 25.90 12.92 -47.21
CA SER E 240 26.55 11.77 -47.83
C SER E 240 25.95 11.47 -49.19
N ARG E 241 24.61 11.51 -49.28
CA ARG E 241 23.95 11.17 -50.54
C ARG E 241 24.17 12.25 -51.59
N VAL E 242 23.99 13.53 -51.22
CA VAL E 242 24.08 14.61 -52.21
C VAL E 242 25.51 14.76 -52.71
N PHE E 243 26.48 14.25 -51.97
CA PHE E 243 27.88 14.35 -52.35
C PHE E 243 28.08 13.64 -53.69
N PRO E 244 29.00 14.10 -54.54
CA PRO E 244 29.27 13.41 -55.80
C PRO E 244 29.29 11.91 -55.62
N PRO E 245 28.56 11.21 -56.52
CA PRO E 245 28.42 9.76 -56.29
C PRO E 245 29.71 8.98 -56.48
N GLU E 246 30.56 9.40 -57.41
CA GLU E 246 31.78 8.63 -57.68
C GLU E 246 32.80 8.76 -56.57
N ILE E 247 32.91 9.95 -55.96
CA ILE E 247 33.88 10.14 -54.90
C ILE E 247 33.47 9.38 -53.64
N VAL E 248 32.19 9.45 -53.27
CA VAL E 248 31.70 8.66 -52.14
C VAL E 248 31.79 7.18 -52.48
N GLU E 249 31.59 6.83 -53.75
CA GLU E 249 31.75 5.45 -54.17
C GLU E 249 33.17 4.97 -53.91
N GLN E 250 34.16 5.81 -54.23
CA GLN E 250 35.53 5.50 -53.87
C GLN E 250 35.66 5.36 -52.36
N MET E 251 35.03 6.25 -51.60
CA MET E 251 35.08 6.13 -50.15
C MET E 251 34.26 4.93 -49.67
N GLY E 252 33.26 4.54 -50.33
CA GLY E 252 32.30 3.52 -49.89
C GLY E 252 31.32 4.11 -48.88
N CYS E 253 31.45 3.67 -47.62
CA CYS E 253 30.63 4.22 -46.54
C CYS E 253 29.16 3.82 -46.71
N LYS E 254 28.33 4.16 -45.72
CA LYS E 254 26.91 3.85 -45.74
C LYS E 254 26.12 5.06 -45.29
N HIS E 255 24.88 5.15 -45.74
CA HIS E 255 24.02 6.27 -45.39
C HIS E 255 23.09 5.90 -44.24
N VAL E 256 22.78 6.90 -43.42
CA VAL E 256 21.92 6.70 -42.26
C VAL E 256 20.54 6.28 -42.74
N LYS E 257 19.76 5.68 -41.85
CA LYS E 257 18.45 5.14 -42.20
C LYS E 257 17.29 5.80 -41.48
N GLY E 258 17.37 5.97 -40.16
CA GLY E 258 16.25 6.45 -39.38
C GLY E 258 16.53 7.80 -38.75
N ILE E 259 15.58 8.71 -38.92
CA ILE E 259 15.61 10.01 -38.26
C ILE E 259 14.27 10.23 -37.56
N LEU E 260 14.32 10.51 -36.26
CA LEU E 260 13.12 10.66 -35.44
C LEU E 260 13.21 11.94 -34.62
N LEU E 261 12.10 12.68 -34.57
CA LEU E 261 12.03 13.96 -33.90
C LEU E 261 11.07 13.89 -32.72
N TYR E 262 11.35 14.69 -31.68
CA TYR E 262 10.50 14.76 -30.50
C TYR E 262 10.49 16.20 -30.03
N GLY E 263 9.31 16.70 -29.65
CA GLY E 263 9.19 18.05 -29.16
C GLY E 263 7.86 18.30 -28.49
N PRO E 264 7.77 19.36 -27.69
CA PRO E 264 6.50 19.71 -27.05
C PRO E 264 5.42 19.96 -28.08
N PRO E 265 4.16 19.64 -27.77
CA PRO E 265 3.10 19.76 -28.77
C PRO E 265 2.90 21.18 -29.27
N GLY E 266 2.57 21.32 -30.55
CA GLY E 266 2.32 22.63 -31.15
C GLY E 266 3.52 23.28 -31.81
N CYS E 267 4.73 22.76 -31.65
CA CYS E 267 5.89 23.36 -32.29
C CYS E 267 5.87 23.20 -33.80
N GLY E 268 5.35 22.09 -34.32
CA GLY E 268 5.24 21.91 -35.75
C GLY E 268 6.05 20.75 -36.30
N LYS E 269 6.19 19.68 -35.50
CA LYS E 269 6.93 18.52 -35.97
C LYS E 269 6.28 17.93 -37.22
N THR E 270 4.95 17.86 -37.22
CA THR E 270 4.24 17.36 -38.39
C THR E 270 4.54 18.23 -39.61
N LEU E 271 4.53 19.54 -39.44
CA LEU E 271 4.83 20.44 -40.56
C LEU E 271 6.26 20.20 -41.07
N LEU E 272 7.21 20.05 -40.15
CA LEU E 272 8.59 19.84 -40.55
C LEU E 272 8.73 18.56 -41.36
N ALA E 273 8.12 17.47 -40.88
CA ALA E 273 8.21 16.20 -41.59
C ALA E 273 7.53 16.27 -42.95
N ARG E 274 6.35 16.89 -43.01
CA ARG E 274 5.66 17.00 -44.29
C ARG E 274 6.49 17.80 -45.28
N GLN E 275 7.09 18.90 -44.82
CA GLN E 275 7.93 19.70 -45.72
C GLN E 275 9.16 18.91 -46.17
N ILE E 276 9.79 18.16 -45.27
CA ILE E 276 10.95 17.35 -45.66
C ILE E 276 10.54 16.34 -46.72
N GLY E 277 9.42 15.65 -46.52
CA GLY E 277 8.94 14.73 -47.54
C GLY E 277 8.55 15.40 -48.83
N LYS E 278 8.16 16.67 -48.77
CA LYS E 278 7.76 17.42 -49.95
C LYS E 278 8.91 17.72 -50.90
N MET E 279 10.16 17.68 -50.44
CA MET E 279 11.30 18.14 -51.21
C MET E 279 12.00 17.02 -51.97
N LEU E 280 11.78 15.77 -51.57
CA LEU E 280 12.43 14.65 -52.25
C LEU E 280 11.74 14.35 -53.57
N ASN E 281 12.50 14.39 -54.66
CA ASN E 281 11.94 14.27 -56.01
C ASN E 281 11.95 12.81 -56.48
N ALA E 282 11.40 11.94 -55.64
CA ALA E 282 11.29 10.51 -55.97
C ALA E 282 9.84 10.08 -56.12
N ARG E 283 9.00 10.30 -55.11
CA ARG E 283 7.61 9.89 -55.16
C ARG E 283 6.90 10.29 -53.88
N GLU E 284 5.59 10.07 -53.82
CA GLU E 284 4.83 10.41 -52.63
C GLU E 284 5.25 9.52 -51.48
N PRO E 285 5.71 10.08 -50.34
CA PRO E 285 6.04 9.23 -49.20
C PRO E 285 4.83 8.46 -48.71
N LYS E 286 5.06 7.23 -48.25
CA LYS E 286 3.96 6.41 -47.73
C LYS E 286 3.54 6.91 -46.36
N VAL E 287 2.26 7.24 -46.22
CA VAL E 287 1.71 7.79 -44.99
C VAL E 287 0.84 6.74 -44.32
N VAL E 288 0.95 6.65 -43.00
CA VAL E 288 0.15 5.71 -42.22
C VAL E 288 -0.94 6.39 -41.41
N ASN E 289 -0.83 7.69 -41.13
CA ASN E 289 -1.87 8.44 -40.41
C ASN E 289 -2.18 7.77 -39.07
N GLY E 290 -1.13 7.52 -38.29
CA GLY E 290 -1.27 6.93 -36.99
C GLY E 290 -1.46 5.42 -37.07
N PRO E 291 -1.55 4.77 -35.91
CA PRO E 291 -1.71 3.31 -35.91
C PRO E 291 -3.00 2.86 -36.55
N GLU E 292 -2.91 2.24 -37.73
CA GLU E 292 -4.09 1.65 -38.37
C GLU E 292 -3.75 0.33 -39.05
N ILE E 293 -2.64 -0.29 -38.67
CA ILE E 293 -2.25 -1.56 -39.24
C ILE E 293 -2.82 -2.73 -38.45
N LEU E 294 -3.15 -2.50 -37.17
CA LEU E 294 -3.56 -3.56 -36.27
C LEU E 294 -4.73 -4.36 -36.86
N ASN E 295 -4.88 -5.58 -36.35
CA ASN E 295 -5.97 -6.46 -36.73
C ASN E 295 -6.18 -7.48 -35.61
N LYS E 296 -7.24 -8.30 -35.68
CA LYS E 296 -7.59 -9.24 -34.57
C LYS E 296 -7.14 -10.66 -34.93
N TYR E 297 -6.00 -10.83 -35.61
CA TYR E 297 -5.41 -12.14 -35.85
C TYR E 297 -4.00 -12.17 -35.30
N VAL E 298 -3.45 -13.38 -35.18
CA VAL E 298 -2.15 -13.55 -34.51
C VAL E 298 -1.05 -12.83 -35.28
N GLY E 299 -1.05 -12.97 -36.61
CA GLY E 299 0.03 -12.44 -37.42
C GLY E 299 -0.40 -11.57 -38.57
N GLU E 300 -1.44 -10.76 -38.37
CA GLU E 300 -1.97 -9.90 -39.41
C GLU E 300 -1.22 -8.57 -39.40
N SER E 301 -1.31 -7.87 -40.54
CA SER E 301 -0.64 -6.59 -40.77
C SER E 301 0.84 -6.79 -41.09
N GLU E 302 1.34 -8.01 -40.92
CA GLU E 302 2.64 -8.34 -41.49
C GLU E 302 2.57 -8.26 -43.01
N ALA E 303 1.44 -8.68 -43.58
CA ALA E 303 1.22 -8.56 -45.02
C ALA E 303 1.30 -7.10 -45.43
N ASN E 304 0.68 -6.19 -44.66
CA ASN E 304 0.72 -4.79 -45.02
C ASN E 304 2.13 -4.22 -44.89
N ILE E 305 2.86 -4.57 -43.83
CA ILE E 305 4.22 -4.07 -43.64
C ILE E 305 5.10 -4.51 -44.80
N ARG E 306 5.04 -5.80 -45.13
CA ARG E 306 5.86 -6.30 -46.22
C ARG E 306 5.39 -5.74 -47.56
N LYS E 307 4.10 -5.44 -47.70
CA LYS E 307 3.63 -4.77 -48.91
C LYS E 307 4.25 -3.39 -49.05
N LEU E 308 4.32 -2.64 -47.96
CA LEU E 308 4.96 -1.33 -48.00
C LEU E 308 6.43 -1.45 -48.37
N PHE E 309 7.12 -2.45 -47.81
CA PHE E 309 8.55 -2.60 -48.09
C PHE E 309 8.82 -3.31 -49.41
N ALA E 310 7.78 -3.82 -50.07
CA ALA E 310 7.96 -4.62 -51.27
C ALA E 310 8.57 -3.79 -52.40
N ASP E 311 8.14 -2.53 -52.54
CA ASP E 311 8.69 -1.69 -53.60
C ASP E 311 10.19 -1.54 -53.44
N ALA E 312 10.63 -1.24 -52.22
CA ALA E 312 12.07 -1.09 -51.97
C ALA E 312 12.80 -2.40 -52.20
N GLU E 313 12.23 -3.52 -51.75
CA GLU E 313 12.87 -4.81 -51.94
C GLU E 313 13.06 -5.11 -53.42
N GLU E 314 11.99 -4.92 -54.21
CA GLU E 314 12.04 -5.23 -55.64
C GLU E 314 13.04 -4.32 -56.35
N GLU E 315 13.03 -3.03 -56.02
CA GLU E 315 13.94 -2.11 -56.67
C GLU E 315 15.39 -2.34 -56.27
N GLN E 316 15.64 -2.83 -55.05
CA GLN E 316 17.01 -3.17 -54.66
C GLN E 316 17.48 -4.46 -55.32
N ARG E 317 16.57 -5.40 -55.54
CA ARG E 317 16.92 -6.64 -56.23
C ARG E 317 16.78 -6.55 -57.74
N ARG E 318 16.42 -5.39 -58.27
CA ARG E 318 16.26 -5.19 -59.70
C ARG E 318 17.30 -4.24 -60.28
N LEU E 319 17.41 -3.03 -59.77
CA LEU E 319 18.32 -2.03 -60.31
C LEU E 319 19.63 -1.93 -59.55
N GLY E 320 19.84 -2.77 -58.54
CA GLY E 320 21.10 -2.75 -57.83
C GLY E 320 21.31 -1.45 -57.06
N ALA E 321 22.59 -1.12 -56.88
CA ALA E 321 22.96 0.07 -56.12
C ALA E 321 22.51 1.35 -56.79
N ASN E 322 22.16 1.30 -58.08
CA ASN E 322 21.74 2.50 -58.79
C ASN E 322 20.31 2.91 -58.47
N SER E 323 19.62 2.17 -57.60
CA SER E 323 18.23 2.47 -57.29
C SER E 323 18.11 3.88 -56.69
N GLY E 324 16.88 4.37 -56.63
CA GLY E 324 16.61 5.69 -56.12
C GLY E 324 16.46 5.72 -54.61
N LEU E 325 15.32 6.20 -54.13
CA LEU E 325 15.08 6.27 -52.70
C LEU E 325 13.59 6.47 -52.45
N HIS E 326 13.11 5.89 -51.34
CA HIS E 326 11.71 5.99 -50.94
C HIS E 326 11.64 6.39 -49.48
N ILE E 327 10.55 7.06 -49.11
CA ILE E 327 10.35 7.57 -47.77
C ILE E 327 9.06 7.01 -47.22
N ILE E 328 9.13 6.40 -46.04
CA ILE E 328 7.95 5.94 -45.30
C ILE E 328 7.94 6.65 -43.96
N ILE E 329 6.83 7.32 -43.64
CA ILE E 329 6.72 8.15 -42.45
C ILE E 329 5.67 7.52 -41.54
N PHE E 330 6.05 7.30 -40.28
CA PHE E 330 5.13 6.80 -39.27
C PHE E 330 4.72 7.96 -38.38
N ASP E 331 3.41 8.18 -38.25
CA ASP E 331 2.87 9.25 -37.43
C ASP E 331 2.56 8.73 -36.04
N GLU E 332 3.07 9.43 -35.02
CA GLU E 332 2.86 9.04 -33.63
C GLU E 332 3.36 7.61 -33.39
N ILE E 333 4.68 7.45 -33.56
CA ILE E 333 5.27 6.12 -33.55
C ILE E 333 5.11 5.45 -32.19
N ASP E 334 5.19 6.23 -31.11
CA ASP E 334 5.08 5.64 -29.78
C ASP E 334 3.76 4.91 -29.59
N ALA E 335 2.74 5.25 -30.37
CA ALA E 335 1.48 4.53 -30.36
C ALA E 335 1.60 3.13 -30.96
N ILE E 336 2.73 2.82 -31.62
CA ILE E 336 2.97 1.50 -32.19
C ILE E 336 4.11 0.79 -31.48
N CYS E 337 5.30 1.38 -31.47
CA CYS E 337 6.48 0.74 -30.89
C CYS E 337 6.59 1.07 -29.41
N LYS E 338 5.53 0.74 -28.68
CA LYS E 338 5.57 0.82 -27.22
C LYS E 338 6.59 -0.16 -26.69
N GLN E 339 7.40 0.27 -25.72
CA GLN E 339 8.48 -0.57 -25.20
C GLN E 339 7.97 -1.96 -24.87
N ARG E 340 8.47 -2.95 -25.60
CA ARG E 340 8.04 -4.34 -25.44
C ARG E 340 9.08 -5.21 -24.76
N GLY E 341 10.26 -4.66 -24.44
CA GLY E 341 11.24 -5.45 -23.71
C GLY E 341 10.75 -5.81 -22.31
N SER E 342 9.98 -4.93 -21.69
CA SER E 342 9.40 -5.14 -20.38
C SER E 342 7.88 -5.17 -20.47
N MET E 343 7.35 -5.79 -21.51
CA MET E 343 5.92 -5.83 -21.73
C MET E 343 5.22 -6.63 -20.63
N ALA E 344 4.01 -6.22 -20.30
CA ALA E 344 3.22 -6.88 -19.26
C ALA E 344 2.69 -8.21 -19.76
N GLY E 345 2.28 -9.05 -18.80
CA GLY E 345 1.79 -10.38 -19.13
C GLY E 345 0.32 -10.42 -19.52
N SER E 346 -0.13 -9.41 -20.26
CA SER E 346 -1.51 -9.34 -20.72
C SER E 346 -1.64 -9.77 -22.18
N THR E 347 -0.75 -9.29 -23.04
CA THR E 347 -0.77 -9.62 -24.46
C THR E 347 0.65 -9.53 -25.00
N GLY E 348 0.86 -10.14 -26.15
CA GLY E 348 2.18 -10.18 -26.76
C GLY E 348 2.20 -9.99 -28.26
N VAL E 349 1.05 -9.67 -28.86
CA VAL E 349 1.00 -9.46 -30.30
C VAL E 349 1.85 -8.25 -30.69
N HIS E 350 1.78 -7.18 -29.90
CA HIS E 350 2.56 -5.98 -30.21
C HIS E 350 4.05 -6.28 -30.14
N ASP E 351 4.46 -7.21 -29.28
CA ASP E 351 5.85 -7.65 -29.29
C ASP E 351 6.22 -8.24 -30.64
N THR E 352 5.34 -9.08 -31.19
CA THR E 352 5.59 -9.67 -32.50
C THR E 352 5.67 -8.59 -33.58
N VAL E 353 4.78 -7.60 -33.52
CA VAL E 353 4.81 -6.54 -34.53
C VAL E 353 6.11 -5.75 -34.43
N VAL E 354 6.52 -5.41 -33.21
CA VAL E 354 7.75 -4.63 -33.03
C VAL E 354 8.94 -5.40 -33.57
N ASN E 355 9.02 -6.70 -33.23
CA ASN E 355 10.14 -7.51 -33.71
C ASN E 355 10.09 -7.68 -35.23
N GLN E 356 8.90 -7.83 -35.80
CA GLN E 356 8.78 -7.91 -37.25
C GLN E 356 9.36 -6.66 -37.90
N LEU E 357 8.95 -5.48 -37.43
CA LEU E 357 9.46 -4.25 -38.00
C LEU E 357 10.97 -4.14 -37.82
N LEU E 358 11.46 -4.45 -36.62
CA LEU E 358 12.89 -4.34 -36.36
C LEU E 358 13.68 -5.25 -37.29
N SER E 359 13.25 -6.50 -37.43
CA SER E 359 13.96 -7.42 -38.31
C SER E 359 13.88 -6.98 -39.77
N LYS E 360 12.71 -6.51 -40.21
CA LYS E 360 12.56 -6.11 -41.60
C LYS E 360 13.45 -4.94 -41.93
N ILE E 361 13.55 -3.96 -41.02
CA ILE E 361 14.39 -2.81 -41.28
C ILE E 361 15.85 -3.23 -41.44
N ASP E 362 16.34 -4.10 -40.56
CA ASP E 362 17.72 -4.58 -40.62
C ASP E 362 17.68 -6.10 -40.44
N GLY E 363 17.96 -6.83 -41.51
CA GLY E 363 17.94 -8.28 -41.51
C GLY E 363 19.20 -8.84 -42.15
N VAL E 364 19.01 -9.89 -42.94
CA VAL E 364 20.15 -10.52 -43.63
C VAL E 364 20.79 -9.53 -44.59
N GLU E 365 19.97 -8.83 -45.37
CA GLU E 365 20.45 -7.83 -46.30
C GLU E 365 20.49 -6.47 -45.61
N GLN E 366 21.08 -5.48 -46.27
CA GLN E 366 21.16 -4.11 -45.75
C GLN E 366 20.59 -3.19 -46.81
N LEU E 367 19.27 -3.02 -46.79
CA LEU E 367 18.60 -2.15 -47.76
C LEU E 367 19.08 -0.72 -47.56
N ASN E 368 19.84 -0.21 -48.52
CA ASN E 368 20.38 1.15 -48.49
C ASN E 368 19.62 2.06 -49.44
N ASN E 369 18.30 1.84 -49.54
CA ASN E 369 17.45 2.56 -50.48
C ASN E 369 16.31 3.28 -49.79
N ILE E 370 16.21 3.19 -48.46
CA ILE E 370 15.06 3.71 -47.73
C ILE E 370 15.55 4.60 -46.59
N LEU E 371 14.64 5.47 -46.14
CA LEU E 371 14.88 6.31 -44.96
C LEU E 371 13.54 6.53 -44.29
N VAL E 372 13.41 6.06 -43.05
CA VAL E 372 12.14 6.08 -42.33
C VAL E 372 12.16 7.22 -41.32
N ILE E 373 11.09 8.00 -41.28
CA ILE E 373 10.97 9.16 -40.40
C ILE E 373 9.83 8.86 -39.44
N GLY E 374 10.08 9.09 -38.15
CA GLY E 374 9.06 8.88 -37.13
C GLY E 374 8.78 10.14 -36.33
N MET E 375 7.49 10.37 -36.08
CA MET E 375 7.03 11.52 -35.32
C MET E 375 6.24 11.05 -34.11
N THR E 376 6.48 11.69 -32.97
CA THR E 376 5.72 11.40 -31.76
C THR E 376 6.05 12.38 -30.65
N ASN E 377 5.08 12.66 -29.78
CA ASN E 377 5.26 13.58 -28.67
C ASN E 377 5.67 12.82 -27.40
N ARG E 378 6.73 12.02 -27.54
CA ARG E 378 7.21 11.21 -26.43
C ARG E 378 8.74 11.24 -26.37
N PRO E 379 9.34 11.81 -25.32
CA PRO E 379 10.80 11.98 -25.31
C PRO E 379 11.57 10.72 -24.91
N ASP E 380 11.03 9.94 -23.96
CA ASP E 380 11.80 8.85 -23.36
C ASP E 380 10.94 7.62 -23.12
N LEU E 381 9.96 7.36 -23.98
CA LEU E 381 9.08 6.19 -23.85
C LEU E 381 9.14 5.33 -25.11
N ILE E 382 10.35 5.09 -25.62
CA ILE E 382 10.56 4.28 -26.81
C ILE E 382 11.60 3.22 -26.50
N ASP E 383 11.47 2.07 -27.18
CA ASP E 383 12.36 0.95 -26.93
C ASP E 383 13.80 1.30 -27.26
N GLU E 384 14.73 0.74 -26.49
CA GLU E 384 16.15 1.05 -26.66
C GLU E 384 16.70 0.56 -27.99
N ALA E 385 16.18 -0.55 -28.53
CA ALA E 385 16.73 -1.08 -29.77
C ALA E 385 16.60 -0.10 -30.94
N LEU E 386 15.70 0.86 -30.85
CA LEU E 386 15.46 1.81 -31.93
C LEU E 386 16.11 3.16 -31.67
N LEU E 387 17.18 3.20 -30.87
CA LEU E 387 17.94 4.43 -30.66
C LEU E 387 19.45 4.22 -30.80
N ARG E 388 19.94 2.99 -30.74
CA ARG E 388 21.37 2.75 -30.89
C ARG E 388 21.80 3.01 -32.32
N PRO E 389 23.10 3.24 -32.54
CA PRO E 389 23.56 3.53 -33.90
C PRO E 389 23.15 2.43 -34.88
N GLY E 390 22.77 2.84 -36.08
CA GLY E 390 22.20 1.92 -37.04
C GLY E 390 20.82 2.34 -37.48
N ARG E 391 19.80 1.61 -37.04
CA ARG E 391 18.43 1.85 -37.48
C ARG E 391 18.03 3.30 -37.25
N LEU E 392 18.00 3.73 -35.99
CA LEU E 392 17.62 5.08 -35.63
C LEU E 392 18.70 5.65 -34.71
N GLU E 393 19.50 6.58 -35.23
CA GLU E 393 20.59 7.18 -34.47
C GLU E 393 20.44 8.68 -34.32
N VAL E 394 20.09 9.39 -35.38
CA VAL E 394 20.00 10.84 -35.36
C VAL E 394 18.59 11.25 -34.97
N LYS E 395 18.50 12.13 -33.97
CA LYS E 395 17.19 12.61 -33.49
C LYS E 395 17.38 14.01 -32.94
N MET E 396 16.70 14.97 -33.53
CA MET E 396 16.74 16.36 -33.09
C MET E 396 15.53 16.67 -32.22
N GLU E 397 15.57 17.83 -31.58
CA GLU E 397 14.54 18.27 -30.64
C GLU E 397 13.95 19.58 -31.16
N ILE E 398 12.68 19.55 -31.55
CA ILE E 398 11.99 20.78 -31.89
C ILE E 398 11.43 21.40 -30.61
N GLY E 399 11.55 22.72 -30.52
CA GLY E 399 11.17 23.43 -29.32
C GLY E 399 10.55 24.77 -29.65
N LEU E 400 9.99 25.40 -28.60
CA LEU E 400 9.39 26.71 -28.76
C LEU E 400 10.43 27.70 -29.27
N PRO E 401 10.06 28.59 -30.18
CA PRO E 401 11.05 29.47 -30.82
C PRO E 401 11.50 30.60 -29.89
N ASP E 402 12.32 31.49 -30.44
CA ASP E 402 12.83 32.66 -29.75
C ASP E 402 12.12 33.91 -30.25
N GLU E 403 12.55 35.07 -29.73
CA GLU E 403 11.95 36.33 -30.13
C GLU E 403 12.05 36.54 -31.63
N LYS E 404 13.24 36.34 -32.20
CA LYS E 404 13.41 36.48 -33.64
C LYS E 404 12.54 35.48 -34.39
N GLY E 405 12.46 34.24 -33.89
CA GLY E 405 11.59 33.27 -34.52
C GLY E 405 10.13 33.68 -34.46
N ARG E 406 9.70 34.24 -33.33
CA ARG E 406 8.33 34.73 -33.23
C ARG E 406 8.06 35.82 -34.24
N LEU E 407 8.98 36.77 -34.39
CA LEU E 407 8.83 37.81 -35.39
C LEU E 407 8.72 37.21 -36.78
N GLN E 408 9.59 36.24 -37.08
CA GLN E 408 9.59 35.63 -38.41
C GLN E 408 8.26 34.93 -38.68
N ILE E 409 7.75 34.20 -37.69
CA ILE E 409 6.50 33.46 -37.88
C ILE E 409 5.34 34.44 -38.08
N LEU E 410 5.30 35.50 -37.28
CA LEU E 410 4.24 36.48 -37.43
C LEU E 410 4.28 37.12 -38.82
N HIS E 411 5.48 37.48 -39.28
CA HIS E 411 5.59 38.06 -40.62
C HIS E 411 5.15 37.06 -41.68
N ILE E 412 5.55 35.80 -41.54
CA ILE E 412 5.18 34.78 -42.54
C ILE E 412 3.67 34.64 -42.62
N HIS E 413 3.00 34.63 -41.46
CA HIS E 413 1.56 34.46 -41.43
C HIS E 413 0.80 35.71 -41.86
N THR E 414 1.36 36.90 -41.68
CA THR E 414 0.69 38.15 -42.05
C THR E 414 1.11 38.63 -43.45
N ALA E 415 1.97 37.87 -44.12
CA ALA E 415 2.42 38.27 -45.45
C ALA E 415 1.26 38.49 -46.40
N ARG E 416 0.33 37.54 -46.48
CA ARG E 416 -0.77 37.66 -47.44
C ARG E 416 -1.66 38.85 -47.11
N MET E 417 -1.99 39.03 -45.83
CA MET E 417 -2.83 40.16 -45.45
C MET E 417 -2.14 41.48 -45.77
N ARG E 418 -0.84 41.57 -45.53
CA ARG E 418 -0.11 42.78 -45.91
C ARG E 418 -0.15 42.98 -47.43
N GLY E 419 0.03 41.91 -48.18
CA GLY E 419 0.05 42.04 -49.63
C GLY E 419 -1.28 42.53 -50.20
N HIS E 420 -2.38 42.04 -49.65
CA HIS E 420 -3.70 42.43 -50.14
C HIS E 420 -4.19 43.75 -49.56
N GLN E 421 -3.40 44.38 -48.69
CA GLN E 421 -3.72 45.71 -48.15
C GLN E 421 -4.99 45.68 -47.31
N LEU E 422 -5.02 44.77 -46.33
CA LEU E 422 -6.08 44.73 -45.34
C LEU E 422 -5.60 45.05 -43.94
N LEU E 423 -4.31 44.91 -43.66
CA LEU E 423 -3.75 45.21 -42.35
C LEU E 423 -3.41 46.69 -42.29
N SER E 424 -3.93 47.38 -41.26
CA SER E 424 -3.66 48.80 -41.10
C SER E 424 -2.20 49.02 -40.71
N ALA E 425 -1.72 50.22 -40.96
CA ALA E 425 -0.34 50.60 -40.65
C ALA E 425 -0.16 51.03 -39.21
N ASP E 426 -1.10 50.71 -38.32
CA ASP E 426 -1.05 51.08 -36.92
C ASP E 426 -0.49 49.98 -36.04
N VAL E 427 -0.03 48.88 -36.62
CA VAL E 427 0.46 47.73 -35.87
C VAL E 427 1.93 47.51 -36.17
N ASP E 428 2.71 47.27 -35.13
CA ASP E 428 4.14 47.00 -35.25
C ASP E 428 4.40 45.55 -34.85
N ILE E 429 5.00 44.79 -35.76
CA ILE E 429 5.26 43.38 -35.47
C ILE E 429 6.29 43.24 -34.37
N LYS E 430 7.27 44.15 -34.31
CA LYS E 430 8.29 44.06 -33.27
C LYS E 430 7.68 44.22 -31.89
N GLU E 431 6.74 45.15 -31.72
CA GLU E 431 6.09 45.32 -30.43
C GLU E 431 5.32 44.06 -30.04
N LEU E 432 4.61 43.46 -30.99
CA LEU E 432 3.88 42.23 -30.70
C LEU E 432 4.83 41.11 -30.30
N ALA E 433 5.96 40.98 -31.00
CA ALA E 433 6.94 39.96 -30.65
C ALA E 433 7.49 40.19 -29.25
N VAL E 434 7.77 41.44 -28.90
CA VAL E 434 8.25 41.74 -27.56
C VAL E 434 7.21 41.37 -26.52
N GLU E 435 5.95 41.71 -26.78
CA GLU E 435 4.90 41.46 -25.79
C GLU E 435 4.73 39.96 -25.53
N THR E 436 4.68 39.17 -26.60
CA THR E 436 4.43 37.74 -26.45
C THR E 436 5.61 37.06 -25.77
N LYS E 437 5.31 35.97 -25.04
CA LYS E 437 6.34 35.20 -24.37
C LYS E 437 5.86 33.76 -24.25
N ASN E 438 6.73 32.82 -24.64
CA ASN E 438 6.49 31.38 -24.59
C ASN E 438 5.50 30.90 -25.64
N PHE E 439 4.94 31.80 -26.45
CA PHE E 439 3.96 31.38 -27.45
C PHE E 439 4.60 30.47 -28.49
N SER E 440 3.84 29.46 -28.90
CA SER E 440 4.25 28.54 -29.96
C SER E 440 3.59 28.96 -31.27
N GLY E 441 3.92 28.22 -32.33
CA GLY E 441 3.36 28.54 -33.64
C GLY E 441 1.84 28.46 -33.63
N ALA E 442 1.29 27.45 -32.98
CA ALA E 442 -0.16 27.31 -32.91
C ALA E 442 -0.79 28.52 -32.23
N GLU E 443 -0.22 28.93 -31.10
CA GLU E 443 -0.71 30.12 -30.41
C GLU E 443 -0.52 31.39 -31.22
N LEU E 444 0.61 31.53 -31.92
CA LEU E 444 0.82 32.70 -32.76
C LEU E 444 -0.22 32.80 -33.85
N GLU E 445 -0.53 31.68 -34.52
CA GLU E 445 -1.59 31.68 -35.52
C GLU E 445 -2.97 31.91 -34.92
N GLY E 446 -3.22 31.35 -33.73
CA GLY E 446 -4.50 31.57 -33.08
C GLY E 446 -4.73 33.01 -32.69
N LEU E 447 -3.66 33.72 -32.31
CA LEU E 447 -3.79 35.15 -32.02
C LEU E 447 -4.27 35.89 -33.26
N VAL E 448 -3.66 35.60 -34.41
CA VAL E 448 -4.07 36.24 -35.66
C VAL E 448 -5.52 35.90 -35.98
N ARG E 449 -5.88 34.63 -35.80
CA ARG E 449 -7.26 34.21 -36.09
C ARG E 449 -8.25 34.94 -35.20
N ALA E 450 -7.95 35.06 -33.90
CA ALA E 450 -8.87 35.73 -32.99
C ALA E 450 -8.99 37.20 -33.33
N ALA E 451 -7.88 37.87 -33.61
CA ALA E 451 -7.95 39.27 -33.99
C ALA E 451 -8.76 39.46 -35.26
N GLN E 452 -8.54 38.59 -36.25
CA GLN E 452 -9.28 38.70 -37.49
C GLN E 452 -10.77 38.48 -37.27
N SER E 453 -11.13 37.50 -36.45
CA SER E 453 -12.55 37.27 -36.17
C SER E 453 -13.17 38.45 -35.45
N THR E 454 -12.44 39.05 -34.50
CA THR E 454 -12.96 40.22 -33.81
C THR E 454 -13.21 41.36 -34.79
N ALA E 455 -12.26 41.59 -35.70
CA ALA E 455 -12.45 42.63 -36.70
C ALA E 455 -13.62 42.31 -37.61
N MET E 456 -13.75 41.04 -38.00
CA MET E 456 -14.81 40.63 -38.93
C MET E 456 -16.19 40.82 -38.32
N ASN E 457 -16.33 40.52 -37.02
CA ASN E 457 -17.65 40.49 -36.40
C ASN E 457 -18.32 41.86 -36.34
N ARG E 458 -17.59 42.94 -36.61
CA ARG E 458 -18.17 44.28 -36.51
C ARG E 458 -19.14 44.59 -37.65
N HIS E 459 -19.46 43.67 -38.55
CA HIS E 459 -20.35 43.97 -39.67
C HIS E 459 -21.47 42.95 -39.81
N ILE E 460 -21.91 42.35 -38.71
CA ILE E 460 -23.04 41.41 -38.73
C ILE E 460 -23.70 41.43 -37.36
N LYS E 461 -25.03 41.51 -37.35
CA LYS E 461 -25.80 41.58 -36.12
C LYS E 461 -26.30 40.18 -35.76
N ALA E 462 -27.09 40.09 -34.69
CA ALA E 462 -27.61 38.81 -34.21
C ALA E 462 -29.08 38.95 -33.85
N SER E 463 -29.84 39.70 -34.65
CA SER E 463 -31.27 39.87 -34.46
C SER E 463 -32.09 38.90 -35.28
N THR E 464 -31.77 38.76 -36.57
CA THR E 464 -32.40 37.78 -37.45
C THR E 464 -31.33 37.33 -38.45
N LYS E 465 -30.66 36.22 -38.12
CA LYS E 465 -29.55 35.69 -38.92
C LYS E 465 -28.44 36.72 -38.90
N VAL E 466 -27.97 37.22 -40.04
CA VAL E 466 -26.85 38.15 -40.09
C VAL E 466 -27.24 39.33 -40.98
N GLU E 467 -26.97 40.55 -40.49
CA GLU E 467 -27.14 41.76 -41.28
C GLU E 467 -25.75 42.21 -41.75
N VAL E 468 -25.32 41.63 -42.87
CA VAL E 468 -23.98 41.89 -43.39
C VAL E 468 -23.98 43.21 -44.14
N ASP E 469 -23.71 44.31 -43.42
CA ASP E 469 -23.75 45.68 -43.91
C ASP E 469 -23.93 45.98 -45.40
N MET E 470 -23.18 46.95 -45.94
CA MET E 470 -23.33 47.32 -47.35
C MET E 470 -22.01 47.41 -48.09
N GLU E 471 -20.93 47.88 -47.45
CA GLU E 471 -19.62 47.90 -48.08
C GLU E 471 -18.47 47.58 -47.13
N LYS E 472 -18.74 47.27 -45.86
CA LYS E 472 -17.66 46.97 -44.93
C LYS E 472 -16.82 45.78 -45.37
N ALA E 473 -17.24 45.03 -46.38
CA ALA E 473 -16.45 43.90 -46.86
C ALA E 473 -15.07 44.36 -47.33
N GLU E 474 -14.95 45.62 -47.74
CA GLU E 474 -13.67 46.17 -48.20
C GLU E 474 -13.05 47.13 -47.20
N SER E 475 -13.85 47.98 -46.55
CA SER E 475 -13.34 48.91 -45.56
C SER E 475 -12.77 48.20 -44.33
N LEU E 476 -13.07 46.93 -44.15
CA LEU E 476 -12.55 46.19 -43.01
C LEU E 476 -11.03 46.21 -43.01
N GLN E 477 -10.46 46.49 -41.83
CA GLN E 477 -9.02 46.51 -41.67
C GLN E 477 -8.67 46.20 -40.23
N VAL E 478 -7.54 45.54 -40.03
CA VAL E 478 -7.11 45.12 -38.70
C VAL E 478 -6.51 46.31 -37.96
N THR E 479 -6.63 46.30 -36.64
CA THR E 479 -6.11 47.36 -35.78
C THR E 479 -5.41 46.75 -34.58
N ARG E 480 -4.48 47.50 -34.00
CA ARG E 480 -3.75 47.01 -32.84
C ARG E 480 -4.67 46.76 -31.66
N GLY E 481 -5.82 47.44 -31.61
CA GLY E 481 -6.75 47.21 -30.52
C GLY E 481 -7.23 45.78 -30.46
N ASP E 482 -7.56 45.20 -31.61
CA ASP E 482 -8.00 43.80 -31.66
C ASP E 482 -6.89 42.88 -31.19
N PHE E 483 -5.66 43.12 -31.64
CA PHE E 483 -4.53 42.30 -31.22
C PHE E 483 -4.36 42.36 -29.70
N LEU E 484 -4.40 43.57 -29.14
CA LEU E 484 -4.22 43.70 -27.70
C LEU E 484 -5.34 43.02 -26.93
N ALA E 485 -6.59 43.19 -27.37
CA ALA E 485 -7.71 42.57 -26.68
C ALA E 485 -7.61 41.05 -26.72
N SER E 486 -7.29 40.49 -27.89
CA SER E 486 -7.15 39.05 -28.01
C SER E 486 -6.00 38.55 -27.15
N LEU E 487 -4.88 39.26 -27.13
CA LEU E 487 -3.76 38.85 -26.29
C LEU E 487 -4.14 38.85 -24.83
N GLU E 488 -4.86 39.86 -24.38
CA GLU E 488 -5.23 39.97 -22.97
C GLU E 488 -6.31 38.98 -22.55
N ASN E 489 -7.21 38.61 -23.46
CA ASN E 489 -8.39 37.83 -23.09
C ASN E 489 -8.52 36.48 -23.78
N ASP E 490 -8.23 36.39 -25.09
CA ASP E 490 -8.62 35.22 -25.87
C ASP E 490 -7.54 34.15 -25.97
N ILE E 491 -6.36 34.34 -25.38
CA ILE E 491 -5.27 33.38 -25.47
C ILE E 491 -4.53 33.34 -24.14
N LYS E 492 -4.06 32.16 -23.77
CA LYS E 492 -3.32 31.95 -22.53
C LYS E 492 -2.13 31.04 -22.83
N PRO E 493 -0.89 31.56 -22.80
CA PRO E 493 0.26 30.71 -23.10
C PRO E 493 0.34 29.53 -22.14
N ALA E 494 0.72 28.38 -22.68
CA ALA E 494 0.70 27.15 -21.90
C ALA E 494 1.75 27.16 -20.78
N PHE E 495 2.96 27.60 -21.10
CA PHE E 495 4.09 27.53 -20.18
C PHE E 495 4.60 28.92 -19.86
N GLY E 496 4.92 29.15 -18.58
CA GLY E 496 5.45 30.42 -18.14
C GLY E 496 4.48 31.20 -17.28
N THR E 497 5.01 31.90 -16.27
CA THR E 497 4.17 32.71 -15.40
C THR E 497 3.49 33.89 -16.10
N ASN E 498 2.28 34.22 -15.64
CA ASN E 498 1.49 35.29 -16.24
C ASN E 498 1.11 36.41 -15.28
N GLN E 499 0.48 37.44 -15.83
CA GLN E 499 0.22 38.69 -15.11
C GLN E 499 -0.97 38.60 -14.16
N GLU E 500 -1.49 37.40 -13.88
CA GLU E 500 -2.55 37.24 -12.89
C GLU E 500 -2.03 36.74 -11.55
N ASP E 501 -1.01 35.88 -11.55
CA ASP E 501 -0.39 35.47 -10.29
C ASP E 501 0.22 36.68 -9.59
N TYR E 502 0.84 37.58 -10.35
CA TYR E 502 1.39 38.79 -9.76
C TYR E 502 0.31 39.61 -9.09
N ALA E 503 -0.83 39.78 -9.77
CA ALA E 503 -1.95 40.48 -9.16
C ALA E 503 -2.48 39.74 -7.95
N SER E 504 -2.32 38.42 -7.89
CA SER E 504 -2.76 37.66 -6.73
C SER E 504 -1.91 37.92 -5.49
N TYR E 505 -0.76 38.56 -5.64
CA TYR E 505 0.11 38.87 -4.51
C TYR E 505 0.21 40.36 -4.24
N ILE E 506 0.57 41.16 -5.23
CA ILE E 506 0.65 42.62 -5.07
C ILE E 506 -0.74 43.15 -5.39
N MET E 507 -1.59 43.15 -4.36
CA MET E 507 -3.00 43.49 -4.56
C MET E 507 -3.28 44.98 -4.44
N ASN E 508 -2.45 45.73 -3.73
CA ASN E 508 -2.64 47.16 -3.54
C ASN E 508 -1.37 47.97 -3.79
N GLY E 509 -0.60 47.57 -4.79
CA GLY E 509 0.57 48.36 -5.16
C GLY E 509 1.60 48.42 -4.05
N ILE E 510 2.47 49.43 -4.15
CA ILE E 510 3.54 49.63 -3.19
C ILE E 510 3.67 51.12 -2.88
N ILE E 511 3.18 51.53 -1.72
CA ILE E 511 3.28 52.92 -1.31
C ILE E 511 4.63 53.16 -0.65
N LYS E 512 5.27 54.27 -1.03
CA LYS E 512 6.58 54.64 -0.50
C LYS E 512 6.34 55.44 0.78
N TRP E 513 6.22 54.73 1.90
CA TRP E 513 5.99 55.36 3.20
C TRP E 513 7.27 55.63 3.96
N GLY E 514 8.43 55.27 3.42
CA GLY E 514 9.68 55.50 4.12
C GLY E 514 10.85 55.06 3.27
N ASP E 515 12.05 55.28 3.82
CA ASP E 515 13.29 54.96 3.16
C ASP E 515 13.54 53.45 3.07
N PRO E 516 13.10 52.66 4.06
CA PRO E 516 13.39 51.21 3.99
C PRO E 516 12.93 50.56 2.70
N VAL E 517 11.80 51.00 2.15
CA VAL E 517 11.34 50.43 0.87
C VAL E 517 12.40 50.65 -0.20
N THR E 518 12.89 51.88 -0.32
CA THR E 518 13.91 52.17 -1.34
C THR E 518 15.18 51.38 -1.06
N ARG E 519 15.58 51.28 0.20
CA ARG E 519 16.79 50.54 0.53
C ARG E 519 16.68 49.08 0.09
N VAL E 520 15.57 48.43 0.44
CA VAL E 520 15.39 47.03 0.08
C VAL E 520 15.35 46.86 -1.42
N LEU E 521 14.62 47.73 -2.13
CA LEU E 521 14.54 47.60 -3.57
C LEU E 521 15.91 47.77 -4.22
N ASP E 522 16.69 48.75 -3.76
CA ASP E 522 18.02 48.97 -4.32
C ASP E 522 18.93 47.78 -4.04
N ASP E 523 18.85 47.20 -2.85
CA ASP E 523 19.67 46.04 -2.54
C ASP E 523 19.31 44.87 -3.45
N GLY E 524 18.02 44.65 -3.66
CA GLY E 524 17.61 43.60 -4.59
C GLY E 524 18.10 43.85 -6.00
N GLU E 525 18.02 45.10 -6.45
CA GLU E 525 18.51 45.43 -7.78
C GLU E 525 20.01 45.16 -7.89
N LEU E 526 20.77 45.53 -6.86
CA LEU E 526 22.20 45.29 -6.88
C LEU E 526 22.51 43.80 -6.94
N LEU E 527 21.78 42.99 -6.17
CA LEU E 527 21.99 41.55 -6.20
C LEU E 527 21.68 40.97 -7.58
N VAL E 528 20.58 41.43 -8.19
CA VAL E 528 20.22 40.96 -9.52
C VAL E 528 21.31 41.32 -10.52
N GLN E 529 21.81 42.56 -10.44
CA GLN E 529 22.87 42.97 -11.34
C GLN E 529 24.12 42.13 -11.15
N GLN E 530 24.46 41.80 -9.90
CA GLN E 530 25.61 40.94 -9.64
C GLN E 530 25.43 39.59 -10.32
N THR E 531 24.28 38.95 -10.10
CA THR E 531 24.09 37.63 -10.69
C THR E 531 23.95 37.68 -12.21
N LYS E 532 23.65 38.85 -12.78
CA LYS E 532 23.42 38.93 -14.22
C LYS E 532 24.68 38.59 -15.01
N ASN E 533 25.83 39.09 -14.59
CA ASN E 533 27.07 38.93 -15.35
C ASN E 533 28.20 38.56 -14.38
N SER E 534 28.63 37.30 -14.43
CA SER E 534 29.76 36.82 -13.65
C SER E 534 30.00 35.36 -14.00
N ASP E 535 31.20 34.89 -13.72
CA ASP E 535 31.56 33.50 -13.95
C ASP E 535 32.10 32.87 -12.68
N ARG E 536 32.65 33.69 -11.78
CA ARG E 536 33.15 33.18 -10.52
C ARG E 536 32.04 32.56 -9.69
N THR E 537 30.87 33.19 -9.66
CA THR E 537 29.75 32.79 -8.80
C THR E 537 28.53 32.52 -9.65
N PRO E 538 28.35 31.30 -10.16
CA PRO E 538 27.14 31.00 -10.94
C PRO E 538 25.88 30.89 -10.11
N LEU E 539 25.98 30.74 -8.79
CA LEU E 539 24.83 30.60 -7.91
C LEU E 539 24.88 31.67 -6.82
N VAL E 540 23.71 32.21 -6.48
CA VAL E 540 23.59 33.23 -5.45
C VAL E 540 22.26 33.04 -4.74
N SER E 541 22.23 33.36 -3.45
CA SER E 541 21.04 33.20 -2.62
C SER E 541 20.86 34.42 -1.74
N VAL E 542 19.62 34.64 -1.31
CA VAL E 542 19.30 35.75 -0.41
C VAL E 542 18.03 35.38 0.35
N LEU E 543 17.91 35.90 1.57
CA LEU E 543 16.78 35.58 2.44
C LEU E 543 16.17 36.89 2.94
N LEU E 544 14.85 37.00 2.84
CA LEU E 544 14.11 38.14 3.36
C LEU E 544 13.46 37.73 4.67
N GLU E 545 13.71 38.49 5.73
CA GLU E 545 13.24 38.14 7.06
C GLU E 545 12.67 39.38 7.72
N GLY E 546 11.82 39.16 8.72
CA GLY E 546 11.22 40.24 9.48
C GLY E 546 10.04 39.78 10.31
N PRO E 547 9.46 40.69 11.07
CA PRO E 547 8.30 40.34 11.91
C PRO E 547 7.09 40.03 11.04
N PRO E 548 6.13 39.28 11.56
CA PRO E 548 4.96 38.93 10.76
C PRO E 548 4.12 40.15 10.42
N HIS E 549 3.41 40.06 9.30
CA HIS E 549 2.55 41.14 8.81
C HIS E 549 3.37 42.39 8.51
N SER E 550 4.32 42.24 7.59
CA SER E 550 5.20 43.33 7.18
C SER E 550 5.35 43.50 5.68
N GLY E 551 4.77 42.62 4.87
CA GLY E 551 4.85 42.74 3.43
C GLY E 551 6.09 42.16 2.79
N LYS E 552 6.58 41.01 3.27
CA LYS E 552 7.76 40.41 2.68
C LYS E 552 7.45 39.80 1.32
N THR E 553 6.33 39.10 1.20
CA THR E 553 5.99 38.44 -0.05
C THR E 553 5.79 39.44 -1.17
N ALA E 554 5.11 40.56 -0.87
CA ALA E 554 4.87 41.56 -1.89
C ALA E 554 6.18 42.14 -2.42
N LEU E 555 7.10 42.48 -1.51
CA LEU E 555 8.38 43.03 -1.94
C LEU E 555 9.19 42.00 -2.73
N ALA E 556 9.15 40.74 -2.31
CA ALA E 556 9.86 39.71 -3.06
C ALA E 556 9.30 39.59 -4.48
N ALA E 557 7.98 39.58 -4.60
CA ALA E 557 7.36 39.50 -5.92
C ALA E 557 7.72 40.72 -6.76
N LYS E 558 7.73 41.90 -6.15
CA LYS E 558 8.08 43.11 -6.89
C LYS E 558 9.51 43.04 -7.40
N ILE E 559 10.44 42.59 -6.56
CA ILE E 559 11.83 42.43 -7.00
C ILE E 559 11.88 41.44 -8.16
N ALA E 560 11.11 40.37 -8.07
CA ALA E 560 11.10 39.37 -9.13
C ALA E 560 10.60 39.98 -10.45
N GLU E 561 9.54 40.77 -10.39
CA GLU E 561 8.95 41.31 -11.60
C GLU E 561 9.91 42.25 -12.33
N GLU E 562 10.62 43.09 -11.58
CA GLU E 562 11.50 44.10 -12.18
C GLU E 562 12.85 43.53 -12.59
N SER E 563 12.98 42.21 -12.69
CA SER E 563 14.22 41.58 -13.12
C SER E 563 14.25 41.27 -14.60
N ASN E 564 13.11 40.94 -15.21
CA ASN E 564 13.02 40.63 -16.63
C ASN E 564 13.95 39.48 -17.00
N PHE E 565 13.68 38.32 -16.41
CA PHE E 565 14.41 37.10 -16.69
C PHE E 565 13.61 36.21 -17.63
N PRO E 566 14.28 35.43 -18.48
CA PRO E 566 13.53 34.49 -19.33
C PRO E 566 12.67 33.52 -18.54
N PHE E 567 13.17 33.04 -17.40
CA PHE E 567 12.47 32.08 -16.56
C PHE E 567 12.25 32.70 -15.19
N ILE E 568 11.00 32.76 -14.76
CA ILE E 568 10.65 33.25 -13.42
C ILE E 568 9.41 32.53 -12.95
N LYS E 569 9.52 31.77 -11.86
CA LYS E 569 8.41 30.99 -11.32
C LYS E 569 8.38 31.13 -9.81
N ILE E 570 7.18 30.97 -9.25
CA ILE E 570 6.96 31.12 -7.82
C ILE E 570 6.49 29.78 -7.26
N CYS E 571 7.17 29.31 -6.22
CA CYS E 571 6.82 28.06 -5.54
C CYS E 571 6.29 28.43 -4.16
N SER E 572 5.00 28.20 -3.94
CA SER E 572 4.35 28.56 -2.69
C SER E 572 3.58 27.37 -2.12
N PRO E 573 3.48 27.26 -0.79
CA PRO E 573 2.68 26.17 -0.21
C PRO E 573 1.21 26.52 -0.12
N ASP E 574 0.67 27.09 -1.20
CA ASP E 574 -0.74 27.45 -1.28
C ASP E 574 -1.52 26.54 -2.21
N LYS E 575 -0.85 25.85 -3.13
CA LYS E 575 -1.50 24.91 -4.04
C LYS E 575 -1.25 23.46 -3.65
N MET E 576 -0.68 23.22 -2.47
CA MET E 576 -0.39 21.86 -2.02
C MET E 576 -1.11 21.56 -0.71
N ILE E 577 -2.39 21.92 -0.63
CA ILE E 577 -3.18 21.70 0.57
C ILE E 577 -3.54 20.22 0.63
N GLY E 578 -2.97 19.50 1.59
CA GLY E 578 -3.25 18.09 1.79
C GLY E 578 -2.19 17.16 1.26
N PHE E 579 -1.23 17.63 0.47
CA PHE E 579 -0.19 16.76 -0.06
C PHE E 579 0.70 16.23 1.06
N SER E 580 1.19 15.01 0.88
CA SER E 580 2.13 14.41 1.82
C SER E 580 3.52 14.99 1.56
N GLU E 581 4.52 14.47 2.27
CA GLU E 581 5.89 14.97 2.08
C GLU E 581 6.43 14.58 0.72
N THR E 582 6.10 13.39 0.22
CA THR E 582 6.64 12.92 -1.05
C THR E 582 6.19 13.81 -2.20
N ALA E 583 4.92 14.20 -2.20
CA ALA E 583 4.42 15.09 -3.24
C ALA E 583 5.12 16.44 -3.17
N LYS E 584 5.35 16.95 -1.95
CA LYS E 584 6.07 18.20 -1.79
C LYS E 584 7.47 18.11 -2.41
N CYS E 585 8.20 17.05 -2.07
CA CYS E 585 9.54 16.89 -2.62
C CYS E 585 9.51 16.78 -4.14
N GLN E 586 8.56 16.01 -4.67
CA GLN E 586 8.48 15.86 -6.12
C GLN E 586 8.18 17.18 -6.81
N ALA E 587 7.26 17.97 -6.25
CA ALA E 587 6.95 19.26 -6.85
C ALA E 587 8.16 20.18 -6.82
N MET E 588 8.87 20.23 -5.69
CA MET E 588 10.06 21.08 -5.62
C MET E 588 11.10 20.64 -6.65
N LYS E 589 11.34 19.33 -6.76
CA LYS E 589 12.32 18.83 -7.72
C LYS E 589 11.89 19.18 -9.15
N LYS E 590 10.60 19.03 -9.46
CA LYS E 590 10.13 19.36 -10.79
C LYS E 590 10.36 20.82 -11.12
N ILE E 591 9.99 21.71 -10.19
CA ILE E 591 10.16 23.14 -10.46
C ILE E 591 11.63 23.47 -10.65
N PHE E 592 12.50 22.92 -9.80
CA PHE E 592 13.91 23.25 -9.90
C PHE E 592 14.51 22.70 -11.19
N ASP E 593 14.08 21.52 -11.65
CA ASP E 593 14.56 21.01 -12.92
C ASP E 593 14.11 21.89 -14.07
N ASP E 594 12.84 22.30 -14.07
CA ASP E 594 12.35 23.19 -15.12
C ASP E 594 13.18 24.47 -15.14
N ALA E 595 13.50 25.02 -13.97
CA ALA E 595 14.38 26.18 -13.92
C ALA E 595 15.77 25.84 -14.48
N TYR E 596 16.29 24.67 -14.16
CA TYR E 596 17.60 24.27 -14.66
C TYR E 596 17.63 24.22 -16.18
N LYS E 597 16.49 23.94 -16.81
CA LYS E 597 16.43 23.78 -18.26
C LYS E 597 16.53 25.10 -19.03
N SER E 598 16.87 26.21 -18.38
CA SER E 598 16.91 27.52 -19.04
C SER E 598 18.29 28.14 -18.92
N GLN E 599 18.54 29.13 -19.76
CA GLN E 599 19.82 29.84 -19.79
C GLN E 599 19.94 30.89 -18.69
N LEU E 600 18.82 31.30 -18.08
CA LEU E 600 18.84 32.28 -17.01
C LEU E 600 17.50 32.21 -16.30
N SER E 601 17.52 32.11 -14.96
CA SER E 601 16.29 31.89 -14.22
C SER E 601 16.42 32.47 -12.82
N CYS E 602 15.27 32.79 -12.23
CA CYS E 602 15.16 33.21 -10.85
C CYS E 602 13.92 32.56 -10.25
N VAL E 603 14.06 32.03 -9.03
CA VAL E 603 12.98 31.30 -8.39
C VAL E 603 12.71 31.93 -7.02
N VAL E 604 11.47 31.76 -6.55
CA VAL E 604 11.03 32.32 -5.28
C VAL E 604 10.41 31.22 -4.45
N VAL E 605 10.86 31.09 -3.20
CA VAL E 605 10.29 30.17 -2.23
C VAL E 605 9.82 31.01 -1.05
N ASP E 606 8.51 31.04 -0.82
CA ASP E 606 7.92 31.91 0.19
C ASP E 606 7.32 31.08 1.32
N ASP E 607 7.40 31.63 2.53
CA ASP E 607 6.90 30.96 3.73
C ASP E 607 7.58 29.60 3.91
N ILE E 608 8.89 29.65 4.14
CA ILE E 608 9.64 28.42 4.36
C ILE E 608 9.08 27.66 5.56
N GLU E 609 8.77 28.37 6.64
CA GLU E 609 8.29 27.70 7.84
C GLU E 609 7.06 26.85 7.56
N ARG E 610 6.15 27.36 6.71
CA ARG E 610 4.99 26.55 6.34
C ARG E 610 5.40 25.35 5.49
N LEU E 611 6.51 25.47 4.76
CA LEU E 611 6.97 24.38 3.91
C LEU E 611 7.52 23.21 4.72
N LEU E 612 8.20 23.47 5.84
CA LEU E 612 8.73 22.43 6.70
C LEU E 612 7.68 21.88 7.65
N ASP E 613 6.47 22.43 7.65
CA ASP E 613 5.39 21.97 8.51
C ASP E 613 5.81 22.09 9.98
N TYR E 614 6.11 23.32 10.38
CA TYR E 614 6.64 23.59 11.70
C TYR E 614 5.50 23.85 12.69
N VAL E 615 5.76 23.51 13.96
CA VAL E 615 4.85 23.79 15.06
C VAL E 615 5.67 23.75 16.35
N PRO E 616 5.63 24.78 17.19
CA PRO E 616 6.58 24.88 18.29
C PRO E 616 6.30 23.99 19.49
N ILE E 617 5.41 23.00 19.37
CA ILE E 617 5.10 22.10 20.47
C ILE E 617 5.93 20.84 20.25
N GLY E 618 7.10 20.81 20.89
CA GLY E 618 7.92 19.61 20.93
C GLY E 618 9.36 19.80 20.46
N PRO E 619 9.58 20.46 19.32
CA PRO E 619 8.66 20.86 18.25
C PRO E 619 8.44 19.72 17.26
N ARG E 620 7.93 19.99 16.07
CA ARG E 620 7.74 18.95 15.06
C ARG E 620 7.96 19.55 13.68
N PHE E 621 8.36 18.69 12.74
CA PHE E 621 8.56 19.10 11.36
C PHE E 621 8.90 17.84 10.56
N SER E 622 9.01 18.01 9.24
CA SER E 622 9.33 16.92 8.33
C SER E 622 10.79 17.01 7.91
N ASN E 623 11.52 15.91 8.07
CA ASN E 623 12.96 15.92 7.80
C ASN E 623 13.23 15.92 6.30
N LEU E 624 12.44 15.16 5.53
CA LEU E 624 12.75 14.96 4.12
C LEU E 624 12.74 16.29 3.36
N VAL E 625 11.74 17.13 3.62
CA VAL E 625 11.66 18.41 2.91
C VAL E 625 12.86 19.28 3.26
N LEU E 626 13.24 19.32 4.54
CA LEU E 626 14.39 20.11 4.95
C LEU E 626 15.66 19.66 4.24
N GLN E 627 15.90 18.34 4.21
CA GLN E 627 17.10 17.83 3.57
C GLN E 627 17.10 18.12 2.08
N ALA E 628 15.95 17.94 1.42
CA ALA E 628 15.87 18.23 -0.01
C ALA E 628 16.15 19.70 -0.28
N LEU E 629 15.59 20.58 0.56
CA LEU E 629 15.81 22.01 0.37
C LEU E 629 17.29 22.36 0.53
N LEU E 630 17.93 21.80 1.56
CA LEU E 630 19.36 22.09 1.76
C LEU E 630 20.18 21.63 0.58
N VAL E 631 19.94 20.39 0.12
CA VAL E 631 20.71 19.85 -0.99
C VAL E 631 20.51 20.71 -2.24
N LEU E 632 19.26 21.09 -2.52
CA LEU E 632 19.00 21.91 -3.70
C LEU E 632 19.69 23.27 -3.60
N LEU E 633 19.64 23.88 -2.42
CA LEU E 633 20.28 25.19 -2.25
C LEU E 633 21.78 25.10 -2.43
N LYS E 634 22.39 23.97 -2.05
CA LYS E 634 23.85 23.87 -2.12
C LYS E 634 24.35 23.65 -3.55
N LYS E 635 23.60 22.92 -4.37
CA LYS E 635 24.11 22.49 -5.66
C LYS E 635 24.09 23.65 -6.67
N ALA E 636 24.77 23.43 -7.80
CA ALA E 636 24.93 24.41 -8.86
C ALA E 636 24.38 23.88 -10.16
N PRO E 637 24.01 24.75 -11.10
CA PRO E 637 23.37 24.29 -12.34
C PRO E 637 24.40 23.81 -13.34
N PRO E 638 23.95 23.29 -14.49
CA PRO E 638 24.89 22.86 -15.53
C PRO E 638 25.78 24.01 -15.99
N GLN E 639 26.73 23.66 -16.85
CA GLN E 639 27.72 24.63 -17.30
C GLN E 639 27.07 25.78 -18.06
N GLY E 640 27.58 26.98 -17.86
CA GLY E 640 27.15 28.14 -18.61
C GLY E 640 25.72 28.58 -18.34
N ARG E 641 25.28 28.56 -17.09
CA ARG E 641 23.96 29.04 -16.71
C ARG E 641 24.02 29.67 -15.34
N LYS E 642 23.03 30.51 -15.04
CA LYS E 642 22.96 31.24 -13.78
C LYS E 642 21.64 30.92 -13.09
N LEU E 643 21.54 31.32 -11.82
CA LEU E 643 20.35 31.09 -11.03
C LEU E 643 20.33 32.07 -9.87
N LEU E 644 19.14 32.26 -9.30
CA LEU E 644 18.95 33.10 -8.13
C LEU E 644 17.74 32.61 -7.36
N ILE E 645 17.92 32.43 -6.04
CA ILE E 645 16.88 31.91 -5.17
C ILE E 645 16.62 32.93 -4.07
N ILE E 646 15.35 33.27 -3.87
CA ILE E 646 14.93 34.24 -2.86
C ILE E 646 13.99 33.55 -1.90
N GLY E 647 14.27 33.65 -0.60
CA GLY E 647 13.46 33.05 0.42
C GLY E 647 12.55 34.07 1.10
N THR E 648 11.83 33.59 2.11
CA THR E 648 10.96 34.41 2.92
C THR E 648 10.61 33.66 4.19
N THR E 649 10.85 34.28 5.34
CA THR E 649 10.62 33.62 6.62
C THR E 649 10.15 34.66 7.64
N SER E 650 9.52 34.16 8.69
CA SER E 650 9.04 34.99 9.79
C SER E 650 9.70 34.67 11.11
N ARG E 651 10.54 33.63 11.17
CA ARG E 651 11.20 33.20 12.42
C ARG E 651 12.65 32.90 12.09
N LYS E 652 13.51 33.91 12.23
CA LYS E 652 14.92 33.72 11.91
C LYS E 652 15.59 32.77 12.89
N ASP E 653 15.25 32.86 14.18
CA ASP E 653 15.95 32.08 15.19
C ASP E 653 15.82 30.59 14.93
N VAL E 654 14.61 30.14 14.61
CA VAL E 654 14.41 28.71 14.35
C VAL E 654 15.24 28.27 13.15
N LEU E 655 15.25 29.06 12.08
CA LEU E 655 16.04 28.72 10.91
C LEU E 655 17.52 28.63 11.26
N GLN E 656 18.02 29.59 12.05
CA GLN E 656 19.42 29.56 12.44
C GLN E 656 19.73 28.32 13.27
N GLU E 657 18.80 27.91 14.13
CA GLU E 657 19.02 26.73 14.95
C GLU E 657 19.04 25.45 14.12
N MET E 658 18.44 25.49 12.93
CA MET E 658 18.38 24.31 12.06
C MET E 658 19.62 24.15 11.20
N GLU E 659 20.59 25.06 11.31
CA GLU E 659 21.83 24.99 10.53
C GLU E 659 21.59 25.37 9.07
N MET E 660 20.53 26.11 8.78
CA MET E 660 20.19 26.51 7.43
C MET E 660 20.67 27.91 7.08
N LEU E 661 20.66 28.84 8.03
CA LEU E 661 21.05 30.21 7.73
C LEU E 661 22.48 30.30 7.23
N ASN E 662 23.31 29.29 7.51
CA ASN E 662 24.65 29.26 6.95
C ASN E 662 24.62 29.08 5.44
N ALA E 663 23.67 28.31 4.92
CA ALA E 663 23.61 28.06 3.49
C ALA E 663 23.35 29.34 2.71
N PHE E 664 22.38 30.15 3.14
CA PHE E 664 22.08 31.38 2.44
C PHE E 664 23.28 32.31 2.45
N SER E 665 23.59 32.88 1.29
CA SER E 665 24.79 33.72 1.17
C SER E 665 24.68 34.97 2.03
N THR E 666 23.54 35.65 2.01
CA THR E 666 23.35 36.87 2.76
C THR E 666 21.91 36.94 3.27
N THR E 667 21.58 38.05 3.92
CA THR E 667 20.25 38.27 4.47
C THR E 667 19.90 39.74 4.35
N ILE E 668 18.59 40.02 4.39
CA ILE E 668 18.07 41.38 4.32
C ILE E 668 17.03 41.54 5.42
N HIS E 669 16.79 42.78 5.84
CA HIS E 669 15.82 43.07 6.88
C HIS E 669 14.66 43.87 6.31
N VAL E 670 13.47 43.61 6.85
CA VAL E 670 12.24 44.27 6.39
C VAL E 670 11.51 44.83 7.59
N PRO E 671 11.93 45.99 8.11
CA PRO E 671 11.25 46.55 9.29
C PRO E 671 9.87 47.08 8.95
N ASN E 672 9.08 47.28 10.00
CA ASN E 672 7.73 47.81 9.88
C ASN E 672 7.67 49.21 10.48
N ILE E 673 6.48 49.82 10.42
CA ILE E 673 6.32 51.19 10.88
C ILE E 673 6.80 51.32 12.31
N ALA E 674 7.55 52.38 12.58
CA ALA E 674 8.15 52.59 13.90
C ALA E 674 7.82 53.96 14.50
N THR E 675 7.75 55.00 13.68
CA THR E 675 7.61 56.37 14.16
C THR E 675 6.30 56.98 13.70
N GLY E 676 5.84 57.99 14.45
CA GLY E 676 4.58 58.63 14.13
C GLY E 676 4.60 59.32 12.78
N GLU E 677 5.75 59.91 12.41
CA GLU E 677 5.85 60.57 11.12
C GLU E 677 5.57 59.60 9.99
N GLN E 678 6.11 58.39 10.08
CA GLN E 678 5.85 57.39 9.04
C GLN E 678 4.38 57.02 8.98
N LEU E 679 3.73 56.89 10.13
CA LEU E 679 2.30 56.58 10.14
C LEU E 679 1.50 57.69 9.46
N LEU E 680 1.82 58.94 9.78
CA LEU E 680 1.12 60.06 9.15
C LEU E 680 1.37 60.08 7.65
N GLU E 681 2.60 59.82 7.23
CA GLU E 681 2.91 59.79 5.80
C GLU E 681 2.13 58.70 5.09
N ALA E 682 2.05 57.52 5.70
CA ALA E 682 1.27 56.43 5.10
C ALA E 682 -0.20 56.80 5.00
N LEU E 683 -0.75 57.40 6.05
CA LEU E 683 -2.15 57.81 6.01
C LEU E 683 -2.37 58.82 4.90
N GLU E 684 -1.46 59.78 4.76
CA GLU E 684 -1.60 60.78 3.70
C GLU E 684 -1.54 60.12 2.32
N LEU E 685 -0.59 59.20 2.13
CA LEU E 685 -0.45 58.54 0.83
C LEU E 685 -1.69 57.74 0.48
N LEU E 686 -2.25 57.01 1.46
CA LEU E 686 -3.44 56.21 1.18
C LEU E 686 -4.61 57.09 0.79
N GLY E 687 -4.78 58.23 1.46
CA GLY E 687 -5.88 59.13 1.18
C GLY E 687 -7.21 58.61 1.68
N ASN E 688 -7.34 58.49 3.00
CA ASN E 688 -8.54 57.95 3.63
C ASN E 688 -9.27 58.97 4.49
N PHE E 689 -8.57 59.62 5.41
CA PHE E 689 -9.20 60.57 6.32
C PHE E 689 -9.00 62.00 5.82
N LYS E 690 -9.87 62.90 6.29
CA LYS E 690 -9.85 64.29 5.87
C LYS E 690 -8.82 65.06 6.66
N ASP E 691 -8.78 66.38 6.44
CA ASP E 691 -7.76 67.22 7.06
C ASP E 691 -7.90 67.23 8.57
N LYS E 692 -9.11 67.49 9.07
CA LYS E 692 -9.29 67.61 10.52
C LYS E 692 -8.97 66.31 11.24
N GLU E 693 -9.38 65.18 10.67
CA GLU E 693 -9.10 63.90 11.30
C GLU E 693 -7.60 63.65 11.39
N ARG E 694 -6.85 64.03 10.35
CA ARG E 694 -5.41 63.85 10.39
C ARG E 694 -4.77 64.67 11.50
N THR E 695 -5.21 65.92 11.67
CA THR E 695 -4.68 66.74 12.76
C THR E 695 -5.05 66.15 14.12
N THR E 696 -6.29 65.67 14.26
CA THR E 696 -6.70 65.07 15.53
C THR E 696 -5.84 63.85 15.86
N ILE E 697 -5.58 63.00 14.86
CA ILE E 697 -4.73 61.85 15.09
C ILE E 697 -3.32 62.29 15.45
N ALA E 698 -2.80 63.30 14.74
CA ALA E 698 -1.45 63.77 15.00
C ALA E 698 -1.30 64.27 16.42
N GLN E 699 -2.30 65.01 16.92
CA GLN E 699 -2.21 65.57 18.26
C GLN E 699 -2.23 64.50 19.36
N GLN E 700 -2.64 63.28 19.04
CA GLN E 700 -2.73 62.22 20.05
C GLN E 700 -1.87 61.00 19.71
N VAL E 701 -0.99 61.10 18.72
CA VAL E 701 -0.17 59.98 18.28
C VAL E 701 1.30 60.22 18.53
N LYS E 702 1.78 61.45 18.31
CA LYS E 702 3.20 61.73 18.42
C LYS E 702 3.74 61.56 19.84
N GLY E 703 2.85 61.48 20.84
CA GLY E 703 3.32 61.34 22.21
C GLY E 703 4.14 60.08 22.44
N LYS E 704 3.90 59.05 21.62
CA LYS E 704 4.63 57.79 21.77
C LYS E 704 5.04 57.24 20.40
N LYS E 705 5.52 56.00 20.37
CA LYS E 705 5.90 55.32 19.14
C LYS E 705 4.96 54.15 18.90
N VAL E 706 4.99 53.64 17.66
CA VAL E 706 4.07 52.61 17.21
C VAL E 706 4.85 51.46 16.58
N TRP E 707 4.21 50.29 16.57
CA TRP E 707 4.81 49.07 16.02
C TRP E 707 3.78 48.30 15.21
N ILE E 708 3.04 49.01 14.37
CA ILE E 708 1.99 48.39 13.56
C ILE E 708 2.57 48.01 12.20
N GLY E 709 1.96 47.00 11.57
CA GLY E 709 2.37 46.57 10.26
C GLY E 709 1.45 47.08 9.16
N ILE E 710 1.90 46.95 7.90
CA ILE E 710 1.12 47.50 6.79
C ILE E 710 -0.19 46.74 6.63
N LYS E 711 -0.13 45.41 6.62
CA LYS E 711 -1.34 44.60 6.47
C LYS E 711 -2.32 44.90 7.59
N LYS E 712 -1.84 44.90 8.83
CA LYS E 712 -2.70 45.18 9.97
C LYS E 712 -3.24 46.61 9.91
N LEU E 713 -2.42 47.55 9.43
CA LEU E 713 -2.90 48.93 9.31
C LEU E 713 -4.06 49.02 8.32
N LEU E 714 -3.93 48.36 7.17
CA LEU E 714 -5.03 48.36 6.20
C LEU E 714 -6.28 47.72 6.79
N MET E 715 -6.11 46.59 7.48
CA MET E 715 -7.27 45.93 8.08
C MET E 715 -7.93 46.84 9.10
N LEU E 716 -7.14 47.53 9.93
CA LEU E 716 -7.70 48.43 10.94
C LEU E 716 -8.45 49.57 10.28
N ILE E 717 -7.89 50.16 9.23
CA ILE E 717 -8.57 51.26 8.55
C ILE E 717 -9.91 50.78 8.01
N GLU E 718 -9.92 49.62 7.34
CA GLU E 718 -11.16 49.12 6.78
C GLU E 718 -12.18 48.82 7.87
N MET E 719 -11.74 48.24 8.98
CA MET E 719 -12.66 47.94 10.08
C MET E 719 -13.26 49.21 10.65
N SER E 720 -12.43 50.26 10.83
CA SER E 720 -12.91 51.48 11.46
C SER E 720 -13.82 52.27 10.54
N LEU E 721 -13.60 52.20 9.23
CA LEU E 721 -14.37 53.03 8.31
C LEU E 721 -15.86 52.68 8.33
N GLN E 722 -16.25 51.53 8.86
CA GLN E 722 -17.62 51.06 8.69
C GLN E 722 -18.61 51.80 9.59
N MET E 723 -18.17 52.27 10.75
CA MET E 723 -19.11 52.84 11.71
C MET E 723 -19.65 54.18 11.18
N ASP E 724 -20.48 54.81 12.02
CA ASP E 724 -21.15 56.05 11.63
C ASP E 724 -20.10 57.15 11.45
N PRO E 725 -20.43 58.21 10.69
CA PRO E 725 -19.42 59.23 10.37
C PRO E 725 -19.04 60.13 11.53
N GLU E 726 -19.50 59.83 12.75
CA GLU E 726 -19.14 60.61 13.93
C GLU E 726 -18.14 59.91 14.84
N TYR E 727 -18.03 58.58 14.75
CA TYR E 727 -17.22 57.80 15.69
C TYR E 727 -16.02 57.14 15.05
N ARG E 728 -15.72 57.42 13.78
CA ARG E 728 -14.63 56.72 13.11
C ARG E 728 -13.29 56.97 13.80
N VAL E 729 -13.02 58.23 14.14
CA VAL E 729 -11.73 58.57 14.76
C VAL E 729 -11.60 57.87 16.11
N ARG E 730 -12.66 57.87 16.91
CA ARG E 730 -12.58 57.25 18.22
C ARG E 730 -12.32 55.75 18.11
N LYS E 731 -13.04 55.09 17.20
CA LYS E 731 -12.85 53.65 17.02
C LYS E 731 -11.43 53.35 16.55
N PHE E 732 -10.93 54.13 15.59
CA PHE E 732 -9.58 53.89 15.10
C PHE E 732 -8.54 54.08 16.20
N LEU E 733 -8.68 55.14 16.98
CA LEU E 733 -7.73 55.38 18.07
C LEU E 733 -7.78 54.26 19.09
N ALA E 734 -8.99 53.82 19.46
CA ALA E 734 -9.10 52.75 20.44
C ALA E 734 -8.46 51.47 19.93
N LEU E 735 -8.74 51.11 18.68
CA LEU E 735 -8.17 49.88 18.13
C LEU E 735 -6.65 49.96 18.06
N LEU E 736 -6.12 51.09 17.59
CA LEU E 736 -4.67 51.23 17.47
C LEU E 736 -4.00 51.14 18.84
N ARG E 737 -4.57 51.82 19.84
CA ARG E 737 -3.98 51.75 21.17
C ARG E 737 -4.07 50.34 21.74
N GLU E 738 -5.18 49.65 21.50
CA GLU E 738 -5.35 48.31 22.05
C GLU E 738 -4.35 47.33 21.45
N GLU E 739 -4.24 47.30 20.12
CA GLU E 739 -3.43 46.31 19.43
C GLU E 739 -2.02 46.79 19.12
N GLY E 740 -1.68 48.02 19.49
CA GLY E 740 -0.36 48.56 19.21
C GLY E 740 0.65 48.35 20.32
N ALA E 741 0.91 47.09 20.66
CA ALA E 741 1.84 46.75 21.73
C ALA E 741 2.91 45.80 21.19
N SER E 742 4.18 46.20 21.30
CA SER E 742 5.29 45.38 20.88
C SER E 742 6.61 46.04 21.27
N PRO E 743 7.71 45.28 21.44
CA PRO E 743 8.99 45.90 21.75
C PRO E 743 9.48 46.83 20.65
N ASP F 215 41.68 -19.73 -39.64
CA ASP F 215 42.91 -19.72 -38.86
C ASP F 215 42.61 -19.53 -37.38
N TRP F 216 43.54 -19.92 -36.52
CA TRP F 216 43.41 -19.77 -35.08
C TRP F 216 43.86 -18.40 -34.58
N ASN F 217 44.34 -17.53 -35.48
CA ASN F 217 44.77 -16.20 -35.07
C ASN F 217 43.61 -15.41 -34.46
N PHE F 218 42.38 -15.69 -34.88
CA PHE F 218 41.18 -15.01 -34.39
C PHE F 218 41.12 -13.58 -34.90
N GLU F 219 42.18 -13.12 -35.57
CA GLU F 219 42.23 -11.77 -36.14
C GLU F 219 42.25 -11.76 -37.66
N LYS F 220 42.54 -12.90 -38.30
CA LYS F 220 42.42 -13.00 -39.75
C LYS F 220 41.01 -12.65 -40.22
N MET F 221 40.01 -12.90 -39.39
CA MET F 221 38.64 -12.50 -39.70
C MET F 221 38.52 -10.98 -39.60
N GLY F 222 37.30 -10.48 -39.81
CA GLY F 222 37.04 -9.05 -39.76
C GLY F 222 36.61 -8.57 -38.40
N ILE F 223 36.88 -9.36 -37.35
CA ILE F 223 36.48 -9.04 -35.99
C ILE F 223 37.66 -9.30 -35.06
N GLY F 224 37.64 -8.60 -33.92
CA GLY F 224 38.69 -8.79 -32.94
C GLY F 224 38.28 -8.20 -31.60
N GLY F 225 39.03 -8.58 -30.56
CA GLY F 225 38.83 -8.03 -29.24
C GLY F 225 38.72 -9.06 -28.14
N LEU F 226 38.12 -10.21 -28.42
CA LEU F 226 37.91 -11.28 -27.45
C LEU F 226 38.68 -12.52 -27.93
N ASP F 227 39.86 -12.73 -27.36
CA ASP F 227 40.71 -13.86 -27.73
C ASP F 227 40.63 -15.01 -26.73
N LYS F 228 40.64 -14.70 -25.43
CA LYS F 228 40.57 -15.75 -24.43
C LYS F 228 39.25 -16.51 -24.53
N GLU F 229 38.15 -15.79 -24.78
CA GLU F 229 36.87 -16.47 -24.96
C GLU F 229 36.89 -17.37 -26.18
N PHE F 230 37.52 -16.92 -27.26
CA PHE F 230 37.66 -17.76 -28.45
C PHE F 230 38.44 -19.03 -28.13
N SER F 231 39.53 -18.88 -27.37
CA SER F 231 40.31 -20.06 -26.99
C SER F 231 39.47 -21.00 -26.13
N ASP F 232 38.69 -20.46 -25.19
CA ASP F 232 37.87 -21.30 -24.33
C ASP F 232 36.82 -22.06 -25.12
N ILE F 233 36.15 -21.38 -26.06
CA ILE F 233 35.13 -22.04 -26.85
C ILE F 233 35.77 -23.09 -27.76
N PHE F 234 36.95 -22.80 -28.28
CA PHE F 234 37.66 -23.82 -29.07
C PHE F 234 37.99 -25.03 -28.21
N ARG F 235 38.43 -24.81 -26.98
CA ARG F 235 38.76 -25.91 -26.10
C ARG F 235 37.53 -26.76 -25.79
N ARG F 236 36.40 -26.12 -25.49
CA ARG F 236 35.25 -26.84 -24.98
C ARG F 236 34.30 -27.35 -26.07
N ALA F 237 34.41 -26.87 -27.30
CA ALA F 237 33.44 -27.19 -28.34
C ALA F 237 33.95 -28.25 -29.31
N PHE F 238 35.06 -27.98 -30.00
CA PHE F 238 35.53 -28.81 -31.10
C PHE F 238 36.63 -29.78 -30.70
N ALA F 239 36.98 -29.84 -29.41
CA ALA F 239 38.05 -30.75 -28.99
C ALA F 239 37.66 -32.20 -29.25
N SER F 240 36.42 -32.57 -28.93
CA SER F 240 35.99 -33.95 -29.12
C SER F 240 36.01 -34.35 -30.59
N ARG F 241 35.54 -33.48 -31.48
CA ARG F 241 35.45 -33.82 -32.89
C ARG F 241 36.82 -34.05 -33.52
N VAL F 242 37.87 -33.38 -33.01
CA VAL F 242 39.18 -33.49 -33.63
C VAL F 242 39.70 -34.93 -33.54
N PHE F 243 39.52 -35.57 -32.40
CA PHE F 243 40.02 -36.93 -32.22
C PHE F 243 39.30 -37.87 -33.18
N PRO F 244 39.97 -38.90 -33.68
CA PRO F 244 39.31 -39.86 -34.57
C PRO F 244 38.16 -40.55 -33.86
N PRO F 245 37.25 -41.18 -34.61
CA PRO F 245 36.10 -41.83 -33.96
C PRO F 245 36.49 -42.93 -32.99
N GLU F 246 37.67 -43.52 -33.14
CA GLU F 246 38.09 -44.56 -32.20
C GLU F 246 38.20 -44.00 -30.79
N ILE F 247 38.74 -42.80 -30.64
CA ILE F 247 38.88 -42.18 -29.32
C ILE F 247 37.50 -41.99 -28.70
N VAL F 248 36.55 -41.48 -29.47
CA VAL F 248 35.20 -41.26 -28.94
C VAL F 248 34.56 -42.58 -28.55
N GLU F 249 34.68 -43.59 -29.41
CA GLU F 249 34.03 -44.87 -29.14
C GLU F 249 34.62 -45.60 -27.94
N GLN F 250 35.81 -45.20 -27.49
CA GLN F 250 36.43 -45.86 -26.35
C GLN F 250 35.54 -45.78 -25.12
N MET F 251 35.07 -44.57 -24.79
CA MET F 251 34.18 -44.37 -23.65
C MET F 251 33.01 -43.44 -23.95
N GLY F 252 32.99 -42.77 -25.08
CA GLY F 252 31.96 -41.80 -25.38
C GLY F 252 32.22 -40.46 -24.73
N CYS F 253 31.38 -39.49 -25.06
CA CYS F 253 31.54 -38.15 -24.54
C CYS F 253 30.19 -37.43 -24.62
N LYS F 254 30.10 -36.33 -23.87
CA LYS F 254 28.87 -35.52 -23.83
C LYS F 254 28.93 -34.54 -25.00
N HIS F 255 28.33 -34.95 -26.12
CA HIS F 255 28.27 -34.07 -27.29
C HIS F 255 27.43 -32.84 -26.98
N VAL F 256 27.91 -31.68 -27.43
CA VAL F 256 27.30 -30.40 -27.11
C VAL F 256 26.45 -29.95 -28.29
N LYS F 257 25.22 -29.52 -28.01
CA LYS F 257 24.31 -29.01 -29.02
C LYS F 257 23.59 -27.76 -28.51
N GLY F 258 24.28 -26.96 -27.70
CA GLY F 258 23.65 -25.77 -27.14
C GLY F 258 24.63 -24.65 -26.85
N ILE F 259 24.36 -23.47 -27.39
CA ILE F 259 25.19 -22.29 -27.15
C ILE F 259 24.28 -21.07 -27.05
N LEU F 260 24.54 -20.22 -26.05
CA LEU F 260 23.85 -18.97 -25.86
C LEU F 260 24.87 -17.85 -25.75
N LEU F 261 24.56 -16.70 -26.35
CA LEU F 261 25.44 -15.54 -26.36
C LEU F 261 24.68 -14.33 -25.86
N TYR F 262 25.37 -13.49 -25.08
CA TYR F 262 24.76 -12.28 -24.55
C TYR F 262 25.84 -11.29 -24.21
N GLY F 263 25.41 -10.12 -23.73
CA GLY F 263 26.32 -9.07 -23.32
C GLY F 263 25.73 -7.70 -23.51
N PRO F 264 26.54 -6.67 -23.32
CA PRO F 264 26.07 -5.30 -23.54
C PRO F 264 25.51 -5.14 -24.94
N PRO F 265 24.44 -4.35 -25.12
CA PRO F 265 23.79 -4.27 -26.43
C PRO F 265 24.77 -3.82 -27.51
N GLY F 266 24.64 -4.40 -28.68
CA GLY F 266 25.41 -4.01 -29.84
C GLY F 266 26.91 -4.07 -29.62
N CYS F 267 27.39 -5.18 -29.04
CA CYS F 267 28.81 -5.37 -28.77
C CYS F 267 29.45 -6.35 -29.75
N GLY F 268 28.84 -6.58 -30.91
CA GLY F 268 29.39 -7.48 -31.90
C GLY F 268 28.98 -8.93 -31.74
N LYS F 269 27.91 -9.22 -31.00
CA LYS F 269 27.50 -10.61 -30.80
C LYS F 269 27.11 -11.26 -32.12
N THR F 270 26.40 -10.52 -32.98
CA THR F 270 25.89 -11.12 -34.22
C THR F 270 27.00 -11.64 -35.11
N LEU F 271 28.13 -10.94 -35.19
CA LEU F 271 29.22 -11.36 -36.07
C LEU F 271 29.88 -12.66 -35.61
N LEU F 272 29.92 -12.90 -34.31
CA LEU F 272 30.57 -14.11 -33.81
C LEU F 272 29.90 -15.37 -34.35
N ALA F 273 28.56 -15.40 -34.33
CA ALA F 273 27.84 -16.56 -34.83
C ALA F 273 28.11 -16.78 -36.32
N ARG F 274 28.07 -15.70 -37.10
CA ARG F 274 28.29 -15.83 -38.54
C ARG F 274 29.70 -16.35 -38.83
N GLN F 275 30.70 -15.79 -38.16
CA GLN F 275 32.07 -16.23 -38.41
C GLN F 275 32.29 -17.67 -37.94
N ILE F 276 31.70 -18.06 -36.81
CA ILE F 276 31.83 -19.43 -36.35
C ILE F 276 31.18 -20.39 -37.33
N GLY F 277 30.00 -20.04 -37.84
CA GLY F 277 29.34 -20.89 -38.83
C GLY F 277 30.15 -21.01 -40.10
N LYS F 278 30.74 -19.91 -40.56
CA LYS F 278 31.54 -19.94 -41.78
C LYS F 278 32.82 -20.74 -41.57
N MET F 279 33.39 -20.68 -40.37
CA MET F 279 34.66 -21.35 -40.09
C MET F 279 34.54 -22.86 -40.27
N LEU F 280 33.55 -23.46 -39.62
CA LEU F 280 33.42 -24.92 -39.64
C LEU F 280 33.13 -25.41 -41.05
N ASN F 281 33.68 -26.58 -41.38
CA ASN F 281 33.49 -27.20 -42.70
C ASN F 281 32.25 -28.08 -42.62
N ALA F 282 31.08 -27.47 -42.87
CA ALA F 282 29.82 -28.19 -42.83
C ALA F 282 28.83 -27.45 -43.71
N ARG F 283 27.55 -27.82 -43.61
CA ARG F 283 26.50 -27.20 -44.41
C ARG F 283 26.21 -25.79 -43.88
N GLU F 284 25.45 -25.04 -44.66
CA GLU F 284 25.09 -23.68 -44.28
C GLU F 284 24.10 -23.71 -43.12
N PRO F 285 24.41 -23.10 -41.97
CA PRO F 285 23.45 -23.10 -40.86
C PRO F 285 22.18 -22.34 -41.20
N LYS F 286 21.09 -22.75 -40.59
CA LYS F 286 19.79 -22.09 -40.76
C LYS F 286 19.69 -20.94 -39.76
N VAL F 287 19.26 -19.78 -40.24
CA VAL F 287 19.11 -18.58 -39.43
C VAL F 287 17.66 -18.13 -39.51
N VAL F 288 17.05 -17.89 -38.35
CA VAL F 288 15.66 -17.45 -38.25
C VAL F 288 15.65 -16.08 -37.60
N ASN F 289 14.99 -15.12 -38.25
CA ASN F 289 14.96 -13.73 -37.80
C ASN F 289 13.80 -13.56 -36.83
N GLY F 290 14.06 -13.87 -35.56
CA GLY F 290 13.10 -13.63 -34.51
C GLY F 290 11.83 -14.46 -34.65
N PRO F 291 10.72 -13.97 -34.08
CA PRO F 291 9.47 -14.75 -34.09
C PRO F 291 8.72 -14.69 -35.42
N GLU F 292 9.34 -15.25 -36.46
CA GLU F 292 8.71 -15.40 -37.76
C GLU F 292 7.93 -16.71 -37.85
N ILE F 293 8.03 -17.58 -36.85
CA ILE F 293 7.35 -18.86 -36.87
C ILE F 293 5.83 -18.71 -36.76
N LEU F 294 5.37 -17.75 -35.96
CA LEU F 294 3.94 -17.63 -35.69
C LEU F 294 3.15 -17.40 -36.97
N ASN F 295 1.97 -18.00 -37.05
CA ASN F 295 1.08 -17.87 -38.21
C ASN F 295 -0.36 -17.78 -37.72
N LYS F 296 -1.24 -17.35 -38.63
CA LYS F 296 -2.63 -17.09 -38.25
C LYS F 296 -3.31 -18.36 -37.75
N TYR F 297 -3.13 -19.47 -38.44
CA TYR F 297 -3.85 -20.70 -38.12
C TYR F 297 -3.21 -21.40 -36.92
N VAL F 298 -3.74 -22.57 -36.57
CA VAL F 298 -3.30 -23.34 -35.42
C VAL F 298 -2.50 -24.54 -35.92
N GLY F 299 -1.34 -24.77 -35.32
CA GLY F 299 -0.46 -25.84 -35.72
C GLY F 299 0.59 -25.46 -36.74
N GLU F 300 0.45 -24.29 -37.36
CA GLU F 300 1.46 -23.85 -38.33
C GLU F 300 2.80 -23.61 -37.65
N SER F 301 2.80 -23.02 -36.46
CA SER F 301 4.04 -22.74 -35.76
C SER F 301 4.79 -24.03 -35.43
N GLU F 302 4.06 -25.03 -34.93
CA GLU F 302 4.69 -26.31 -34.61
C GLU F 302 5.23 -26.98 -35.86
N ALA F 303 4.49 -26.92 -36.97
CA ALA F 303 4.97 -27.48 -38.22
C ALA F 303 6.24 -26.78 -38.67
N ASN F 304 6.28 -25.45 -38.57
CA ASN F 304 7.46 -24.70 -39.00
C ASN F 304 8.68 -25.08 -38.15
N ILE F 305 8.50 -25.13 -36.83
CA ILE F 305 9.64 -25.47 -35.97
C ILE F 305 10.10 -26.90 -36.23
N ARG F 306 9.16 -27.81 -36.51
CA ARG F 306 9.54 -29.17 -36.85
C ARG F 306 10.29 -29.25 -38.18
N LYS F 307 9.91 -28.41 -39.15
CA LYS F 307 10.53 -28.46 -40.47
C LYS F 307 12.04 -28.21 -40.40
N LEU F 308 12.52 -27.56 -39.35
CA LEU F 308 13.95 -27.27 -39.24
C LEU F 308 14.76 -28.54 -39.03
N PHE F 309 14.20 -29.53 -38.34
CA PHE F 309 14.94 -30.71 -37.91
C PHE F 309 14.81 -31.88 -38.88
N ALA F 310 14.11 -31.72 -40.00
CA ALA F 310 13.91 -32.85 -40.91
C ALA F 310 15.24 -33.38 -41.43
N ASP F 311 16.13 -32.49 -41.85
CA ASP F 311 17.41 -32.93 -42.39
C ASP F 311 18.23 -33.66 -41.34
N ALA F 312 18.21 -33.17 -40.10
CA ALA F 312 18.95 -33.84 -39.04
C ALA F 312 18.45 -35.26 -38.83
N GLU F 313 17.13 -35.44 -38.77
CA GLU F 313 16.57 -36.78 -38.59
C GLU F 313 16.91 -37.68 -39.77
N GLU F 314 16.81 -37.16 -41.00
CA GLU F 314 17.15 -37.97 -42.17
C GLU F 314 18.60 -38.41 -42.13
N GLU F 315 19.52 -37.49 -41.80
CA GLU F 315 20.93 -37.84 -41.73
C GLU F 315 21.20 -38.83 -40.62
N GLN F 316 20.55 -38.65 -39.46
CA GLN F 316 20.73 -39.61 -38.36
C GLN F 316 20.26 -40.99 -38.77
N ARG F 317 19.14 -41.08 -39.47
CA ARG F 317 18.63 -42.38 -39.91
C ARG F 317 19.56 -43.03 -40.93
N ARG F 318 20.00 -42.26 -41.92
CA ARG F 318 20.74 -42.85 -43.05
C ARG F 318 22.21 -43.02 -42.72
N LEU F 319 22.92 -41.92 -42.47
CA LEU F 319 24.36 -41.99 -42.28
C LEU F 319 24.78 -42.36 -40.86
N GLY F 320 23.83 -42.41 -39.93
CA GLY F 320 24.17 -42.83 -38.57
C GLY F 320 25.21 -41.91 -37.96
N ALA F 321 26.24 -42.54 -37.35
CA ALA F 321 27.26 -41.77 -36.65
C ALA F 321 28.02 -40.85 -37.59
N ASN F 322 28.38 -41.35 -38.78
CA ASN F 322 29.15 -40.58 -39.75
C ASN F 322 28.21 -39.62 -40.48
N SER F 323 27.79 -38.59 -39.75
CA SER F 323 26.85 -37.59 -40.26
C SER F 323 27.47 -36.20 -40.15
N GLY F 324 27.30 -35.40 -41.20
CA GLY F 324 27.78 -34.04 -41.16
C GLY F 324 27.09 -33.23 -40.07
N LEU F 325 27.86 -32.36 -39.44
CA LEU F 325 27.33 -31.55 -38.35
C LEU F 325 26.30 -30.56 -38.87
N HIS F 326 25.24 -30.36 -38.09
CA HIS F 326 24.22 -29.36 -38.37
C HIS F 326 24.34 -28.23 -37.38
N ILE F 327 24.41 -27.00 -37.89
CA ILE F 327 24.53 -25.79 -37.07
C ILE F 327 23.27 -24.96 -37.28
N ILE F 328 22.66 -24.52 -36.19
CA ILE F 328 21.38 -23.82 -36.23
C ILE F 328 21.56 -22.45 -35.61
N ILE F 329 21.14 -21.42 -36.33
CA ILE F 329 21.21 -20.04 -35.86
C ILE F 329 19.81 -19.58 -35.50
N PHE F 330 19.65 -19.05 -34.29
CA PHE F 330 18.38 -18.52 -33.80
C PHE F 330 18.59 -17.05 -33.47
N ASP F 331 18.08 -16.18 -34.33
CA ASP F 331 18.18 -14.73 -34.11
C ASP F 331 17.02 -14.29 -33.23
N GLU F 332 17.34 -13.66 -32.10
CA GLU F 332 16.34 -13.20 -31.14
C GLU F 332 15.53 -14.37 -30.59
N ILE F 333 16.26 -15.32 -29.99
CA ILE F 333 15.61 -16.46 -29.35
C ILE F 333 14.73 -16.00 -28.19
N ASP F 334 15.10 -14.88 -27.55
CA ASP F 334 14.34 -14.39 -26.41
C ASP F 334 12.90 -14.07 -26.78
N ALA F 335 12.66 -13.72 -28.04
CA ALA F 335 11.31 -13.35 -28.45
C ALA F 335 10.35 -14.53 -28.35
N ILE F 336 10.78 -15.70 -28.79
CA ILE F 336 9.89 -16.86 -28.83
C ILE F 336 9.87 -17.59 -27.49
N CYS F 337 11.02 -17.69 -26.82
CA CYS F 337 11.13 -18.38 -25.54
C CYS F 337 11.24 -17.36 -24.42
N LYS F 338 10.45 -17.55 -23.37
CA LYS F 338 10.46 -16.63 -22.23
C LYS F 338 10.16 -17.38 -20.94
N THR F 347 -0.82 -16.89 -24.47
CA THR F 347 0.20 -17.60 -23.71
C THR F 347 0.27 -19.06 -24.12
N GLY F 348 -0.86 -19.60 -24.59
CA GLY F 348 -0.90 -21.00 -24.97
C GLY F 348 0.04 -21.31 -26.14
N VAL F 349 0.02 -20.47 -27.17
CA VAL F 349 0.86 -20.73 -28.34
C VAL F 349 2.34 -20.70 -27.95
N HIS F 350 2.73 -19.71 -27.14
CA HIS F 350 4.14 -19.57 -26.78
C HIS F 350 4.62 -20.76 -25.96
N ASP F 351 3.85 -21.16 -24.95
CA ASP F 351 4.27 -22.29 -24.12
C ASP F 351 4.25 -23.59 -24.91
N THR F 352 3.28 -23.76 -25.81
CA THR F 352 3.27 -24.94 -26.66
C THR F 352 4.51 -24.99 -27.54
N VAL F 353 4.90 -23.86 -28.12
CA VAL F 353 6.11 -23.81 -28.94
C VAL F 353 7.34 -24.12 -28.11
N VAL F 354 7.40 -23.58 -26.89
CA VAL F 354 8.55 -23.85 -26.02
C VAL F 354 8.63 -25.34 -25.70
N ASN F 355 7.50 -25.95 -25.38
CA ASN F 355 7.50 -27.38 -25.08
C ASN F 355 7.86 -28.20 -26.32
N GLN F 356 7.41 -27.79 -27.50
CA GLN F 356 7.80 -28.47 -28.72
C GLN F 356 9.30 -28.41 -28.93
N LEU F 357 9.90 -27.24 -28.72
CA LEU F 357 11.35 -27.13 -28.85
C LEU F 357 12.06 -28.02 -27.83
N LEU F 358 11.57 -28.02 -26.60
CA LEU F 358 12.22 -28.83 -25.55
C LEU F 358 12.13 -30.31 -25.89
N SER F 359 10.98 -30.76 -26.40
CA SER F 359 10.85 -32.16 -26.79
C SER F 359 11.76 -32.49 -27.97
N LYS F 360 11.83 -31.62 -28.97
CA LYS F 360 12.63 -31.90 -30.15
C LYS F 360 14.12 -31.97 -29.80
N ILE F 361 14.60 -31.00 -29.01
CA ILE F 361 16.02 -30.96 -28.70
C ILE F 361 16.44 -32.18 -27.89
N ASP F 362 15.63 -32.56 -26.90
CA ASP F 362 15.93 -33.70 -26.03
C ASP F 362 14.62 -34.43 -25.75
N GLY F 363 14.34 -35.47 -26.54
CA GLY F 363 13.16 -36.28 -26.34
C GLY F 363 13.47 -37.75 -26.23
N VAL F 364 12.59 -38.60 -26.75
CA VAL F 364 12.85 -40.04 -26.73
C VAL F 364 14.07 -40.38 -27.56
N GLU F 365 14.19 -39.78 -28.74
CA GLU F 365 15.31 -40.04 -29.64
C GLU F 365 16.35 -38.92 -29.48
N GLN F 366 17.56 -39.30 -29.12
CA GLN F 366 18.65 -38.34 -28.97
C GLN F 366 19.29 -38.05 -30.33
N LEU F 367 19.94 -36.90 -30.42
CA LEU F 367 20.67 -36.50 -31.62
C LEU F 367 22.05 -36.00 -31.22
N ASN F 368 23.03 -36.21 -32.11
CA ASN F 368 24.40 -35.79 -31.84
C ASN F 368 25.06 -35.20 -33.09
N ASN F 369 24.25 -34.67 -34.00
CA ASN F 369 24.75 -34.02 -35.21
C ASN F 369 24.12 -32.65 -35.41
N ILE F 370 23.74 -31.99 -34.32
CA ILE F 370 23.08 -30.69 -34.37
C ILE F 370 23.79 -29.75 -33.42
N LEU F 371 23.92 -28.49 -33.84
CA LEU F 371 24.43 -27.42 -32.98
C LEU F 371 23.48 -26.23 -33.10
N VAL F 372 23.02 -25.74 -31.95
CA VAL F 372 22.09 -24.61 -31.91
C VAL F 372 22.76 -23.46 -31.18
N ILE F 373 22.73 -22.29 -31.80
CA ILE F 373 23.33 -21.08 -31.24
C ILE F 373 22.26 -19.99 -31.19
N GLY F 374 22.03 -19.44 -30.01
CA GLY F 374 21.10 -18.34 -29.84
C GLY F 374 21.81 -17.12 -29.27
N MET F 375 21.30 -15.95 -29.60
CA MET F 375 21.88 -14.69 -29.17
C MET F 375 20.79 -13.79 -28.60
N THR F 376 21.11 -13.11 -27.50
CA THR F 376 20.14 -12.24 -26.85
C THR F 376 20.87 -11.11 -26.13
N ASN F 377 20.10 -10.12 -25.70
CA ASN F 377 20.61 -9.01 -24.90
C ASN F 377 19.95 -8.92 -23.54
N ARG F 378 19.04 -9.84 -23.21
CA ARG F 378 18.35 -9.88 -21.92
C ARG F 378 18.48 -11.29 -21.37
N PRO F 379 19.64 -11.63 -20.79
CA PRO F 379 19.84 -13.01 -20.33
C PRO F 379 18.86 -13.46 -19.26
N ASP F 380 18.25 -12.54 -18.53
CA ASP F 380 17.36 -12.88 -17.42
C ASP F 380 15.96 -13.24 -17.87
N LEU F 381 15.64 -13.09 -19.15
CA LEU F 381 14.31 -13.37 -19.66
C LEU F 381 14.19 -14.78 -20.24
N ILE F 382 15.29 -15.35 -20.73
CA ILE F 382 15.29 -16.72 -21.22
C ILE F 382 14.69 -17.63 -20.16
N ASP F 383 13.76 -18.49 -20.58
CA ASP F 383 13.05 -19.33 -19.64
C ASP F 383 14.00 -20.27 -18.91
N GLU F 384 13.70 -20.54 -17.64
CA GLU F 384 14.55 -21.43 -16.85
C GLU F 384 14.56 -22.84 -17.43
N ALA F 385 13.40 -23.32 -17.90
CA ALA F 385 13.32 -24.69 -18.39
C ALA F 385 14.28 -24.92 -19.54
N LEU F 386 14.66 -23.88 -20.28
CA LEU F 386 15.56 -24.02 -21.42
C LEU F 386 17.03 -23.90 -21.03
N LEU F 387 17.34 -23.55 -19.79
CA LEU F 387 18.71 -23.36 -19.35
C LEU F 387 19.35 -24.63 -18.77
N ARG F 388 18.58 -25.71 -18.66
CA ARG F 388 19.09 -26.92 -18.04
C ARG F 388 20.20 -27.54 -18.90
N PRO F 389 21.09 -28.32 -18.28
CA PRO F 389 22.14 -28.98 -19.07
C PRO F 389 21.55 -29.91 -20.12
N GLY F 390 22.25 -29.99 -21.26
CA GLY F 390 21.83 -30.81 -22.37
C GLY F 390 21.10 -30.07 -23.47
N ARG F 391 20.66 -28.84 -23.21
CA ARG F 391 19.96 -28.03 -24.19
C ARG F 391 20.71 -26.75 -24.51
N LEU F 392 21.25 -26.06 -23.49
CA LEU F 392 22.07 -24.87 -23.66
C LEU F 392 23.24 -24.99 -22.71
N GLU F 393 24.35 -25.55 -23.18
CA GLU F 393 25.46 -25.93 -22.32
C GLU F 393 26.58 -24.89 -22.25
N VAL F 394 26.76 -24.08 -23.29
CA VAL F 394 27.86 -23.12 -23.36
C VAL F 394 27.26 -21.73 -23.41
N LYS F 395 27.48 -20.95 -22.36
CA LYS F 395 27.02 -19.57 -22.27
C LYS F 395 28.21 -18.63 -22.40
N MET F 396 28.06 -17.60 -23.24
CA MET F 396 29.13 -16.66 -23.53
C MET F 396 28.65 -15.24 -23.29
N GLU F 397 29.51 -14.44 -22.66
CA GLU F 397 29.27 -13.03 -22.41
C GLU F 397 30.30 -12.21 -23.18
N ILE F 398 29.84 -11.26 -23.97
CA ILE F 398 30.70 -10.44 -24.80
C ILE F 398 31.09 -9.20 -23.99
N GLY F 399 32.29 -9.21 -23.43
CA GLY F 399 32.75 -8.12 -22.59
C GLY F 399 33.16 -6.90 -23.40
N LEU F 400 33.40 -5.81 -22.67
CA LEU F 400 33.78 -4.56 -23.33
C LEU F 400 35.14 -4.71 -23.99
N PRO F 401 35.34 -4.13 -25.17
CA PRO F 401 36.66 -4.20 -25.81
C PRO F 401 37.71 -3.45 -24.99
N ASP F 402 38.94 -3.94 -25.07
CA ASP F 402 40.06 -3.32 -24.38
C ASP F 402 40.67 -2.23 -25.25
N GLU F 403 41.72 -1.59 -24.74
CA GLU F 403 42.40 -0.55 -25.50
C GLU F 403 43.00 -1.12 -26.79
N LYS F 404 43.60 -2.31 -26.71
CA LYS F 404 44.11 -2.96 -27.91
C LYS F 404 42.97 -3.30 -28.86
N GLY F 405 41.82 -3.72 -28.32
CA GLY F 405 40.66 -3.94 -29.16
C GLY F 405 40.22 -2.68 -29.87
N ARG F 406 40.24 -1.54 -29.17
CA ARG F 406 39.91 -0.27 -29.80
C ARG F 406 40.93 0.08 -30.88
N LEU F 407 42.21 -0.18 -30.63
CA LEU F 407 43.23 0.06 -31.64
C LEU F 407 42.95 -0.75 -32.89
N GLN F 408 42.65 -2.04 -32.72
CA GLN F 408 42.34 -2.90 -33.86
C GLN F 408 41.10 -2.41 -34.59
N ILE F 409 40.08 -2.00 -33.83
CA ILE F 409 38.85 -1.51 -34.45
C ILE F 409 39.14 -0.29 -35.31
N LEU F 410 39.91 0.65 -34.78
CA LEU F 410 40.24 1.85 -35.55
C LEU F 410 41.07 1.50 -36.77
N HIS F 411 42.04 0.59 -36.62
CA HIS F 411 42.89 0.22 -37.75
C HIS F 411 42.07 -0.42 -38.86
N ILE F 412 41.14 -1.31 -38.51
CA ILE F 412 40.36 -2.00 -39.54
C ILE F 412 39.16 -1.18 -40.02
N HIS F 413 38.85 -0.07 -39.35
CA HIS F 413 37.76 0.80 -39.76
C HIS F 413 38.20 1.94 -40.67
N THR F 414 39.49 2.01 -41.02
CA THR F 414 40.00 3.03 -41.91
C THR F 414 41.00 2.51 -42.93
N ALA F 415 41.12 1.19 -43.08
CA ALA F 415 42.11 0.65 -44.02
C ALA F 415 41.84 1.10 -45.44
N ARG F 416 40.58 1.40 -45.78
CA ARG F 416 40.26 1.82 -47.14
C ARG F 416 40.97 3.13 -47.49
N MET F 417 40.84 4.14 -46.62
CA MET F 417 41.43 5.43 -46.91
C MET F 417 42.95 5.34 -47.01
N ARG F 418 43.57 4.60 -46.09
CA ARG F 418 45.01 4.38 -46.18
C ARG F 418 45.38 3.65 -47.46
N GLY F 419 44.52 2.73 -47.91
CA GLY F 419 44.75 2.11 -49.21
C GLY F 419 44.76 3.12 -50.33
N HIS F 420 43.85 4.09 -50.29
CA HIS F 420 43.85 5.20 -51.23
C HIS F 420 44.48 6.46 -50.65
N GLN F 421 45.07 6.37 -49.46
CA GLN F 421 45.84 7.45 -48.83
C GLN F 421 45.19 8.81 -49.07
N LEU F 422 43.91 8.90 -48.69
CA LEU F 422 43.19 10.17 -48.69
C LEU F 422 43.08 10.77 -47.29
N LEU F 423 43.71 10.16 -46.29
CA LEU F 423 43.62 10.65 -44.92
C LEU F 423 44.74 11.62 -44.62
N SER F 424 44.38 12.71 -43.93
CA SER F 424 45.36 13.68 -43.50
C SER F 424 46.25 13.11 -42.39
N ALA F 425 47.51 13.52 -42.40
CA ALA F 425 48.48 13.06 -41.41
C ALA F 425 48.24 13.63 -40.02
N ASP F 426 47.36 14.61 -39.88
CA ASP F 426 47.09 15.24 -38.60
C ASP F 426 46.34 14.34 -37.64
N VAL F 427 45.85 13.19 -38.10
CA VAL F 427 45.09 12.26 -37.26
C VAL F 427 46.06 11.24 -36.68
N ASP F 428 46.09 11.14 -35.36
CA ASP F 428 46.92 10.17 -34.65
C ASP F 428 45.98 9.12 -34.04
N ILE F 429 46.05 7.90 -34.57
CA ILE F 429 45.13 6.85 -34.13
C ILE F 429 45.33 6.57 -32.65
N LYS F 430 46.59 6.56 -32.19
CA LYS F 430 46.86 6.29 -30.79
C LYS F 430 46.24 7.35 -29.89
N GLU F 431 46.25 8.61 -30.34
CA GLU F 431 45.60 9.67 -29.56
C GLU F 431 44.11 9.41 -29.42
N LEU F 432 43.46 8.99 -30.52
CA LEU F 432 42.04 8.66 -30.45
C LEU F 432 41.79 7.49 -29.50
N ALA F 433 42.65 6.46 -29.57
CA ALA F 433 42.48 5.30 -28.70
C ALA F 433 42.62 5.70 -27.22
N VAL F 434 43.60 6.55 -26.92
CA VAL F 434 43.79 6.99 -25.54
C VAL F 434 42.60 7.83 -25.09
N GLU F 435 42.15 8.75 -25.93
CA GLU F 435 41.05 9.63 -25.53
C GLU F 435 39.76 8.86 -25.32
N THR F 436 39.45 7.94 -26.24
CA THR F 436 38.19 7.22 -26.18
C THR F 436 38.20 6.23 -25.01
N LYS F 437 37.07 6.12 -24.33
CA LYS F 437 36.92 5.22 -23.19
C LYS F 437 35.48 4.74 -23.10
N ASN F 438 35.29 3.44 -22.92
CA ASN F 438 33.96 2.85 -22.78
C ASN F 438 33.11 3.11 -24.02
N PHE F 439 33.58 2.57 -25.15
CA PHE F 439 32.89 2.68 -26.43
C PHE F 439 32.65 1.30 -27.01
N SER F 440 31.47 1.10 -27.62
CA SER F 440 31.23 -0.10 -28.39
C SER F 440 31.69 0.12 -29.83
N GLY F 441 31.92 -1.00 -30.53
CA GLY F 441 32.42 -0.90 -31.90
C GLY F 441 31.52 -0.08 -32.79
N ALA F 442 30.20 -0.26 -32.64
CA ALA F 442 29.25 0.54 -33.41
C ALA F 442 29.41 2.02 -33.11
N GLU F 443 29.70 2.37 -31.85
CA GLU F 443 29.93 3.78 -31.52
C GLU F 443 31.16 4.32 -32.24
N LEU F 444 32.23 3.54 -32.29
CA LEU F 444 33.43 3.97 -33.00
C LEU F 444 33.14 4.15 -34.49
N GLU F 445 32.40 3.20 -35.08
CA GLU F 445 32.03 3.35 -36.48
C GLU F 445 31.20 4.60 -36.71
N GLY F 446 30.24 4.86 -35.83
CA GLY F 446 29.44 6.07 -35.96
C GLY F 446 30.27 7.33 -35.84
N LEU F 447 31.25 7.33 -34.93
CA LEU F 447 32.15 8.46 -34.82
C LEU F 447 32.94 8.66 -36.11
N VAL F 448 33.44 7.58 -36.69
CA VAL F 448 34.19 7.69 -37.94
C VAL F 448 33.32 8.26 -39.04
N ARG F 449 32.08 7.78 -39.15
CA ARG F 449 31.18 8.27 -40.19
C ARG F 449 30.76 9.72 -39.96
N ALA F 450 30.56 10.12 -38.70
CA ALA F 450 30.26 11.51 -38.39
C ALA F 450 31.43 12.41 -38.77
N ALA F 451 32.67 11.98 -38.49
CA ALA F 451 33.82 12.75 -38.93
C ALA F 451 33.89 12.82 -40.45
N GLN F 452 33.55 11.72 -41.12
CA GLN F 452 33.50 11.74 -42.58
C GLN F 452 32.52 12.78 -43.09
N SER F 453 31.31 12.81 -42.50
CA SER F 453 30.32 13.80 -42.91
C SER F 453 30.81 15.22 -42.63
N THR F 454 31.45 15.42 -41.48
CA THR F 454 31.98 16.74 -41.17
C THR F 454 33.00 17.17 -42.22
N ALA F 455 33.86 16.26 -42.64
CA ALA F 455 34.81 16.56 -43.70
C ALA F 455 34.08 16.89 -45.01
N MET F 456 33.06 16.12 -45.35
CA MET F 456 32.33 16.36 -46.60
C MET F 456 31.65 17.71 -46.62
N ASN F 457 31.17 18.19 -45.46
CA ASN F 457 30.48 19.48 -45.44
C ASN F 457 31.34 20.60 -46.01
N ARG F 458 32.66 20.50 -45.85
CA ARG F 458 33.53 21.60 -46.25
C ARG F 458 33.41 21.91 -47.74
N HIS F 459 32.99 20.92 -48.53
CA HIS F 459 32.92 21.12 -49.97
C HIS F 459 31.61 21.79 -50.36
N ILE F 460 30.48 21.24 -49.91
CA ILE F 460 29.19 21.83 -50.26
C ILE F 460 29.13 23.25 -49.71
N LYS F 461 28.50 24.14 -50.49
CA LYS F 461 28.43 25.56 -50.16
C LYS F 461 27.02 26.09 -50.01
N ALA F 462 26.08 25.61 -50.84
CA ALA F 462 24.71 26.12 -50.80
C ALA F 462 23.85 25.19 -49.94
N SER F 463 23.10 25.80 -49.01
CA SER F 463 22.16 25.06 -48.17
C SER F 463 20.77 25.68 -48.12
N THR F 464 20.63 26.99 -48.34
CA THR F 464 19.34 27.66 -48.35
C THR F 464 18.76 27.83 -49.74
N LYS F 465 19.61 28.10 -50.74
CA LYS F 465 19.17 28.23 -52.11
C LYS F 465 19.25 26.87 -52.79
N VAL F 466 19.12 26.86 -54.12
CA VAL F 466 19.25 25.61 -54.87
C VAL F 466 20.64 25.03 -54.63
N GLU F 467 20.71 23.71 -54.50
CA GLU F 467 21.95 23.06 -54.12
C GLU F 467 23.05 23.32 -55.15
N VAL F 468 24.26 23.58 -54.66
CA VAL F 468 25.44 23.74 -55.49
C VAL F 468 26.63 23.20 -54.72
N ASP F 469 27.51 22.48 -55.41
CA ASP F 469 28.63 21.80 -54.78
C ASP F 469 29.94 22.22 -55.45
N MET F 470 31.01 22.19 -54.66
CA MET F 470 32.35 22.54 -55.14
C MET F 470 33.08 21.27 -55.61
N GLU F 471 32.61 20.76 -56.75
CA GLU F 471 33.19 19.53 -57.29
C GLU F 471 34.66 19.75 -57.66
N LYS F 472 34.99 20.92 -58.24
CA LYS F 472 36.35 21.17 -58.68
C LYS F 472 37.34 21.10 -57.52
N ALA F 473 36.91 21.47 -56.30
CA ALA F 473 37.83 21.49 -55.17
C ALA F 473 38.42 20.11 -54.92
N GLU F 474 37.57 19.10 -54.79
CA GLU F 474 37.99 17.71 -54.57
C GLU F 474 38.99 17.71 -53.42
N SER F 475 40.09 16.96 -53.48
CA SER F 475 41.10 16.94 -52.44
C SER F 475 40.47 16.68 -51.07
N LEU F 476 39.86 15.52 -50.94
CA LEU F 476 39.20 15.13 -49.70
C LEU F 476 40.24 14.66 -48.69
N GLN F 477 40.25 15.27 -47.51
CA GLN F 477 41.16 14.90 -46.45
C GLN F 477 40.41 14.83 -45.13
N VAL F 478 40.93 14.02 -44.21
CA VAL F 478 40.33 13.81 -42.91
C VAL F 478 41.24 14.50 -41.89
N THR F 479 40.85 15.69 -41.46
CA THR F 479 41.65 16.47 -40.53
C THR F 479 41.26 16.13 -39.10
N ARG F 480 42.23 16.30 -38.19
CA ARG F 480 41.97 16.05 -36.78
C ARG F 480 40.84 16.93 -36.26
N GLY F 481 40.77 18.18 -36.73
CA GLY F 481 39.71 19.07 -36.29
C GLY F 481 38.34 18.52 -36.57
N ASP F 482 38.16 17.89 -37.74
CA ASP F 482 36.86 17.29 -38.06
C ASP F 482 36.49 16.22 -37.05
N PHE F 483 37.43 15.34 -36.72
CA PHE F 483 37.15 14.28 -35.76
C PHE F 483 36.82 14.87 -34.39
N LEU F 484 37.61 15.85 -33.94
CA LEU F 484 37.36 16.45 -32.63
C LEU F 484 35.99 17.09 -32.57
N ALA F 485 35.64 17.88 -33.60
CA ALA F 485 34.34 18.54 -33.61
C ALA F 485 33.21 17.52 -33.66
N SER F 486 33.36 16.47 -34.46
CA SER F 486 32.31 15.45 -34.55
C SER F 486 32.11 14.77 -33.21
N LEU F 487 33.18 14.24 -32.62
CA LEU F 487 33.04 13.52 -31.36
C LEU F 487 32.61 14.45 -30.22
N GLU F 488 32.86 15.75 -30.34
CA GLU F 488 32.48 16.67 -29.27
C GLU F 488 30.97 16.71 -29.08
N ASN F 489 30.20 16.72 -30.17
CA ASN F 489 28.76 16.94 -30.08
C ASN F 489 27.98 15.99 -30.99
N ASP F 490 28.49 14.78 -31.24
CA ASP F 490 27.77 13.79 -32.02
C ASP F 490 27.45 12.54 -31.21
N ILE F 491 28.45 11.92 -30.57
CA ILE F 491 28.25 10.69 -29.82
C ILE F 491 28.81 10.86 -28.42
N LYS F 492 28.17 10.16 -27.46
CA LYS F 492 28.59 10.18 -26.08
C LYS F 492 28.35 8.79 -25.52
N PRO F 493 29.32 8.17 -24.84
CA PRO F 493 29.12 6.82 -24.33
C PRO F 493 27.98 6.77 -23.32
N ALA F 494 27.25 5.66 -23.34
CA ALA F 494 26.14 5.50 -22.39
C ALA F 494 26.63 5.47 -20.95
N PHE F 495 27.73 4.78 -20.70
CA PHE F 495 28.31 4.63 -19.38
C PHE F 495 29.78 5.03 -19.39
N GLY F 496 30.43 4.90 -18.24
CA GLY F 496 31.84 5.21 -18.15
C GLY F 496 32.18 6.67 -18.28
N THR F 497 31.22 7.55 -18.04
CA THR F 497 31.43 9.00 -18.17
C THR F 497 31.80 9.55 -16.79
N ASN F 498 33.08 9.41 -16.44
CA ASN F 498 33.61 9.93 -15.19
C ASN F 498 34.04 11.39 -15.32
N GLN F 499 33.54 12.10 -16.32
CA GLN F 499 33.85 13.50 -16.54
C GLN F 499 32.64 14.36 -16.16
N GLU F 500 32.78 15.67 -16.36
CA GLU F 500 31.77 16.64 -15.95
C GLU F 500 31.67 16.74 -14.44
N ASP F 501 32.52 15.99 -13.73
CA ASP F 501 32.66 16.10 -12.28
C ASP F 501 34.05 16.49 -11.85
N TYR F 502 35.07 16.05 -12.59
CA TYR F 502 36.43 16.55 -12.38
C TYR F 502 36.61 18.03 -12.71
N ALA F 503 35.64 18.64 -13.39
CA ALA F 503 35.65 20.07 -13.66
C ALA F 503 34.54 20.80 -12.92
N SER F 504 33.60 20.08 -12.30
CA SER F 504 32.51 20.68 -11.54
C SER F 504 32.83 20.80 -10.06
N TYR F 505 33.19 19.69 -9.41
CA TYR F 505 33.53 19.76 -8.00
C TYR F 505 34.75 20.63 -7.73
N ILE F 506 35.78 20.49 -8.56
CA ILE F 506 37.01 21.28 -8.42
C ILE F 506 36.96 22.33 -9.53
N MET F 507 36.51 23.53 -9.17
CA MET F 507 36.42 24.64 -10.09
C MET F 507 37.18 25.83 -9.53
N ASN F 508 37.75 26.63 -10.43
CA ASN F 508 38.61 27.77 -10.13
C ASN F 508 40.01 27.33 -9.78
N GLY F 509 40.31 26.04 -9.79
CA GLY F 509 41.65 25.55 -9.57
C GLY F 509 42.04 25.53 -8.10
N ILE F 510 43.26 25.05 -7.86
CA ILE F 510 43.83 24.96 -6.52
C ILE F 510 44.98 25.96 -6.46
N ILE F 511 44.89 26.93 -5.55
CA ILE F 511 45.90 27.96 -5.42
C ILE F 511 46.73 27.69 -4.16
N LYS F 512 48.02 27.96 -4.24
CA LYS F 512 48.94 27.75 -3.13
C LYS F 512 49.02 29.05 -2.33
N TRP F 513 48.12 29.19 -1.36
CA TRP F 513 48.06 30.39 -0.53
C TRP F 513 48.80 30.22 0.80
N GLY F 514 49.43 29.09 1.02
CA GLY F 514 50.16 28.89 2.26
C GLY F 514 50.73 27.48 2.34
N ASP F 515 51.43 27.24 3.44
CA ASP F 515 52.03 25.93 3.66
C ASP F 515 51.02 24.80 3.74
N PRO F 516 49.87 24.95 4.42
CA PRO F 516 49.04 23.76 4.72
C PRO F 516 48.67 22.93 3.51
N VAL F 517 48.40 23.55 2.35
CA VAL F 517 47.99 22.78 1.19
C VAL F 517 49.08 21.79 0.80
N THR F 518 50.34 22.21 0.84
CA THR F 518 51.44 21.31 0.52
C THR F 518 51.47 20.12 1.46
N ARG F 519 51.31 20.37 2.76
CA ARG F 519 51.32 19.28 3.73
C ARG F 519 50.18 18.31 3.46
N VAL F 520 48.99 18.83 3.19
CA VAL F 520 47.84 17.95 2.93
C VAL F 520 48.10 17.09 1.70
N LEU F 521 48.60 17.70 0.63
CA LEU F 521 48.86 16.95 -0.59
C LEU F 521 49.93 15.89 -0.37
N ASP F 522 51.00 16.24 0.37
CA ASP F 522 52.05 15.26 0.64
C ASP F 522 51.52 14.09 1.44
N ASP F 523 50.68 14.36 2.46
CA ASP F 523 50.11 13.27 3.25
C ASP F 523 49.23 12.38 2.38
N GLY F 524 48.41 12.98 1.52
CA GLY F 524 47.58 12.19 0.63
C GLY F 524 48.42 11.29 -0.27
N GLU F 525 49.47 11.85 -0.86
CA GLU F 525 50.33 11.06 -1.74
C GLU F 525 51.01 9.92 -0.97
N LEU F 526 51.46 10.21 0.25
CA LEU F 526 52.11 9.17 1.05
C LEU F 526 51.15 8.03 1.34
N LEU F 527 49.91 8.34 1.72
CA LEU F 527 48.96 7.27 2.02
C LEU F 527 48.57 6.52 0.75
N VAL F 528 48.47 7.22 -0.38
CA VAL F 528 48.18 6.53 -1.64
C VAL F 528 49.29 5.54 -1.96
N GLN F 529 50.54 5.97 -1.81
N GLN F 529 50.55 5.95 -1.81
CA GLN F 529 51.67 5.07 -2.03
CA GLN F 529 51.63 5.03 -2.08
C GLN F 529 51.61 3.89 -1.07
C GLN F 529 51.67 3.90 -1.06
N GLN F 530 51.24 4.15 0.18
CA GLN F 530 51.15 3.08 1.17
C GLN F 530 50.15 2.02 0.71
N THR F 531 48.98 2.44 0.23
CA THR F 531 48.01 1.46 -0.22
C THR F 531 48.40 0.82 -1.54
N LYS F 532 49.30 1.47 -2.31
CA LYS F 532 49.67 0.93 -3.61
C LYS F 532 50.48 -0.35 -3.48
N ASN F 533 51.47 -0.37 -2.58
CA ASN F 533 52.47 -1.44 -2.52
C ASN F 533 52.58 -1.99 -1.11
N SER F 534 51.45 -2.32 -0.51
CA SER F 534 51.42 -2.94 0.82
C SER F 534 50.98 -4.39 0.66
N ASP F 535 51.19 -5.21 1.67
CA ASP F 535 50.86 -6.63 1.65
C ASP F 535 49.80 -7.01 2.68
N ARG F 536 49.98 -6.59 3.95
CA ARG F 536 49.06 -6.95 5.01
C ARG F 536 48.12 -5.81 5.39
N THR F 537 47.99 -4.80 4.54
CA THR F 537 47.04 -3.68 4.77
C THR F 537 46.22 -3.50 3.50
N PRO F 538 45.29 -4.41 3.19
CA PRO F 538 44.47 -4.31 1.99
C PRO F 538 43.30 -3.35 2.09
N LEU F 539 43.26 -2.49 3.11
CA LEU F 539 42.15 -1.55 3.27
C LEU F 539 42.66 -0.34 4.04
N VAL F 540 42.52 0.85 3.46
CA VAL F 540 43.00 2.09 4.04
C VAL F 540 41.91 3.14 3.97
N SER F 541 41.73 3.88 5.06
CA SER F 541 40.70 4.90 5.16
C SER F 541 41.29 6.18 5.71
N VAL F 542 40.76 7.31 5.23
CA VAL F 542 41.21 8.64 5.66
C VAL F 542 39.97 9.52 5.86
N LEU F 543 40.12 10.52 6.73
CA LEU F 543 39.06 11.47 7.01
C LEU F 543 39.64 12.87 6.92
N LEU F 544 38.97 13.76 6.18
CA LEU F 544 39.37 15.14 6.03
C LEU F 544 38.34 16.02 6.74
N GLU F 545 38.71 16.54 7.91
CA GLU F 545 37.82 17.36 8.71
C GLU F 545 38.22 18.83 8.58
N GLY F 546 37.41 19.71 9.17
CA GLY F 546 37.68 21.11 9.17
C GLY F 546 36.41 21.94 9.23
N PRO F 547 36.55 23.23 9.50
CA PRO F 547 35.38 24.10 9.59
C PRO F 547 34.73 24.30 8.23
N PRO F 548 33.46 24.70 8.21
CA PRO F 548 32.76 24.83 6.92
C PRO F 548 33.37 25.90 6.04
N HIS F 549 33.17 25.75 4.73
CA HIS F 549 33.68 26.70 3.74
C HIS F 549 35.21 26.77 3.78
N SER F 550 35.85 25.66 4.10
CA SER F 550 37.30 25.58 4.15
C SER F 550 37.90 24.90 2.93
N GLY F 551 37.09 24.48 1.98
CA GLY F 551 37.59 23.79 0.81
C GLY F 551 38.05 22.38 1.08
N LYS F 552 37.10 21.51 1.46
CA LYS F 552 37.37 20.10 1.71
C LYS F 552 37.11 19.23 0.50
N THR F 553 35.98 19.43 -0.17
CA THR F 553 35.64 18.60 -1.32
C THR F 553 36.66 18.77 -2.43
N ALA F 554 37.11 20.01 -2.68
CA ALA F 554 38.07 20.24 -3.74
C ALA F 554 39.37 19.49 -3.49
N LEU F 555 39.85 19.52 -2.25
CA LEU F 555 41.10 18.82 -1.94
C LEU F 555 40.95 17.31 -2.10
N ALA F 556 39.81 16.75 -1.68
CA ALA F 556 39.59 15.32 -1.86
C ALA F 556 39.54 14.95 -3.33
N ALA F 557 38.86 15.76 -4.14
CA ALA F 557 38.81 15.50 -5.58
C ALA F 557 40.20 15.58 -6.19
N LYS F 558 41.01 16.55 -5.77
CA LYS F 558 42.36 16.68 -6.29
C LYS F 558 43.20 15.46 -5.93
N ILE F 559 43.09 14.99 -4.67
CA ILE F 559 43.84 13.82 -4.26
C ILE F 559 43.42 12.60 -5.08
N ALA F 560 42.11 12.42 -5.26
CA ALA F 560 41.63 11.29 -6.05
C ALA F 560 42.15 11.37 -7.48
N GLU F 561 42.12 12.55 -8.08
CA GLU F 561 42.63 12.72 -9.44
C GLU F 561 44.11 12.36 -9.52
N GLU F 562 44.90 12.87 -8.57
CA GLU F 562 46.33 12.58 -8.57
C GLU F 562 46.62 11.12 -8.26
N SER F 563 45.67 10.40 -7.67
CA SER F 563 45.89 8.98 -7.40
C SER F 563 46.09 8.21 -8.70
N ASN F 564 45.31 8.54 -9.73
CA ASN F 564 45.44 7.92 -11.05
C ASN F 564 45.26 6.40 -10.97
N PHE F 565 44.06 6.00 -10.57
CA PHE F 565 43.70 4.60 -10.45
C PHE F 565 42.75 4.19 -11.57
N PRO F 566 42.64 2.88 -11.86
CA PRO F 566 41.70 2.46 -12.91
C PRO F 566 40.26 2.86 -12.64
N PHE F 567 39.71 2.51 -11.48
CA PHE F 567 38.31 2.74 -11.17
C PHE F 567 38.20 3.80 -10.08
N ILE F 568 37.50 4.90 -10.38
CA ILE F 568 37.27 5.99 -9.44
C ILE F 568 35.84 6.47 -9.60
N LYS F 569 35.19 6.74 -8.46
CA LYS F 569 33.83 7.26 -8.48
C LYS F 569 33.59 8.03 -7.19
N ILE F 570 32.78 9.08 -7.28
CA ILE F 570 32.46 9.94 -6.15
C ILE F 570 30.97 9.78 -5.87
N CYS F 571 30.64 9.30 -4.68
CA CYS F 571 29.25 9.15 -4.27
C CYS F 571 28.86 10.37 -3.45
N SER F 572 27.95 11.19 -3.97
CA SER F 572 27.52 12.41 -3.31
C SER F 572 26.00 12.45 -3.24
N PRO F 573 25.45 13.17 -2.25
CA PRO F 573 23.99 13.19 -2.09
C PRO F 573 23.25 13.96 -3.18
N ASP F 574 23.96 14.70 -4.03
CA ASP F 574 23.28 15.49 -5.05
C ASP F 574 22.43 14.62 -5.97
N LYS F 575 22.78 13.35 -6.11
CA LYS F 575 22.07 12.44 -7.00
C LYS F 575 20.95 11.67 -6.30
N MET F 576 20.68 11.97 -5.04
CA MET F 576 19.68 11.25 -4.25
C MET F 576 18.74 12.23 -3.55
N ILE F 577 18.25 13.21 -4.30
CA ILE F 577 17.35 14.23 -3.74
C ILE F 577 15.95 13.66 -3.66
N GLY F 578 15.59 13.08 -2.52
CA GLY F 578 14.28 12.52 -2.27
C GLY F 578 14.28 11.03 -1.98
N PHE F 579 15.37 10.33 -2.25
CA PHE F 579 15.42 8.90 -1.99
C PHE F 579 15.28 8.62 -0.51
N SER F 580 14.61 7.52 -0.18
CA SER F 580 14.44 7.08 1.20
C SER F 580 15.68 6.29 1.64
N GLU F 581 15.60 5.71 2.83
CA GLU F 581 16.76 5.03 3.41
C GLU F 581 17.17 3.84 2.57
N THR F 582 16.21 3.01 2.16
CA THR F 582 16.54 1.79 1.44
C THR F 582 17.21 2.09 0.11
N ALA F 583 16.72 3.10 -0.62
CA ALA F 583 17.33 3.45 -1.89
C ALA F 583 18.78 3.89 -1.70
N LYS F 584 19.03 4.71 -0.68
CA LYS F 584 20.41 5.14 -0.41
C LYS F 584 21.29 3.93 -0.09
N CYS F 585 20.80 3.02 0.74
CA CYS F 585 21.60 1.84 1.08
C CYS F 585 21.91 1.02 -0.16
N GLN F 586 20.91 0.81 -1.01
CA GLN F 586 21.13 0.02 -2.22
C GLN F 586 22.12 0.70 -3.15
N ALA F 587 22.01 2.02 -3.32
CA ALA F 587 22.95 2.73 -4.19
C ALA F 587 24.38 2.62 -3.65
N MET F 588 24.56 2.81 -2.35
CA MET F 588 25.90 2.70 -1.78
C MET F 588 26.45 1.29 -1.97
N LYS F 589 25.61 0.27 -1.74
CA LYS F 589 26.08 -1.10 -1.92
C LYS F 589 26.47 -1.36 -3.37
N LYS F 590 25.69 -0.83 -4.32
CA LYS F 590 26.02 -1.02 -5.73
C LYS F 590 27.35 -0.37 -6.07
N ILE F 591 27.58 0.86 -5.59
CA ILE F 591 28.84 1.53 -5.84
C ILE F 591 30.00 0.71 -5.27
N PHE F 592 29.84 0.22 -4.05
CA PHE F 592 30.95 -0.50 -3.42
C PHE F 592 31.21 -1.84 -4.09
N ASP F 593 30.16 -2.51 -4.58
CA ASP F 593 30.37 -3.74 -5.33
C ASP F 593 31.12 -3.46 -6.63
N ASP F 594 30.72 -2.40 -7.33
CA ASP F 594 31.43 -2.02 -8.55
C ASP F 594 32.90 -1.75 -8.26
N ALA F 595 33.19 -1.08 -7.13
CA ALA F 595 34.58 -0.88 -6.74
C ALA F 595 35.26 -2.21 -6.42
N TYR F 596 34.52 -3.14 -5.82
CA TYR F 596 35.10 -4.44 -5.49
C TYR F 596 35.58 -5.16 -6.74
N LYS F 597 34.79 -5.10 -7.81
CA LYS F 597 35.10 -5.90 -9.01
C LYS F 597 36.55 -5.72 -9.45
N SER F 598 36.94 -4.49 -9.77
CA SER F 598 38.24 -4.27 -10.42
C SER F 598 39.39 -4.67 -9.51
N GLN F 599 40.61 -4.60 -10.07
CA GLN F 599 41.79 -5.05 -9.34
C GLN F 599 42.08 -4.14 -8.15
N LEU F 600 42.10 -2.83 -8.38
CA LEU F 600 42.34 -1.88 -7.29
C LEU F 600 41.61 -0.58 -7.64
N SER F 601 41.06 0.07 -6.62
CA SER F 601 40.24 1.24 -6.85
C SER F 601 40.24 2.11 -5.60
N CYS F 602 39.83 3.36 -5.77
CA CYS F 602 39.73 4.33 -4.68
C CYS F 602 38.39 5.03 -4.78
N VAL F 603 37.57 4.92 -3.73
CA VAL F 603 36.26 5.53 -3.68
C VAL F 603 36.26 6.62 -2.62
N VAL F 604 35.46 7.65 -2.85
CA VAL F 604 35.36 8.79 -1.94
C VAL F 604 33.89 9.05 -1.64
N VAL F 605 33.64 9.59 -0.45
CA VAL F 605 32.31 9.99 -0.01
C VAL F 605 32.42 11.37 0.61
N ASP F 606 31.46 12.24 0.32
CA ASP F 606 31.50 13.64 0.74
C ASP F 606 30.24 13.99 1.52
N ASP F 607 30.40 14.90 2.48
CA ASP F 607 29.30 15.40 3.29
C ASP F 607 28.53 14.25 3.94
N ILE F 608 29.22 13.53 4.82
CA ILE F 608 28.63 12.38 5.48
C ILE F 608 27.38 12.80 6.25
N GLU F 609 27.45 13.94 6.94
CA GLU F 609 26.30 14.39 7.71
C GLU F 609 25.09 14.64 6.82
N ARG F 610 25.33 14.89 5.53
CA ARG F 610 24.22 14.96 4.59
C ARG F 610 23.85 13.59 4.04
N LEU F 611 24.82 12.68 3.96
CA LEU F 611 24.51 11.32 3.55
C LEU F 611 23.52 10.67 4.50
N LEU F 612 23.75 10.82 5.80
CA LEU F 612 22.76 10.46 6.80
C LEU F 612 22.15 11.73 7.39
N ASP F 613 20.94 12.04 6.92
CA ASP F 613 20.24 13.27 7.29
C ASP F 613 20.32 13.45 8.81
N TYR F 614 20.94 14.56 9.20
CA TYR F 614 21.18 14.87 10.59
C TYR F 614 20.68 16.26 10.92
N VAL F 615 20.04 16.40 12.08
CA VAL F 615 19.52 17.69 12.54
C VAL F 615 19.85 17.85 14.02
N PRO F 616 20.39 18.99 14.46
CA PRO F 616 20.74 19.11 15.89
C PRO F 616 19.56 18.89 16.82
N ILE F 617 18.36 19.30 16.43
CA ILE F 617 17.19 19.14 17.29
C ILE F 617 16.89 17.66 17.47
N GLY F 618 16.59 17.27 18.70
CA GLY F 618 16.43 15.89 19.08
C GLY F 618 17.65 15.24 19.72
N PRO F 619 18.71 14.93 18.96
CA PRO F 619 18.90 15.03 17.51
C PRO F 619 18.13 13.97 16.73
N ARG F 620 17.93 14.18 15.43
CA ARG F 620 17.27 13.21 14.57
C ARG F 620 18.25 12.75 13.50
N PHE F 621 18.19 11.46 13.17
CA PHE F 621 18.99 10.92 12.08
C PHE F 621 18.41 9.56 11.69
N SER F 622 19.13 8.84 10.84
CA SER F 622 18.69 7.55 10.32
C SER F 622 19.66 6.47 10.78
N ASN F 623 19.14 5.26 10.95
CA ASN F 623 19.93 4.15 11.47
C ASN F 623 20.42 3.22 10.37
N LEU F 624 19.60 2.98 9.35
CA LEU F 624 19.99 2.04 8.29
C LEU F 624 21.27 2.51 7.60
N VAL F 625 21.32 3.79 7.23
CA VAL F 625 22.49 4.31 6.52
C VAL F 625 23.73 4.25 7.41
N LEU F 626 23.57 4.61 8.69
CA LEU F 626 24.71 4.58 9.61
C LEU F 626 25.26 3.16 9.73
N GLN F 627 24.36 2.18 9.90
CA GLN F 627 24.82 0.80 10.02
C GLN F 627 25.50 0.33 8.74
N ALA F 628 24.91 0.66 7.59
CA ALA F 628 25.53 0.24 6.32
C ALA F 628 26.91 0.84 6.17
N LEU F 629 27.07 2.13 6.48
CA LEU F 629 28.39 2.75 6.38
C LEU F 629 29.37 2.13 7.37
N LEU F 630 28.92 1.86 8.60
CA LEU F 630 29.82 1.30 9.59
C LEU F 630 30.32 -0.08 9.19
N VAL F 631 29.44 -0.92 8.64
CA VAL F 631 29.85 -2.26 8.25
C VAL F 631 30.77 -2.27 7.04
N LEU F 632 30.69 -1.26 6.18
CA LEU F 632 31.38 -1.28 4.89
C LEU F 632 32.80 -0.72 4.95
N LEU F 633 33.25 -0.21 6.10
CA LEU F 633 34.60 0.30 6.24
C LEU F 633 35.56 -0.73 6.81
N LYS F 634 35.10 -1.98 6.98
CA LYS F 634 35.97 -3.03 7.49
C LYS F 634 35.78 -4.34 6.72
N LYS F 635 35.09 -4.33 5.59
CA LYS F 635 34.91 -5.50 4.76
C LYS F 635 36.06 -5.57 3.76
N ALA F 636 36.95 -6.54 3.94
CA ALA F 636 38.11 -6.64 3.08
C ALA F 636 37.70 -6.95 1.65
N PRO F 637 38.41 -6.42 0.65
CA PRO F 637 38.04 -6.69 -0.73
C PRO F 637 38.30 -8.14 -1.08
N PRO F 638 37.57 -8.68 -2.07
CA PRO F 638 37.79 -10.09 -2.43
C PRO F 638 39.23 -10.35 -2.86
N GLN F 639 39.74 -11.52 -2.50
CA GLN F 639 41.06 -11.96 -2.93
C GLN F 639 42.13 -10.95 -2.55
N GLY F 640 43.15 -10.81 -3.39
CA GLY F 640 44.27 -9.92 -3.12
C GLY F 640 44.10 -8.50 -3.60
N ARG F 641 42.91 -8.11 -4.05
CA ARG F 641 42.69 -6.76 -4.52
C ARG F 641 42.85 -5.77 -3.36
N LYS F 642 42.83 -4.48 -3.68
CA LYS F 642 43.07 -3.42 -2.71
C LYS F 642 41.96 -2.38 -2.82
N LEU F 643 42.00 -1.39 -1.93
CA LEU F 643 40.96 -0.37 -1.86
C LEU F 643 41.51 0.84 -1.13
N LEU F 644 40.75 1.93 -1.19
CA LEU F 644 41.11 3.16 -0.49
C LEU F 644 39.85 4.01 -0.36
N ILE F 645 39.57 4.48 0.85
CA ILE F 645 38.37 5.25 1.14
C ILE F 645 38.77 6.58 1.77
N ILE F 646 38.15 7.66 1.29
CA ILE F 646 38.37 9.00 1.82
C ILE F 646 37.01 9.60 2.15
N GLY F 647 36.89 10.17 3.34
CA GLY F 647 35.66 10.78 3.77
C GLY F 647 35.82 12.25 4.12
N THR F 648 34.72 13.00 4.09
CA THR F 648 34.75 14.42 4.40
C THR F 648 33.59 14.76 5.33
N THR F 649 33.75 15.83 6.10
CA THR F 649 32.74 16.27 7.05
C THR F 649 33.22 17.56 7.69
N SER F 650 32.33 18.20 8.45
CA SER F 650 32.67 19.41 9.16
C SER F 650 32.07 19.45 10.57
N ARG F 651 31.67 18.30 11.10
CA ARG F 651 31.07 18.21 12.43
C ARG F 651 31.67 17.04 13.19
N LYS F 652 33.00 17.00 13.24
CA LYS F 652 33.74 15.87 13.81
C LYS F 652 33.17 15.39 15.14
N ASP F 653 32.67 16.33 15.96
CA ASP F 653 32.22 15.97 17.30
C ASP F 653 31.06 14.97 17.22
N VAL F 654 30.10 15.23 16.34
CA VAL F 654 28.94 14.33 16.23
C VAL F 654 29.38 12.95 15.76
N LEU F 655 30.27 12.91 14.77
CA LEU F 655 30.75 11.62 14.27
C LEU F 655 31.46 10.85 15.38
N GLN F 656 32.29 11.54 16.17
CA GLN F 656 32.97 10.88 17.27
C GLN F 656 31.96 10.35 18.29
N GLU F 657 30.93 11.13 18.59
CA GLU F 657 29.93 10.68 19.56
C GLU F 657 29.15 9.48 19.02
N MET F 658 28.95 9.40 17.71
CA MET F 658 28.29 8.25 17.11
C MET F 658 29.15 6.99 17.15
N GLU F 659 30.42 7.12 17.53
CA GLU F 659 31.35 5.99 17.62
C GLU F 659 31.73 5.47 16.24
N MET F 660 31.86 6.37 15.26
CA MET F 660 32.36 6.02 13.95
C MET F 660 33.81 6.42 13.75
N LEU F 661 34.31 7.38 14.53
CA LEU F 661 35.69 7.83 14.37
C LEU F 661 36.70 6.73 14.69
N ASN F 662 36.32 5.69 15.44
CA ASN F 662 37.22 4.59 15.70
C ASN F 662 37.37 3.65 14.51
N ALA F 663 36.43 3.70 13.56
CA ALA F 663 36.57 2.89 12.36
C ALA F 663 37.63 3.45 11.42
N PHE F 664 37.65 4.77 11.26
CA PHE F 664 38.65 5.40 10.39
C PHE F 664 40.04 5.24 10.98
N SER F 665 41.03 5.10 10.10
CA SER F 665 42.40 4.80 10.51
C SER F 665 43.18 6.04 10.90
N THR F 666 43.14 7.10 10.08
CA THR F 666 43.86 8.32 10.37
C THR F 666 43.07 9.50 9.84
N THR F 667 43.40 10.69 10.34
CA THR F 667 42.66 11.91 10.03
C THR F 667 43.63 13.03 9.67
N ILE F 668 43.10 14.01 8.93
CA ILE F 668 43.88 15.17 8.51
C ILE F 668 43.03 16.42 8.79
N HIS F 669 43.72 17.55 8.92
CA HIS F 669 43.09 18.82 9.25
C HIS F 669 43.26 19.79 8.09
N VAL F 670 42.21 20.56 7.81
CA VAL F 670 42.22 21.56 6.75
C VAL F 670 41.98 22.93 7.37
N PRO F 671 43.00 23.77 7.53
CA PRO F 671 42.86 25.00 8.30
C PRO F 671 42.24 26.14 7.50
N ASN F 672 41.82 27.17 8.23
CA ASN F 672 41.29 28.39 7.64
C ASN F 672 42.43 29.38 7.38
N ILE F 673 42.09 30.52 6.79
CA ILE F 673 43.03 31.61 6.61
C ILE F 673 43.04 32.44 7.89
N ALA F 674 44.17 32.46 8.58
CA ALA F 674 44.29 33.07 9.90
C ALA F 674 45.02 34.39 9.89
N THR F 675 46.24 34.44 9.36
CA THR F 675 47.07 35.62 9.44
C THR F 675 46.83 36.55 8.25
N GLY F 676 47.08 37.84 8.47
CA GLY F 676 46.90 38.81 7.41
C GLY F 676 47.83 38.58 6.22
N GLU F 677 49.04 38.09 6.49
CA GLU F 677 49.97 37.81 5.40
C GLU F 677 49.40 36.75 4.47
N GLN F 678 48.78 35.70 5.04
CA GLN F 678 48.14 34.69 4.21
C GLN F 678 47.03 35.28 3.37
N LEU F 679 46.22 36.16 3.97
CA LEU F 679 45.15 36.80 3.22
C LEU F 679 45.70 37.62 2.05
N LEU F 680 46.77 38.38 2.31
CA LEU F 680 47.36 39.18 1.23
C LEU F 680 47.91 38.28 0.12
N GLU F 681 48.60 37.19 0.50
CA GLU F 681 49.14 36.29 -0.51
C GLU F 681 48.02 35.68 -1.36
N ALA F 682 46.95 35.23 -0.71
CA ALA F 682 45.84 34.64 -1.46
C ALA F 682 45.19 35.67 -2.37
N LEU F 683 44.99 36.89 -1.87
CA LEU F 683 44.37 37.93 -2.68
C LEU F 683 45.22 38.24 -3.90
N GLU F 684 46.54 38.36 -3.71
CA GLU F 684 47.42 38.62 -4.85
C GLU F 684 47.39 37.47 -5.84
N LEU F 685 47.43 36.23 -5.36
CA LEU F 685 47.43 35.09 -6.26
C LEU F 685 46.15 35.02 -7.08
N LEU F 686 45.01 35.28 -6.44
CA LEU F 686 43.74 35.24 -7.17
C LEU F 686 43.75 36.25 -8.31
N GLY F 687 44.20 37.46 -8.05
CA GLY F 687 44.27 38.49 -9.06
C GLY F 687 43.12 39.47 -8.95
N ASN F 688 43.38 40.64 -8.35
CA ASN F 688 42.35 41.65 -8.18
C ASN F 688 42.92 42.86 -7.45
N PHE F 689 42.14 43.94 -7.38
CA PHE F 689 42.59 45.17 -6.73
C PHE F 689 43.88 45.60 -7.41
N LYS F 690 44.71 46.38 -6.74
CA LYS F 690 45.97 46.86 -7.31
C LYS F 690 46.88 47.27 -6.16
N ASP F 691 48.07 47.76 -6.52
CA ASP F 691 49.07 48.09 -5.50
C ASP F 691 48.54 49.14 -4.53
N LYS F 692 47.96 50.22 -5.05
CA LYS F 692 47.41 51.26 -4.18
C LYS F 692 46.30 50.70 -3.31
N GLU F 693 45.32 50.03 -3.93
CA GLU F 693 44.25 49.42 -3.16
C GLU F 693 44.79 48.35 -2.24
N ARG F 694 45.77 47.57 -2.71
CA ARG F 694 46.38 46.55 -1.85
C ARG F 694 47.06 47.18 -0.66
N THR F 695 47.77 48.30 -0.88
CA THR F 695 48.41 48.99 0.24
C THR F 695 47.38 49.52 1.23
N THR F 696 46.28 50.09 0.73
CA THR F 696 45.25 50.58 1.63
C THR F 696 44.65 49.45 2.45
N ILE F 697 44.43 48.29 1.81
CA ILE F 697 43.91 47.14 2.53
C ILE F 697 44.90 46.70 3.60
N ALA F 698 46.18 46.61 3.24
CA ALA F 698 47.19 46.17 4.19
C ALA F 698 47.31 47.14 5.36
N GLN F 699 47.03 48.42 5.13
CA GLN F 699 47.12 49.40 6.22
C GLN F 699 46.27 48.98 7.41
N GLN F 700 45.09 48.41 7.15
CA GLN F 700 44.16 48.05 8.22
C GLN F 700 44.14 46.56 8.54
N VAL F 701 44.41 45.69 7.56
CA VAL F 701 44.25 44.26 7.78
C VAL F 701 45.53 43.59 8.28
N LYS F 702 46.70 44.16 7.99
CA LYS F 702 47.95 43.49 8.36
C LYS F 702 48.07 43.34 9.86
N GLY F 703 47.90 44.44 10.60
CA GLY F 703 48.08 44.41 12.04
C GLY F 703 46.87 43.94 12.79
N LYS F 704 46.39 42.73 12.49
CA LYS F 704 45.22 42.17 13.16
C LYS F 704 45.14 40.68 12.82
N LYS F 705 44.10 40.03 13.36
CA LYS F 705 43.85 38.63 13.12
C LYS F 705 42.56 38.46 12.33
N VAL F 706 42.53 37.49 11.43
CA VAL F 706 41.37 37.24 10.58
C VAL F 706 41.04 35.76 10.64
N TRP F 707 39.78 35.44 10.30
CA TRP F 707 39.29 34.07 10.34
C TRP F 707 38.19 33.97 9.29
N ILE F 708 38.54 33.45 8.11
CA ILE F 708 37.61 33.40 6.98
C ILE F 708 38.00 32.24 6.07
N GLY F 709 36.98 31.67 5.40
CA GLY F 709 37.22 30.60 4.46
C GLY F 709 37.36 31.10 3.03
N ILE F 710 38.02 30.29 2.20
CA ILE F 710 38.35 30.73 0.85
C ILE F 710 37.09 30.93 0.02
N LYS F 711 36.13 30.03 0.14
CA LYS F 711 34.88 30.17 -0.62
C LYS F 711 34.16 31.47 -0.22
N LYS F 712 34.08 31.73 1.08
CA LYS F 712 33.48 32.98 1.54
C LYS F 712 34.26 34.18 1.03
N LEU F 713 35.58 34.07 0.97
CA LEU F 713 36.39 35.17 0.46
C LEU F 713 36.06 35.45 -1.01
N LEU F 714 35.95 34.39 -1.82
CA LEU F 714 35.58 34.59 -3.22
C LEU F 714 34.20 35.24 -3.34
N MET F 715 33.24 34.76 -2.56
CA MET F 715 31.90 35.32 -2.62
C MET F 715 31.93 36.80 -2.26
N LEU F 716 32.64 37.16 -1.19
CA LEU F 716 32.69 38.55 -0.76
C LEU F 716 33.37 39.43 -1.81
N ILE F 717 34.47 38.95 -2.39
CA ILE F 717 35.15 39.74 -3.42
C ILE F 717 34.23 39.98 -4.59
N GLU F 718 33.53 38.94 -5.05
CA GLU F 718 32.63 39.10 -6.18
C GLU F 718 31.50 40.07 -5.85
N MET F 719 30.96 39.97 -4.63
CA MET F 719 29.88 40.87 -4.24
C MET F 719 30.35 42.32 -4.20
N SER F 720 31.53 42.57 -3.66
CA SER F 720 32.02 43.94 -3.50
C SER F 720 32.57 44.52 -4.80
N LEU F 721 32.90 43.69 -5.78
CA LEU F 721 33.42 44.19 -7.05
C LEU F 721 32.35 44.89 -7.90
N GLN F 722 31.09 44.95 -7.43
CA GLN F 722 30.00 45.48 -8.23
C GLN F 722 29.65 46.92 -7.87
N MET F 723 30.44 47.59 -7.06
CA MET F 723 30.16 48.96 -6.65
C MET F 723 30.94 49.94 -7.54
N ASP F 724 30.79 51.23 -7.24
CA ASP F 724 31.44 52.26 -8.02
C ASP F 724 32.95 52.25 -7.74
N PRO F 725 33.75 52.84 -8.64
CA PRO F 725 35.21 52.74 -8.48
C PRO F 725 35.74 53.29 -7.18
N GLU F 726 35.10 54.30 -6.61
CA GLU F 726 35.62 55.01 -5.44
C GLU F 726 35.08 54.46 -4.13
N TYR F 727 34.30 53.38 -4.16
CA TYR F 727 33.69 52.83 -2.96
C TYR F 727 33.89 51.34 -2.79
N ARG F 728 34.62 50.68 -3.71
CA ARG F 728 34.77 49.23 -3.63
C ARG F 728 35.52 48.82 -2.37
N VAL F 729 36.63 49.50 -2.08
CA VAL F 729 37.47 49.09 -0.95
C VAL F 729 36.72 49.23 0.36
N ARG F 730 35.98 50.32 0.53
CA ARG F 730 35.24 50.52 1.77
C ARG F 730 34.18 49.44 1.96
N LYS F 731 33.46 49.09 0.88
CA LYS F 731 32.47 48.03 0.98
C LYS F 731 33.11 46.70 1.32
N PHE F 732 34.25 46.39 0.68
CA PHE F 732 34.92 45.13 0.98
C PHE F 732 35.35 45.08 2.45
N LEU F 733 35.93 46.16 2.96
CA LEU F 733 36.35 46.18 4.35
C LEU F 733 35.17 46.05 5.29
N ALA F 734 34.06 46.72 4.99
CA ALA F 734 32.88 46.61 5.82
C ALA F 734 32.37 45.18 5.85
N LEU F 735 32.33 44.51 4.69
CA LEU F 735 31.89 43.12 4.65
C LEU F 735 32.83 42.22 5.45
N LEU F 736 34.14 42.46 5.32
CA LEU F 736 35.09 41.65 6.09
C LEU F 736 34.89 41.85 7.58
N ARG F 737 34.64 43.09 8.02
CA ARG F 737 34.32 43.33 9.42
C ARG F 737 33.05 42.59 9.82
N GLU F 738 32.06 42.57 8.92
CA GLU F 738 30.83 41.85 9.22
C GLU F 738 31.09 40.36 9.44
N GLU F 739 31.95 39.76 8.62
CA GLU F 739 32.24 38.34 8.70
C GLU F 739 33.32 38.01 9.73
N GLY F 740 33.91 39.01 10.37
CA GLY F 740 34.95 38.74 11.35
C GLY F 740 34.43 37.93 12.52
N ALA F 741 35.23 36.97 12.96
CA ALA F 741 34.90 36.12 14.10
C ALA F 741 36.14 35.31 14.46
N SER F 742 36.00 34.44 15.45
CA SER F 742 37.07 33.54 15.86
C SER F 742 36.45 32.38 16.62
N PRO F 743 37.15 31.24 16.74
CA PRO F 743 36.64 30.09 17.48
C PRO F 743 36.96 30.15 18.97
N UNK G 1 -6.59 -7.85 -5.63
CA UNK G 1 -7.57 -8.27 -6.66
C UNK G 1 -6.99 -8.12 -8.06
N UNK G 2 -7.12 -6.92 -8.64
CA UNK G 2 -6.52 -6.63 -9.94
C UNK G 2 -7.22 -7.42 -11.05
N UNK G 3 -6.47 -7.78 -12.10
CA UNK G 3 -7.01 -8.50 -13.23
C UNK G 3 -7.97 -7.62 -14.02
N UNK G 4 -8.06 -7.83 -15.34
CA UNK G 4 -8.89 -7.00 -16.18
C UNK G 4 -9.08 -7.68 -17.53
N UNK G 5 -9.70 -6.96 -18.45
CA UNK G 5 -10.08 -7.51 -19.75
C UNK G 5 -8.86 -7.72 -20.63
N UNK G 6 -9.07 -8.46 -21.73
CA UNK G 6 -8.02 -8.71 -22.71
C UNK G 6 -8.66 -9.33 -23.94
N UNK G 7 -7.90 -9.38 -25.03
CA UNK G 7 -8.31 -10.08 -26.25
C UNK G 7 -7.09 -10.74 -26.85
N UNK G 8 -7.26 -11.99 -27.27
CA UNK G 8 -6.11 -12.80 -27.68
C UNK G 8 -6.00 -12.91 -29.19
N UNK G 9 -7.06 -13.37 -29.86
CA UNK G 9 -7.02 -13.53 -31.30
C UNK G 9 -8.32 -14.13 -31.79
N UNK G 10 -8.45 -14.19 -33.12
CA UNK G 10 -9.59 -14.79 -33.80
C UNK G 10 -9.12 -15.70 -34.92
N UNK G 11 -8.16 -16.57 -34.62
CA UNK G 11 -7.57 -17.44 -35.63
C UNK G 11 -8.63 -18.33 -36.27
N UNK G 12 -8.63 -18.39 -37.59
CA UNK G 12 -9.57 -19.21 -38.34
C UNK G 12 -9.23 -19.20 -39.82
#